data_6VWP
#
_entry.id   6VWP
#
_cell.length_a   245.949
_cell.length_b   245.949
_cell.length_c   221.680
_cell.angle_alpha   90.000
_cell.angle_beta   90.000
_cell.angle_gamma   120.000
#
_symmetry.space_group_name_H-M   'P 31 2 1'
#
loop_
_entity.id
_entity.type
_entity.pdbx_description
1 polymer 'Inosine-guanosine kinase'
2 non-polymer "GUANOSINE-5',3'-TETRAPHOSPHATE"
3 non-polymer GUANOSINE
4 non-polymer 'POTASSIUM ION'
5 non-polymer 'MAGNESIUM ION'
#
_entity_poly.entity_id   1
_entity_poly.type   'polypeptide(L)'
_entity_poly.pdbx_seq_one_letter_code
;GSHMKFPGKRKSKHYFPVNARDPLLQQFQPENETSAAWVVGIDQTLVDIEAKVDDEFIERYGLSAGHSLVIEDDVAEALY
QELKQKNLITHQFAGGTIGNTMHNYSVLADDRSVLLGVMCSNIEIGSYAYRYLCNTSSRTDLNYLQGVDGPIGRCFTLIG
ESGERTFAISPGHMNQLRAESIPEDVIAGASALVLTSYLVRCKPGEPMPEATMKAIEYAKKYNVPVVLTLGTKFVIAENP
QWWQQFLKDHVSILAMNEDEAEALTGESDPLLASDKALDWVDLVLCTAGPIGLYMAGFTEDEAKRKTQHPLLPGAIAEFN
QYEFSRAMRHKDCQNPLRVYSHIAPYMGGPEKIMNTNGAGDGALAALLHDITANSYHRSNVPNSSKHKFTWLTYSSLAQV
CKYANRVSYQVLNQHSPRLTRGLPEREDSLEESYWDR
;
_entity_poly.pdbx_strand_id   A,B,C,D,E,F,G,H
#
loop_
_chem_comp.id
_chem_comp.type
_chem_comp.name
_chem_comp.formula
G4P RNA linking GUANOSINE-5',3'-TETRAPHOSPHATE 'C10 H17 N5 O17 P4'
GMP non-polymer GUANOSINE 'C10 H13 N5 O5'
K non-polymer 'POTASSIUM ION' 'K 1'
MG non-polymer 'MAGNESIUM ION' 'Mg 2'
#
# COMPACT_ATOMS: atom_id res chain seq x y z
N HIS A 3 -38.04 -8.56 -5.71
CA HIS A 3 -37.29 -7.33 -5.87
C HIS A 3 -36.79 -6.69 -4.56
N MET A 4 -36.68 -7.48 -3.50
CA MET A 4 -36.38 -6.94 -2.17
C MET A 4 -34.87 -6.78 -1.93
N LYS A 5 -34.52 -5.76 -1.16
CA LYS A 5 -33.12 -5.49 -0.87
C LYS A 5 -32.60 -6.46 0.20
N PHE A 6 -31.30 -6.48 0.36
CA PHE A 6 -30.72 -7.35 1.38
C PHE A 6 -30.75 -6.64 2.73
N PRO A 7 -31.07 -7.34 3.81
CA PRO A 7 -31.21 -6.68 5.12
C PRO A 7 -29.86 -6.45 5.78
N GLY A 8 -29.42 -5.20 5.79
CA GLY A 8 -28.11 -4.86 6.32
C GLY A 8 -27.08 -4.74 5.23
N LYS A 9 -25.83 -4.54 5.67
CA LYS A 9 -24.71 -4.40 4.75
C LYS A 9 -23.57 -5.38 5.04
N ARG A 10 -23.83 -6.47 5.76
CA ARG A 10 -22.74 -7.38 6.06
C ARG A 10 -22.41 -8.26 4.86
N LYS A 11 -21.19 -8.76 4.83
CA LYS A 11 -20.83 -9.72 3.80
C LYS A 11 -21.51 -11.05 4.09
N SER A 12 -22.23 -11.57 3.10
CA SER A 12 -23.02 -12.77 3.26
C SER A 12 -22.28 -13.93 2.62
N LYS A 13 -22.35 -15.10 3.27
CA LYS A 13 -21.79 -16.32 2.69
C LYS A 13 -22.64 -16.79 1.52
N HIS A 14 -23.94 -16.72 1.67
CA HIS A 14 -24.86 -17.13 0.62
C HIS A 14 -25.27 -15.92 -0.19
N TYR A 15 -25.38 -16.10 -1.50
CA TYR A 15 -25.71 -15.02 -2.42
C TYR A 15 -27.18 -14.66 -2.32
N PHE A 16 -27.47 -13.35 -2.26
CA PHE A 16 -28.85 -12.88 -2.19
C PHE A 16 -29.32 -12.36 -3.53
N PRO A 17 -30.42 -12.89 -4.09
CA PRO A 17 -30.79 -12.55 -5.47
C PRO A 17 -31.23 -11.11 -5.68
N VAL A 18 -31.91 -10.50 -4.72
CA VAL A 18 -32.44 -9.15 -4.84
C VAL A 18 -33.68 -9.07 -5.74
N ASN A 19 -33.57 -9.50 -7.00
CA ASN A 19 -34.76 -9.57 -7.84
C ASN A 19 -34.76 -10.86 -8.65
N ALA A 20 -35.98 -11.37 -8.90
CA ALA A 20 -36.17 -12.67 -9.53
C ALA A 20 -35.74 -12.71 -10.99
N ARG A 21 -35.48 -11.56 -11.62
CA ARG A 21 -34.93 -11.54 -12.97
C ARG A 21 -33.48 -12.05 -13.03
N ASP A 22 -32.91 -12.47 -11.90
CA ASP A 22 -31.52 -12.88 -11.87
C ASP A 22 -31.30 -14.09 -12.79
N PRO A 23 -30.18 -14.11 -13.55
CA PRO A 23 -29.93 -15.21 -14.49
C PRO A 23 -29.93 -16.60 -13.86
N LEU A 24 -29.10 -16.80 -12.85
CA LEU A 24 -29.05 -18.10 -12.17
C LEU A 24 -30.42 -18.48 -11.63
N LEU A 25 -31.16 -17.50 -11.13
CA LEU A 25 -32.48 -17.75 -10.59
C LEU A 25 -33.53 -17.94 -11.67
N GLN A 26 -33.25 -17.52 -12.90
CA GLN A 26 -34.24 -17.61 -13.97
C GLN A 26 -34.24 -18.99 -14.58
N GLN A 27 -33.05 -19.55 -14.83
CA GLN A 27 -32.92 -20.95 -15.23
C GLN A 27 -33.34 -21.86 -14.10
N PHE A 28 -33.65 -21.27 -12.95
CA PHE A 28 -33.95 -21.99 -11.72
C PHE A 28 -35.44 -21.94 -11.39
N GLN A 29 -35.99 -20.75 -11.17
CA GLN A 29 -37.39 -20.65 -10.81
C GLN A 29 -38.28 -21.25 -11.89
N PRO A 30 -39.53 -21.56 -11.55
CA PRO A 30 -40.46 -22.10 -12.55
C PRO A 30 -41.05 -20.99 -13.42
N GLU A 31 -41.74 -21.42 -14.48
CA GLU A 31 -42.43 -20.46 -15.33
C GLU A 31 -43.48 -19.68 -14.54
N ASN A 32 -44.28 -20.40 -13.73
CA ASN A 32 -45.26 -19.81 -12.83
C ASN A 32 -44.60 -19.61 -11.46
N GLU A 33 -44.22 -18.37 -11.15
CA GLU A 33 -43.52 -18.03 -9.91
C GLU A 33 -44.32 -16.99 -9.15
N THR A 34 -44.59 -17.27 -7.88
CA THR A 34 -45.31 -16.33 -7.04
C THR A 34 -44.34 -15.36 -6.38
N SER A 35 -43.72 -15.77 -5.27
CA SER A 35 -42.79 -14.92 -4.52
C SER A 35 -43.53 -13.71 -3.93
N ALA A 36 -42.97 -12.52 -4.09
CA ALA A 36 -43.60 -11.29 -3.58
C ALA A 36 -43.96 -11.43 -2.11
N ALA A 37 -42.96 -11.32 -1.23
CA ALA A 37 -43.18 -11.36 0.21
C ALA A 37 -43.36 -9.95 0.75
N TRP A 38 -44.37 -9.76 1.60
CA TRP A 38 -44.67 -8.43 2.13
C TRP A 38 -45.00 -8.49 3.63
N VAL A 39 -45.31 -7.31 4.19
CA VAL A 39 -45.60 -7.13 5.61
C VAL A 39 -46.77 -6.17 5.74
N VAL A 40 -47.65 -6.45 6.70
CA VAL A 40 -48.86 -5.65 6.90
C VAL A 40 -48.94 -5.19 8.34
N GLY A 41 -49.55 -4.02 8.52
CA GLY A 41 -49.72 -3.47 9.85
C GLY A 41 -51.00 -2.65 9.93
N ILE A 42 -51.44 -2.43 11.16
CA ILE A 42 -52.64 -1.64 11.43
C ILE A 42 -52.20 -0.43 12.23
N ASP A 43 -52.80 0.72 11.92
CA ASP A 43 -52.43 1.94 12.61
C ASP A 43 -53.61 2.92 12.59
N GLN A 44 -53.53 3.86 13.51
CA GLN A 44 -54.44 5.00 13.57
C GLN A 44 -53.87 6.08 12.67
N THR A 45 -54.46 6.22 11.48
CA THR A 45 -54.02 7.21 10.50
C THR A 45 -53.78 8.56 11.16
N LEU A 46 -52.53 8.97 11.25
CA LEU A 46 -52.16 10.16 12.01
C LEU A 46 -51.31 11.09 11.16
N VAL A 47 -51.30 12.36 11.56
CA VAL A 47 -50.52 13.41 10.92
C VAL A 47 -49.80 14.14 12.04
N ASP A 48 -48.47 14.11 12.01
CA ASP A 48 -47.69 14.82 13.01
C ASP A 48 -47.69 16.31 12.72
N ILE A 49 -47.84 17.11 13.77
CA ILE A 49 -47.75 18.57 13.70
C ILE A 49 -46.77 18.94 14.80
N GLU A 50 -45.51 19.16 14.42
CA GLU A 50 -44.43 19.30 15.38
C GLU A 50 -44.19 20.78 15.66
N ALA A 51 -43.74 21.06 16.88
CA ALA A 51 -43.48 22.44 17.30
C ALA A 51 -42.77 22.41 18.65
N LYS A 52 -41.94 23.42 18.88
CA LYS A 52 -41.34 23.62 20.19
C LYS A 52 -42.20 24.59 21.00
N VAL A 53 -42.26 24.36 22.30
CA VAL A 53 -43.12 25.14 23.18
C VAL A 53 -42.48 25.22 24.56
N ASP A 54 -42.98 26.16 25.36
CA ASP A 54 -42.61 26.31 26.76
C ASP A 54 -43.31 25.27 27.62
N ASP A 55 -42.71 24.97 28.78
CA ASP A 55 -43.40 24.15 29.77
C ASP A 55 -44.69 24.80 30.22
N GLU A 56 -44.85 26.10 29.99
CA GLU A 56 -46.14 26.76 30.24
C GLU A 56 -47.20 26.24 29.27
N PHE A 57 -46.80 26.05 28.01
CA PHE A 57 -47.71 25.55 26.99
C PHE A 57 -48.17 24.12 27.32
N ILE A 58 -47.30 23.34 27.98
CA ILE A 58 -47.64 21.96 28.28
C ILE A 58 -48.80 21.91 29.27
N GLU A 59 -48.62 22.51 30.45
CA GLU A 59 -49.66 22.43 31.46
C GLU A 59 -50.91 23.22 31.06
N ARG A 60 -50.76 24.23 30.20
CA ARG A 60 -51.93 25.03 29.85
C ARG A 60 -52.97 24.18 29.14
N TYR A 61 -52.59 23.01 28.62
CA TYR A 61 -53.51 22.14 27.92
C TYR A 61 -53.64 20.77 28.58
N GLY A 62 -53.26 20.66 29.84
CA GLY A 62 -53.47 19.41 30.57
C GLY A 62 -52.58 18.27 30.13
N LEU A 63 -51.35 18.57 29.75
CA LEU A 63 -50.41 17.56 29.30
C LEU A 63 -49.29 17.40 30.32
N SER A 64 -48.57 16.29 30.19
CA SER A 64 -47.39 16.03 31.00
C SER A 64 -46.24 15.65 30.07
N ALA A 65 -45.04 16.05 30.45
CA ALA A 65 -43.88 15.87 29.59
C ALA A 65 -43.56 14.39 29.40
N GLY A 66 -43.33 14.00 28.15
CA GLY A 66 -42.97 12.64 27.83
C GLY A 66 -44.15 11.69 27.69
N HIS A 67 -45.36 12.18 27.83
CA HIS A 67 -46.55 11.37 27.73
C HIS A 67 -47.07 11.37 26.29
N SER A 68 -48.05 10.51 26.04
CA SER A 68 -48.86 10.58 24.82
C SER A 68 -50.32 10.56 25.30
N LEU A 69 -50.93 11.73 25.37
CA LEU A 69 -52.25 11.88 25.98
C LEU A 69 -53.25 12.30 24.91
N VAL A 70 -54.39 11.62 24.88
CA VAL A 70 -55.50 12.07 24.04
C VAL A 70 -56.10 13.33 24.65
N ILE A 71 -56.73 14.16 23.81
CA ILE A 71 -57.34 15.41 24.25
C ILE A 71 -58.72 15.55 23.62
N GLU A 72 -59.55 16.36 24.27
CA GLU A 72 -60.89 16.62 23.75
C GLU A 72 -60.82 17.42 22.44
N ASP A 73 -61.94 17.43 21.71
CA ASP A 73 -61.97 18.11 20.43
C ASP A 73 -61.85 19.62 20.57
N ASP A 74 -62.50 20.21 21.59
CA ASP A 74 -62.44 21.66 21.76
C ASP A 74 -61.08 22.10 22.28
N VAL A 75 -60.49 21.34 23.19
CA VAL A 75 -59.15 21.67 23.66
C VAL A 75 -58.14 21.64 22.52
N ALA A 76 -58.34 20.75 21.54
CA ALA A 76 -57.42 20.65 20.42
C ALA A 76 -57.51 21.87 19.51
N GLU A 77 -58.73 22.32 19.19
CA GLU A 77 -58.86 23.49 18.33
C GLU A 77 -58.25 24.71 18.99
N ALA A 78 -58.28 24.76 20.33
CA ALA A 78 -57.62 25.85 21.03
C ALA A 78 -56.10 25.76 20.88
N LEU A 79 -55.55 24.55 20.95
CA LEU A 79 -54.12 24.39 20.75
C LEU A 79 -53.73 24.66 19.30
N TYR A 80 -54.54 24.17 18.35
CA TYR A 80 -54.24 24.40 16.93
C TYR A 80 -54.14 25.88 16.64
N GLN A 81 -55.07 26.68 17.18
CA GLN A 81 -55.12 28.10 16.88
C GLN A 81 -53.95 28.84 17.49
N GLU A 82 -53.51 28.44 18.68
CA GLU A 82 -52.38 29.12 19.31
C GLU A 82 -51.08 28.87 18.56
N LEU A 83 -50.93 27.72 17.91
CA LEU A 83 -49.70 27.47 17.17
C LEU A 83 -49.66 28.25 15.86
N LYS A 84 -50.81 28.40 15.18
CA LYS A 84 -50.80 29.21 13.96
C LYS A 84 -50.66 30.68 14.30
N GLN A 85 -51.31 31.12 15.37
CA GLN A 85 -51.19 32.51 15.81
C GLN A 85 -49.72 32.88 16.01
N LYS A 86 -49.05 32.19 16.94
CA LYS A 86 -47.66 32.47 17.25
C LYS A 86 -46.69 32.00 16.17
N ASN A 87 -47.17 31.41 15.07
CA ASN A 87 -46.31 30.87 14.02
C ASN A 87 -45.19 30.02 14.64
N LEU A 88 -45.64 28.92 15.25
CA LEU A 88 -44.76 28.04 16.00
C LEU A 88 -44.55 26.70 15.33
N ILE A 89 -45.36 26.36 14.32
CA ILE A 89 -45.30 25.06 13.70
C ILE A 89 -44.01 24.95 12.90
N THR A 90 -43.30 23.84 13.08
CA THR A 90 -41.99 23.64 12.46
C THR A 90 -42.01 22.60 11.34
N HIS A 91 -42.95 21.66 11.38
CA HIS A 91 -42.94 20.55 10.44
C HIS A 91 -44.30 19.88 10.48
N GLN A 92 -44.78 19.44 9.32
CA GLN A 92 -46.03 18.69 9.22
C GLN A 92 -45.77 17.49 8.34
N PHE A 93 -46.04 16.29 8.86
CA PHE A 93 -45.70 15.06 8.16
C PHE A 93 -46.55 13.92 8.67
N ALA A 94 -46.51 12.82 7.93
CA ALA A 94 -47.22 11.62 8.37
C ALA A 94 -46.64 11.09 9.66
N GLY A 95 -47.50 10.41 10.42
CA GLY A 95 -47.12 9.86 11.71
C GLY A 95 -47.84 8.58 12.05
N GLY A 96 -47.82 8.21 13.33
CA GLY A 96 -48.40 6.95 13.76
C GLY A 96 -47.31 5.94 14.05
N THR A 97 -47.31 5.37 15.25
CA THR A 97 -46.25 4.44 15.62
C THR A 97 -46.08 3.36 14.57
N ILE A 98 -47.19 2.87 14.02
CA ILE A 98 -47.15 1.84 12.99
C ILE A 98 -47.08 2.41 11.57
N GLY A 99 -47.62 3.60 11.34
CA GLY A 99 -47.45 4.23 10.04
C GLY A 99 -45.98 4.48 9.73
N ASN A 100 -45.26 5.05 10.70
CA ASN A 100 -43.82 5.21 10.59
C ASN A 100 -43.14 3.88 10.28
N THR A 101 -43.53 2.82 11.00
CA THR A 101 -42.85 1.54 10.88
C THR A 101 -43.01 0.95 9.48
N MET A 102 -44.24 0.97 8.96
CA MET A 102 -44.45 0.48 7.59
C MET A 102 -43.71 1.34 6.57
N HIS A 103 -43.69 2.66 6.79
CA HIS A 103 -42.97 3.57 5.91
C HIS A 103 -41.47 3.23 5.90
N ASN A 104 -40.86 3.16 7.08
CA ASN A 104 -39.44 2.84 7.18
C ASN A 104 -39.11 1.47 6.65
N TYR A 105 -40.04 0.51 6.77
CA TYR A 105 -39.79 -0.81 6.20
C TYR A 105 -39.58 -0.70 4.70
N SER A 106 -40.47 0.03 4.03
CA SER A 106 -40.42 0.10 2.58
C SER A 106 -39.14 0.79 2.11
N VAL A 107 -38.68 1.80 2.85
CA VAL A 107 -37.44 2.45 2.49
C VAL A 107 -36.26 1.51 2.65
N LEU A 108 -36.24 0.74 3.74
CA LEU A 108 -35.08 -0.11 4.01
C LEU A 108 -34.99 -1.27 3.04
N ALA A 109 -36.13 -1.89 2.71
CA ALA A 109 -36.15 -3.09 1.88
C ALA A 109 -36.50 -2.80 0.43
N ASP A 110 -37.14 -1.67 0.15
CA ASP A 110 -37.59 -1.33 -1.20
C ASP A 110 -38.60 -2.34 -1.70
N ASP A 111 -39.36 -2.91 -0.77
CA ASP A 111 -40.46 -3.80 -1.08
C ASP A 111 -41.74 -3.25 -0.46
N ARG A 112 -42.87 -3.85 -0.80
CA ARG A 112 -44.14 -3.25 -0.45
C ARG A 112 -44.50 -3.59 0.99
N SER A 113 -45.26 -2.68 1.58
CA SER A 113 -45.89 -2.86 2.87
C SER A 113 -47.32 -2.36 2.73
N VAL A 114 -48.24 -3.10 3.32
CA VAL A 114 -49.65 -2.74 3.29
C VAL A 114 -49.99 -2.11 4.62
N LEU A 115 -50.77 -1.03 4.58
CA LEU A 115 -51.22 -0.32 5.77
C LEU A 115 -52.73 -0.40 5.86
N LEU A 116 -53.21 -0.65 7.07
CA LEU A 116 -54.64 -0.78 7.35
C LEU A 116 -55.04 0.31 8.32
N GLY A 117 -56.12 1.01 8.00
CA GLY A 117 -56.55 2.16 8.79
C GLY A 117 -57.65 2.91 8.07
N VAL A 118 -57.71 4.21 8.32
CA VAL A 118 -58.79 5.03 7.77
C VAL A 118 -58.24 6.10 6.85
N MET A 119 -59.14 6.87 6.24
CA MET A 119 -58.78 7.95 5.33
C MET A 119 -60.05 8.69 4.89
N CYS A 120 -60.00 10.02 4.90
CA CYS A 120 -61.14 10.81 4.40
C CYS A 120 -61.69 10.21 3.12
N SER A 121 -63.01 10.07 3.07
CA SER A 121 -63.65 9.54 1.86
C SER A 121 -63.53 10.52 0.70
N ASN A 122 -63.49 11.83 1.00
CA ASN A 122 -63.23 12.87 0.02
C ASN A 122 -62.00 13.66 0.47
N ILE A 123 -60.98 13.71 -0.38
CA ILE A 123 -59.67 14.28 -0.06
C ILE A 123 -59.52 15.56 -0.86
N GLU A 124 -59.37 16.68 -0.15
CA GLU A 124 -59.16 17.99 -0.76
C GLU A 124 -57.68 18.33 -0.71
N ILE A 125 -57.24 19.08 -1.73
CA ILE A 125 -55.81 19.36 -1.89
C ILE A 125 -55.33 20.26 -0.75
N GLY A 126 -54.09 20.01 -0.29
CA GLY A 126 -53.52 20.77 0.80
C GLY A 126 -53.97 20.36 2.18
N SER A 127 -54.89 19.41 2.29
CA SER A 127 -55.46 19.02 3.57
C SER A 127 -54.49 18.13 4.33
N TYR A 128 -54.91 17.72 5.54
CA TYR A 128 -54.11 16.79 6.33
C TYR A 128 -54.15 15.39 5.73
N ALA A 129 -55.31 14.99 5.21
CA ALA A 129 -55.39 13.70 4.55
C ALA A 129 -54.57 13.66 3.27
N TYR A 130 -54.60 14.75 2.50
CA TYR A 130 -53.76 14.86 1.30
C TYR A 130 -52.29 14.73 1.68
N ARG A 131 -51.82 15.59 2.59
CA ARG A 131 -50.44 15.57 3.03
C ARG A 131 -50.01 14.15 3.38
N TYR A 132 -50.89 13.40 4.05
CA TYR A 132 -50.55 12.04 4.46
C TYR A 132 -50.14 11.20 3.26
N LEU A 133 -50.80 11.39 2.12
CA LEU A 133 -50.52 10.60 0.92
C LEU A 133 -49.25 11.07 0.22
N CYS A 134 -49.14 12.36 -0.09
CA CYS A 134 -47.94 12.88 -0.74
C CYS A 134 -46.68 12.55 0.06
N ASN A 135 -46.82 12.34 1.38
CA ASN A 135 -45.70 12.13 2.29
C ASN A 135 -45.41 10.65 2.52
N THR A 136 -46.44 9.82 2.51
CA THR A 136 -46.24 8.40 2.72
C THR A 136 -45.24 7.87 1.69
N SER A 137 -44.48 6.87 2.08
CA SER A 137 -43.52 6.28 1.16
C SER A 137 -44.22 5.73 -0.08
N SER A 138 -43.49 5.72 -1.20
CA SER A 138 -44.06 5.21 -2.43
C SER A 138 -44.45 3.74 -2.29
N ARG A 139 -43.48 2.88 -1.99
CA ARG A 139 -43.74 1.45 -1.93
C ARG A 139 -44.66 1.03 -0.79
N THR A 140 -45.08 1.95 0.08
CA THR A 140 -46.12 1.66 1.06
C THR A 140 -47.49 1.76 0.41
N ASP A 141 -48.28 0.68 0.55
CA ASP A 141 -49.56 0.53 -0.14
C ASP A 141 -50.69 0.98 0.77
N LEU A 142 -51.45 1.98 0.32
CA LEU A 142 -52.58 2.51 1.07
C LEU A 142 -53.93 2.22 0.42
N ASN A 143 -53.99 1.34 -0.59
CA ASN A 143 -55.26 1.09 -1.26
C ASN A 143 -56.27 0.35 -0.39
N TYR A 144 -55.81 -0.38 0.62
CA TYR A 144 -56.72 -1.16 1.46
C TYR A 144 -57.23 -0.37 2.65
N LEU A 145 -56.92 0.93 2.74
CA LEU A 145 -57.49 1.75 3.80
C LEU A 145 -59.01 1.79 3.66
N GLN A 146 -59.65 2.30 4.71
CA GLN A 146 -61.10 2.41 4.79
C GLN A 146 -61.52 3.87 4.80
N GLY A 147 -62.64 4.16 4.14
CA GLY A 147 -63.16 5.50 4.10
C GLY A 147 -63.89 5.87 5.38
N VAL A 148 -63.80 7.16 5.73
CA VAL A 148 -64.49 7.71 6.89
C VAL A 148 -64.97 9.12 6.54
N ASP A 149 -66.16 9.47 7.02
CA ASP A 149 -66.69 10.80 6.74
C ASP A 149 -66.07 11.89 7.61
N GLY A 150 -65.11 11.55 8.46
CA GLY A 150 -64.52 12.52 9.35
C GLY A 150 -63.04 12.69 9.04
N PRO A 151 -62.35 13.49 9.85
CA PRO A 151 -60.92 13.71 9.63
C PRO A 151 -60.08 12.60 10.23
N ILE A 152 -58.88 12.44 9.66
CA ILE A 152 -57.92 11.50 10.22
C ILE A 152 -57.33 12.12 11.48
N GLY A 153 -56.45 11.38 12.14
CA GLY A 153 -55.91 11.84 13.40
C GLY A 153 -54.81 12.86 13.24
N ARG A 154 -54.69 13.71 14.25
CA ARG A 154 -53.63 14.72 14.33
C ARG A 154 -52.86 14.51 15.61
N CYS A 155 -51.54 14.39 15.49
CA CYS A 155 -50.68 14.29 16.65
C CYS A 155 -49.88 15.59 16.78
N PHE A 156 -50.17 16.37 17.83
CA PHE A 156 -49.45 17.61 18.04
C PHE A 156 -48.22 17.25 18.85
N THR A 157 -47.11 17.04 18.14
CA THR A 157 -45.84 16.72 18.79
C THR A 157 -45.24 18.01 19.34
N LEU A 158 -45.19 18.12 20.66
CA LEU A 158 -44.68 19.31 21.36
C LEU A 158 -43.35 18.90 21.99
N ILE A 159 -42.29 19.62 21.64
CA ILE A 159 -40.95 19.21 22.00
C ILE A 159 -40.44 19.92 23.24
N GLY A 160 -40.73 21.21 23.39
CA GLY A 160 -40.25 21.92 24.54
C GLY A 160 -38.72 21.96 24.57
N GLU A 161 -38.19 22.09 25.77
CA GLU A 161 -36.74 22.16 25.95
C GLU A 161 -36.11 20.85 25.50
N SER A 162 -34.82 20.93 25.15
CA SER A 162 -34.09 19.84 24.52
C SER A 162 -34.41 18.49 25.15
N GLY A 163 -34.96 17.59 24.34
CA GLY A 163 -35.26 16.25 24.81
C GLY A 163 -36.74 15.91 24.78
N GLU A 164 -37.32 15.65 25.95
CA GLU A 164 -38.63 15.05 26.05
C GLU A 164 -39.61 15.65 25.05
N ARG A 165 -40.29 14.76 24.32
CA ARG A 165 -41.20 15.10 23.25
C ARG A 165 -42.60 14.66 23.68
N THR A 166 -43.50 15.61 23.86
CA THR A 166 -44.84 15.31 24.32
C THR A 166 -45.78 15.21 23.13
N PHE A 167 -46.79 14.35 23.26
CA PHE A 167 -47.74 14.11 22.18
C PHE A 167 -49.15 14.40 22.69
N ALA A 168 -49.91 15.14 21.90
CA ALA A 168 -51.32 15.41 22.16
C ALA A 168 -52.10 14.97 20.93
N ILE A 169 -53.06 14.07 21.12
CA ILE A 169 -53.71 13.38 20.01
C ILE A 169 -55.13 13.88 19.85
N SER A 170 -55.48 14.31 18.65
CA SER A 170 -56.87 14.59 18.30
C SER A 170 -57.36 13.45 17.41
N PRO A 171 -57.97 12.42 18.00
CA PRO A 171 -58.25 11.20 17.24
C PRO A 171 -59.11 11.39 16.00
N GLY A 172 -60.07 12.30 16.03
CA GLY A 172 -61.02 12.36 14.93
C GLY A 172 -61.71 11.03 14.75
N HIS A 173 -61.65 10.48 13.53
CA HIS A 173 -62.22 9.18 13.23
C HIS A 173 -61.18 8.09 13.17
N MET A 174 -59.98 8.34 13.69
CA MET A 174 -58.87 7.43 13.44
C MET A 174 -59.16 6.02 13.94
N ASN A 175 -60.08 5.86 14.89
CA ASN A 175 -60.39 4.56 15.45
C ASN A 175 -61.65 3.95 14.85
N GLN A 176 -62.14 4.47 13.73
CA GLN A 176 -63.38 3.99 13.15
C GLN A 176 -63.17 2.82 12.19
N LEU A 177 -62.05 2.10 12.33
CA LEU A 177 -61.76 0.98 11.46
C LEU A 177 -62.64 -0.22 11.79
N ARG A 178 -63.32 -0.74 10.78
CA ARG A 178 -64.23 -1.86 10.95
C ARG A 178 -63.55 -3.17 10.57
N ALA A 179 -63.97 -4.24 11.24
CA ALA A 179 -63.36 -5.55 11.00
C ALA A 179 -63.71 -6.10 9.62
N GLU A 180 -64.81 -5.65 9.02
CA GLU A 180 -65.12 -6.06 7.65
C GLU A 180 -64.09 -5.53 6.67
N SER A 181 -63.46 -4.40 6.99
CA SER A 181 -62.49 -3.78 6.11
C SER A 181 -61.13 -4.47 6.14
N ILE A 182 -60.95 -5.49 6.96
CA ILE A 182 -59.69 -6.22 7.01
C ILE A 182 -59.62 -7.16 5.82
N PRO A 183 -58.68 -6.94 4.87
CA PRO A 183 -58.56 -7.84 3.71
C PRO A 183 -57.94 -9.18 4.07
N GLU A 184 -58.73 -10.25 3.98
CA GLU A 184 -58.24 -11.56 4.40
C GLU A 184 -57.01 -11.97 3.60
N ASP A 185 -57.04 -11.74 2.29
CA ASP A 185 -55.97 -12.23 1.42
C ASP A 185 -54.64 -11.55 1.70
N VAL A 186 -54.67 -10.26 2.07
CA VAL A 186 -53.44 -9.54 2.36
C VAL A 186 -52.72 -10.15 3.56
N ILE A 187 -53.46 -10.39 4.65
CA ILE A 187 -52.83 -10.90 5.86
C ILE A 187 -52.34 -12.33 5.67
N ALA A 188 -52.96 -13.07 4.76
CA ALA A 188 -52.57 -14.47 4.56
C ALA A 188 -51.19 -14.57 3.94
N GLY A 189 -50.92 -13.75 2.95
CA GLY A 189 -49.65 -13.80 2.26
C GLY A 189 -48.61 -12.90 2.89
N ALA A 190 -48.86 -12.47 4.12
CA ALA A 190 -47.89 -11.66 4.82
C ALA A 190 -46.94 -12.54 5.61
N SER A 191 -45.79 -11.97 5.97
CA SER A 191 -44.81 -12.65 6.80
C SER A 191 -44.75 -12.09 8.20
N ALA A 192 -45.55 -11.06 8.50
CA ALA A 192 -45.69 -10.52 9.85
C ALA A 192 -46.84 -9.52 9.84
N LEU A 193 -47.53 -9.44 10.99
CA LEU A 193 -48.58 -8.45 11.23
C LEU A 193 -48.18 -7.56 12.40
N VAL A 194 -48.18 -6.24 12.17
CA VAL A 194 -47.55 -5.29 13.08
C VAL A 194 -48.62 -4.42 13.71
N LEU A 195 -48.63 -4.39 15.04
CA LEU A 195 -49.62 -3.65 15.82
C LEU A 195 -48.93 -2.86 16.91
N THR A 196 -49.65 -1.87 17.46
CA THR A 196 -49.13 -1.04 18.52
C THR A 196 -50.15 -0.96 19.66
N SER A 197 -49.61 -0.85 20.88
CA SER A 197 -50.43 -0.78 22.08
C SER A 197 -51.47 0.33 22.01
N TYR A 198 -51.21 1.36 21.20
CA TYR A 198 -52.15 2.47 21.09
C TYR A 198 -53.45 2.04 20.44
N LEU A 199 -53.51 0.82 19.91
CA LEU A 199 -54.68 0.40 19.15
C LEU A 199 -55.87 0.15 20.05
N VAL A 200 -55.63 -0.22 21.31
CA VAL A 200 -56.74 -0.40 22.25
C VAL A 200 -57.19 0.92 22.86
N ARG A 201 -56.34 1.94 22.85
CA ARG A 201 -56.69 3.25 23.40
C ARG A 201 -57.64 3.96 22.45
N CYS A 202 -58.91 3.97 22.80
CA CYS A 202 -59.92 4.60 21.99
C CYS A 202 -61.12 4.90 22.88
N LYS A 203 -61.95 5.82 22.44
CA LYS A 203 -63.20 6.05 23.15
C LYS A 203 -64.03 4.78 23.06
N PRO A 204 -64.70 4.37 24.14
CA PRO A 204 -65.41 3.08 24.10
C PRO A 204 -66.45 3.05 23.00
N GLY A 205 -66.66 1.85 22.44
CA GLY A 205 -67.60 1.65 21.37
C GLY A 205 -67.02 1.83 19.98
N GLU A 206 -65.88 2.50 19.86
CA GLU A 206 -65.27 2.65 18.54
C GLU A 206 -64.73 1.29 18.09
N PRO A 207 -64.88 0.93 16.81
CA PRO A 207 -64.65 -0.45 16.39
C PRO A 207 -63.20 -0.84 16.19
N MET A 208 -62.25 0.09 16.27
CA MET A 208 -60.84 -0.26 16.02
C MET A 208 -60.44 -1.56 16.71
N PRO A 209 -60.66 -1.74 18.02
CA PRO A 209 -60.27 -3.02 18.64
C PRO A 209 -60.97 -4.21 18.02
N GLU A 210 -62.20 -4.02 17.59
CA GLU A 210 -62.92 -5.09 16.93
C GLU A 210 -62.19 -5.50 15.66
N ALA A 211 -61.76 -4.52 14.86
CA ALA A 211 -61.00 -4.82 13.63
C ALA A 211 -59.62 -5.39 13.94
N THR A 212 -58.95 -4.85 14.96
CA THR A 212 -57.63 -5.39 15.31
C THR A 212 -57.70 -6.88 15.61
N MET A 213 -58.66 -7.29 16.45
CA MET A 213 -58.76 -8.71 16.75
C MET A 213 -59.07 -9.53 15.50
N LYS A 214 -59.80 -8.95 14.54
CA LYS A 214 -60.14 -9.70 13.33
C LYS A 214 -58.89 -9.96 12.50
N ALA A 215 -57.99 -8.99 12.42
CA ALA A 215 -56.72 -9.25 11.75
C ALA A 215 -55.97 -10.37 12.44
N ILE A 216 -56.01 -10.42 13.77
CA ILE A 216 -55.33 -11.49 14.48
C ILE A 216 -55.95 -12.84 14.15
N GLU A 217 -57.27 -12.88 13.96
CA GLU A 217 -57.92 -14.12 13.53
C GLU A 217 -57.28 -14.61 12.24
N TYR A 218 -57.28 -13.77 11.21
CA TYR A 218 -56.64 -14.11 9.95
C TYR A 218 -55.17 -14.42 10.17
N ALA A 219 -54.51 -13.64 11.03
CA ALA A 219 -53.09 -13.88 11.28
C ALA A 219 -52.85 -15.30 11.73
N LYS A 220 -53.67 -15.76 12.69
CA LYS A 220 -53.55 -17.13 13.18
C LYS A 220 -53.93 -18.17 12.13
N LYS A 221 -54.93 -17.88 11.28
CA LYS A 221 -55.33 -18.84 10.27
C LYS A 221 -54.13 -19.29 9.45
N TYR A 222 -53.34 -18.32 8.99
CA TYR A 222 -52.26 -18.59 8.06
C TYR A 222 -50.90 -18.57 8.71
N ASN A 223 -50.85 -18.69 10.02
CA ASN A 223 -49.58 -18.81 10.74
C ASN A 223 -48.68 -17.61 10.46
N VAL A 224 -49.24 -16.41 10.59
CA VAL A 224 -48.51 -15.17 10.40
C VAL A 224 -48.14 -14.63 11.77
N PRO A 225 -46.87 -14.44 12.07
CA PRO A 225 -46.49 -13.91 13.39
C PRO A 225 -47.15 -12.56 13.65
N VAL A 226 -47.55 -12.36 14.89
CA VAL A 226 -48.14 -11.09 15.30
C VAL A 226 -47.06 -10.31 16.05
N VAL A 227 -46.95 -9.02 15.74
CA VAL A 227 -45.90 -8.16 16.27
C VAL A 227 -46.56 -7.00 17.01
N LEU A 228 -45.96 -6.60 18.13
CA LEU A 228 -46.54 -5.56 18.98
C LEU A 228 -45.44 -4.64 19.49
N THR A 229 -45.60 -3.34 19.24
CA THR A 229 -44.78 -2.28 19.81
C THR A 229 -45.62 -1.51 20.83
N LEU A 230 -44.95 -0.91 21.81
CA LEU A 230 -45.64 -0.30 22.95
C LEU A 230 -45.58 1.23 22.88
N GLY A 231 -46.61 1.84 23.45
CA GLY A 231 -46.84 3.27 23.35
C GLY A 231 -46.74 4.04 24.65
N THR A 232 -45.63 3.84 25.36
CA THR A 232 -45.27 4.59 26.56
C THR A 232 -45.46 3.75 27.81
N LYS A 233 -44.64 4.02 28.81
CA LYS A 233 -44.68 3.25 30.05
C LYS A 233 -46.00 3.44 30.79
N PHE A 234 -46.56 4.64 30.76
CA PHE A 234 -47.74 4.92 31.57
C PHE A 234 -48.95 4.10 31.11
N VAL A 235 -49.12 3.91 29.81
CA VAL A 235 -50.29 3.19 29.32
C VAL A 235 -50.31 1.76 29.84
N ILE A 236 -49.13 1.17 30.03
CA ILE A 236 -49.00 -0.23 30.37
C ILE A 236 -49.10 -0.46 31.87
N ALA A 237 -48.47 0.40 32.67
CA ALA A 237 -48.45 0.17 34.12
C ALA A 237 -49.85 0.16 34.72
N GLU A 238 -50.86 0.66 34.00
CA GLU A 238 -52.22 0.65 34.53
C GLU A 238 -52.70 -0.77 34.79
N ASN A 239 -52.34 -1.72 33.92
CA ASN A 239 -52.85 -3.07 34.04
C ASN A 239 -51.83 -4.08 33.48
N PRO A 240 -50.64 -4.16 34.08
CA PRO A 240 -49.59 -5.01 33.49
C PRO A 240 -50.03 -6.42 33.18
N GLN A 241 -50.87 -7.00 34.04
CA GLN A 241 -51.24 -8.39 33.84
C GLN A 241 -52.15 -8.57 32.62
N TRP A 242 -52.89 -7.55 32.21
CA TRP A 242 -53.71 -7.70 31.01
C TRP A 242 -52.83 -7.81 29.77
N TRP A 243 -51.85 -6.93 29.62
CA TRP A 243 -50.93 -7.01 28.49
C TRP A 243 -50.19 -8.34 28.50
N GLN A 244 -49.69 -8.75 29.66
CA GLN A 244 -49.06 -10.07 29.76
C GLN A 244 -49.95 -11.16 29.18
N GLN A 245 -51.21 -11.18 29.60
CA GLN A 245 -52.12 -12.23 29.13
C GLN A 245 -52.33 -12.10 27.63
N PHE A 246 -52.38 -10.87 27.12
CA PHE A 246 -52.55 -10.62 25.70
C PHE A 246 -51.38 -11.17 24.90
N LEU A 247 -50.15 -10.98 25.38
CA LEU A 247 -48.99 -11.42 24.60
C LEU A 247 -48.97 -12.94 24.46
N LYS A 248 -49.32 -13.67 25.53
CA LYS A 248 -49.33 -15.13 25.44
C LYS A 248 -50.24 -15.58 24.30
N ASP A 249 -51.47 -15.07 24.27
CA ASP A 249 -52.45 -15.61 23.36
C ASP A 249 -52.10 -15.31 21.91
N HIS A 250 -51.78 -14.07 21.62
CA HIS A 250 -51.66 -13.60 20.24
C HIS A 250 -50.24 -13.24 19.80
N VAL A 251 -49.53 -12.42 20.56
CA VAL A 251 -48.30 -11.81 20.05
C VAL A 251 -47.20 -12.84 19.90
N SER A 252 -46.39 -12.68 18.84
CA SER A 252 -45.21 -13.48 18.61
C SER A 252 -43.91 -12.69 18.66
N ILE A 253 -43.96 -11.38 18.46
CA ILE A 253 -42.76 -10.53 18.45
C ILE A 253 -43.09 -9.25 19.19
N LEU A 254 -42.19 -8.84 20.10
CA LEU A 254 -42.46 -7.76 21.04
C LEU A 254 -41.40 -6.67 20.87
N ALA A 255 -41.85 -5.45 20.60
CA ALA A 255 -40.98 -4.29 20.48
C ALA A 255 -41.16 -3.39 21.70
N MET A 256 -40.06 -2.84 22.21
CA MET A 256 -40.07 -2.34 23.57
C MET A 256 -38.87 -1.44 23.82
N ASN A 257 -39.01 -0.53 24.78
CA ASN A 257 -37.86 0.18 25.35
C ASN A 257 -37.79 -0.09 26.84
N GLU A 258 -36.65 0.27 27.45
CA GLU A 258 -36.38 -0.18 28.81
C GLU A 258 -37.47 0.29 29.77
N ASP A 259 -37.97 1.52 29.58
CA ASP A 259 -38.99 2.03 30.49
C ASP A 259 -40.33 1.33 30.27
N GLU A 260 -40.75 1.21 29.01
CA GLU A 260 -41.94 0.43 28.68
C GLU A 260 -41.85 -0.99 29.20
N ALA A 261 -40.65 -1.55 29.29
CA ALA A 261 -40.49 -2.95 29.68
C ALA A 261 -40.65 -3.16 31.18
N GLU A 262 -39.96 -2.35 32.00
CA GLU A 262 -40.16 -2.44 33.44
C GLU A 262 -41.62 -2.24 33.79
N ALA A 263 -42.34 -1.43 33.01
CA ALA A 263 -43.76 -1.23 33.25
C ALA A 263 -44.54 -2.52 33.06
N LEU A 264 -44.05 -3.40 32.19
CA LEU A 264 -44.72 -4.67 31.91
C LEU A 264 -44.29 -5.80 32.83
N THR A 265 -43.00 -5.87 33.19
CA THR A 265 -42.45 -7.01 33.89
C THR A 265 -42.04 -6.73 35.33
N GLY A 266 -41.84 -5.47 35.71
CA GLY A 266 -41.34 -5.14 37.03
C GLY A 266 -39.84 -5.28 37.16
N GLU A 267 -39.12 -5.40 36.05
CA GLU A 267 -37.68 -5.62 36.05
C GLU A 267 -36.99 -4.37 35.53
N SER A 268 -36.22 -3.73 36.41
CA SER A 268 -35.45 -2.56 36.00
C SER A 268 -34.28 -2.95 35.11
N ASP A 269 -33.97 -4.23 34.99
CA ASP A 269 -32.91 -4.69 34.10
C ASP A 269 -33.52 -5.10 32.78
N PRO A 270 -33.15 -4.45 31.66
CA PRO A 270 -33.78 -4.84 30.38
C PRO A 270 -33.59 -6.31 30.07
N LEU A 271 -32.41 -6.85 30.37
CA LEU A 271 -32.12 -8.25 30.08
C LEU A 271 -33.14 -9.16 30.75
N LEU A 272 -33.42 -8.92 32.04
CA LEU A 272 -34.38 -9.76 32.75
C LEU A 272 -35.80 -9.53 32.23
N ALA A 273 -36.17 -8.26 32.03
CA ALA A 273 -37.48 -7.93 31.47
C ALA A 273 -37.68 -8.67 30.15
N SER A 274 -36.68 -8.60 29.27
CA SER A 274 -36.74 -9.31 27.99
C SER A 274 -36.87 -10.82 28.20
N ASP A 275 -36.09 -11.38 29.13
CA ASP A 275 -36.16 -12.81 29.40
C ASP A 275 -37.53 -13.20 29.96
N LYS A 276 -38.03 -12.44 30.93
CA LYS A 276 -39.37 -12.71 31.43
C LYS A 276 -40.40 -12.59 30.32
N ALA A 277 -40.18 -11.69 29.36
CA ALA A 277 -41.11 -11.58 28.24
C ALA A 277 -41.10 -12.82 27.37
N LEU A 278 -39.97 -13.52 27.27
CA LEU A 278 -39.89 -14.71 26.42
C LEU A 278 -40.83 -15.81 26.87
N ASP A 279 -41.37 -15.72 28.09
CA ASP A 279 -42.38 -16.68 28.49
C ASP A 279 -43.66 -16.52 27.69
N TRP A 280 -43.90 -15.34 27.12
CA TRP A 280 -45.16 -15.02 26.46
C TRP A 280 -45.07 -14.94 24.95
N VAL A 281 -43.94 -14.52 24.41
CA VAL A 281 -43.76 -14.33 22.98
C VAL A 281 -42.50 -15.07 22.51
N ASP A 282 -42.29 -15.04 21.19
CA ASP A 282 -41.22 -15.82 20.58
C ASP A 282 -39.93 -15.02 20.41
N LEU A 283 -40.04 -13.70 20.40
CA LEU A 283 -38.89 -12.84 20.10
C LEU A 283 -39.15 -11.46 20.66
N VAL A 284 -38.12 -10.90 21.28
CA VAL A 284 -38.21 -9.63 21.99
C VAL A 284 -37.08 -8.72 21.54
N LEU A 285 -37.43 -7.47 21.26
CA LEU A 285 -36.50 -6.40 20.94
C LEU A 285 -36.71 -5.30 21.96
N CYS A 286 -35.66 -4.93 22.69
CA CYS A 286 -35.75 -3.93 23.74
C CYS A 286 -34.73 -2.84 23.46
N THR A 287 -35.23 -1.62 23.20
CA THR A 287 -34.39 -0.47 22.90
C THR A 287 -34.10 0.26 24.21
N ALA A 288 -32.84 0.20 24.65
CA ALA A 288 -32.47 0.71 25.96
C ALA A 288 -31.85 2.11 25.92
N GLY A 289 -32.20 2.91 24.93
CA GLY A 289 -31.63 4.24 24.81
C GLY A 289 -30.11 4.20 24.83
N PRO A 290 -29.49 4.91 25.79
CA PRO A 290 -28.02 4.98 25.79
C PRO A 290 -27.33 3.67 26.14
N ILE A 291 -28.02 2.74 26.81
CA ILE A 291 -27.44 1.43 27.05
C ILE A 291 -27.24 0.64 25.77
N GLY A 292 -27.99 0.97 24.71
CA GLY A 292 -27.96 0.24 23.47
C GLY A 292 -29.30 -0.39 23.17
N LEU A 293 -29.29 -1.65 22.73
CA LEU A 293 -30.50 -2.41 22.59
C LEU A 293 -30.19 -3.88 22.77
N TYR A 294 -31.17 -4.59 23.34
CA TYR A 294 -31.12 -6.02 23.58
C TYR A 294 -32.07 -6.73 22.64
N MET A 295 -31.79 -8.03 22.45
CA MET A 295 -32.68 -8.92 21.73
C MET A 295 -32.67 -10.27 22.42
N ALA A 296 -33.86 -10.85 22.58
CA ALA A 296 -34.01 -12.15 23.19
C ALA A 296 -34.99 -12.96 22.36
N GLY A 297 -34.67 -14.23 22.16
CA GLY A 297 -35.51 -15.10 21.34
C GLY A 297 -35.15 -16.55 21.54
N PHE A 298 -35.70 -17.39 20.66
CA PHE A 298 -35.51 -18.83 20.75
C PHE A 298 -34.79 -19.38 19.51
N THR A 299 -34.03 -20.44 19.73
CA THR A 299 -33.37 -21.15 18.65
C THR A 299 -33.43 -22.65 18.94
N GLU A 300 -33.32 -23.46 17.89
CA GLU A 300 -33.26 -24.90 18.10
C GLU A 300 -31.93 -25.26 18.79
N ASP A 301 -32.00 -26.02 19.89
CA ASP A 301 -30.80 -26.34 20.66
C ASP A 301 -29.78 -27.10 19.84
N GLU A 302 -30.21 -27.80 18.78
CA GLU A 302 -29.26 -28.51 17.94
C GLU A 302 -28.55 -27.58 16.99
N ALA A 303 -29.21 -26.48 16.59
CA ALA A 303 -28.68 -25.55 15.61
C ALA A 303 -28.05 -24.32 16.23
N LYS A 304 -27.81 -24.35 17.54
CA LYS A 304 -27.18 -23.22 18.20
C LYS A 304 -25.81 -22.96 17.61
N ARG A 305 -25.50 -21.67 17.44
CA ARG A 305 -24.22 -21.19 16.93
C ARG A 305 -23.63 -20.30 18.01
N LYS A 306 -22.45 -20.66 18.51
CA LYS A 306 -21.91 -19.94 19.64
C LYS A 306 -21.17 -18.70 19.14
N THR A 307 -21.21 -17.65 19.95
CA THR A 307 -20.66 -16.37 19.55
C THR A 307 -19.15 -16.46 19.46
N GLN A 308 -18.55 -15.52 18.73
CA GLN A 308 -17.10 -15.38 18.71
C GLN A 308 -16.65 -14.09 19.39
N HIS A 309 -17.57 -13.36 20.00
CA HIS A 309 -17.25 -12.17 20.77
C HIS A 309 -16.99 -12.54 22.22
N PRO A 310 -16.41 -11.63 22.99
CA PRO A 310 -16.22 -11.90 24.42
C PRO A 310 -17.57 -12.13 25.09
N LEU A 311 -17.58 -13.05 26.05
CA LEU A 311 -18.81 -13.33 26.77
C LEU A 311 -19.16 -12.17 27.70
N LEU A 312 -20.38 -11.67 27.59
CA LEU A 312 -20.66 -10.48 28.37
C LEU A 312 -21.18 -10.89 29.74
N PRO A 313 -20.89 -10.10 30.77
CA PRO A 313 -21.49 -10.36 32.07
C PRO A 313 -22.85 -9.69 32.22
N GLY A 314 -23.73 -10.37 32.95
CA GLY A 314 -25.04 -9.82 33.20
C GLY A 314 -25.81 -10.71 34.15
N ALA A 315 -27.03 -10.25 34.48
CA ALA A 315 -27.90 -11.01 35.36
C ALA A 315 -27.96 -12.48 34.93
N ILE A 316 -28.07 -12.73 33.64
CA ILE A 316 -27.93 -14.07 33.09
C ILE A 316 -26.48 -14.22 32.66
N ALA A 317 -25.73 -15.10 33.30
CA ALA A 317 -24.30 -15.20 32.99
C ALA A 317 -24.11 -15.54 31.53
N GLU A 318 -23.24 -14.79 30.87
CA GLU A 318 -22.87 -15.07 29.49
C GLU A 318 -24.10 -15.15 28.60
N PHE A 319 -24.92 -14.09 28.65
CA PHE A 319 -26.24 -14.14 28.01
C PHE A 319 -26.13 -14.14 26.49
N ASN A 320 -25.04 -13.61 25.93
CA ASN A 320 -24.82 -13.65 24.50
C ASN A 320 -24.06 -14.90 24.06
N GLN A 321 -24.08 -15.97 24.84
CA GLN A 321 -23.21 -17.09 24.54
C GLN A 321 -23.48 -17.69 23.17
N TYR A 322 -24.73 -17.66 22.72
CA TYR A 322 -25.13 -18.21 21.42
C TYR A 322 -25.74 -17.10 20.56
N GLU A 323 -25.16 -15.90 20.69
CA GLU A 323 -25.58 -14.72 19.93
C GLU A 323 -25.74 -15.00 18.44
N PHE A 324 -24.97 -15.93 17.90
CA PHE A 324 -24.93 -16.17 16.46
C PHE A 324 -26.00 -17.14 16.00
N SER A 325 -26.94 -17.48 16.87
CA SER A 325 -28.03 -18.32 16.46
C SER A 325 -29.12 -17.46 15.84
N ARG A 326 -29.93 -18.08 14.99
CA ARG A 326 -31.07 -17.42 14.39
C ARG A 326 -32.31 -17.73 15.22
N ALA A 327 -33.29 -16.86 15.12
CA ALA A 327 -34.49 -16.98 15.90
C ALA A 327 -35.50 -17.90 15.24
N MET A 328 -36.12 -18.76 16.04
CA MET A 328 -37.27 -19.57 15.64
C MET A 328 -38.46 -19.22 16.51
N ARG A 329 -39.64 -19.58 16.04
CA ARG A 329 -40.82 -19.46 16.88
C ARG A 329 -40.85 -20.64 17.84
N HIS A 330 -41.31 -20.38 19.07
CA HIS A 330 -41.29 -21.45 20.07
C HIS A 330 -42.03 -22.68 19.57
N LYS A 331 -43.12 -22.47 18.83
CA LYS A 331 -43.93 -23.60 18.36
C LYS A 331 -43.12 -24.48 17.42
N ASP A 332 -42.29 -23.87 16.57
CA ASP A 332 -41.55 -24.60 15.56
C ASP A 332 -40.33 -25.32 16.12
N CYS A 333 -39.97 -25.08 17.37
CA CYS A 333 -38.81 -25.74 17.97
C CYS A 333 -39.19 -27.11 18.52
N GLN A 334 -38.23 -28.03 18.48
CA GLN A 334 -38.39 -29.32 19.16
C GLN A 334 -37.82 -29.28 20.56
N ASN A 335 -36.64 -28.66 20.73
CA ASN A 335 -36.05 -28.39 22.04
C ASN A 335 -35.61 -26.94 22.10
N PRO A 336 -36.54 -26.01 22.31
CA PRO A 336 -36.18 -24.59 22.21
C PRO A 336 -35.14 -24.22 23.25
N LEU A 337 -34.28 -23.28 22.86
CA LEU A 337 -33.22 -22.74 23.69
C LEU A 337 -33.29 -21.23 23.65
N ARG A 338 -33.14 -20.61 24.81
CA ARG A 338 -33.18 -19.15 24.91
C ARG A 338 -31.82 -18.55 24.54
N VAL A 339 -31.87 -17.50 23.74
CA VAL A 339 -30.68 -16.81 23.26
C VAL A 339 -30.90 -15.31 23.36
N TYR A 340 -29.83 -14.60 23.69
CA TYR A 340 -29.91 -13.18 23.99
C TYR A 340 -28.75 -12.49 23.29
N SER A 341 -28.94 -11.19 23.03
CA SER A 341 -27.88 -10.44 22.39
C SER A 341 -28.04 -8.97 22.73
N HIS A 342 -26.92 -8.28 22.72
CA HIS A 342 -26.88 -6.88 23.08
C HIS A 342 -25.84 -6.17 22.23
N ILE A 343 -26.18 -4.97 21.79
CA ILE A 343 -25.29 -4.12 21.04
C ILE A 343 -25.35 -2.70 21.61
N ALA A 344 -24.23 -2.02 21.53
CA ALA A 344 -24.10 -0.66 22.03
C ALA A 344 -24.46 0.31 20.93
N PRO A 345 -24.65 1.59 21.27
CA PRO A 345 -25.00 2.58 20.25
C PRO A 345 -23.92 2.68 19.18
N TYR A 346 -24.36 3.01 17.96
CA TYR A 346 -23.44 3.11 16.84
C TYR A 346 -22.49 4.30 17.01
N MET A 347 -21.22 4.07 16.69
CA MET A 347 -20.20 5.11 16.70
C MET A 347 -20.42 6.06 17.88
N GLY A 348 -20.53 5.47 19.07
CA GLY A 348 -20.67 6.23 20.30
C GLY A 348 -21.95 7.01 20.49
N GLY A 349 -22.93 6.85 19.60
CA GLY A 349 -24.17 7.58 19.70
C GLY A 349 -24.07 8.96 19.08
N PRO A 350 -25.18 9.68 19.07
CA PRO A 350 -25.19 11.03 18.50
C PRO A 350 -24.63 12.05 19.49
N GLU A 351 -24.36 13.25 18.97
CA GLU A 351 -23.98 14.36 19.84
C GLU A 351 -25.18 14.85 20.65
N LYS A 352 -26.35 14.92 20.02
CA LYS A 352 -27.56 15.43 20.63
C LYS A 352 -28.54 14.30 20.89
N ILE A 353 -29.17 14.34 22.08
CA ILE A 353 -30.15 13.33 22.47
C ILE A 353 -31.13 13.07 21.31
N MET A 354 -31.85 14.11 20.90
CA MET A 354 -32.69 14.09 19.71
C MET A 354 -33.94 13.22 19.88
N ASN A 355 -34.38 12.59 18.78
CA ASN A 355 -35.66 11.87 18.71
C ASN A 355 -35.47 10.44 19.20
N THR A 356 -35.64 10.22 20.51
CA THR A 356 -35.52 8.88 21.06
C THR A 356 -36.82 8.09 21.00
N ASN A 357 -37.95 8.74 20.70
CA ASN A 357 -39.24 8.06 20.66
C ASN A 357 -39.40 7.22 19.39
N GLY A 358 -39.24 7.85 18.22
CA GLY A 358 -39.33 7.16 16.94
C GLY A 358 -38.14 6.29 16.61
N ALA A 359 -37.08 6.34 17.43
CA ALA A 359 -35.91 5.51 17.19
C ALA A 359 -36.24 4.04 17.36
N GLY A 360 -36.93 3.70 18.45
CA GLY A 360 -37.37 2.33 18.64
C GLY A 360 -38.27 1.84 17.51
N ASP A 361 -39.24 2.66 17.12
CA ASP A 361 -40.11 2.33 15.99
C ASP A 361 -39.31 2.05 14.72
N GLY A 362 -38.08 2.56 14.63
CA GLY A 362 -37.23 2.31 13.48
C GLY A 362 -36.42 1.02 13.57
N ALA A 363 -35.78 0.78 14.72
CA ALA A 363 -35.05 -0.47 14.93
C ALA A 363 -35.96 -1.67 14.70
N LEU A 364 -37.26 -1.50 14.98
CA LEU A 364 -38.22 -2.55 14.67
C LEU A 364 -38.25 -2.82 13.16
N ALA A 365 -38.40 -1.76 12.36
CA ALA A 365 -38.43 -1.93 10.92
C ALA A 365 -37.26 -2.76 10.42
N ALA A 366 -36.08 -2.53 10.99
CA ALA A 366 -34.93 -3.34 10.61
C ALA A 366 -35.21 -4.81 10.83
N LEU A 367 -35.77 -5.17 11.99
CA LEU A 367 -36.06 -6.57 12.27
C LEU A 367 -37.09 -7.12 11.28
N LEU A 368 -38.17 -6.37 11.03
CA LEU A 368 -39.16 -6.83 10.06
C LEU A 368 -38.50 -7.16 8.72
N HIS A 369 -37.60 -6.29 8.25
CA HIS A 369 -36.88 -6.55 7.02
C HIS A 369 -36.24 -7.94 7.03
N ASP A 370 -35.48 -8.24 8.09
CA ASP A 370 -34.81 -9.53 8.14
C ASP A 370 -35.82 -10.67 8.14
N ILE A 371 -36.96 -10.51 8.78
CA ILE A 371 -37.95 -11.58 8.83
C ILE A 371 -38.59 -11.78 7.46
N THR A 372 -38.90 -10.69 6.76
CA THR A 372 -39.40 -10.82 5.39
C THR A 372 -38.33 -11.43 4.48
N ALA A 373 -37.07 -11.02 4.64
CA ALA A 373 -36.04 -11.56 3.78
C ALA A 373 -35.97 -13.07 3.87
N ASN A 374 -36.21 -13.63 5.05
CA ASN A 374 -36.24 -15.09 5.19
C ASN A 374 -37.36 -15.68 4.33
N SER A 375 -38.56 -15.08 4.40
CA SER A 375 -39.67 -15.56 3.57
C SER A 375 -39.37 -15.38 2.08
N TYR A 376 -38.62 -14.34 1.72
CA TYR A 376 -38.34 -14.06 0.31
C TYR A 376 -37.32 -15.04 -0.24
N HIS A 377 -36.19 -15.18 0.44
CA HIS A 377 -35.14 -16.11 0.04
C HIS A 377 -35.56 -17.56 0.15
N ARG A 378 -36.53 -17.88 0.99
CA ARG A 378 -36.99 -19.26 1.09
C ARG A 378 -37.82 -19.64 -0.15
N SER A 379 -38.61 -18.70 -0.68
CA SER A 379 -39.41 -19.03 -1.86
C SER A 379 -38.58 -19.02 -3.13
N ASN A 380 -37.50 -18.23 -3.17
CA ASN A 380 -36.71 -18.12 -4.39
C ASN A 380 -35.54 -19.10 -4.44
N VAL A 381 -35.07 -19.58 -3.30
CA VAL A 381 -33.95 -20.52 -3.26
C VAL A 381 -34.27 -21.56 -2.19
N PRO A 382 -35.31 -22.38 -2.38
CA PRO A 382 -35.76 -23.24 -1.27
C PRO A 382 -34.79 -24.32 -0.86
N ASN A 383 -33.94 -24.78 -1.77
CA ASN A 383 -33.07 -25.92 -1.48
C ASN A 383 -31.82 -25.51 -0.71
N SER A 384 -31.75 -24.25 -0.28
CA SER A 384 -30.53 -23.63 0.25
C SER A 384 -30.25 -24.11 1.67
N SER A 385 -28.97 -24.04 2.06
CA SER A 385 -28.56 -24.33 3.44
C SER A 385 -29.19 -23.35 4.42
N LYS A 386 -29.74 -22.27 3.92
CA LYS A 386 -30.44 -21.30 4.74
C LYS A 386 -31.80 -21.76 5.16
N HIS A 387 -32.17 -23.01 4.91
CA HIS A 387 -33.50 -23.45 5.26
C HIS A 387 -33.56 -24.90 5.73
N LYS A 388 -34.59 -25.63 5.27
CA LYS A 388 -34.88 -26.97 5.76
C LYS A 388 -34.61 -27.07 7.27
N PHE A 389 -34.84 -25.97 7.99
CA PHE A 389 -34.94 -25.97 9.45
C PHE A 389 -36.11 -25.14 9.97
N THR A 390 -36.77 -24.37 9.11
CA THR A 390 -37.90 -23.51 9.45
C THR A 390 -37.52 -22.47 10.50
N TRP A 391 -36.88 -21.41 10.03
CA TRP A 391 -36.44 -20.32 10.88
C TRP A 391 -37.49 -19.21 10.89
N LEU A 392 -37.24 -18.22 11.75
CA LEU A 392 -38.01 -16.99 11.79
C LEU A 392 -37.27 -15.84 11.13
N THR A 393 -35.99 -15.65 11.47
CA THR A 393 -35.16 -14.59 10.94
C THR A 393 -34.11 -15.14 9.97
N TYR A 394 -33.78 -14.33 8.96
CA TYR A 394 -32.76 -14.73 7.98
C TYR A 394 -31.37 -14.67 8.61
N SER A 395 -31.11 -13.68 9.46
CA SER A 395 -29.81 -13.51 10.08
C SER A 395 -29.89 -13.87 11.57
N SER A 396 -28.73 -13.88 12.20
CA SER A 396 -28.65 -14.20 13.62
C SER A 396 -28.99 -12.99 14.48
N LEU A 397 -29.30 -13.26 15.74
CA LEU A 397 -29.60 -12.16 16.67
C LEU A 397 -28.49 -11.14 16.68
N ALA A 398 -27.24 -11.59 16.76
CA ALA A 398 -26.12 -10.66 16.76
C ALA A 398 -26.15 -9.77 15.52
N GLN A 399 -26.37 -10.37 14.36
CA GLN A 399 -26.39 -9.61 13.13
C GLN A 399 -27.61 -8.71 13.04
N VAL A 400 -28.76 -9.18 13.50
CA VAL A 400 -29.94 -8.33 13.45
C VAL A 400 -29.80 -7.15 14.39
N CYS A 401 -29.15 -7.34 15.54
CA CYS A 401 -28.86 -6.20 16.39
C CYS A 401 -27.97 -5.21 15.65
N LYS A 402 -26.92 -5.73 15.02
CA LYS A 402 -26.03 -4.89 14.23
C LYS A 402 -26.82 -4.02 13.27
N TYR A 403 -27.80 -4.60 12.59
CA TYR A 403 -28.62 -3.86 11.64
C TYR A 403 -29.52 -2.85 12.34
N ALA A 404 -30.34 -3.31 13.29
CA ALA A 404 -31.32 -2.44 13.94
C ALA A 404 -30.64 -1.33 14.71
N ASN A 405 -29.49 -1.63 15.31
CA ASN A 405 -28.76 -0.57 16.00
C ASN A 405 -28.38 0.54 15.04
N ARG A 406 -27.87 0.17 13.85
CA ARG A 406 -27.49 1.16 12.86
C ARG A 406 -28.70 1.97 12.39
N VAL A 407 -29.87 1.35 12.26
CA VAL A 407 -31.04 2.10 11.81
C VAL A 407 -31.48 3.09 12.87
N SER A 408 -31.51 2.68 14.15
CA SER A 408 -31.92 3.62 15.20
C SER A 408 -31.04 4.86 15.19
N TYR A 409 -29.73 4.67 14.97
CA TYR A 409 -28.83 5.82 14.89
C TYR A 409 -29.28 6.76 13.79
N GLN A 410 -29.81 6.20 12.70
CA GLN A 410 -30.31 7.04 11.61
C GLN A 410 -31.53 7.84 12.05
N VAL A 411 -32.45 7.21 12.78
CA VAL A 411 -33.67 7.90 13.17
C VAL A 411 -33.39 8.92 14.27
N LEU A 412 -32.36 8.68 15.09
CA LEU A 412 -32.09 9.61 16.19
C LEU A 412 -31.47 10.88 15.66
N ASN A 413 -30.57 10.75 14.69
CA ASN A 413 -29.85 11.85 14.08
C ASN A 413 -30.69 12.65 13.11
N GLN A 414 -32.02 12.56 13.17
CA GLN A 414 -32.86 13.45 12.39
C GLN A 414 -34.14 13.80 13.16
N HIS A 415 -34.81 14.85 12.68
CA HIS A 415 -35.99 15.36 13.37
C HIS A 415 -37.16 14.40 13.22
N SER A 416 -37.50 14.04 11.99
CA SER A 416 -38.69 13.24 11.73
C SER A 416 -38.46 11.81 12.23
N PRO A 417 -39.54 11.08 12.49
CA PRO A 417 -39.41 9.66 12.81
C PRO A 417 -39.41 8.77 11.58
N ARG A 418 -39.74 9.33 10.42
CA ARG A 418 -39.81 8.58 9.18
C ARG A 418 -38.55 8.82 8.35
N LEU A 419 -38.02 7.75 7.79
CA LEU A 419 -36.85 7.80 6.92
C LEU A 419 -37.28 8.03 5.48
N THR A 420 -36.36 8.61 4.70
CA THR A 420 -36.52 8.79 3.27
C THR A 420 -35.41 8.14 2.46
N ARG A 421 -34.32 7.71 3.09
CA ARG A 421 -33.21 7.07 2.39
C ARG A 421 -32.73 5.86 3.16
N GLY A 422 -32.63 4.72 2.46
CA GLY A 422 -32.07 3.50 3.00
C GLY A 422 -30.60 3.61 3.37
N LEU A 423 -29.99 2.50 3.67
CA LEU A 423 -28.60 2.55 4.09
C LEU A 423 -27.66 2.46 2.90
N PRO A 424 -26.46 3.02 3.02
CA PRO A 424 -25.48 2.98 1.91
C PRO A 424 -24.73 1.64 1.86
N GLU A 425 -24.81 0.94 0.74
CA GLU A 425 -24.17 -0.37 0.64
C GLU A 425 -22.80 -0.23 -0.04
N ARG A 426 -21.96 -1.24 0.14
CA ARG A 426 -20.59 -1.21 -0.35
C ARG A 426 -20.52 -1.29 -1.87
N GLU A 427 -19.57 -0.56 -2.44
CA GLU A 427 -19.24 -0.72 -3.85
C GLU A 427 -18.16 -1.79 -3.98
N ASP A 428 -18.29 -2.63 -5.00
CA ASP A 428 -17.31 -3.65 -5.30
C ASP A 428 -16.06 -2.96 -5.89
N SER A 429 -15.08 -3.74 -6.34
CA SER A 429 -13.92 -3.10 -6.95
C SER A 429 -14.31 -2.44 -8.26
N LEU A 430 -15.11 -3.13 -9.08
CA LEU A 430 -15.50 -2.58 -10.37
C LEU A 430 -16.24 -1.26 -10.20
N GLU A 431 -17.26 -1.25 -9.33
CA GLU A 431 -18.01 -0.02 -9.10
C GLU A 431 -17.10 1.08 -8.54
N GLU A 432 -16.23 0.73 -7.60
CA GLU A 432 -15.34 1.73 -7.00
C GLU A 432 -14.48 2.40 -8.05
N SER A 433 -13.78 1.62 -8.86
CA SER A 433 -12.90 2.20 -9.87
C SER A 433 -13.68 3.05 -10.87
N TYR A 434 -14.94 2.68 -11.14
CA TYR A 434 -15.76 3.46 -12.06
C TYR A 434 -15.87 4.90 -11.60
N TRP A 435 -16.25 5.11 -10.34
CA TRP A 435 -16.40 6.46 -9.83
C TRP A 435 -15.05 7.17 -9.70
N ASP A 436 -13.99 6.43 -9.39
CA ASP A 436 -12.68 7.06 -9.21
C ASP A 436 -12.02 7.41 -10.54
N ARG A 437 -12.28 6.65 -11.59
CA ARG A 437 -11.70 6.93 -12.90
C ARG A 437 -11.89 8.42 -13.23
N HIS B 3 -30.87 19.89 3.57
CA HIS B 3 -30.67 18.47 3.90
C HIS B 3 -30.38 17.56 2.69
N MET B 4 -29.81 18.13 1.63
CA MET B 4 -29.63 17.44 0.37
C MET B 4 -28.37 16.58 0.30
N LYS B 5 -28.48 15.46 -0.41
CA LYS B 5 -27.43 14.47 -0.61
C LYS B 5 -26.43 14.96 -1.67
N PHE B 6 -25.31 14.23 -1.77
CA PHE B 6 -24.23 14.56 -2.68
C PHE B 6 -24.46 13.95 -4.05
N PRO B 7 -24.18 14.67 -5.15
CA PRO B 7 -24.46 14.13 -6.48
C PRO B 7 -23.36 13.17 -6.93
N GLY B 8 -23.68 11.90 -6.93
CA GLY B 8 -22.71 10.86 -7.27
C GLY B 8 -22.08 10.26 -6.03
N LYS B 9 -21.15 9.34 -6.30
CA LYS B 9 -20.44 8.62 -5.27
C LYS B 9 -18.93 8.80 -5.39
N ARG B 10 -18.49 9.86 -6.06
CA ARG B 10 -17.06 10.06 -6.24
C ARG B 10 -16.43 10.63 -4.98
N LYS B 11 -15.14 10.34 -4.80
CA LYS B 11 -14.40 10.96 -3.72
C LYS B 11 -14.20 12.42 -4.05
N SER B 12 -14.62 13.29 -3.15
CA SER B 12 -14.68 14.73 -3.39
C SER B 12 -13.49 15.41 -2.73
N LYS B 13 -12.95 16.42 -3.42
CA LYS B 13 -11.89 17.23 -2.84
C LYS B 13 -12.43 18.15 -1.75
N HIS B 14 -13.58 18.79 -2.01
CA HIS B 14 -14.23 19.66 -1.05
C HIS B 14 -15.30 18.86 -0.30
N TYR B 15 -15.40 19.12 0.99
CA TYR B 15 -16.33 18.45 1.88
C TYR B 15 -17.75 18.98 1.65
N PHE B 16 -18.71 18.07 1.53
CA PHE B 16 -20.10 18.45 1.30
C PHE B 16 -20.87 18.38 2.62
N PRO B 17 -21.52 19.46 3.06
CA PRO B 17 -22.12 19.44 4.40
C PRO B 17 -23.25 18.45 4.56
N VAL B 18 -24.03 18.22 3.49
CA VAL B 18 -25.19 17.34 3.54
C VAL B 18 -26.34 18.01 4.29
N ASN B 19 -26.13 18.31 5.57
CA ASN B 19 -27.18 18.90 6.38
C ASN B 19 -26.71 20.25 6.91
N ALA B 20 -27.61 21.25 6.88
CA ALA B 20 -27.26 22.58 7.38
C ALA B 20 -27.01 22.60 8.88
N ARG B 21 -27.24 21.47 9.56
CA ARG B 21 -27.00 21.31 10.97
C ARG B 21 -25.54 20.99 11.29
N ASP B 22 -24.71 20.75 10.29
CA ASP B 22 -23.33 20.36 10.52
C ASP B 22 -22.64 21.37 11.44
N PRO B 23 -21.94 20.92 12.49
CA PRO B 23 -21.26 21.87 13.39
C PRO B 23 -20.37 22.88 12.68
N LEU B 24 -19.53 22.40 11.76
CA LEU B 24 -18.68 23.31 11.00
C LEU B 24 -19.49 24.39 10.30
N LEU B 25 -20.77 24.12 10.03
CA LEU B 25 -21.62 25.04 9.29
C LEU B 25 -22.45 25.95 10.19
N GLN B 26 -22.65 25.59 11.47
CA GLN B 26 -23.40 26.45 12.39
C GLN B 26 -22.53 27.55 12.98
N GLN B 27 -21.24 27.30 13.19
CA GLN B 27 -20.31 28.41 13.36
C GLN B 27 -20.34 29.31 12.14
N PHE B 28 -20.66 28.75 10.98
CA PHE B 28 -20.63 29.51 9.73
C PHE B 28 -21.99 30.18 9.44
N GLN B 29 -23.06 29.46 9.82
CA GLN B 29 -24.45 29.82 9.58
C GLN B 29 -24.88 31.01 10.42
N PRO B 30 -25.65 31.93 9.86
CA PRO B 30 -26.08 33.11 10.62
C PRO B 30 -27.08 32.77 11.72
N GLU B 31 -27.64 33.82 12.34
CA GLU B 31 -28.61 33.62 13.41
C GLU B 31 -29.93 33.08 12.88
N ASN B 32 -30.19 33.20 11.57
CA ASN B 32 -31.40 32.69 10.95
C ASN B 32 -31.05 31.59 9.95
N GLU B 33 -32.05 30.76 9.64
CA GLU B 33 -31.83 29.58 8.83
C GLU B 33 -31.18 29.95 7.49
N THR B 34 -30.29 29.08 7.03
CA THR B 34 -29.56 29.30 5.78
C THR B 34 -30.36 28.87 4.55
N SER B 35 -31.30 27.92 4.72
CA SER B 35 -32.22 27.54 3.66
C SER B 35 -31.57 26.62 2.62
N ALA B 36 -32.29 25.58 2.22
CA ALA B 36 -31.88 24.69 1.14
C ALA B 36 -32.57 25.10 -0.15
N ALA B 37 -32.05 24.57 -1.26
CA ALA B 37 -32.55 24.83 -2.60
C ALA B 37 -33.37 23.64 -3.09
N TRP B 38 -34.02 23.82 -4.24
CA TRP B 38 -34.94 22.81 -4.75
C TRP B 38 -35.15 23.04 -6.23
N VAL B 39 -35.98 22.19 -6.84
CA VAL B 39 -36.23 22.20 -8.28
C VAL B 39 -37.72 22.00 -8.54
N VAL B 40 -38.23 22.66 -9.56
CA VAL B 40 -39.66 22.65 -9.89
C VAL B 40 -39.84 22.26 -11.34
N GLY B 41 -40.95 21.59 -11.63
CA GLY B 41 -41.26 21.19 -13.00
C GLY B 41 -42.76 21.19 -13.24
N ILE B 42 -43.12 21.20 -14.51
CA ILE B 42 -44.52 21.21 -14.93
C ILE B 42 -44.76 19.92 -15.69
N ASP B 43 -45.96 19.34 -15.51
CA ASP B 43 -46.24 18.08 -16.15
C ASP B 43 -47.74 17.89 -16.32
N GLN B 44 -48.07 16.96 -17.21
CA GLN B 44 -49.44 16.49 -17.38
C GLN B 44 -49.63 15.29 -16.46
N THR B 45 -50.30 15.51 -15.33
CA THR B 45 -50.53 14.46 -14.34
C THR B 45 -51.03 13.17 -14.98
N LEU B 46 -50.19 12.12 -14.99
CA LEU B 46 -50.47 10.91 -15.74
C LEU B 46 -50.26 9.68 -14.87
N VAL B 47 -50.89 8.57 -15.28
CA VAL B 47 -50.77 7.30 -14.58
C VAL B 47 -50.47 6.21 -15.59
N ASP B 48 -49.36 5.52 -15.42
CA ASP B 48 -49.00 4.43 -16.31
C ASP B 48 -49.85 3.22 -15.98
N ILE B 49 -50.33 2.56 -17.02
CA ILE B 49 -51.12 1.33 -16.91
C ILE B 49 -50.48 0.33 -17.88
N GLU B 50 -49.64 -0.55 -17.36
CA GLU B 50 -48.80 -1.38 -18.23
C GLU B 50 -49.46 -2.72 -18.49
N ALA B 51 -49.20 -3.25 -19.69
CA ALA B 51 -49.76 -4.51 -20.14
C ALA B 51 -49.05 -4.91 -21.43
N LYS B 52 -48.93 -6.22 -21.64
CA LYS B 52 -48.46 -6.76 -22.91
C LYS B 52 -49.62 -7.18 -23.79
N VAL B 53 -49.45 -7.01 -25.09
CA VAL B 53 -50.48 -7.27 -26.09
C VAL B 53 -49.81 -7.63 -27.41
N ASP B 54 -50.60 -8.11 -28.36
CA ASP B 54 -50.08 -8.38 -29.70
C ASP B 54 -49.86 -7.08 -30.46
N ASP B 55 -48.94 -7.12 -31.43
CA ASP B 55 -48.88 -6.00 -32.36
C ASP B 55 -50.21 -5.88 -33.11
N GLU B 56 -51.01 -6.94 -33.11
CA GLU B 56 -52.38 -6.87 -33.62
C GLU B 56 -53.25 -5.98 -32.74
N PHE B 57 -53.07 -6.09 -31.43
CA PHE B 57 -53.81 -5.24 -30.49
C PHE B 57 -53.46 -3.77 -30.70
N ILE B 58 -52.22 -3.50 -31.11
CA ILE B 58 -51.79 -2.12 -31.31
C ILE B 58 -52.60 -1.50 -32.43
N GLU B 59 -52.62 -2.15 -33.59
CA GLU B 59 -53.29 -1.61 -34.76
C GLU B 59 -54.79 -1.53 -34.57
N ARG B 60 -55.37 -2.35 -33.68
CA ARG B 60 -56.81 -2.33 -33.49
C ARG B 60 -57.31 -1.00 -32.92
N TYR B 61 -56.42 -0.19 -32.35
CA TYR B 61 -56.79 1.10 -31.78
C TYR B 61 -56.06 2.26 -32.45
N GLY B 62 -55.54 2.04 -33.66
CA GLY B 62 -54.91 3.11 -34.41
C GLY B 62 -53.57 3.51 -33.86
N LEU B 63 -52.81 2.56 -33.34
CA LEU B 63 -51.52 2.85 -32.74
C LEU B 63 -50.41 2.33 -33.66
N SER B 64 -49.21 2.85 -33.42
CA SER B 64 -48.02 2.44 -34.14
C SER B 64 -46.96 2.05 -33.13
N ALA B 65 -46.16 1.05 -33.48
CA ALA B 65 -45.19 0.55 -32.53
C ALA B 65 -44.18 1.64 -32.21
N GLY B 66 -43.94 1.87 -30.92
CA GLY B 66 -42.95 2.81 -30.49
C GLY B 66 -43.39 4.26 -30.39
N HIS B 67 -44.64 4.57 -30.68
CA HIS B 67 -45.13 5.94 -30.62
C HIS B 67 -45.73 6.24 -29.24
N SER B 68 -46.05 7.52 -29.04
CA SER B 68 -46.82 8.02 -27.89
C SER B 68 -48.01 8.78 -28.46
N LEU B 69 -49.16 8.11 -28.56
CA LEU B 69 -50.30 8.61 -29.31
C LEU B 69 -51.48 8.92 -28.40
N VAL B 70 -52.08 10.10 -28.60
CA VAL B 70 -53.32 10.45 -27.93
C VAL B 70 -54.50 9.71 -28.56
N ILE B 71 -55.52 9.43 -27.74
CA ILE B 71 -56.74 8.79 -28.21
C ILE B 71 -57.94 9.45 -27.55
N GLU B 72 -59.07 9.43 -28.25
CA GLU B 72 -60.30 10.02 -27.71
C GLU B 72 -60.86 9.18 -26.57
N ASP B 73 -61.83 9.76 -25.87
CA ASP B 73 -62.40 9.14 -24.67
C ASP B 73 -63.13 7.84 -24.99
N ASP B 74 -63.83 7.76 -26.12
CA ASP B 74 -64.55 6.53 -26.43
C ASP B 74 -63.58 5.40 -26.76
N VAL B 75 -62.51 5.72 -27.49
CA VAL B 75 -61.47 4.74 -27.78
C VAL B 75 -60.80 4.29 -26.48
N ALA B 76 -60.66 5.22 -25.53
CA ALA B 76 -59.99 4.89 -24.27
C ALA B 76 -60.84 3.98 -23.41
N GLU B 77 -62.14 4.29 -23.28
CA GLU B 77 -63.00 3.45 -22.46
C GLU B 77 -63.09 2.04 -23.03
N ALA B 78 -63.02 1.90 -24.35
CA ALA B 78 -63.04 0.58 -24.96
C ALA B 78 -61.75 -0.18 -24.65
N LEU B 79 -60.61 0.50 -24.70
CA LEU B 79 -59.35 -0.17 -24.41
C LEU B 79 -59.25 -0.55 -22.94
N TYR B 80 -59.63 0.37 -22.04
CA TYR B 80 -59.58 0.06 -20.61
C TYR B 80 -60.42 -1.17 -20.29
N GLN B 81 -61.61 -1.26 -20.88
CA GLN B 81 -62.50 -2.38 -20.59
C GLN B 81 -61.94 -3.68 -21.14
N GLU B 82 -61.29 -3.61 -22.30
CA GLU B 82 -60.70 -4.82 -22.87
C GLU B 82 -59.55 -5.32 -22.02
N LEU B 83 -58.82 -4.41 -21.36
CA LEU B 83 -57.69 -4.84 -20.52
C LEU B 83 -58.17 -5.46 -19.22
N LYS B 84 -59.23 -4.93 -18.63
CA LYS B 84 -59.79 -5.55 -17.43
C LYS B 84 -60.50 -6.85 -17.78
N GLN B 85 -61.18 -6.88 -18.93
CA GLN B 85 -61.87 -8.08 -19.37
C GLN B 85 -60.93 -9.27 -19.38
N LYS B 86 -59.89 -9.21 -20.22
CA LYS B 86 -58.92 -10.29 -20.34
C LYS B 86 -58.00 -10.40 -19.13
N ASN B 87 -58.16 -9.56 -18.12
CA ASN B 87 -57.24 -9.51 -16.99
C ASN B 87 -55.80 -9.45 -17.50
N LEU B 88 -55.50 -8.32 -18.15
CA LEU B 88 -54.23 -8.11 -18.82
C LEU B 88 -53.32 -7.09 -18.15
N ILE B 89 -53.84 -6.25 -17.24
CA ILE B 89 -53.02 -5.21 -16.65
C ILE B 89 -52.01 -5.84 -15.70
N THR B 90 -50.76 -5.42 -15.82
CA THR B 90 -49.65 -5.99 -15.07
C THR B 90 -49.10 -5.07 -14.00
N HIS B 91 -49.25 -3.75 -14.17
CA HIS B 91 -48.62 -2.79 -13.29
C HIS B 91 -49.32 -1.45 -13.47
N GLN B 92 -49.54 -0.74 -12.36
CA GLN B 92 -50.14 0.58 -12.37
C GLN B 92 -49.33 1.49 -11.46
N PHE B 93 -48.89 2.62 -11.98
CA PHE B 93 -48.02 3.50 -11.21
C PHE B 93 -48.13 4.92 -11.73
N ALA B 94 -47.55 5.85 -10.98
CA ALA B 94 -47.47 7.23 -11.43
C ALA B 94 -46.55 7.36 -12.64
N GLY B 95 -46.82 8.38 -13.44
CA GLY B 95 -46.08 8.58 -14.67
C GLY B 95 -45.91 10.02 -15.07
N GLY B 96 -45.62 10.26 -16.35
CA GLY B 96 -45.38 11.60 -16.82
C GLY B 96 -43.89 11.82 -16.97
N THR B 97 -43.45 12.27 -18.15
CA THR B 97 -42.02 12.46 -18.35
C THR B 97 -41.44 13.31 -17.23
N ILE B 98 -42.16 14.35 -16.82
CA ILE B 98 -41.64 15.24 -15.80
C ILE B 98 -41.97 14.77 -14.39
N GLY B 99 -43.10 14.10 -14.18
CA GLY B 99 -43.36 13.51 -12.88
C GLY B 99 -42.28 12.51 -12.52
N ASN B 100 -41.93 11.64 -13.46
CA ASN B 100 -40.83 10.72 -13.27
C ASN B 100 -39.56 11.47 -12.89
N THR B 101 -39.23 12.51 -13.65
CA THR B 101 -37.97 13.21 -13.43
C THR B 101 -37.95 13.87 -12.06
N MET B 102 -39.03 14.58 -11.71
CA MET B 102 -39.12 15.21 -10.39
C MET B 102 -39.09 14.15 -9.29
N HIS B 103 -39.73 13.01 -9.55
CA HIS B 103 -39.70 11.89 -8.60
C HIS B 103 -38.28 11.39 -8.40
N ASN B 104 -37.59 11.08 -9.51
CA ASN B 104 -36.23 10.57 -9.44
C ASN B 104 -35.27 11.58 -8.83
N TYR B 105 -35.50 12.88 -9.06
CA TYR B 105 -34.66 13.88 -8.43
C TYR B 105 -34.75 13.76 -6.91
N SER B 106 -35.98 13.63 -6.39
CA SER B 106 -36.16 13.58 -4.95
C SER B 106 -35.56 12.32 -4.36
N VAL B 107 -35.65 11.21 -5.07
CA VAL B 107 -35.00 9.99 -4.59
C VAL B 107 -33.49 10.13 -4.63
N LEU B 108 -32.95 10.70 -5.70
CA LEU B 108 -31.50 10.75 -5.82
C LEU B 108 -30.88 11.72 -4.84
N ALA B 109 -31.54 12.87 -4.62
CA ALA B 109 -30.99 13.93 -3.79
C ALA B 109 -31.53 13.93 -2.37
N ASP B 110 -32.71 13.36 -2.14
CA ASP B 110 -33.34 13.37 -0.83
C ASP B 110 -33.67 14.78 -0.39
N ASP B 111 -33.93 15.67 -1.33
CA ASP B 111 -34.42 17.01 -1.05
C ASP B 111 -35.73 17.21 -1.81
N ARG B 112 -36.35 18.35 -1.60
CA ARG B 112 -37.70 18.54 -2.09
C ARG B 112 -37.71 18.91 -3.55
N SER B 113 -38.78 18.51 -4.23
CA SER B 113 -39.07 18.90 -5.59
C SER B 113 -40.56 19.24 -5.67
N VAL B 114 -40.88 20.30 -6.39
CA VAL B 114 -42.24 20.75 -6.58
C VAL B 114 -42.72 20.32 -7.95
N LEU B 115 -43.95 19.82 -8.02
CA LEU B 115 -44.57 19.43 -9.27
C LEU B 115 -45.78 20.32 -9.48
N LEU B 116 -45.96 20.79 -10.71
CA LEU B 116 -47.07 21.67 -11.05
C LEU B 116 -47.94 20.95 -12.07
N GLY B 117 -49.25 20.98 -11.85
CA GLY B 117 -50.15 20.22 -12.71
C GLY B 117 -51.56 20.24 -12.15
N VAL B 118 -52.27 19.16 -12.40
CA VAL B 118 -53.69 19.06 -12.02
C VAL B 118 -53.87 17.94 -11.02
N MET B 119 -55.11 17.77 -10.54
CA MET B 119 -55.46 16.72 -9.58
C MET B 119 -56.96 16.75 -9.31
N CYS B 120 -57.64 15.61 -9.34
CA CYS B 120 -59.04 15.58 -8.94
C CYS B 120 -59.25 16.37 -7.66
N SER B 121 -60.23 17.27 -7.67
CA SER B 121 -60.56 18.01 -6.46
C SER B 121 -61.19 17.12 -5.41
N ASN B 122 -61.88 16.06 -5.83
CA ASN B 122 -62.45 15.06 -4.94
C ASN B 122 -61.81 13.73 -5.25
N ILE B 123 -61.06 13.20 -4.29
CA ILE B 123 -60.23 12.01 -4.49
C ILE B 123 -60.83 10.88 -3.67
N GLU B 124 -61.28 9.84 -4.35
CA GLU B 124 -61.87 8.67 -3.74
C GLU B 124 -60.83 7.57 -3.63
N ILE B 125 -60.92 6.77 -2.57
CA ILE B 125 -59.89 5.76 -2.33
C ILE B 125 -59.93 4.72 -3.43
N GLY B 126 -58.74 4.24 -3.81
CA GLY B 126 -58.59 3.28 -4.88
C GLY B 126 -58.57 3.89 -6.28
N SER B 127 -58.80 5.19 -6.41
CA SER B 127 -58.88 5.81 -7.72
C SER B 127 -57.50 6.01 -8.30
N TYR B 128 -57.45 6.57 -9.51
CA TYR B 128 -56.15 6.86 -10.12
C TYR B 128 -55.50 8.07 -9.47
N ALA B 129 -56.30 9.10 -9.16
CA ALA B 129 -55.73 10.25 -8.48
C ALA B 129 -55.20 9.85 -7.10
N TYR B 130 -55.91 8.94 -6.43
CA TYR B 130 -55.41 8.39 -5.18
C TYR B 130 -54.06 7.72 -5.40
N ARG B 131 -54.01 6.75 -6.31
CA ARG B 131 -52.77 6.03 -6.61
C ARG B 131 -51.60 6.99 -6.84
N TYR B 132 -51.84 8.06 -7.61
CA TYR B 132 -50.76 8.97 -7.93
C TYR B 132 -50.07 9.47 -6.66
N LEU B 133 -50.86 9.70 -5.61
CA LEU B 133 -50.31 10.22 -4.37
C LEU B 133 -49.56 9.15 -3.57
N CYS B 134 -50.21 7.99 -3.36
CA CYS B 134 -49.59 6.90 -2.61
C CYS B 134 -48.25 6.47 -3.19
N ASN B 135 -48.06 6.67 -4.51
CA ASN B 135 -46.90 6.20 -5.28
C ASN B 135 -45.81 7.25 -5.45
N THR B 136 -46.18 8.52 -5.58
CA THR B 136 -45.17 9.56 -5.71
C THR B 136 -44.24 9.52 -4.52
N SER B 137 -42.98 9.86 -4.76
CA SER B 137 -42.00 9.87 -3.69
C SER B 137 -42.43 10.82 -2.58
N SER B 138 -41.94 10.54 -1.37
CA SER B 138 -42.26 11.39 -0.23
C SER B 138 -41.80 12.82 -0.49
N ARG B 139 -40.49 13.01 -0.69
CA ARG B 139 -39.95 14.36 -0.81
C ARG B 139 -40.41 15.11 -2.06
N THR B 140 -41.17 14.48 -2.95
CA THR B 140 -41.80 15.23 -4.02
C THR B 140 -43.05 15.90 -3.46
N ASP B 141 -43.12 17.23 -3.59
CA ASP B 141 -44.19 18.03 -2.99
C ASP B 141 -45.30 18.27 -4.02
N LEU B 142 -46.50 17.79 -3.73
CA LEU B 142 -47.63 17.90 -4.64
C LEU B 142 -48.67 18.89 -4.15
N ASN B 143 -48.35 19.69 -3.13
CA ASN B 143 -49.33 20.59 -2.54
C ASN B 143 -49.75 21.69 -3.51
N TYR B 144 -48.90 22.01 -4.49
CA TYR B 144 -49.18 23.09 -5.42
C TYR B 144 -49.92 22.63 -6.66
N LEU B 145 -50.32 21.36 -6.74
CA LEU B 145 -51.13 20.94 -7.86
C LEU B 145 -52.43 21.73 -7.86
N GLN B 146 -53.16 21.65 -8.97
CA GLN B 146 -54.41 22.36 -9.15
C GLN B 146 -55.57 21.38 -9.25
N GLY B 147 -56.71 21.77 -8.69
CA GLY B 147 -57.87 20.93 -8.74
C GLY B 147 -58.55 20.97 -10.10
N VAL B 148 -59.15 19.85 -10.47
CA VAL B 148 -59.90 19.75 -11.72
C VAL B 148 -61.12 18.88 -11.51
N ASP B 149 -62.22 19.25 -12.17
CA ASP B 149 -63.46 18.50 -12.04
C ASP B 149 -63.46 17.22 -12.87
N GLY B 150 -62.35 16.89 -13.52
CA GLY B 150 -62.27 15.71 -14.35
C GLY B 150 -61.22 14.75 -13.86
N PRO B 151 -61.00 13.67 -14.62
CA PRO B 151 -59.97 12.70 -14.23
C PRO B 151 -58.60 13.12 -14.71
N ILE B 152 -57.57 12.66 -14.00
CA ILE B 152 -56.20 12.91 -14.42
C ILE B 152 -55.91 12.02 -15.63
N GLY B 153 -54.71 12.14 -16.18
CA GLY B 153 -54.41 11.42 -17.39
C GLY B 153 -54.06 9.96 -17.14
N ARG B 154 -54.40 9.14 -18.13
CA ARG B 154 -54.11 7.72 -18.12
C ARG B 154 -53.24 7.42 -19.32
N CYS B 155 -52.09 6.82 -19.08
CA CYS B 155 -51.16 6.41 -20.12
C CYS B 155 -51.16 4.88 -20.16
N PHE B 156 -51.68 4.30 -21.24
CA PHE B 156 -51.75 2.86 -21.39
C PHE B 156 -50.47 2.38 -22.06
N THR B 157 -49.52 1.91 -21.26
CA THR B 157 -48.25 1.39 -21.77
C THR B 157 -48.45 -0.03 -22.28
N LEU B 158 -48.29 -0.23 -23.59
CA LEU B 158 -48.47 -1.52 -24.24
C LEU B 158 -47.12 -2.01 -24.78
N ILE B 159 -46.71 -3.22 -24.37
CA ILE B 159 -45.43 -3.77 -24.80
C ILE B 159 -45.65 -4.78 -25.93
N GLY B 160 -44.80 -4.71 -26.95
CA GLY B 160 -44.95 -5.49 -28.16
C GLY B 160 -44.12 -6.76 -28.24
N GLU B 161 -43.73 -7.30 -27.07
CA GLU B 161 -43.06 -8.59 -26.98
C GLU B 161 -41.58 -8.53 -27.32
N SER B 162 -41.19 -7.58 -28.16
CA SER B 162 -39.78 -7.38 -28.49
C SER B 162 -39.14 -6.30 -27.64
N GLY B 163 -39.80 -5.87 -26.58
CA GLY B 163 -39.35 -4.75 -25.78
C GLY B 163 -39.87 -3.40 -26.24
N GLU B 164 -40.65 -3.36 -27.31
CA GLU B 164 -41.16 -2.09 -27.84
C GLU B 164 -42.27 -1.57 -26.95
N ARG B 165 -42.19 -0.28 -26.61
CA ARG B 165 -43.14 0.38 -25.71
C ARG B 165 -44.00 1.33 -26.52
N THR B 166 -45.26 0.98 -26.72
CA THR B 166 -46.22 1.92 -27.28
C THR B 166 -46.98 2.57 -26.13
N PHE B 167 -47.33 3.85 -26.29
CA PHE B 167 -48.05 4.59 -25.27
C PHE B 167 -49.34 5.13 -25.88
N ALA B 168 -50.44 4.95 -25.17
CA ALA B 168 -51.74 5.48 -25.57
C ALA B 168 -52.22 6.37 -24.43
N ILE B 169 -52.47 7.64 -24.74
CA ILE B 169 -52.71 8.66 -23.73
C ILE B 169 -54.17 9.06 -23.77
N SER B 170 -54.84 8.95 -22.63
CA SER B 170 -56.19 9.47 -22.43
C SER B 170 -56.06 10.72 -21.56
N PRO B 171 -55.96 11.90 -22.16
CA PRO B 171 -55.59 13.09 -21.38
C PRO B 171 -56.55 13.41 -20.25
N GLY B 172 -57.84 13.16 -20.43
CA GLY B 172 -58.79 13.65 -19.46
C GLY B 172 -58.68 15.17 -19.36
N HIS B 173 -58.46 15.67 -18.14
CA HIS B 173 -58.32 17.09 -17.90
C HIS B 173 -56.87 17.49 -17.64
N MET B 174 -55.91 16.62 -17.98
CA MET B 174 -54.54 16.84 -17.55
C MET B 174 -53.95 18.14 -18.07
N ASN B 175 -54.52 18.71 -19.13
CA ASN B 175 -53.99 19.92 -19.75
C ASN B 175 -54.69 21.18 -19.26
N GLN B 176 -55.44 21.10 -18.15
CA GLN B 176 -56.24 22.21 -17.67
C GLN B 176 -55.49 23.12 -16.69
N LEU B 177 -54.15 23.11 -16.71
CA LEU B 177 -53.38 23.94 -15.79
C LEU B 177 -53.48 25.39 -16.22
N ARG B 178 -53.88 26.25 -15.29
CA ARG B 178 -54.09 27.66 -15.58
C ARG B 178 -52.91 28.50 -15.14
N ALA B 179 -52.73 29.64 -15.81
CA ALA B 179 -51.57 30.49 -15.53
C ALA B 179 -51.64 31.14 -14.15
N GLU B 180 -52.84 31.33 -13.61
CA GLU B 180 -52.93 31.84 -12.24
C GLU B 180 -52.40 30.83 -11.23
N SER B 181 -52.48 29.55 -11.55
CA SER B 181 -52.08 28.49 -10.64
C SER B 181 -50.57 28.32 -10.54
N ILE B 182 -49.80 29.10 -11.30
CA ILE B 182 -48.35 28.99 -11.21
C ILE B 182 -47.88 29.76 -9.98
N PRO B 183 -47.31 29.09 -8.97
CA PRO B 183 -46.84 29.83 -7.79
C PRO B 183 -45.58 30.61 -8.08
N GLU B 184 -45.70 31.94 -8.12
CA GLU B 184 -44.55 32.77 -8.49
C GLU B 184 -43.39 32.56 -7.52
N ASP B 185 -43.68 32.50 -6.22
CA ASP B 185 -42.64 32.43 -5.21
C ASP B 185 -41.90 31.11 -5.25
N VAL B 186 -42.58 30.02 -5.63
CA VAL B 186 -41.94 28.71 -5.73
C VAL B 186 -40.86 28.73 -6.79
N ILE B 187 -41.19 29.24 -7.98
CA ILE B 187 -40.24 29.23 -9.08
C ILE B 187 -39.04 30.11 -8.79
N ALA B 188 -39.22 31.15 -7.97
CA ALA B 188 -38.14 32.09 -7.73
C ALA B 188 -36.99 31.46 -6.98
N GLY B 189 -37.28 30.66 -5.97
CA GLY B 189 -36.23 30.07 -5.18
C GLY B 189 -35.80 28.73 -5.73
N ALA B 190 -36.19 28.46 -6.96
CA ALA B 190 -35.80 27.22 -7.59
C ALA B 190 -34.46 27.39 -8.29
N SER B 191 -33.79 26.27 -8.53
CA SER B 191 -32.53 26.27 -9.27
C SER B 191 -32.72 25.75 -10.69
N ALA B 192 -33.94 25.37 -11.06
CA ALA B 192 -34.27 25.02 -12.43
C ALA B 192 -35.78 24.85 -12.56
N LEU B 193 -36.29 25.16 -13.74
CA LEU B 193 -37.68 24.91 -14.10
C LEU B 193 -37.67 23.94 -15.26
N VAL B 194 -38.37 22.81 -15.10
CA VAL B 194 -38.22 21.66 -15.99
C VAL B 194 -39.51 21.44 -16.76
N LEU B 195 -39.40 21.33 -18.09
CA LEU B 195 -40.53 21.17 -18.99
C LEU B 195 -40.25 20.00 -19.92
N THR B 196 -41.29 19.50 -20.58
CA THR B 196 -41.14 18.42 -21.53
C THR B 196 -41.87 18.79 -22.83
N SER B 197 -41.32 18.34 -23.95
CA SER B 197 -41.90 18.66 -25.24
C SER B 197 -43.37 18.25 -25.32
N TYR B 198 -43.82 17.31 -24.48
CA TYR B 198 -45.19 16.84 -24.55
C TYR B 198 -46.20 17.90 -24.13
N LEU B 199 -45.76 19.01 -23.55
CA LEU B 199 -46.69 19.96 -22.97
C LEU B 199 -47.46 20.74 -24.02
N VAL B 200 -46.92 20.85 -25.24
CA VAL B 200 -47.61 21.58 -26.28
C VAL B 200 -48.73 20.78 -26.93
N ARG B 201 -48.70 19.46 -26.80
CA ARG B 201 -49.74 18.59 -27.34
C ARG B 201 -50.99 18.66 -26.48
N CYS B 202 -51.99 19.41 -26.94
CA CYS B 202 -53.24 19.57 -26.21
C CYS B 202 -54.33 20.02 -27.18
N LYS B 203 -55.59 19.79 -26.79
CA LYS B 203 -56.71 20.27 -27.59
C LYS B 203 -56.78 21.80 -27.54
N PRO B 204 -57.22 22.44 -28.61
CA PRO B 204 -57.21 23.90 -28.65
C PRO B 204 -58.03 24.50 -27.53
N GLY B 205 -57.57 25.65 -27.03
CA GLY B 205 -58.25 26.36 -25.98
C GLY B 205 -57.87 25.94 -24.57
N GLU B 206 -57.29 24.77 -24.39
CA GLU B 206 -56.90 24.35 -23.05
C GLU B 206 -55.74 25.23 -22.58
N PRO B 207 -55.69 25.57 -21.29
CA PRO B 207 -54.79 26.63 -20.82
C PRO B 207 -53.36 26.20 -20.58
N MET B 208 -53.06 24.90 -20.64
CA MET B 208 -51.71 24.42 -20.35
C MET B 208 -50.64 25.28 -21.01
N PRO B 209 -50.69 25.55 -22.33
CA PRO B 209 -49.64 26.39 -22.93
C PRO B 209 -49.59 27.77 -22.35
N GLU B 210 -50.75 28.32 -22.01
CA GLU B 210 -50.80 29.65 -21.41
C GLU B 210 -50.05 29.67 -20.09
N ALA B 211 -50.28 28.66 -19.25
CA ALA B 211 -49.58 28.58 -17.98
C ALA B 211 -48.09 28.34 -18.19
N THR B 212 -47.74 27.50 -19.16
CA THR B 212 -46.34 27.27 -19.46
C THR B 212 -45.62 28.58 -19.77
N MET B 213 -46.20 29.40 -20.66
CA MET B 213 -45.54 30.67 -20.96
C MET B 213 -45.43 31.50 -19.69
N LYS B 214 -46.42 31.37 -18.79
CA LYS B 214 -46.41 32.14 -17.55
C LYS B 214 -45.33 31.66 -16.60
N ALA B 215 -45.13 30.35 -16.50
CA ALA B 215 -44.04 29.83 -15.70
C ALA B 215 -42.69 30.28 -16.23
N ILE B 216 -42.50 30.22 -17.56
CA ILE B 216 -41.24 30.66 -18.13
C ILE B 216 -41.04 32.15 -17.85
N GLU B 217 -42.12 32.92 -17.88
CA GLU B 217 -42.02 34.33 -17.54
C GLU B 217 -41.39 34.52 -16.17
N TYR B 218 -41.95 33.84 -15.15
CA TYR B 218 -41.37 33.94 -13.81
C TYR B 218 -39.93 33.44 -13.80
N ALA B 219 -39.63 32.37 -14.54
CA ALA B 219 -38.28 31.83 -14.52
C ALA B 219 -37.26 32.90 -14.92
N LYS B 220 -37.53 33.62 -16.01
CA LYS B 220 -36.63 34.70 -16.43
C LYS B 220 -36.55 35.80 -15.39
N LYS B 221 -37.65 36.09 -14.69
CA LYS B 221 -37.62 37.14 -13.67
C LYS B 221 -36.45 36.93 -12.72
N TYR B 222 -36.31 35.71 -12.21
CA TYR B 222 -35.35 35.42 -11.15
C TYR B 222 -34.14 34.66 -11.68
N ASN B 223 -33.94 34.68 -12.99
CA ASN B 223 -32.74 34.09 -13.59
C ASN B 223 -32.66 32.61 -13.21
N VAL B 224 -33.75 31.90 -13.46
CA VAL B 224 -33.86 30.47 -13.20
C VAL B 224 -33.67 29.74 -14.52
N PRO B 225 -32.68 28.85 -14.63
CA PRO B 225 -32.50 28.13 -15.89
C PRO B 225 -33.75 27.35 -16.26
N VAL B 226 -34.06 27.32 -17.54
CA VAL B 226 -35.19 26.54 -18.04
C VAL B 226 -34.61 25.27 -18.68
N VAL B 227 -35.25 24.15 -18.40
CA VAL B 227 -34.78 22.84 -18.84
C VAL B 227 -35.87 22.24 -19.71
N LEU B 228 -35.45 21.51 -20.74
CA LEU B 228 -36.39 20.91 -21.68
C LEU B 228 -35.89 19.54 -22.08
N THR B 229 -36.72 18.53 -21.84
CA THR B 229 -36.52 17.18 -22.33
C THR B 229 -37.55 16.91 -23.41
N LEU B 230 -37.22 16.01 -24.34
CA LEU B 230 -38.03 15.79 -25.52
C LEU B 230 -38.73 14.44 -25.48
N GLY B 231 -39.91 14.41 -26.11
CA GLY B 231 -40.82 13.29 -26.05
C GLY B 231 -41.01 12.59 -27.37
N THR B 232 -39.90 12.19 -27.98
CA THR B 232 -39.90 11.38 -29.20
C THR B 232 -39.48 12.23 -30.40
N LYS B 233 -38.90 11.57 -31.40
CA LYS B 233 -38.49 12.27 -32.61
C LYS B 233 -39.71 12.82 -33.34
N PHE B 234 -40.82 12.09 -33.29
CA PHE B 234 -41.99 12.48 -34.08
C PHE B 234 -42.52 13.84 -33.64
N VAL B 235 -42.48 14.11 -32.34
CA VAL B 235 -43.01 15.39 -31.84
C VAL B 235 -42.22 16.57 -32.41
N ILE B 236 -40.93 16.35 -32.70
CA ILE B 236 -40.04 17.42 -33.14
C ILE B 236 -40.07 17.60 -34.65
N ALA B 237 -40.10 16.51 -35.41
CA ALA B 237 -40.07 16.62 -36.87
C ALA B 237 -41.25 17.42 -37.40
N GLU B 238 -42.28 17.66 -36.59
CA GLU B 238 -43.43 18.42 -37.07
C GLU B 238 -42.99 19.81 -37.54
N ASN B 239 -42.09 20.44 -36.81
CA ASN B 239 -41.66 21.79 -37.14
C ASN B 239 -40.31 22.10 -36.52
N PRO B 240 -39.26 21.38 -36.90
CA PRO B 240 -37.97 21.55 -36.21
C PRO B 240 -37.52 23.00 -36.06
N GLN B 241 -37.77 23.87 -37.03
CA GLN B 241 -37.31 25.25 -36.85
C GLN B 241 -38.11 25.97 -35.77
N TRP B 242 -39.33 25.52 -35.48
CA TRP B 242 -40.10 26.13 -34.38
C TRP B 242 -39.43 25.84 -33.04
N TRP B 243 -39.06 24.57 -32.81
CA TRP B 243 -38.38 24.21 -31.58
C TRP B 243 -37.07 24.98 -31.43
N GLN B 244 -36.28 25.07 -32.51
CA GLN B 244 -35.06 25.87 -32.48
C GLN B 244 -35.32 27.26 -31.92
N GLN B 245 -36.36 27.93 -32.42
CA GLN B 245 -36.64 29.28 -31.96
C GLN B 245 -37.02 29.29 -30.49
N PHE B 246 -37.72 28.26 -30.03
CA PHE B 246 -38.10 28.18 -28.62
C PHE B 246 -36.86 28.13 -27.73
N LEU B 247 -35.88 27.32 -28.12
CA LEU B 247 -34.70 27.09 -27.28
C LEU B 247 -33.85 28.34 -27.13
N LYS B 248 -33.69 29.12 -28.20
CA LYS B 248 -32.88 30.33 -28.10
C LYS B 248 -33.42 31.24 -27.00
N ASP B 249 -34.73 31.51 -27.05
CA ASP B 249 -35.32 32.53 -26.20
C ASP B 249 -35.36 32.09 -24.74
N HIS B 250 -35.86 30.88 -24.48
CA HIS B 250 -36.21 30.44 -23.14
C HIS B 250 -35.27 29.39 -22.56
N VAL B 251 -35.06 28.30 -23.28
CA VAL B 251 -34.39 27.15 -22.69
C VAL B 251 -32.92 27.44 -22.45
N SER B 252 -32.41 26.94 -21.32
CA SER B 252 -31.00 27.02 -20.96
C SER B 252 -30.32 25.67 -20.87
N ILE B 253 -31.07 24.59 -20.72
CA ILE B 253 -30.52 23.24 -20.59
C ILE B 253 -31.39 22.31 -21.42
N LEU B 254 -30.76 21.47 -22.24
CA LEU B 254 -31.48 20.64 -23.19
C LEU B 254 -31.10 19.18 -23.01
N ALA B 255 -32.12 18.33 -22.83
CA ALA B 255 -31.95 16.89 -22.77
C ALA B 255 -32.57 16.22 -24.00
N MET B 256 -31.90 15.18 -24.50
CA MET B 256 -32.19 14.61 -25.81
C MET B 256 -31.64 13.20 -25.87
N ASN B 257 -32.16 12.43 -26.83
CA ASN B 257 -31.56 11.18 -27.26
C ASN B 257 -31.16 11.34 -28.73
N GLU B 258 -30.40 10.36 -29.23
CA GLU B 258 -29.75 10.56 -30.52
C GLU B 258 -30.78 10.85 -31.61
N ASP B 259 -31.90 10.14 -31.61
CA ASP B 259 -32.91 10.34 -32.64
C ASP B 259 -33.63 11.67 -32.46
N GLU B 260 -34.05 11.99 -31.23
CA GLU B 260 -34.64 13.29 -30.98
C GLU B 260 -33.73 14.39 -31.49
N ALA B 261 -32.42 14.18 -31.44
CA ALA B 261 -31.47 15.22 -31.81
C ALA B 261 -31.39 15.36 -33.32
N GLU B 262 -31.28 14.22 -34.02
CA GLU B 262 -31.26 14.22 -35.47
C GLU B 262 -32.47 14.94 -36.05
N ALA B 263 -33.63 14.80 -35.39
CA ALA B 263 -34.83 15.48 -35.87
C ALA B 263 -34.74 16.99 -35.71
N LEU B 264 -34.00 17.46 -34.70
CA LEU B 264 -33.91 18.88 -34.40
C LEU B 264 -32.84 19.61 -35.19
N THR B 265 -31.68 18.97 -35.39
CA THR B 265 -30.52 19.61 -35.99
C THR B 265 -30.15 19.08 -37.36
N GLY B 266 -30.62 17.88 -37.72
CA GLY B 266 -30.22 17.25 -38.96
C GLY B 266 -28.89 16.55 -38.91
N GLU B 267 -28.32 16.35 -37.73
CA GLU B 267 -27.00 15.75 -37.58
C GLU B 267 -27.14 14.35 -36.97
N SER B 268 -26.78 13.33 -37.75
CA SER B 268 -26.84 11.97 -37.23
C SER B 268 -25.73 11.68 -36.23
N ASP B 269 -24.77 12.58 -36.07
CA ASP B 269 -23.71 12.40 -35.08
C ASP B 269 -24.12 13.13 -33.81
N PRO B 270 -24.29 12.44 -32.67
CA PRO B 270 -24.75 13.15 -31.48
C PRO B 270 -23.86 14.33 -31.12
N LEU B 271 -22.54 14.14 -31.23
CA LEU B 271 -21.59 15.19 -30.87
C LEU B 271 -21.85 16.44 -31.70
N LEU B 272 -22.05 16.29 -33.01
CA LEU B 272 -22.29 17.45 -33.86
C LEU B 272 -23.64 18.09 -33.54
N ALA B 273 -24.68 17.27 -33.41
CA ALA B 273 -25.99 17.80 -33.04
C ALA B 273 -25.91 18.60 -31.74
N SER B 274 -25.28 18.01 -30.72
CA SER B 274 -25.14 18.72 -29.45
C SER B 274 -24.40 20.03 -29.66
N ASP B 275 -23.32 20.00 -30.44
CA ASP B 275 -22.54 21.22 -30.66
C ASP B 275 -23.39 22.28 -31.33
N LYS B 276 -24.15 21.88 -32.36
CA LYS B 276 -25.05 22.84 -32.99
C LYS B 276 -26.08 23.34 -31.99
N ALA B 277 -26.53 22.46 -31.09
CA ALA B 277 -27.53 22.91 -30.13
C ALA B 277 -26.98 23.98 -29.20
N LEU B 278 -25.68 23.96 -28.92
CA LEU B 278 -25.10 24.94 -28.01
C LEU B 278 -25.19 26.36 -28.54
N ASP B 279 -25.53 26.55 -29.81
CA ASP B 279 -25.78 27.89 -30.32
C ASP B 279 -27.01 28.51 -29.66
N TRP B 280 -27.92 27.69 -29.13
CA TRP B 280 -29.20 28.13 -28.60
C TRP B 280 -29.33 28.05 -27.08
N VAL B 281 -28.66 27.09 -26.44
CA VAL B 281 -28.79 26.90 -25.01
C VAL B 281 -27.40 26.85 -24.38
N ASP B 282 -27.37 26.73 -23.06
CA ASP B 282 -26.13 26.81 -22.29
C ASP B 282 -25.53 25.45 -21.96
N LEU B 283 -26.30 24.37 -22.04
CA LEU B 283 -25.82 23.05 -21.64
C LEU B 283 -26.69 21.99 -22.28
N VAL B 284 -26.06 20.91 -22.77
CA VAL B 284 -26.75 19.87 -23.53
C VAL B 284 -26.38 18.50 -22.99
N LEU B 285 -27.40 17.64 -22.82
CA LEU B 285 -27.23 16.24 -22.47
C LEU B 285 -27.91 15.40 -23.53
N CYS B 286 -27.15 14.50 -24.16
CA CYS B 286 -27.68 13.68 -25.24
C CYS B 286 -27.41 12.21 -24.95
N THR B 287 -28.47 11.43 -24.79
CA THR B 287 -28.37 10.00 -24.49
C THR B 287 -28.40 9.21 -25.80
N ALA B 288 -27.29 8.53 -26.13
CA ALA B 288 -27.17 7.80 -27.38
C ALA B 288 -27.36 6.30 -27.21
N GLY B 289 -28.13 5.89 -26.23
CA GLY B 289 -28.35 4.48 -25.97
C GLY B 289 -27.05 3.71 -25.80
N PRO B 290 -26.83 2.66 -26.62
CA PRO B 290 -25.63 1.83 -26.42
C PRO B 290 -24.34 2.55 -26.79
N ILE B 291 -24.41 3.63 -27.56
CA ILE B 291 -23.22 4.43 -27.79
C ILE B 291 -22.73 5.10 -26.50
N GLY B 292 -23.64 5.29 -25.54
CA GLY B 292 -23.35 5.99 -24.29
C GLY B 292 -24.20 7.26 -24.18
N LEU B 293 -23.56 8.33 -23.69
CA LEU B 293 -24.23 9.63 -23.66
C LEU B 293 -23.19 10.73 -23.72
N TYR B 294 -23.54 11.81 -24.41
CA TYR B 294 -22.66 12.95 -24.59
C TYR B 294 -23.17 14.14 -23.78
N MET B 295 -22.27 15.07 -23.51
CA MET B 295 -22.62 16.32 -22.86
C MET B 295 -21.80 17.44 -23.49
N ALA B 296 -22.45 18.58 -23.70
CA ALA B 296 -21.79 19.74 -24.29
C ALA B 296 -22.20 20.99 -23.54
N GLY B 297 -21.23 21.87 -23.28
CA GLY B 297 -21.52 23.08 -22.54
C GLY B 297 -20.42 24.11 -22.66
N PHE B 298 -20.51 25.12 -21.80
CA PHE B 298 -19.59 26.25 -21.77
C PHE B 298 -18.86 26.36 -20.44
N THR B 299 -17.62 26.84 -20.50
CA THR B 299 -16.82 27.12 -19.32
C THR B 299 -15.98 28.37 -19.60
N GLU B 300 -15.58 29.07 -18.54
CA GLU B 300 -14.68 30.20 -18.72
C GLU B 300 -13.30 29.74 -19.15
N ASP B 301 -12.79 30.34 -20.23
CA ASP B 301 -11.50 29.90 -20.78
C ASP B 301 -10.38 30.07 -19.75
N GLU B 302 -10.61 30.88 -18.72
CA GLU B 302 -9.64 31.02 -17.66
C GLU B 302 -9.67 29.84 -16.69
N ALA B 303 -10.86 29.28 -16.46
CA ALA B 303 -11.05 28.24 -15.46
C ALA B 303 -11.14 26.85 -16.07
N LYS B 304 -10.79 26.71 -17.35
CA LYS B 304 -10.81 25.40 -17.98
C LYS B 304 -9.84 24.46 -17.29
N ARG B 305 -10.26 23.22 -17.11
CA ARG B 305 -9.42 22.17 -16.52
C ARG B 305 -9.32 21.07 -17.55
N LYS B 306 -8.12 20.73 -17.97
CA LYS B 306 -7.98 19.80 -19.08
C LYS B 306 -8.02 18.37 -18.55
N THR B 307 -8.51 17.47 -19.40
CA THR B 307 -8.69 16.08 -19.01
C THR B 307 -7.35 15.42 -18.74
N GLN B 308 -7.41 14.35 -17.95
CA GLN B 308 -6.28 13.47 -17.73
C GLN B 308 -6.53 12.11 -18.34
N HIS B 309 -7.65 11.97 -19.05
CA HIS B 309 -7.98 10.78 -19.82
C HIS B 309 -7.48 10.97 -21.24
N PRO B 310 -7.34 9.89 -21.99
CA PRO B 310 -6.90 10.03 -23.38
C PRO B 310 -7.84 10.87 -24.23
N LEU B 311 -7.24 11.60 -25.17
CA LEU B 311 -8.00 12.43 -26.11
C LEU B 311 -8.72 11.57 -27.14
N LEU B 312 -10.07 11.83 -27.32
CA LEU B 312 -10.94 11.03 -28.19
C LEU B 312 -11.03 11.64 -29.58
N PRO B 313 -11.20 10.78 -30.58
CA PRO B 313 -11.46 11.27 -31.94
C PRO B 313 -12.93 11.48 -32.24
N GLY B 314 -13.21 12.52 -33.02
CA GLY B 314 -14.56 12.77 -33.45
C GLY B 314 -14.61 13.93 -34.40
N ALA B 315 -15.80 14.14 -34.97
CA ALA B 315 -16.01 15.25 -35.89
C ALA B 315 -15.45 16.55 -35.33
N ILE B 316 -15.60 16.75 -34.02
CA ILE B 316 -14.89 17.81 -33.31
C ILE B 316 -13.61 17.19 -32.78
N ALA B 317 -12.48 17.66 -33.27
CA ALA B 317 -11.22 17.03 -32.93
C ALA B 317 -10.99 17.12 -31.43
N GLU B 318 -10.70 15.97 -30.82
CA GLU B 318 -10.24 15.92 -29.43
C GLU B 318 -11.20 16.70 -28.54
N PHE B 319 -12.48 16.30 -28.61
CA PHE B 319 -13.56 17.07 -28.00
C PHE B 319 -13.57 16.97 -26.48
N ASN B 320 -13.04 15.89 -25.91
CA ASN B 320 -12.99 15.77 -24.45
C ASN B 320 -11.76 16.43 -23.87
N GLN B 321 -11.15 17.37 -24.59
CA GLN B 321 -9.87 17.91 -24.15
C GLN B 321 -10.00 18.62 -22.82
N TYR B 322 -11.15 19.23 -22.55
CA TYR B 322 -11.40 19.94 -21.29
C TYR B 322 -12.57 19.29 -20.56
N GLU B 323 -12.62 17.95 -20.64
CA GLU B 323 -13.66 17.17 -19.98
C GLU B 323 -13.87 17.60 -18.54
N PHE B 324 -12.80 18.00 -17.86
CA PHE B 324 -12.80 18.22 -16.42
C PHE B 324 -13.22 19.63 -16.05
N SER B 325 -13.71 20.41 -17.01
CA SER B 325 -14.18 21.75 -16.71
C SER B 325 -15.62 21.67 -16.21
N ARG B 326 -16.03 22.69 -15.47
CA ARG B 326 -17.39 22.81 -14.99
C ARG B 326 -18.20 23.68 -15.94
N ALA B 327 -19.50 23.45 -15.96
CA ALA B 327 -20.37 24.14 -16.89
C ALA B 327 -20.81 25.48 -16.31
N MET B 328 -20.79 26.51 -17.16
CA MET B 328 -21.36 27.81 -16.87
C MET B 328 -22.45 28.13 -17.88
N ARG B 329 -23.24 29.13 -17.58
CA ARG B 329 -24.18 29.65 -18.55
C ARG B 329 -23.44 30.61 -19.48
N HIS B 330 -23.85 30.61 -20.76
CA HIS B 330 -23.16 31.46 -21.73
C HIS B 330 -23.17 32.91 -21.28
N LYS B 331 -24.27 33.35 -20.66
CA LYS B 331 -24.37 34.74 -20.26
C LYS B 331 -23.33 35.09 -19.19
N ASP B 332 -23.02 34.17 -18.29
CA ASP B 332 -22.12 34.48 -17.21
C ASP B 332 -20.65 34.46 -17.62
N CYS B 333 -20.32 33.94 -18.79
CA CYS B 333 -18.94 33.85 -19.24
C CYS B 333 -18.49 35.13 -19.94
N GLN B 334 -17.22 35.48 -19.74
CA GLN B 334 -16.59 36.56 -20.47
C GLN B 334 -15.86 36.07 -21.71
N ASN B 335 -15.20 34.92 -21.62
CA ASN B 335 -14.60 34.26 -22.77
C ASN B 335 -15.12 32.83 -22.76
N PRO B 336 -16.35 32.63 -23.23
CA PRO B 336 -16.92 31.28 -23.18
C PRO B 336 -16.13 30.33 -24.07
N LEU B 337 -16.03 29.08 -23.60
CA LEU B 337 -15.34 28.01 -24.31
C LEU B 337 -16.24 26.79 -24.35
N ARG B 338 -16.31 26.14 -25.51
CA ARG B 338 -17.10 24.93 -25.65
C ARG B 338 -16.33 23.72 -25.14
N VAL B 339 -17.03 22.89 -24.38
CA VAL B 339 -16.46 21.71 -23.76
C VAL B 339 -17.42 20.54 -23.95
N TYR B 340 -16.86 19.36 -24.15
CA TYR B 340 -17.63 18.19 -24.51
C TYR B 340 -17.14 17.01 -23.68
N SER B 341 -18.01 16.02 -23.50
CA SER B 341 -17.59 14.82 -22.81
C SER B 341 -18.48 13.66 -23.22
N HIS B 342 -17.93 12.46 -23.16
CA HIS B 342 -18.66 11.27 -23.55
C HIS B 342 -18.25 10.09 -22.67
N ILE B 343 -19.27 9.31 -22.29
CA ILE B 343 -19.10 8.12 -21.47
C ILE B 343 -19.93 7.00 -22.07
N ALA B 344 -19.43 5.77 -21.90
CA ALA B 344 -20.08 4.58 -22.41
C ALA B 344 -21.01 4.00 -21.37
N PRO B 345 -21.86 3.05 -21.75
CA PRO B 345 -22.78 2.45 -20.80
C PRO B 345 -22.05 1.80 -19.64
N TYR B 346 -22.71 1.80 -18.48
CA TYR B 346 -22.13 1.18 -17.29
C TYR B 346 -22.07 -0.33 -17.50
N MET B 347 -20.96 -0.92 -17.07
CA MET B 347 -20.76 -2.37 -17.10
C MET B 347 -21.36 -2.98 -18.37
N GLY B 348 -20.95 -2.42 -19.52
CA GLY B 348 -21.30 -2.96 -20.81
C GLY B 348 -22.74 -2.80 -21.24
N GLY B 349 -23.62 -2.30 -20.37
CA GLY B 349 -25.03 -2.24 -20.66
C GLY B 349 -25.79 -3.43 -20.08
N PRO B 350 -27.12 -3.32 -19.98
CA PRO B 350 -27.97 -4.37 -19.41
C PRO B 350 -27.85 -5.71 -20.16
N GLY B 358 -37.37 5.39 -20.80
CA GLY B 358 -37.44 6.20 -19.61
C GLY B 358 -36.07 6.46 -19.01
N ALA B 359 -35.05 5.81 -19.55
CA ALA B 359 -33.69 5.93 -19.01
C ALA B 359 -33.17 7.35 -19.15
N GLY B 360 -33.37 7.97 -20.31
CA GLY B 360 -32.93 9.35 -20.48
C GLY B 360 -33.50 10.29 -19.44
N ASP B 361 -34.81 10.17 -19.17
CA ASP B 361 -35.42 10.95 -18.09
C ASP B 361 -34.75 10.71 -16.75
N GLY B 362 -34.01 9.62 -16.59
CA GLY B 362 -33.31 9.38 -15.36
C GLY B 362 -31.96 10.07 -15.35
N ALA B 363 -31.20 9.92 -16.42
CA ALA B 363 -29.91 10.62 -16.51
C ALA B 363 -30.09 12.12 -16.37
N LEU B 364 -31.21 12.66 -16.84
CA LEU B 364 -31.47 14.08 -16.63
C LEU B 364 -31.56 14.38 -15.14
N ALA B 365 -32.36 13.58 -14.42
CA ALA B 365 -32.52 13.81 -12.98
C ALA B 365 -31.18 13.93 -12.29
N ALA B 366 -30.23 13.06 -12.64
CA ALA B 366 -28.89 13.17 -12.06
C ALA B 366 -28.29 14.55 -12.32
N LEU B 367 -28.43 15.04 -13.56
CA LEU B 367 -27.91 16.37 -13.86
C LEU B 367 -28.57 17.42 -12.99
N LEU B 368 -29.90 17.36 -12.85
CA LEU B 368 -30.58 18.31 -11.98
C LEU B 368 -29.98 18.30 -10.58
N HIS B 369 -29.77 17.10 -10.03
CA HIS B 369 -29.13 16.98 -8.72
C HIS B 369 -27.85 17.78 -8.66
N ASP B 370 -26.96 17.58 -9.63
CA ASP B 370 -25.68 18.27 -9.60
C ASP B 370 -25.88 19.78 -9.67
N ILE B 371 -26.88 20.25 -10.41
CA ILE B 371 -27.12 21.69 -10.50
C ILE B 371 -27.69 22.23 -9.19
N THR B 372 -28.63 21.51 -8.57
CA THR B 372 -29.10 21.92 -7.26
C THR B 372 -27.98 21.89 -6.24
N ALA B 373 -27.13 20.87 -6.28
CA ALA B 373 -26.06 20.78 -5.30
C ALA B 373 -25.17 22.04 -5.33
N ASN B 374 -24.94 22.61 -6.51
CA ASN B 374 -24.18 23.85 -6.57
C ASN B 374 -24.94 24.96 -5.86
N SER B 375 -26.25 25.06 -6.11
CA SER B 375 -27.03 26.09 -5.43
C SER B 375 -27.03 25.88 -3.92
N TYR B 376 -26.99 24.62 -3.47
CA TYR B 376 -27.03 24.32 -2.04
C TYR B 376 -25.68 24.63 -1.40
N HIS B 377 -24.59 24.12 -2.00
CA HIS B 377 -23.26 24.34 -1.46
C HIS B 377 -22.84 25.80 -1.55
N ARG B 378 -23.41 26.58 -2.46
CA ARG B 378 -23.07 27.99 -2.53
C ARG B 378 -23.71 28.75 -1.38
N SER B 379 -24.93 28.38 -0.99
CA SER B 379 -25.58 29.11 0.08
C SER B 379 -25.02 28.71 1.45
N ASN B 380 -24.48 27.50 1.58
CA ASN B 380 -23.97 27.06 2.86
C ASN B 380 -22.48 27.32 3.01
N VAL B 381 -21.74 27.42 1.92
CA VAL B 381 -20.30 27.69 2.01
C VAL B 381 -19.93 28.67 0.90
N PRO B 382 -20.38 29.92 0.97
CA PRO B 382 -20.06 30.88 -0.10
C PRO B 382 -18.58 31.16 -0.23
N ASN B 383 -17.79 30.87 0.81
CA ASN B 383 -16.38 31.21 0.80
C ASN B 383 -15.53 30.23 0.03
N SER B 384 -16.09 29.09 -0.39
CA SER B 384 -15.26 28.01 -0.86
C SER B 384 -14.75 28.29 -2.27
N SER B 385 -13.67 27.62 -2.64
CA SER B 385 -13.10 27.80 -3.96
C SER B 385 -14.10 27.46 -5.06
N LYS B 386 -15.15 26.76 -4.73
CA LYS B 386 -16.13 26.38 -5.72
C LYS B 386 -16.99 27.50 -6.13
N HIS B 387 -16.73 28.77 -5.80
CA HIS B 387 -17.66 29.81 -6.25
C HIS B 387 -16.98 31.13 -6.61
N LYS B 388 -15.66 31.12 -6.83
CA LYS B 388 -14.97 32.27 -7.39
C LYS B 388 -15.74 32.84 -8.57
N PHE B 389 -16.44 31.98 -9.29
CA PHE B 389 -17.31 32.38 -10.38
C PHE B 389 -18.72 31.85 -10.14
N THR B 390 -19.63 32.20 -11.03
CA THR B 390 -21.03 31.77 -10.94
C THR B 390 -21.21 30.61 -11.91
N TRP B 391 -21.04 29.40 -11.39
CA TRP B 391 -21.12 28.19 -12.19
C TRP B 391 -22.57 27.73 -12.29
N LEU B 392 -22.79 26.75 -13.16
CA LEU B 392 -24.07 26.08 -13.31
C LEU B 392 -24.11 24.72 -12.63
N THR B 393 -23.08 23.91 -12.83
CA THR B 393 -22.99 22.59 -12.22
C THR B 393 -21.97 22.61 -11.07
N TYR B 394 -22.23 21.78 -10.08
CA TYR B 394 -21.26 21.64 -8.99
C TYR B 394 -20.04 20.86 -9.47
N SER B 395 -20.25 19.85 -10.31
CA SER B 395 -19.19 18.98 -10.78
C SER B 395 -18.85 19.27 -12.24
N SER B 396 -17.80 18.59 -12.70
CA SER B 396 -17.32 18.71 -14.08
C SER B 396 -18.15 17.84 -15.01
N LEU B 397 -18.12 18.18 -16.30
CA LEU B 397 -18.87 17.42 -17.29
C LEU B 397 -18.52 15.94 -17.22
N ALA B 398 -17.22 15.64 -17.12
CA ALA B 398 -16.81 14.25 -17.01
C ALA B 398 -17.46 13.59 -15.80
N GLN B 399 -17.47 14.30 -14.67
CA GLN B 399 -18.04 13.76 -13.43
C GLN B 399 -19.56 13.69 -13.49
N VAL B 400 -20.20 14.68 -14.12
CA VAL B 400 -21.64 14.64 -14.24
C VAL B 400 -22.09 13.50 -15.14
N CYS B 401 -21.36 13.27 -16.23
CA CYS B 401 -21.65 12.13 -17.09
C CYS B 401 -21.49 10.81 -16.34
N LYS B 402 -20.41 10.69 -15.57
CA LYS B 402 -20.21 9.49 -14.76
C LYS B 402 -21.47 9.17 -13.97
N TYR B 403 -22.07 10.20 -13.35
CA TYR B 403 -23.27 10.05 -12.54
C TYR B 403 -24.49 9.71 -13.40
N ALA B 404 -24.80 10.54 -14.39
CA ALA B 404 -26.01 10.33 -15.18
C ALA B 404 -25.97 8.99 -15.91
N ASN B 405 -24.80 8.57 -16.37
CA ASN B 405 -24.70 7.27 -17.00
C ASN B 405 -25.09 6.16 -16.04
N ARG B 406 -24.58 6.23 -14.79
CA ARG B 406 -24.91 5.20 -13.80
C ARG B 406 -26.40 5.18 -13.50
N VAL B 407 -27.04 6.35 -13.47
CA VAL B 407 -28.46 6.39 -13.18
C VAL B 407 -29.27 5.76 -14.32
N SER B 408 -28.97 6.12 -15.57
CA SER B 408 -29.71 5.54 -16.69
C SER B 408 -29.61 4.02 -16.68
N TYR B 409 -28.44 3.49 -16.32
CA TYR B 409 -28.29 2.04 -16.19
C TYR B 409 -29.24 1.49 -15.14
N GLN B 410 -29.46 2.25 -14.06
CA GLN B 410 -30.38 1.80 -13.01
C GLN B 410 -31.81 1.75 -13.52
N VAL B 411 -32.20 2.73 -14.33
CA VAL B 411 -33.55 2.75 -14.87
C VAL B 411 -33.74 1.64 -15.88
N LEU B 412 -32.65 1.20 -16.52
CA LEU B 412 -32.81 0.18 -17.55
C LEU B 412 -33.01 -1.19 -16.92
N ASN B 413 -32.30 -1.50 -15.85
CA ASN B 413 -32.37 -2.80 -15.20
C ASN B 413 -33.66 -3.00 -14.40
N GLN B 414 -34.57 -2.03 -14.40
CA GLN B 414 -35.87 -2.23 -13.79
C GLN B 414 -36.98 -1.94 -14.79
N HIS B 415 -38.18 -2.40 -14.44
CA HIS B 415 -39.31 -2.29 -15.36
C HIS B 415 -39.80 -0.85 -15.46
N SER B 416 -40.15 -0.24 -14.33
CA SER B 416 -40.76 1.08 -14.31
C SER B 416 -39.74 2.18 -14.63
N PRO B 417 -40.21 3.36 -15.05
CA PRO B 417 -39.30 4.49 -15.26
C PRO B 417 -39.00 5.30 -14.01
N ARG B 418 -39.68 5.01 -12.92
CA ARG B 418 -39.50 5.73 -11.67
C ARG B 418 -38.66 4.90 -10.71
N LEU B 419 -37.70 5.57 -10.09
CA LEU B 419 -36.83 4.91 -9.12
C LEU B 419 -37.51 4.90 -7.77
N THR B 420 -37.15 3.91 -6.95
CA THR B 420 -37.70 3.83 -5.60
C THR B 420 -36.63 3.96 -4.55
N ARG B 421 -35.37 3.72 -4.87
CA ARG B 421 -34.29 3.90 -3.90
C ARG B 421 -33.10 4.49 -4.65
N GLY B 422 -32.45 5.47 -4.02
CA GLY B 422 -31.24 6.05 -4.56
C GLY B 422 -30.10 5.07 -4.76
N LEU B 423 -28.93 5.58 -5.04
CA LEU B 423 -27.80 4.71 -5.35
C LEU B 423 -27.03 4.31 -4.11
N PRO B 424 -26.28 3.21 -4.20
CA PRO B 424 -25.54 2.72 -3.03
C PRO B 424 -24.39 3.67 -2.71
N GLU B 425 -24.37 4.16 -1.48
CA GLU B 425 -23.44 5.22 -1.10
C GLU B 425 -22.15 4.62 -0.54
N ARG B 426 -21.12 5.45 -0.50
CA ARG B 426 -19.79 4.97 -0.16
C ARG B 426 -19.70 4.57 1.31
N GLU B 427 -19.15 3.37 1.55
CA GLU B 427 -18.90 2.86 2.90
C GLU B 427 -17.46 3.18 3.31
N ASP B 428 -17.29 3.95 4.38
CA ASP B 428 -15.96 4.27 4.88
C ASP B 428 -15.36 3.06 5.60
N SER B 429 -14.17 3.26 6.17
CA SER B 429 -13.52 2.17 6.90
C SER B 429 -14.24 1.84 8.19
N LEU B 430 -14.67 2.86 8.95
CA LEU B 430 -15.31 2.60 10.24
C LEU B 430 -16.60 1.81 10.05
N GLU B 431 -17.47 2.24 9.13
CA GLU B 431 -18.69 1.46 8.90
C GLU B 431 -18.38 0.04 8.51
N GLU B 432 -17.39 -0.17 7.65
CA GLU B 432 -17.08 -1.53 7.22
C GLU B 432 -16.77 -2.42 8.41
N SER B 433 -15.89 -1.96 9.30
CA SER B 433 -15.55 -2.78 10.46
C SER B 433 -16.78 -3.04 11.32
N TYR B 434 -17.68 -2.07 11.42
CA TYR B 434 -18.91 -2.26 12.21
C TYR B 434 -19.73 -3.43 11.68
N TRP B 435 -20.01 -3.44 10.38
CA TRP B 435 -20.82 -4.52 9.84
C TRP B 435 -20.09 -5.86 9.87
N ASP B 436 -18.77 -5.85 9.70
CA ASP B 436 -18.01 -7.10 9.68
C ASP B 436 -17.77 -7.66 11.08
N ARG B 437 -17.89 -6.86 12.12
CA ARG B 437 -17.73 -7.35 13.49
C ARG B 437 -18.49 -8.66 13.66
N HIS C 3 8.18 -24.80 -25.43
CA HIS C 3 8.14 -23.37 -25.70
C HIS C 3 6.72 -22.81 -25.55
N MET C 4 5.91 -23.45 -24.70
CA MET C 4 4.49 -23.12 -24.58
C MET C 4 4.20 -21.97 -23.60
N LYS C 5 3.15 -21.22 -23.91
CA LYS C 5 2.67 -20.09 -23.13
C LYS C 5 1.85 -20.56 -21.92
N PHE C 6 1.59 -19.64 -20.98
CA PHE C 6 0.81 -19.91 -19.78
C PHE C 6 -0.67 -19.64 -20.00
N PRO C 7 -1.56 -20.50 -19.46
CA PRO C 7 -3.01 -20.35 -19.71
C PRO C 7 -3.63 -19.28 -18.83
N GLY C 8 -4.02 -18.18 -19.45
CA GLY C 8 -4.62 -17.08 -18.72
C GLY C 8 -3.61 -16.04 -18.31
N LYS C 9 -4.12 -15.03 -17.62
CA LYS C 9 -3.31 -13.90 -17.17
C LYS C 9 -3.33 -13.78 -15.66
N ARG C 10 -3.66 -14.86 -14.96
CA ARG C 10 -3.72 -14.78 -13.52
C ARG C 10 -2.32 -14.88 -12.94
N LYS C 11 -2.15 -14.33 -11.75
CA LYS C 11 -0.92 -14.50 -11.01
C LYS C 11 -0.88 -15.92 -10.44
N SER C 12 0.21 -16.63 -10.71
CA SER C 12 0.34 -18.04 -10.37
C SER C 12 1.24 -18.24 -9.16
N LYS C 13 0.88 -19.19 -8.31
CA LYS C 13 1.69 -19.55 -7.15
C LYS C 13 2.95 -20.31 -7.56
N HIS C 14 2.84 -21.22 -8.52
CA HIS C 14 3.99 -21.96 -9.00
C HIS C 14 4.58 -21.31 -10.24
N TYR C 15 5.90 -21.36 -10.35
CA TYR C 15 6.59 -20.75 -11.49
C TYR C 15 6.45 -21.65 -12.72
N PHE C 16 6.11 -21.02 -13.85
CA PHE C 16 5.92 -21.71 -15.13
C PHE C 16 7.14 -21.53 -16.03
N PRO C 17 7.72 -22.62 -16.54
CA PRO C 17 9.01 -22.49 -17.26
C PRO C 17 8.92 -21.69 -18.55
N VAL C 18 7.80 -21.74 -19.27
CA VAL C 18 7.59 -21.05 -20.55
C VAL C 18 8.34 -21.76 -21.68
N ASN C 19 9.66 -21.60 -21.77
CA ASN C 19 10.46 -22.31 -22.76
C ASN C 19 11.45 -23.25 -22.08
N ALA C 20 11.58 -24.47 -22.61
CA ALA C 20 12.34 -25.52 -21.93
C ALA C 20 13.81 -25.19 -21.77
N ARG C 21 14.32 -24.13 -22.41
CA ARG C 21 15.68 -23.63 -22.22
C ARG C 21 15.92 -22.98 -20.85
N ASP C 22 14.95 -22.97 -19.95
CA ASP C 22 15.12 -22.25 -18.68
C ASP C 22 16.33 -22.81 -17.93
N PRO C 23 17.27 -21.97 -17.50
CA PRO C 23 18.49 -22.49 -16.87
C PRO C 23 18.25 -23.30 -15.60
N LEU C 24 17.22 -22.96 -14.81
CA LEU C 24 16.94 -23.75 -13.62
C LEU C 24 16.19 -25.03 -13.98
N LEU C 25 15.27 -24.94 -14.95
CA LEU C 25 14.56 -26.13 -15.40
C LEU C 25 15.49 -27.08 -16.15
N GLN C 26 16.41 -26.53 -16.93
CA GLN C 26 17.29 -27.38 -17.74
C GLN C 26 18.31 -28.12 -16.89
N GLN C 27 18.67 -27.57 -15.72
CA GLN C 27 19.68 -28.17 -14.86
C GLN C 27 19.24 -29.52 -14.33
N PHE C 28 18.08 -29.98 -14.79
CA PHE C 28 17.59 -31.30 -14.42
C PHE C 28 16.53 -31.75 -15.42
N SER C 35 9.47 -34.85 -24.25
CA SER C 35 9.62 -33.56 -23.58
C SER C 35 8.61 -32.54 -24.10
N ALA C 36 8.10 -32.78 -25.30
CA ALA C 36 7.14 -31.88 -25.93
C ALA C 36 5.71 -32.30 -25.62
N ALA C 37 4.80 -31.33 -25.67
CA ALA C 37 3.39 -31.57 -25.40
C ALA C 37 2.55 -30.80 -26.43
N TRP C 38 1.52 -31.45 -26.95
CA TRP C 38 0.77 -30.84 -28.05
C TRP C 38 -0.62 -31.46 -28.12
N VAL C 39 -1.38 -31.01 -29.10
CA VAL C 39 -2.79 -31.39 -29.26
C VAL C 39 -3.03 -31.70 -30.72
N VAL C 40 -3.88 -32.70 -30.98
CA VAL C 40 -4.22 -33.12 -32.33
C VAL C 40 -5.74 -33.17 -32.46
N GLY C 41 -6.22 -32.85 -33.65
CA GLY C 41 -7.64 -32.83 -33.91
C GLY C 41 -7.95 -33.24 -35.32
N ILE C 42 -9.21 -33.61 -35.54
CA ILE C 42 -9.69 -34.07 -36.84
C ILE C 42 -10.76 -33.11 -37.34
N ASP C 43 -10.76 -32.85 -38.64
CA ASP C 43 -11.76 -31.95 -39.16
C ASP C 43 -11.99 -32.22 -40.65
N GLN C 44 -13.13 -31.73 -41.13
CA GLN C 44 -13.44 -31.73 -42.55
C GLN C 44 -12.87 -30.43 -43.14
N THR C 45 -11.71 -30.54 -43.78
CA THR C 45 -10.99 -29.39 -44.32
C THR C 45 -11.93 -28.45 -45.06
N LEU C 46 -12.16 -27.28 -44.48
CA LEU C 46 -13.19 -26.38 -44.94
C LEU C 46 -12.65 -24.97 -45.11
N VAL C 47 -13.39 -24.20 -45.90
CA VAL C 47 -13.09 -22.80 -46.18
C VAL C 47 -14.39 -22.04 -46.02
N ASP C 48 -14.40 -21.08 -45.10
CA ASP C 48 -15.59 -20.25 -44.88
C ASP C 48 -15.71 -19.21 -45.97
N ILE C 49 -16.94 -19.00 -46.44
CA ILE C 49 -17.27 -17.97 -47.43
C ILE C 49 -18.47 -17.22 -46.89
N GLU C 50 -18.22 -16.08 -46.23
CA GLU C 50 -19.25 -15.40 -45.47
C GLU C 50 -19.91 -14.34 -46.35
N ALA C 51 -21.19 -14.09 -46.08
CA ALA C 51 -21.92 -13.09 -46.85
C ALA C 51 -23.26 -12.84 -46.19
N LYS C 52 -23.75 -11.62 -46.30
CA LYS C 52 -25.11 -11.29 -45.90
C LYS C 52 -26.02 -11.39 -47.11
N VAL C 53 -27.24 -11.84 -46.88
CA VAL C 53 -28.20 -12.09 -47.95
C VAL C 53 -29.59 -11.81 -47.38
N ASP C 54 -30.57 -11.75 -48.28
CA ASP C 54 -31.94 -11.63 -47.82
C ASP C 54 -32.37 -12.97 -47.24
N ASP C 55 -33.28 -12.92 -46.27
CA ASP C 55 -33.85 -14.17 -45.77
C ASP C 55 -34.57 -14.91 -46.88
N GLU C 56 -34.94 -14.21 -47.96
CA GLU C 56 -35.48 -14.88 -49.14
C GLU C 56 -34.40 -15.71 -49.80
N PHE C 57 -33.16 -15.21 -49.82
CA PHE C 57 -32.04 -15.96 -50.38
C PHE C 57 -31.86 -17.27 -49.64
N ILE C 58 -32.19 -17.29 -48.35
CA ILE C 58 -32.06 -18.51 -47.56
C ILE C 58 -33.05 -19.56 -48.03
N GLU C 59 -34.34 -19.20 -48.05
CA GLU C 59 -35.36 -20.18 -48.41
C GLU C 59 -35.24 -20.59 -49.87
N ARG C 60 -34.70 -19.73 -50.75
CA ARG C 60 -34.61 -20.07 -52.16
C ARG C 60 -33.68 -21.26 -52.39
N TYR C 61 -32.82 -21.58 -51.43
CA TYR C 61 -31.89 -22.71 -51.53
C TYR C 61 -32.15 -23.77 -50.48
N GLY C 62 -33.35 -23.79 -49.90
CA GLY C 62 -33.76 -24.87 -49.02
C GLY C 62 -33.05 -24.91 -47.69
N LEU C 63 -32.74 -23.77 -47.12
CA LEU C 63 -32.05 -23.70 -45.84
C LEU C 63 -33.00 -23.15 -44.79
N SER C 64 -32.64 -23.37 -43.53
CA SER C 64 -33.40 -22.87 -42.40
C SER C 64 -32.47 -22.11 -41.47
N ALA C 65 -33.02 -21.10 -40.82
CA ALA C 65 -32.18 -20.21 -40.03
C ALA C 65 -31.54 -20.97 -38.87
N GLY C 66 -30.24 -20.79 -38.72
CA GLY C 66 -29.53 -21.41 -37.62
C GLY C 66 -29.11 -22.83 -37.84
N HIS C 67 -29.34 -23.39 -39.02
CA HIS C 67 -28.97 -24.78 -39.26
C HIS C 67 -27.57 -24.85 -39.89
N SER C 68 -27.08 -26.08 -39.99
CA SER C 68 -25.90 -26.41 -40.79
C SER C 68 -26.30 -27.56 -41.70
N LEU C 69 -26.66 -27.26 -42.93
CA LEU C 69 -27.23 -28.24 -43.86
C LEU C 69 -26.26 -28.48 -45.00
N VAL C 70 -26.01 -29.75 -45.30
CA VAL C 70 -25.24 -30.07 -46.50
C VAL C 70 -26.11 -29.77 -47.72
N ILE C 71 -25.47 -29.44 -48.84
CA ILE C 71 -26.17 -29.09 -50.06
C ILE C 71 -25.55 -29.81 -51.25
N GLU C 72 -26.37 -29.99 -52.28
CA GLU C 72 -25.95 -30.69 -53.48
C GLU C 72 -24.88 -29.88 -54.19
N ASP C 73 -24.13 -30.55 -55.07
CA ASP C 73 -23.04 -29.87 -55.77
C ASP C 73 -23.56 -28.83 -56.74
N ASP C 74 -24.68 -29.09 -57.41
CA ASP C 74 -25.21 -28.10 -58.35
C ASP C 74 -25.82 -26.92 -57.60
N VAL C 75 -26.53 -27.18 -56.49
CA VAL C 75 -27.03 -26.09 -55.66
C VAL C 75 -25.88 -25.29 -55.08
N ALA C 76 -24.77 -25.95 -54.75
CA ALA C 76 -23.62 -25.23 -54.22
C ALA C 76 -22.99 -24.36 -55.29
N GLU C 77 -22.82 -24.89 -56.49
CA GLU C 77 -22.30 -24.08 -57.59
C GLU C 77 -23.28 -22.98 -57.95
N ALA C 78 -24.58 -23.23 -57.79
CA ALA C 78 -25.59 -22.21 -58.06
C ALA C 78 -25.52 -21.08 -57.05
N LEU C 79 -25.32 -21.42 -55.77
CA LEU C 79 -25.20 -20.38 -54.75
C LEU C 79 -23.90 -19.59 -54.91
N TYR C 80 -22.78 -20.29 -55.13
CA TYR C 80 -21.51 -19.58 -55.34
C TYR C 80 -21.63 -18.62 -56.52
N GLN C 81 -22.26 -19.06 -57.61
CA GLN C 81 -22.33 -18.21 -58.79
C GLN C 81 -23.26 -17.03 -58.54
N GLU C 82 -24.33 -17.22 -57.78
CA GLU C 82 -25.22 -16.10 -57.49
C GLU C 82 -24.55 -15.08 -56.58
N LEU C 83 -23.65 -15.53 -55.70
CA LEU C 83 -22.98 -14.61 -54.79
C LEU C 83 -21.92 -13.77 -55.49
N LYS C 84 -21.23 -14.35 -56.48
CA LYS C 84 -20.24 -13.59 -57.25
C LYS C 84 -20.92 -12.57 -58.13
N GLN C 85 -22.07 -12.92 -58.71
CA GLN C 85 -22.83 -11.97 -59.52
C GLN C 85 -23.14 -10.71 -58.73
N LYS C 86 -23.90 -10.87 -57.64
CA LYS C 86 -24.34 -9.74 -56.84
C LYS C 86 -23.22 -9.08 -56.03
N ASN C 87 -21.98 -9.57 -56.12
CA ASN C 87 -20.89 -9.08 -55.28
C ASN C 87 -21.34 -9.00 -53.82
N LEU C 88 -21.60 -10.19 -53.28
CA LEU C 88 -22.14 -10.32 -51.94
C LEU C 88 -21.16 -10.90 -50.94
N ILE C 89 -20.05 -11.49 -51.42
CA ILE C 89 -19.08 -12.12 -50.54
C ILE C 89 -18.33 -11.04 -49.78
N THR C 90 -18.22 -11.22 -48.45
CA THR C 90 -17.61 -10.23 -47.57
C THR C 90 -16.26 -10.65 -46.99
N HIS C 91 -16.02 -11.96 -46.86
CA HIS C 91 -14.83 -12.44 -46.18
C HIS C 91 -14.65 -13.90 -46.56
N GLN C 92 -13.41 -14.32 -46.74
CA GLN C 92 -13.08 -15.71 -47.04
C GLN C 92 -11.91 -16.12 -46.17
N PHE C 93 -12.08 -17.20 -45.42
CA PHE C 93 -11.05 -17.62 -44.49
C PHE C 93 -11.20 -19.11 -44.24
N ALA C 94 -10.17 -19.70 -43.63
CA ALA C 94 -10.22 -21.10 -43.24
C ALA C 94 -11.27 -21.34 -42.16
N GLY C 95 -11.82 -22.55 -42.15
CA GLY C 95 -12.90 -22.89 -41.24
C GLY C 95 -12.90 -24.32 -40.76
N GLY C 96 -14.04 -24.77 -40.25
CA GLY C 96 -14.15 -26.09 -39.67
C GLY C 96 -14.12 -26.05 -38.16
N THR C 97 -15.15 -26.62 -37.52
CA THR C 97 -15.27 -26.53 -36.07
C THR C 97 -13.97 -26.91 -35.38
N ILE C 98 -13.31 -27.96 -35.86
CA ILE C 98 -12.04 -28.36 -35.26
C ILE C 98 -10.86 -27.64 -35.90
N GLY C 99 -10.99 -27.19 -37.14
CA GLY C 99 -9.94 -26.36 -37.71
C GLY C 99 -9.76 -25.05 -36.96
N ASN C 100 -10.86 -24.35 -36.70
CA ASN C 100 -10.79 -23.17 -35.86
C ASN C 100 -10.16 -23.50 -34.51
N THR C 101 -10.65 -24.54 -33.83
CA THR C 101 -10.20 -24.81 -32.49
C THR C 101 -8.70 -25.10 -32.45
N MET C 102 -8.22 -25.96 -33.36
CA MET C 102 -6.79 -26.22 -33.42
C MET C 102 -6.01 -24.95 -33.78
N HIS C 103 -6.58 -24.12 -34.64
CA HIS C 103 -5.96 -22.83 -34.96
C HIS C 103 -5.90 -21.94 -33.73
N ASN C 104 -7.04 -21.73 -33.06
CA ASN C 104 -7.07 -20.87 -31.88
C ASN C 104 -6.19 -21.42 -30.77
N TYR C 105 -6.14 -22.74 -30.62
CA TYR C 105 -5.28 -23.30 -29.60
C TYR C 105 -3.84 -22.89 -29.81
N SER C 106 -3.35 -23.01 -31.05
CA SER C 106 -1.96 -22.69 -31.33
C SER C 106 -1.70 -21.20 -31.16
N VAL C 107 -2.69 -20.37 -31.47
CA VAL C 107 -2.57 -18.93 -31.24
C VAL C 107 -2.47 -18.64 -29.75
N LEU C 108 -3.34 -19.28 -28.95
CA LEU C 108 -3.39 -18.96 -27.52
C LEU C 108 -2.14 -19.45 -26.79
N ALA C 109 -1.65 -20.63 -27.12
CA ALA C 109 -0.53 -21.19 -26.39
C ALA C 109 0.80 -20.96 -27.09
N ASP C 110 0.78 -20.64 -28.39
CA ASP C 110 2.01 -20.48 -29.15
C ASP C 110 2.81 -21.79 -29.13
N ASP C 111 2.09 -22.90 -29.10
CA ASP C 111 2.67 -24.22 -29.26
C ASP C 111 1.97 -24.91 -30.43
N ARG C 112 2.49 -26.06 -30.81
CA ARG C 112 2.04 -26.68 -32.04
C ARG C 112 0.74 -27.42 -31.81
N SER C 113 -0.06 -27.47 -32.87
CA SER C 113 -1.27 -28.27 -32.93
C SER C 113 -1.25 -28.98 -34.27
N VAL C 114 -1.60 -30.25 -34.26
CA VAL C 114 -1.65 -31.06 -35.47
C VAL C 114 -3.09 -31.19 -35.92
N LEU C 115 -3.33 -30.99 -37.21
CA LEU C 115 -4.66 -31.10 -37.80
C LEU C 115 -4.67 -32.27 -38.77
N LEU C 116 -5.73 -33.07 -38.72
CA LEU C 116 -5.87 -34.27 -39.53
C LEU C 116 -7.07 -34.10 -40.46
N GLY C 117 -6.86 -34.41 -41.74
CA GLY C 117 -7.89 -34.19 -42.74
C GLY C 117 -7.34 -34.39 -44.13
N VAL C 118 -7.92 -33.64 -45.08
CA VAL C 118 -7.62 -33.79 -46.49
C VAL C 118 -6.97 -32.52 -47.03
N MET C 119 -6.56 -32.56 -48.30
CA MET C 119 -5.96 -31.41 -48.98
C MET C 119 -5.69 -31.78 -50.43
N CYS C 120 -6.05 -30.92 -51.38
CA CYS C 120 -5.70 -31.16 -52.78
C CYS C 120 -4.26 -31.63 -52.86
N SER C 121 -4.05 -32.74 -53.58
CA SER C 121 -2.68 -33.25 -53.73
C SER C 121 -1.84 -32.34 -54.60
N ASN C 122 -2.48 -31.62 -55.52
CA ASN C 122 -1.85 -30.55 -56.30
C ASN C 122 -2.63 -29.27 -56.03
N ILE C 123 -1.95 -28.27 -55.49
CA ILE C 123 -2.57 -27.03 -55.01
C ILE C 123 -2.15 -25.90 -55.93
N GLU C 124 -3.14 -25.25 -56.53
CA GLU C 124 -2.91 -24.14 -57.44
C GLU C 124 -3.08 -22.82 -56.70
N ILE C 125 -2.29 -21.82 -57.10
CA ILE C 125 -2.27 -20.54 -56.41
C ILE C 125 -3.59 -19.80 -56.64
N GLY C 126 -4.03 -19.07 -55.60
CA GLY C 126 -5.30 -18.38 -55.61
C GLY C 126 -6.49 -19.25 -55.29
N SER C 127 -6.29 -20.56 -55.16
CA SER C 127 -7.38 -21.51 -54.96
C SER C 127 -7.86 -21.46 -53.51
N TYR C 128 -8.86 -22.28 -53.20
CA TYR C 128 -9.31 -22.39 -51.82
C TYR C 128 -8.32 -23.21 -50.99
N ALA C 129 -7.75 -24.26 -51.57
CA ALA C 129 -6.76 -25.04 -50.84
C ALA C 129 -5.52 -24.21 -50.56
N TYR C 130 -5.13 -23.34 -51.50
CA TYR C 130 -4.06 -22.40 -51.23
C TYR C 130 -4.43 -21.52 -50.03
N ARG C 131 -5.58 -20.86 -50.13
CA ARG C 131 -6.05 -19.99 -49.05
C ARG C 131 -5.95 -20.68 -47.70
N TYR C 132 -6.44 -21.92 -47.60
CA TYR C 132 -6.45 -22.63 -46.32
C TYR C 132 -5.06 -22.67 -45.71
N LEU C 133 -4.04 -22.79 -46.54
CA LEU C 133 -2.68 -22.87 -46.03
C LEU C 133 -2.17 -21.50 -45.61
N CYS C 134 -2.29 -20.50 -46.51
CA CYS C 134 -1.83 -19.15 -46.18
C CYS C 134 -2.50 -18.60 -44.92
N ASN C 135 -3.71 -19.09 -44.60
CA ASN C 135 -4.52 -18.54 -43.51
C ASN C 135 -4.36 -19.28 -42.20
N THR C 136 -4.13 -20.57 -42.23
CA THR C 136 -3.93 -21.30 -40.98
C THR C 136 -2.79 -20.69 -40.20
N SER C 137 -2.90 -20.78 -38.87
CA SER C 137 -1.85 -20.30 -37.99
C SER C 137 -0.52 -20.97 -38.31
N SER C 138 0.57 -20.27 -38.03
CA SER C 138 1.90 -20.81 -38.28
C SER C 138 2.12 -22.10 -37.47
N ARG C 139 1.97 -22.01 -36.15
CA ARG C 139 2.27 -23.15 -35.29
C ARG C 139 1.29 -24.30 -35.44
N THR C 140 0.23 -24.13 -36.23
CA THR C 140 -0.65 -25.24 -36.58
C THR C 140 0.02 -26.05 -37.69
N ASP C 141 0.21 -27.35 -37.45
CA ASP C 141 0.96 -28.24 -38.34
C ASP C 141 -0.01 -28.98 -39.26
N LEU C 142 0.16 -28.80 -40.57
CA LEU C 142 -0.67 -29.45 -41.57
C LEU C 142 0.08 -30.50 -42.38
N ASN C 143 1.31 -30.86 -41.98
CA ASN C 143 2.09 -31.79 -42.79
C ASN C 143 1.46 -33.18 -42.80
N TYR C 144 0.65 -33.50 -41.80
CA TYR C 144 0.07 -34.83 -41.68
C TYR C 144 -1.27 -34.96 -42.38
N LEU C 145 -1.69 -33.93 -43.13
CA LEU C 145 -2.91 -34.05 -43.92
C LEU C 145 -2.78 -35.17 -44.96
N GLN C 146 -3.91 -35.50 -45.56
CA GLN C 146 -3.99 -36.53 -46.58
C GLN C 146 -4.34 -35.92 -47.93
N GLY C 147 -3.77 -36.47 -48.99
CA GLY C 147 -4.05 -35.99 -50.31
C GLY C 147 -5.38 -36.52 -50.83
N VAL C 148 -6.05 -35.68 -51.62
CA VAL C 148 -7.29 -36.05 -52.30
C VAL C 148 -7.25 -35.46 -53.71
N ASP C 149 -7.77 -36.21 -54.66
CA ASP C 149 -7.78 -35.80 -56.05
C ASP C 149 -8.89 -34.79 -56.35
N GLY C 150 -9.64 -34.36 -55.33
CA GLY C 150 -10.76 -33.47 -55.52
C GLY C 150 -10.59 -32.17 -54.75
N PRO C 151 -11.64 -31.35 -54.73
CA PRO C 151 -11.58 -30.11 -53.96
C PRO C 151 -11.88 -30.35 -52.50
N ILE C 152 -11.30 -29.51 -51.64
CA ILE C 152 -11.62 -29.58 -50.21
C ILE C 152 -12.99 -28.94 -50.00
N GLY C 153 -13.46 -28.95 -48.76
CA GLY C 153 -14.81 -28.49 -48.48
C GLY C 153 -14.95 -26.98 -48.45
N ARG C 154 -16.14 -26.53 -48.79
CA ARG C 154 -16.52 -25.12 -48.77
C ARG C 154 -17.73 -24.92 -47.87
N CYS C 155 -17.62 -24.00 -46.91
CA CYS C 155 -18.71 -23.65 -46.02
C CYS C 155 -19.20 -22.25 -46.37
N PHE C 156 -20.44 -22.17 -46.86
CA PHE C 156 -21.05 -20.89 -47.23
C PHE C 156 -21.79 -20.34 -46.02
N THR C 157 -21.10 -19.47 -45.28
CA THR C 157 -21.68 -18.84 -44.10
C THR C 157 -22.61 -17.70 -44.52
N LEU C 158 -23.91 -17.86 -44.28
CA LEU C 158 -24.89 -16.86 -44.68
C LEU C 158 -25.44 -16.18 -43.43
N ILE C 159 -25.27 -14.86 -43.36
CA ILE C 159 -25.61 -14.08 -42.18
C ILE C 159 -26.94 -13.39 -42.45
N GLY C 160 -27.93 -13.74 -41.66
CA GLY C 160 -29.24 -13.14 -41.78
C GLY C 160 -29.24 -11.69 -41.32
N GLU C 161 -30.44 -11.10 -41.37
CA GLU C 161 -30.59 -9.70 -41.01
C GLU C 161 -30.54 -9.46 -39.51
N SER C 162 -30.84 -10.48 -38.70
CA SER C 162 -30.81 -10.36 -37.25
C SER C 162 -29.51 -10.87 -36.65
N GLY C 163 -28.49 -11.12 -37.47
CA GLY C 163 -27.27 -11.74 -37.02
C GLY C 163 -27.29 -13.26 -37.04
N GLU C 164 -28.40 -13.86 -37.49
CA GLU C 164 -28.52 -15.31 -37.53
C GLU C 164 -27.63 -15.87 -38.63
N ARG C 165 -26.68 -16.72 -38.25
CA ARG C 165 -25.67 -17.23 -39.17
C ARG C 165 -26.03 -18.68 -39.52
N THR C 166 -26.49 -18.90 -40.74
CA THR C 166 -26.81 -20.22 -41.23
C THR C 166 -25.68 -20.71 -42.14
N PHE C 167 -25.45 -22.03 -42.15
CA PHE C 167 -24.34 -22.62 -42.87
C PHE C 167 -24.82 -23.64 -43.90
N ALA C 168 -24.22 -23.57 -45.11
CA ALA C 168 -24.48 -24.49 -46.20
C ALA C 168 -23.16 -25.11 -46.65
N ILE C 169 -23.08 -26.44 -46.62
CA ILE C 169 -21.81 -27.16 -46.79
C ILE C 169 -21.79 -27.87 -48.13
N SER C 170 -20.76 -27.61 -48.93
CA SER C 170 -20.49 -28.38 -50.14
C SER C 170 -19.26 -29.24 -49.85
N PRO C 171 -19.45 -30.48 -49.41
CA PRO C 171 -18.33 -31.27 -48.87
C PRO C 171 -17.16 -31.49 -49.80
N GLY C 172 -17.38 -31.60 -51.11
CA GLY C 172 -16.28 -32.01 -51.95
C GLY C 172 -15.72 -33.31 -51.44
N HIS C 173 -14.41 -33.36 -51.21
CA HIS C 173 -13.74 -34.55 -50.72
C HIS C 173 -13.44 -34.47 -49.23
N MET C 174 -14.08 -33.54 -48.52
CA MET C 174 -13.70 -33.29 -47.12
C MET C 174 -13.89 -34.52 -46.25
N ASN C 175 -14.75 -35.46 -46.65
CA ASN C 175 -15.05 -36.65 -45.87
C ASN C 175 -14.25 -37.87 -46.32
N GLN C 176 -13.23 -37.68 -47.14
CA GLN C 176 -12.49 -38.80 -47.72
C GLN C 176 -11.28 -39.21 -46.88
N LEU C 177 -11.29 -38.89 -45.59
CA LEU C 177 -10.17 -39.27 -44.76
C LEU C 177 -10.23 -40.77 -44.47
N ARG C 178 -9.13 -41.47 -44.75
CA ARG C 178 -9.03 -42.92 -44.55
C ARG C 178 -8.23 -43.23 -43.30
N ALA C 179 -8.62 -44.31 -42.63
CA ALA C 179 -8.03 -44.65 -41.34
C ALA C 179 -6.56 -45.00 -41.43
N GLU C 180 -6.07 -45.38 -42.61
CA GLU C 180 -4.65 -45.60 -42.77
C GLU C 180 -3.86 -44.30 -42.58
N SER C 181 -4.47 -43.16 -42.90
CA SER C 181 -3.79 -41.88 -42.84
C SER C 181 -3.65 -41.34 -41.43
N ILE C 182 -4.22 -42.01 -40.44
CA ILE C 182 -4.14 -41.54 -39.06
C ILE C 182 -2.78 -41.90 -38.49
N PRO C 183 -1.93 -40.92 -38.17
CA PRO C 183 -0.60 -41.24 -37.60
C PRO C 183 -0.66 -41.72 -36.17
N GLU C 184 -0.34 -42.98 -35.95
CA GLU C 184 -0.42 -43.55 -34.61
C GLU C 184 0.49 -42.79 -33.65
N ASP C 185 1.70 -42.44 -34.10
CA ASP C 185 2.68 -41.82 -33.20
C ASP C 185 2.27 -40.40 -32.79
N VAL C 186 1.60 -39.66 -33.67
CA VAL C 186 1.17 -38.31 -33.32
C VAL C 186 0.18 -38.36 -32.16
N ILE C 187 -0.85 -39.18 -32.30
CA ILE C 187 -1.86 -39.29 -31.26
C ILE C 187 -1.26 -39.91 -30.01
N ALA C 188 -0.16 -40.65 -30.13
CA ALA C 188 0.42 -41.29 -28.96
C ALA C 188 0.99 -40.26 -27.99
N GLY C 189 1.71 -39.27 -28.50
CA GLY C 189 2.31 -38.26 -27.66
C GLY C 189 1.48 -37.02 -27.45
N ALA C 190 0.19 -37.08 -27.78
CA ALA C 190 -0.70 -35.94 -27.61
C ALA C 190 -1.36 -35.99 -26.24
N SER C 191 -1.90 -34.84 -25.84
CA SER C 191 -2.61 -34.70 -24.58
C SER C 191 -4.12 -34.59 -24.79
N ALA C 192 -4.58 -34.58 -26.03
CA ALA C 192 -6.02 -34.60 -26.29
C ALA C 192 -6.23 -34.82 -27.78
N LEU C 193 -7.33 -35.50 -28.10
CA LEU C 193 -7.81 -35.70 -29.46
C LEU C 193 -9.17 -35.04 -29.58
N VAL C 194 -9.32 -34.12 -30.52
CA VAL C 194 -10.47 -33.23 -30.54
C VAL C 194 -11.30 -33.55 -31.77
N LEU C 195 -12.59 -33.81 -31.55
CA LEU C 195 -13.49 -34.22 -32.61
C LEU C 195 -14.76 -33.37 -32.54
N THR C 196 -15.53 -33.39 -33.61
CA THR C 196 -16.80 -32.68 -33.67
C THR C 196 -17.89 -33.59 -34.20
N SER C 197 -19.12 -33.36 -33.71
CA SER C 197 -20.25 -34.18 -34.13
C SER C 197 -20.40 -34.18 -35.65
N TYR C 198 -19.85 -33.17 -36.33
CA TYR C 198 -19.96 -33.09 -37.78
C TYR C 198 -19.15 -34.16 -38.49
N LEU C 199 -18.29 -34.90 -37.77
CA LEU C 199 -17.44 -35.85 -38.48
C LEU C 199 -18.24 -37.04 -38.97
N VAL C 200 -19.35 -37.36 -38.31
CA VAL C 200 -20.15 -38.49 -38.74
C VAL C 200 -21.06 -38.14 -39.91
N ARG C 201 -21.35 -36.85 -40.12
CA ARG C 201 -22.22 -36.45 -41.22
C ARG C 201 -21.45 -36.55 -42.53
N CYS C 202 -21.74 -37.61 -43.28
CA CYS C 202 -21.07 -37.85 -44.55
C CYS C 202 -21.95 -38.75 -45.40
N LYS C 203 -21.71 -38.71 -46.71
CA LYS C 203 -22.36 -39.59 -47.66
C LYS C 203 -21.92 -41.04 -47.46
N PRO C 204 -22.81 -42.01 -47.67
CA PRO C 204 -22.48 -43.40 -47.35
C PRO C 204 -21.26 -43.88 -48.10
N GLY C 205 -20.51 -44.76 -47.45
CA GLY C 205 -19.30 -45.30 -48.04
C GLY C 205 -18.08 -44.46 -47.81
N GLU C 206 -18.26 -43.18 -47.47
CA GLU C 206 -17.10 -42.33 -47.20
C GLU C 206 -16.42 -42.78 -45.92
N PRO C 207 -15.09 -42.78 -45.88
CA PRO C 207 -14.39 -43.43 -44.77
C PRO C 207 -14.22 -42.58 -43.53
N MET C 208 -14.53 -41.27 -43.60
CA MET C 208 -14.27 -40.34 -42.52
C MET C 208 -14.68 -40.91 -41.18
N PRO C 209 -15.95 -41.33 -41.00
CA PRO C 209 -16.33 -41.83 -39.69
C PRO C 209 -15.53 -43.06 -39.27
N GLU C 210 -15.27 -43.96 -40.21
CA GLU C 210 -14.49 -45.14 -39.87
C GLU C 210 -13.07 -44.74 -39.47
N ALA C 211 -12.51 -43.74 -40.15
CA ALA C 211 -11.18 -43.23 -39.79
C ALA C 211 -11.19 -42.59 -38.41
N THR C 212 -12.25 -41.84 -38.10
CA THR C 212 -12.38 -41.24 -36.78
C THR C 212 -12.27 -42.30 -35.69
N MET C 213 -13.04 -43.40 -35.83
CA MET C 213 -13.02 -44.46 -34.84
C MET C 213 -11.62 -45.04 -34.68
N LYS C 214 -10.81 -45.00 -35.74
CA LYS C 214 -9.44 -45.51 -35.64
C LYS C 214 -8.58 -44.57 -34.80
N ALA C 215 -8.79 -43.26 -34.96
CA ALA C 215 -8.08 -42.31 -34.10
C ALA C 215 -8.47 -42.51 -32.64
N ILE C 216 -9.77 -42.67 -32.38
CA ILE C 216 -10.23 -42.89 -31.02
C ILE C 216 -9.64 -44.19 -30.47
N GLU C 217 -9.53 -45.22 -31.32
CA GLU C 217 -8.89 -46.47 -30.93
C GLU C 217 -7.45 -46.21 -30.47
N TYR C 218 -6.68 -45.49 -31.28
CA TYR C 218 -5.33 -45.12 -30.88
C TYR C 218 -5.35 -44.32 -29.58
N ALA C 219 -6.32 -43.42 -29.44
CA ALA C 219 -6.41 -42.60 -28.24
C ALA C 219 -6.51 -43.49 -27.00
N LYS C 220 -7.42 -44.47 -27.02
CA LYS C 220 -7.56 -45.37 -25.89
C LYS C 220 -6.27 -46.14 -25.63
N LYS C 221 -5.54 -46.47 -26.70
CA LYS C 221 -4.29 -47.21 -26.54
C LYS C 221 -3.37 -46.50 -25.56
N TYR C 222 -3.15 -45.21 -25.78
CA TYR C 222 -2.16 -44.42 -25.06
C TYR C 222 -2.77 -43.49 -24.02
N ASN C 223 -4.04 -43.71 -23.66
CA ASN C 223 -4.68 -42.96 -22.58
C ASN C 223 -4.67 -41.47 -22.90
N VAL C 224 -5.12 -41.13 -24.10
CA VAL C 224 -5.26 -39.76 -24.55
C VAL C 224 -6.74 -39.39 -24.48
N PRO C 225 -7.13 -38.40 -23.68
CA PRO C 225 -8.55 -38.04 -23.60
C PRO C 225 -9.12 -37.62 -24.95
N VAL C 226 -10.35 -38.02 -25.20
CA VAL C 226 -11.06 -37.67 -26.42
C VAL C 226 -11.97 -36.50 -26.10
N VAL C 227 -12.00 -35.51 -26.98
CA VAL C 227 -12.75 -34.29 -26.77
C VAL C 227 -13.79 -34.19 -27.87
N LEU C 228 -14.96 -33.68 -27.53
CA LEU C 228 -16.04 -33.60 -28.50
C LEU C 228 -16.79 -32.28 -28.30
N THR C 229 -16.86 -31.49 -29.37
CA THR C 229 -17.70 -30.32 -29.44
C THR C 229 -18.86 -30.65 -30.37
N LEU C 230 -20.00 -30.02 -30.17
CA LEU C 230 -21.20 -30.43 -30.88
C LEU C 230 -21.59 -29.40 -31.94
N GLY C 231 -22.22 -29.91 -32.98
CA GLY C 231 -22.59 -29.12 -34.14
C GLY C 231 -24.09 -29.01 -34.28
N THR C 232 -24.65 -27.99 -33.66
CA THR C 232 -26.06 -27.64 -33.77
C THR C 232 -26.96 -28.65 -33.08
N LYS C 233 -28.07 -28.13 -32.54
CA LYS C 233 -29.05 -28.96 -31.86
C LYS C 233 -29.73 -29.92 -32.83
N PHE C 234 -29.97 -29.49 -34.06
CA PHE C 234 -30.77 -30.31 -34.97
C PHE C 234 -30.07 -31.63 -35.29
N VAL C 235 -28.74 -31.62 -35.46
CA VAL C 235 -28.03 -32.86 -35.74
C VAL C 235 -28.18 -33.82 -34.57
N ILE C 236 -28.28 -33.31 -33.36
CA ILE C 236 -28.33 -34.14 -32.17
C ILE C 236 -29.74 -34.60 -31.87
N ALA C 237 -30.73 -33.72 -32.02
CA ALA C 237 -32.10 -34.12 -31.73
C ALA C 237 -32.57 -35.26 -32.61
N GLU C 238 -31.85 -35.53 -33.70
CA GLU C 238 -32.21 -36.65 -34.56
C GLU C 238 -32.08 -37.98 -33.82
N ASN C 239 -31.05 -38.12 -32.99
CA ASN C 239 -30.75 -39.39 -32.36
C ASN C 239 -30.04 -39.20 -31.03
N PRO C 240 -30.64 -38.49 -30.08
CA PRO C 240 -29.92 -38.15 -28.84
C PRO C 240 -29.31 -39.35 -28.15
N GLN C 241 -30.02 -40.46 -28.20
CA GLN C 241 -29.62 -41.64 -27.46
C GLN C 241 -28.36 -42.27 -28.03
N TRP C 242 -28.09 -42.08 -29.32
CA TRP C 242 -26.82 -42.58 -29.83
C TRP C 242 -25.68 -41.75 -29.29
N TRP C 243 -25.83 -40.42 -29.32
CA TRP C 243 -24.81 -39.53 -28.78
C TRP C 243 -24.58 -39.79 -27.29
N GLN C 244 -25.68 -39.95 -26.53
CA GLN C 244 -25.53 -40.28 -25.13
C GLN C 244 -24.57 -41.45 -24.98
N GLN C 245 -24.82 -42.52 -25.73
CA GLN C 245 -24.00 -43.72 -25.61
C GLN C 245 -22.59 -43.49 -26.14
N PHE C 246 -22.45 -42.69 -27.20
CA PHE C 246 -21.12 -42.39 -27.73
C PHE C 246 -20.23 -41.79 -26.64
N LEU C 247 -20.78 -40.86 -25.86
CA LEU C 247 -20.00 -40.15 -24.87
C LEU C 247 -19.52 -41.06 -23.74
N LYS C 248 -20.34 -42.03 -23.31
CA LYS C 248 -19.90 -42.91 -22.24
C LYS C 248 -18.65 -43.69 -22.64
N ASP C 249 -18.69 -44.33 -23.79
CA ASP C 249 -17.65 -45.31 -24.14
C ASP C 249 -16.33 -44.63 -24.45
N HIS C 250 -16.36 -43.58 -25.28
CA HIS C 250 -15.15 -42.98 -25.84
C HIS C 250 -14.78 -41.63 -25.25
N VAL C 251 -15.71 -40.67 -25.26
CA VAL C 251 -15.38 -39.28 -24.97
C VAL C 251 -15.01 -39.10 -23.51
N SER C 252 -14.04 -38.20 -23.26
CA SER C 252 -13.68 -37.80 -21.90
C SER C 252 -13.99 -36.34 -21.58
N ILE C 253 -14.15 -35.49 -22.59
CA ILE C 253 -14.38 -34.06 -22.38
C ILE C 253 -15.37 -33.57 -23.42
N LEU C 254 -16.38 -32.82 -22.98
CA LEU C 254 -17.50 -32.42 -23.80
C LEU C 254 -17.63 -30.90 -23.83
N ALA C 255 -17.66 -30.34 -25.04
CA ALA C 255 -17.92 -28.93 -25.28
C ALA C 255 -19.32 -28.80 -25.86
N MET C 256 -20.04 -27.77 -25.46
CA MET C 256 -21.48 -27.76 -25.59
C MET C 256 -21.98 -26.34 -25.45
N ASN C 257 -23.19 -26.09 -25.96
CA ASN C 257 -23.92 -24.90 -25.55
C ASN C 257 -25.24 -25.36 -24.95
N GLU C 258 -25.96 -24.44 -24.33
CA GLU C 258 -27.14 -24.83 -23.56
C GLU C 258 -28.16 -25.53 -24.45
N ASP C 259 -28.32 -25.07 -25.69
CA ASP C 259 -29.31 -25.67 -26.58
C ASP C 259 -28.84 -27.05 -27.04
N GLU C 260 -27.59 -27.16 -27.48
CA GLU C 260 -27.04 -28.48 -27.79
C GLU C 260 -27.20 -29.43 -26.61
N ALA C 261 -27.18 -28.90 -25.39
CA ALA C 261 -27.25 -29.74 -24.19
C ALA C 261 -28.68 -30.18 -23.92
N GLU C 262 -29.65 -29.27 -24.03
CA GLU C 262 -31.04 -29.68 -23.90
C GLU C 262 -31.38 -30.78 -24.88
N ALA C 263 -30.81 -30.75 -26.08
CA ALA C 263 -31.09 -31.80 -27.06
C ALA C 263 -30.51 -33.13 -26.61
N LEU C 264 -29.39 -33.11 -25.91
CA LEU C 264 -28.70 -34.32 -25.50
C LEU C 264 -29.26 -34.87 -24.20
N THR C 265 -29.65 -33.99 -23.28
CA THR C 265 -30.07 -34.37 -21.94
C THR C 265 -31.54 -34.14 -21.65
N GLY C 266 -32.21 -33.28 -22.41
CA GLY C 266 -33.59 -32.95 -22.12
C GLY C 266 -33.78 -31.94 -21.01
N GLU C 267 -32.71 -31.26 -20.60
CA GLU C 267 -32.74 -30.31 -19.50
C GLU C 267 -32.57 -28.89 -20.02
N SER C 268 -33.60 -28.07 -19.83
CA SER C 268 -33.50 -26.67 -20.23
C SER C 268 -32.59 -25.87 -19.32
N ASP C 269 -32.18 -26.43 -18.19
CA ASP C 269 -31.22 -25.79 -17.30
C ASP C 269 -29.81 -26.25 -17.63
N PRO C 270 -28.92 -25.37 -18.06
CA PRO C 270 -27.54 -25.80 -18.38
C PRO C 270 -26.83 -26.47 -17.23
N LEU C 271 -27.08 -26.04 -15.99
CA LEU C 271 -26.41 -26.66 -14.86
C LEU C 271 -26.73 -28.15 -14.80
N LEU C 272 -28.02 -28.48 -14.93
CA LEU C 272 -28.43 -29.89 -14.84
C LEU C 272 -27.92 -30.69 -16.03
N ALA C 273 -28.09 -30.15 -17.24
CA ALA C 273 -27.56 -30.82 -18.42
C ALA C 273 -26.09 -31.14 -18.23
N SER C 274 -25.32 -30.16 -17.78
CA SER C 274 -23.91 -30.40 -17.52
C SER C 274 -23.74 -31.52 -16.51
N ASP C 275 -24.60 -31.57 -15.49
CA ASP C 275 -24.52 -32.63 -14.50
C ASP C 275 -24.83 -34.00 -15.10
N LYS C 276 -25.91 -34.09 -15.88
CA LYS C 276 -26.25 -35.38 -16.48
C LYS C 276 -25.14 -35.87 -17.41
N ALA C 277 -24.52 -34.95 -18.14
CA ALA C 277 -23.42 -35.37 -19.00
C ALA C 277 -22.29 -35.93 -18.17
N LEU C 278 -22.16 -35.49 -16.92
CA LEU C 278 -21.07 -36.04 -16.11
C LEU C 278 -21.25 -37.50 -15.78
N ASP C 279 -22.44 -38.07 -16.00
CA ASP C 279 -22.56 -39.52 -15.88
C ASP C 279 -21.77 -40.23 -16.97
N TRP C 280 -21.51 -39.54 -18.09
CA TRP C 280 -20.90 -40.13 -19.27
C TRP C 280 -19.46 -39.72 -19.50
N VAL C 281 -19.07 -38.51 -19.12
CA VAL C 281 -17.76 -37.97 -19.41
C VAL C 281 -17.12 -37.48 -18.11
N ASP C 282 -15.87 -37.03 -18.22
CA ASP C 282 -15.09 -36.61 -17.06
C ASP C 282 -15.11 -35.11 -16.82
N LEU C 283 -15.44 -34.31 -17.82
CA LEU C 283 -15.36 -32.86 -17.70
C LEU C 283 -16.25 -32.25 -18.76
N VAL C 284 -16.99 -31.22 -18.39
CA VAL C 284 -18.00 -30.63 -19.25
C VAL C 284 -17.82 -29.12 -19.28
N LEU C 285 -17.90 -28.55 -20.48
CA LEU C 285 -17.91 -27.12 -20.67
C LEU C 285 -19.17 -26.77 -21.45
N CYS C 286 -20.00 -25.91 -20.88
CA CYS C 286 -21.27 -25.52 -21.49
C CYS C 286 -21.32 -24.02 -21.62
N THR C 287 -21.34 -23.53 -22.86
CA THR C 287 -21.39 -22.10 -23.13
C THR C 287 -22.86 -21.69 -23.22
N ALA C 288 -23.30 -20.91 -22.25
CA ALA C 288 -24.70 -20.52 -22.16
C ALA C 288 -24.98 -19.12 -22.69
N GLY C 289 -24.17 -18.65 -23.63
CA GLY C 289 -24.36 -17.32 -24.17
C GLY C 289 -24.43 -16.25 -23.11
N PRO C 290 -25.54 -15.50 -23.05
CA PRO C 290 -25.61 -14.39 -22.08
C PRO C 290 -25.67 -14.83 -20.63
N ILE C 291 -26.12 -16.04 -20.34
CA ILE C 291 -26.07 -16.50 -18.96
C ILE C 291 -24.63 -16.64 -18.47
N GLY C 292 -23.67 -16.78 -19.39
CA GLY C 292 -22.28 -17.02 -19.04
C GLY C 292 -21.81 -18.35 -19.59
N LEU C 293 -21.07 -19.09 -18.78
CA LEU C 293 -20.72 -20.44 -19.18
C LEU C 293 -20.47 -21.25 -17.93
N TYR C 294 -20.86 -22.52 -17.97
CA TYR C 294 -20.70 -23.39 -16.83
C TYR C 294 -19.59 -24.39 -17.11
N MET C 295 -19.09 -25.00 -16.04
CA MET C 295 -18.15 -26.09 -16.15
C MET C 295 -18.45 -27.10 -15.05
N ALA C 296 -18.41 -28.38 -15.41
CA ALA C 296 -18.70 -29.47 -14.50
C ALA C 296 -17.63 -30.52 -14.66
N GLY C 297 -17.18 -31.09 -13.56
CA GLY C 297 -16.11 -32.06 -13.63
C GLY C 297 -15.99 -32.83 -12.33
N PHE C 298 -14.90 -33.57 -12.23
CA PHE C 298 -14.61 -34.41 -11.07
C PHE C 298 -13.28 -33.97 -10.48
N THR C 299 -13.16 -34.13 -9.16
CA THR C 299 -11.91 -33.91 -8.47
C THR C 299 -11.76 -34.94 -7.37
N GLU C 300 -10.51 -35.20 -6.98
CA GLU C 300 -10.26 -36.09 -5.87
C GLU C 300 -10.79 -35.46 -4.58
N ASP C 301 -11.63 -36.20 -3.86
CA ASP C 301 -12.29 -35.65 -2.69
C ASP C 301 -11.31 -35.27 -1.60
N GLU C 302 -10.11 -35.84 -1.61
CA GLU C 302 -9.10 -35.46 -0.62
C GLU C 302 -8.49 -34.11 -0.95
N ALA C 303 -8.37 -33.79 -2.24
CA ALA C 303 -7.73 -32.57 -2.70
C ALA C 303 -8.74 -31.52 -3.11
N LYS C 304 -10.00 -31.68 -2.71
CA LYS C 304 -11.00 -30.66 -3.01
C LYS C 304 -10.59 -29.36 -2.35
N ARG C 305 -10.77 -28.26 -3.06
CA ARG C 305 -10.47 -26.92 -2.56
C ARG C 305 -11.74 -26.10 -2.61
N LYS C 306 -12.17 -25.59 -1.47
CA LYS C 306 -13.46 -24.94 -1.38
C LYS C 306 -13.34 -23.48 -1.77
N THR C 307 -14.40 -22.96 -2.38
CA THR C 307 -14.37 -21.64 -2.97
C THR C 307 -14.26 -20.58 -1.88
N GLN C 308 -13.83 -19.39 -2.29
CA GLN C 308 -13.86 -18.22 -1.45
C GLN C 308 -14.83 -17.15 -1.94
N HIS C 309 -15.59 -17.45 -2.99
CA HIS C 309 -16.64 -16.58 -3.49
C HIS C 309 -17.96 -16.95 -2.83
N PRO C 310 -18.98 -16.12 -2.95
CA PRO C 310 -20.30 -16.48 -2.40
C PRO C 310 -20.86 -17.74 -3.05
N LEU C 311 -21.55 -18.54 -2.23
CA LEU C 311 -22.20 -19.75 -2.73
C LEU C 311 -23.40 -19.39 -3.59
N LEU C 312 -23.45 -19.92 -4.77
CA LEU C 312 -24.48 -19.48 -5.70
C LEU C 312 -25.74 -20.34 -5.55
N PRO C 313 -26.90 -19.77 -5.84
CA PRO C 313 -28.13 -20.57 -5.87
C PRO C 313 -28.35 -21.21 -7.23
N GLY C 314 -28.92 -22.41 -7.20
CA GLY C 314 -29.24 -23.09 -8.44
C GLY C 314 -29.93 -24.40 -8.17
N ALA C 315 -30.33 -25.04 -9.27
CA ALA C 315 -30.93 -26.38 -9.19
C ALA C 315 -30.12 -27.30 -8.29
N ILE C 316 -28.80 -27.22 -8.36
CA ILE C 316 -27.92 -27.84 -7.37
C ILE C 316 -27.55 -26.76 -6.36
N ALA C 317 -27.96 -26.93 -5.11
CA ALA C 317 -27.68 -25.90 -4.12
C ALA C 317 -26.17 -25.74 -3.92
N GLU C 318 -25.72 -24.49 -3.91
CA GLU C 318 -24.33 -24.16 -3.60
C GLU C 318 -23.40 -24.97 -4.47
N PHE C 319 -23.61 -24.89 -5.79
CA PHE C 319 -22.90 -25.78 -6.67
C PHE C 319 -21.44 -25.39 -6.80
N ASN C 320 -21.11 -24.13 -6.59
CA ASN C 320 -19.72 -23.69 -6.67
C ASN C 320 -18.97 -23.86 -5.36
N GLN C 321 -19.44 -24.73 -4.46
CA GLN C 321 -18.83 -24.81 -3.14
C GLN C 321 -17.36 -25.20 -3.22
N TYR C 322 -16.99 -26.02 -4.20
CA TYR C 322 -15.60 -26.44 -4.37
C TYR C 322 -15.10 -26.01 -5.75
N GLU C 323 -15.58 -24.83 -6.17
CA GLU C 323 -15.20 -24.22 -7.44
C GLU C 323 -13.71 -24.26 -7.69
N PHE C 324 -12.89 -24.21 -6.64
CA PHE C 324 -11.45 -24.01 -6.76
C PHE C 324 -10.67 -25.31 -6.88
N SER C 325 -11.35 -26.42 -7.12
CA SER C 325 -10.68 -27.70 -7.31
C SER C 325 -10.26 -27.87 -8.77
N ARG C 326 -9.28 -28.75 -8.98
CA ARG C 326 -8.85 -29.10 -10.33
C ARG C 326 -9.56 -30.35 -10.83
N ALA C 327 -9.70 -30.45 -12.16
CA ALA C 327 -10.44 -31.55 -12.75
C ALA C 327 -9.54 -32.77 -12.91
N MET C 328 -10.07 -33.93 -12.56
CA MET C 328 -9.47 -35.23 -12.84
C MET C 328 -10.41 -36.02 -13.72
N ARG C 329 -9.85 -37.08 -14.31
CA ARG C 329 -10.66 -38.05 -15.03
C ARG C 329 -11.30 -39.00 -14.01
N HIS C 330 -12.52 -39.42 -14.29
CA HIS C 330 -13.23 -40.25 -13.32
C HIS C 330 -12.42 -41.49 -12.98
N LYS C 331 -11.72 -42.05 -13.97
CA LYS C 331 -10.97 -43.28 -13.75
C LYS C 331 -9.83 -43.07 -12.76
N ASP C 332 -9.17 -41.92 -12.83
CA ASP C 332 -7.99 -41.67 -12.01
C ASP C 332 -8.34 -41.33 -10.57
N CYS C 333 -9.61 -41.11 -10.26
CA CYS C 333 -9.99 -40.75 -8.91
C CYS C 333 -10.11 -41.98 -8.04
N GLN C 334 -9.71 -41.83 -6.78
CA GLN C 334 -9.94 -42.89 -5.81
C GLN C 334 -11.26 -42.68 -5.09
N ASN C 335 -11.62 -41.42 -4.82
CA ASN C 335 -12.94 -41.05 -4.31
C ASN C 335 -13.48 -39.88 -5.12
N PRO C 336 -14.04 -40.14 -6.29
CA PRO C 336 -14.44 -39.02 -7.18
C PRO C 336 -15.47 -38.14 -6.52
N LEU C 337 -15.34 -36.83 -6.78
CA LEU C 337 -16.28 -35.82 -6.30
C LEU C 337 -16.66 -34.89 -7.43
N ARG C 338 -17.95 -34.61 -7.57
CA ARG C 338 -18.41 -33.70 -8.61
C ARG C 338 -18.28 -32.25 -8.15
N VAL C 339 -17.77 -31.41 -9.04
CA VAL C 339 -17.52 -30.01 -8.75
C VAL C 339 -18.00 -29.19 -9.94
N TYR C 340 -18.51 -28.00 -9.65
CA TYR C 340 -19.15 -27.17 -10.64
C TYR C 340 -18.67 -25.74 -10.47
N SER C 341 -18.84 -24.94 -11.53
CA SER C 341 -18.49 -23.54 -11.47
C SER C 341 -19.26 -22.78 -12.53
N HIS C 342 -19.43 -21.50 -12.29
CA HIS C 342 -20.13 -20.66 -13.26
C HIS C 342 -19.55 -19.26 -13.22
N ILE C 343 -19.42 -18.67 -14.41
CA ILE C 343 -18.94 -17.31 -14.58
C ILE C 343 -19.84 -16.61 -15.58
N ALA C 344 -20.04 -15.31 -15.38
CA ALA C 344 -20.91 -14.52 -16.23
C ALA C 344 -20.09 -13.91 -17.36
N PRO C 345 -20.76 -13.33 -18.35
CA PRO C 345 -20.03 -12.72 -19.47
C PRO C 345 -19.06 -11.67 -18.99
N TYR C 346 -17.96 -11.53 -19.73
CA TYR C 346 -16.94 -10.55 -19.43
C TYR C 346 -17.48 -9.14 -19.69
N MET C 347 -17.14 -8.21 -18.79
CA MET C 347 -17.47 -6.79 -18.95
C MET C 347 -18.85 -6.60 -19.55
N GLY C 348 -19.84 -7.28 -18.96
CA GLY C 348 -21.22 -7.10 -19.36
C GLY C 348 -21.49 -7.42 -20.82
N GLY C 349 -20.72 -8.35 -21.40
CA GLY C 349 -20.95 -8.75 -22.76
C GLY C 349 -20.67 -7.64 -23.74
N PRO C 350 -20.89 -7.91 -25.01
CA PRO C 350 -20.49 -6.97 -26.07
C PRO C 350 -21.55 -5.89 -26.29
N GLU C 351 -21.24 -5.00 -27.24
CA GLU C 351 -22.22 -3.99 -27.67
C GLU C 351 -23.30 -4.62 -28.52
N LYS C 352 -22.93 -5.48 -29.47
CA LYS C 352 -23.85 -6.18 -30.35
C LYS C 352 -23.66 -7.69 -30.21
N ILE C 353 -24.77 -8.42 -30.36
CA ILE C 353 -24.76 -9.89 -30.24
C ILE C 353 -23.59 -10.46 -31.03
N MET C 354 -23.54 -10.19 -32.34
CA MET C 354 -22.38 -10.51 -33.17
C MET C 354 -22.28 -12.01 -33.48
N ASN C 355 -21.07 -12.55 -33.38
CA ASN C 355 -20.74 -13.89 -33.87
C ASN C 355 -20.94 -14.91 -32.75
N THR C 356 -22.20 -15.20 -32.47
CA THR C 356 -22.53 -16.07 -31.35
C THR C 356 -22.09 -17.52 -31.55
N ASN C 357 -21.50 -17.87 -32.69
CA ASN C 357 -21.26 -19.27 -33.03
C ASN C 357 -19.82 -19.71 -32.76
N GLY C 358 -18.85 -19.00 -33.32
CA GLY C 358 -17.46 -19.37 -33.10
C GLY C 358 -16.99 -19.19 -31.67
N ALA C 359 -17.82 -18.59 -30.80
CA ALA C 359 -17.41 -18.32 -29.43
C ALA C 359 -17.16 -19.60 -28.66
N GLY C 360 -18.12 -20.54 -28.71
CA GLY C 360 -17.91 -21.82 -28.06
C GLY C 360 -16.66 -22.50 -28.56
N ASP C 361 -16.45 -22.50 -29.88
CA ASP C 361 -15.21 -23.05 -30.42
C ASP C 361 -13.98 -22.35 -29.84
N GLY C 362 -14.12 -21.12 -29.36
CA GLY C 362 -13.00 -20.42 -28.77
C GLY C 362 -12.80 -20.78 -27.31
N ALA C 363 -13.90 -20.77 -26.55
CA ALA C 363 -13.81 -21.15 -25.14
C ALA C 363 -13.21 -22.54 -24.97
N LEU C 364 -13.52 -23.46 -25.89
CA LEU C 364 -12.92 -24.79 -25.86
C LEU C 364 -11.40 -24.69 -26.03
N ALA C 365 -10.96 -23.93 -27.03
CA ALA C 365 -9.52 -23.77 -27.26
C ALA C 365 -8.79 -23.40 -25.99
N ALA C 366 -9.37 -22.48 -25.21
CA ALA C 366 -8.79 -22.10 -23.93
C ALA C 366 -8.64 -23.29 -22.99
N LEU C 367 -9.71 -24.09 -22.85
CA LEU C 367 -9.65 -25.25 -21.98
C LEU C 367 -8.57 -26.21 -22.45
N LEU C 368 -8.50 -26.43 -23.76
CA LEU C 368 -7.43 -27.27 -24.31
C LEU C 368 -6.07 -26.74 -23.86
N HIS C 369 -5.88 -25.42 -23.95
CA HIS C 369 -4.65 -24.80 -23.50
C HIS C 369 -4.29 -25.22 -22.08
N ASP C 370 -5.24 -25.08 -21.16
CA ASP C 370 -4.96 -25.43 -19.78
C ASP C 370 -4.62 -26.91 -19.65
N ILE C 371 -5.32 -27.76 -20.41
CA ILE C 371 -5.10 -29.20 -20.32
C ILE C 371 -3.76 -29.57 -20.91
N THR C 372 -3.40 -28.94 -22.03
CA THR C 372 -2.07 -29.13 -22.60
C THR C 372 -1.00 -28.69 -21.60
N ALA C 373 -1.24 -27.55 -20.94
CA ALA C 373 -0.27 -27.01 -20.00
C ALA C 373 0.05 -27.98 -18.89
N ASN C 374 -0.95 -28.72 -18.41
CA ASN C 374 -0.68 -29.70 -17.35
C ASN C 374 0.29 -30.76 -17.84
N SER C 375 0.09 -31.25 -19.07
CA SER C 375 1.01 -32.24 -19.63
C SER C 375 2.41 -31.64 -19.77
N TYR C 376 2.50 -30.34 -20.06
CA TYR C 376 3.80 -29.73 -20.27
C TYR C 376 4.53 -29.57 -18.94
N HIS C 377 3.87 -28.97 -17.95
CA HIS C 377 4.53 -28.77 -16.67
C HIS C 377 4.88 -30.09 -16.01
N ARG C 378 4.16 -31.16 -16.35
CA ARG C 378 4.46 -32.46 -15.77
C ARG C 378 5.69 -33.08 -16.41
N SER C 379 5.88 -32.89 -17.70
CA SER C 379 7.03 -33.50 -18.35
C SER C 379 8.31 -32.76 -17.99
N ASN C 380 8.20 -31.48 -17.65
CA ASN C 380 9.38 -30.69 -17.31
C ASN C 380 9.65 -30.64 -15.81
N VAL C 381 8.62 -30.85 -14.98
CA VAL C 381 8.77 -30.74 -13.54
C VAL C 381 8.00 -31.86 -12.85
N PRO C 382 8.43 -33.12 -12.97
CA PRO C 382 7.64 -34.21 -12.38
C PRO C 382 7.54 -34.15 -10.88
N ASN C 383 8.45 -33.46 -10.20
CA ASN C 383 8.50 -33.46 -8.75
C ASN C 383 7.49 -32.53 -8.11
N SER C 384 6.78 -31.74 -8.90
CA SER C 384 6.09 -30.59 -8.36
C SER C 384 4.84 -31.01 -7.58
N SER C 385 4.43 -30.12 -6.67
CA SER C 385 3.18 -30.31 -5.95
C SER C 385 1.99 -30.29 -6.90
N LYS C 386 2.17 -29.73 -8.09
CA LYS C 386 1.07 -29.71 -9.05
C LYS C 386 0.81 -31.07 -9.64
N HIS C 387 1.53 -32.10 -9.19
CA HIS C 387 1.37 -33.42 -9.77
C HIS C 387 1.48 -34.53 -8.73
N LYS C 388 1.96 -35.70 -9.16
CA LYS C 388 1.92 -36.90 -8.33
C LYS C 388 0.52 -37.11 -7.78
N PHE C 389 -0.48 -36.57 -8.50
CA PHE C 389 -1.88 -36.89 -8.33
C PHE C 389 -2.57 -37.21 -9.65
N THR C 390 -1.93 -36.95 -10.79
CA THR C 390 -2.48 -37.20 -12.12
C THR C 390 -3.77 -36.42 -12.33
N TRP C 391 -3.64 -35.13 -12.66
CA TRP C 391 -4.76 -34.25 -12.89
C TRP C 391 -5.11 -34.19 -14.37
N LEU C 392 -6.25 -33.56 -14.66
CA LEU C 392 -6.62 -33.30 -16.04
C LEU C 392 -6.29 -31.87 -16.43
N THR C 393 -6.71 -30.90 -15.61
CA THR C 393 -6.45 -29.49 -15.87
C THR C 393 -5.37 -28.98 -14.93
N TYR C 394 -4.59 -28.02 -15.43
CA TYR C 394 -3.54 -27.43 -14.62
C TYR C 394 -4.13 -26.51 -13.56
N SER C 395 -5.19 -25.80 -13.90
CA SER C 395 -5.82 -24.82 -13.03
C SER C 395 -7.16 -25.36 -12.54
N SER C 396 -7.79 -24.59 -11.67
CA SER C 396 -9.09 -24.95 -11.12
C SER C 396 -10.20 -24.61 -12.10
N LEU C 397 -11.36 -25.20 -11.88
CA LEU C 397 -12.51 -24.93 -12.73
C LEU C 397 -12.81 -23.43 -12.79
N ALA C 398 -12.78 -22.78 -11.63
CA ALA C 398 -13.02 -21.34 -11.60
C ALA C 398 -11.98 -20.58 -12.42
N GLN C 399 -10.70 -20.94 -12.28
CA GLN C 399 -9.66 -20.22 -13.00
C GLN C 399 -9.78 -20.46 -14.51
N VAL C 400 -10.10 -21.69 -14.91
CA VAL C 400 -10.25 -22.00 -16.33
C VAL C 400 -11.44 -21.26 -16.92
N CYS C 401 -12.52 -21.11 -16.16
CA CYS C 401 -13.64 -20.30 -16.61
C CYS C 401 -13.23 -18.85 -16.82
N LYS C 402 -12.43 -18.28 -15.90
CA LYS C 402 -11.94 -16.93 -16.14
C LYS C 402 -11.34 -16.85 -17.53
N TYR C 403 -10.49 -17.83 -17.86
CA TYR C 403 -9.80 -17.85 -19.15
C TYR C 403 -10.76 -18.07 -20.30
N ALA C 404 -11.54 -19.14 -20.25
CA ALA C 404 -12.43 -19.43 -21.37
C ALA C 404 -13.44 -18.31 -21.56
N ASN C 405 -13.97 -17.75 -20.48
CA ASN C 405 -14.94 -16.66 -20.62
C ASN C 405 -14.32 -15.48 -21.33
N ARG C 406 -13.06 -15.17 -20.99
CA ARG C 406 -12.34 -14.09 -21.63
C ARG C 406 -12.19 -14.33 -23.13
N VAL C 407 -11.88 -15.57 -23.52
CA VAL C 407 -11.69 -15.88 -24.92
C VAL C 407 -13.00 -15.75 -25.69
N SER C 408 -14.10 -16.23 -25.12
CA SER C 408 -15.38 -16.06 -25.79
C SER C 408 -15.67 -14.59 -26.08
N TYR C 409 -15.33 -13.71 -25.14
CA TYR C 409 -15.55 -12.28 -25.38
C TYR C 409 -14.75 -11.82 -26.57
N GLN C 410 -13.54 -12.35 -26.75
CA GLN C 410 -12.69 -11.92 -27.85
C GLN C 410 -13.28 -12.29 -29.21
N VAL C 411 -13.81 -13.51 -29.32
CA VAL C 411 -14.38 -13.96 -30.59
C VAL C 411 -15.68 -13.25 -30.88
N LEU C 412 -16.40 -12.80 -29.84
CA LEU C 412 -17.69 -12.20 -30.06
C LEU C 412 -17.55 -10.80 -30.63
N ASN C 413 -16.55 -10.05 -30.15
CA ASN C 413 -16.32 -8.69 -30.62
C ASN C 413 -15.69 -8.65 -32.00
N GLN C 414 -15.42 -9.80 -32.62
CA GLN C 414 -14.94 -9.86 -33.98
C GLN C 414 -15.84 -10.70 -34.88
N HIS C 415 -15.65 -10.51 -36.19
CA HIS C 415 -16.48 -11.20 -37.17
C HIS C 415 -16.10 -12.67 -37.27
N SER C 416 -14.83 -12.94 -37.56
CA SER C 416 -14.40 -14.30 -37.86
C SER C 416 -14.39 -15.18 -36.60
N PRO C 417 -14.49 -16.50 -36.78
CA PRO C 417 -14.33 -17.41 -35.65
C PRO C 417 -12.89 -17.82 -35.37
N ARG C 418 -11.94 -17.43 -36.22
CA ARG C 418 -10.55 -17.75 -35.99
C ARG C 418 -9.84 -16.51 -35.44
N LEU C 419 -8.97 -16.74 -34.47
CA LEU C 419 -8.18 -15.68 -33.86
C LEU C 419 -6.91 -15.50 -34.67
N THR C 420 -6.35 -14.29 -34.63
CA THR C 420 -5.09 -14.00 -35.30
C THR C 420 -4.01 -13.52 -34.36
N ARG C 421 -4.36 -13.04 -33.17
CA ARG C 421 -3.40 -12.55 -32.19
C ARG C 421 -3.77 -13.18 -30.85
N GLY C 422 -2.78 -13.75 -30.18
CA GLY C 422 -3.01 -14.35 -28.89
C GLY C 422 -3.58 -13.38 -27.88
N LEU C 423 -3.61 -13.77 -26.73
CA LEU C 423 -4.18 -12.93 -25.71
C LEU C 423 -3.11 -12.00 -25.12
N PRO C 424 -3.46 -10.80 -24.65
CA PRO C 424 -2.44 -9.89 -24.11
C PRO C 424 -1.99 -10.32 -22.71
N GLU C 425 -0.68 -10.49 -22.53
CA GLU C 425 -0.18 -11.00 -21.26
C GLU C 425 0.19 -9.84 -20.36
N ARG C 426 0.13 -10.06 -19.05
CA ARG C 426 0.37 -8.99 -18.09
C ARG C 426 1.87 -8.71 -18.04
N GLU C 427 2.22 -7.44 -18.15
CA GLU C 427 3.60 -7.03 -17.96
C GLU C 427 3.80 -6.57 -16.52
N ASP C 428 4.95 -6.92 -15.95
CA ASP C 428 5.26 -6.54 -14.59
C ASP C 428 5.49 -5.03 -14.52
N SER C 429 5.87 -4.55 -13.34
CA SER C 429 6.15 -3.13 -13.17
C SER C 429 7.41 -2.73 -13.94
N LEU C 430 8.42 -3.59 -13.93
CA LEU C 430 9.68 -3.27 -14.60
C LEU C 430 9.47 -2.99 -16.08
N GLU C 431 8.80 -3.90 -16.77
CA GLU C 431 8.51 -3.65 -18.19
C GLU C 431 7.69 -2.39 -18.36
N GLU C 432 6.70 -2.19 -17.49
CA GLU C 432 5.83 -1.02 -17.62
C GLU C 432 6.63 0.27 -17.61
N SER C 433 7.55 0.41 -16.65
CA SER C 433 8.36 1.62 -16.59
C SER C 433 9.19 1.79 -17.87
N TYR C 434 9.66 0.69 -18.46
CA TYR C 434 10.41 0.78 -19.71
C TYR C 434 9.57 1.49 -20.77
N TRP C 435 8.34 1.04 -20.97
CA TRP C 435 7.49 1.68 -21.97
C TRP C 435 7.09 3.07 -21.54
N ASP C 436 6.92 3.30 -20.24
CA ASP C 436 6.55 4.63 -19.76
C ASP C 436 7.74 5.56 -19.80
N ARG C 437 8.95 5.00 -19.70
CA ARG C 437 10.18 5.77 -19.76
C ARG C 437 10.11 6.73 -20.95
N HIS D 3 -8.54 -2.65 -38.50
CA HIS D 3 -8.47 -3.54 -37.34
C HIS D 3 -7.04 -3.71 -36.81
N MET D 4 -6.21 -2.69 -37.03
CA MET D 4 -4.79 -2.76 -36.72
C MET D 4 -4.47 -2.46 -35.26
N LYS D 5 -3.42 -3.13 -34.76
CA LYS D 5 -2.96 -2.97 -33.39
C LYS D 5 -2.14 -1.68 -33.25
N PHE D 6 -1.88 -1.30 -31.99
CA PHE D 6 -1.08 -0.11 -31.68
C PHE D 6 0.40 -0.46 -31.58
N PRO D 7 1.32 0.42 -32.08
CA PRO D 7 2.76 0.12 -32.06
C PRO D 7 3.38 0.38 -30.69
N GLY D 8 3.75 -0.68 -29.99
CA GLY D 8 4.33 -0.54 -28.69
C GLY D 8 3.32 -0.64 -27.58
N LYS D 9 3.83 -0.53 -26.36
CA LYS D 9 3.04 -0.70 -25.16
C LYS D 9 3.02 0.56 -24.30
N ARG D 10 3.31 1.70 -24.90
CA ARG D 10 3.35 2.93 -24.12
C ARG D 10 1.95 3.48 -23.91
N LYS D 11 1.79 4.22 -22.83
CA LYS D 11 0.53 4.94 -22.61
C LYS D 11 0.47 6.11 -23.57
N SER D 12 -0.63 6.21 -24.33
CA SER D 12 -0.75 7.18 -25.41
C SER D 12 -1.61 8.36 -25.00
N LYS D 13 -1.22 9.56 -25.45
CA LYS D 13 -2.04 10.74 -25.21
C LYS D 13 -3.32 10.71 -26.05
N HIS D 14 -3.20 10.34 -27.33
CA HIS D 14 -4.34 10.25 -28.22
C HIS D 14 -4.88 8.83 -28.28
N TYR D 15 -6.21 8.73 -28.38
CA TYR D 15 -6.86 7.44 -28.39
C TYR D 15 -6.72 6.76 -29.74
N PHE D 16 -6.28 5.49 -29.72
CA PHE D 16 -6.10 4.71 -30.92
C PHE D 16 -7.27 3.75 -31.09
N PRO D 17 -7.98 3.81 -32.22
CA PRO D 17 -9.21 3.02 -32.33
C PRO D 17 -9.00 1.52 -32.37
N VAL D 18 -7.91 1.04 -32.97
CA VAL D 18 -7.64 -0.39 -33.09
C VAL D 18 -8.55 -1.05 -34.13
N ASN D 19 -9.81 -1.28 -33.79
CA ASN D 19 -10.76 -1.88 -34.73
C ASN D 19 -11.65 -0.79 -35.32
N ALA D 20 -11.77 -0.76 -36.65
CA ALA D 20 -12.51 0.32 -37.32
C ALA D 20 -13.98 0.28 -37.02
N ARG D 21 -14.44 -0.73 -36.27
CA ARG D 21 -15.82 -0.80 -35.84
C ARG D 21 -16.14 0.22 -34.75
N ASP D 22 -15.14 0.54 -33.90
CA ASP D 22 -15.21 1.39 -32.72
C ASP D 22 -16.35 2.41 -32.79
N PRO D 23 -17.15 2.53 -31.74
CA PRO D 23 -18.37 3.35 -31.83
C PRO D 23 -18.15 4.79 -32.25
N LEU D 24 -17.10 5.46 -31.73
CA LEU D 24 -16.94 6.89 -32.02
C LEU D 24 -16.45 7.12 -33.45
N LEU D 25 -15.77 6.13 -34.02
CA LEU D 25 -15.32 6.24 -35.40
C LEU D 25 -16.50 6.24 -36.36
N GLN D 26 -17.28 5.16 -36.36
CA GLN D 26 -18.38 5.03 -37.32
C GLN D 26 -19.41 6.14 -37.17
N GLN D 27 -19.37 6.92 -36.09
CA GLN D 27 -20.26 8.07 -35.97
C GLN D 27 -19.91 9.17 -36.96
N PHE D 28 -18.65 9.25 -37.39
CA PHE D 28 -18.21 10.28 -38.32
C PHE D 28 -17.45 9.74 -39.52
N GLN D 29 -17.11 8.45 -39.55
CA GLN D 29 -16.48 7.88 -40.73
C GLN D 29 -17.49 7.72 -41.86
N PRO D 30 -17.04 7.75 -43.11
CA PRO D 30 -17.98 7.58 -44.24
C PRO D 30 -18.57 6.18 -44.26
N GLU D 31 -19.54 6.01 -45.15
CA GLU D 31 -20.16 4.70 -45.30
C GLU D 31 -19.13 3.64 -45.71
N ASN D 32 -18.34 3.93 -46.75
CA ASN D 32 -17.21 3.08 -47.10
C ASN D 32 -15.99 3.62 -46.36
N GLU D 33 -15.76 3.08 -45.16
CA GLU D 33 -14.66 3.49 -44.30
C GLU D 33 -13.36 2.89 -44.83
N THR D 34 -12.91 3.42 -45.98
CA THR D 34 -11.85 2.83 -46.79
C THR D 34 -10.75 2.20 -45.95
N SER D 35 -10.41 2.81 -44.80
CA SER D 35 -9.42 2.25 -43.89
C SER D 35 -8.25 1.69 -44.69
N ALA D 36 -7.99 0.39 -44.55
CA ALA D 36 -7.12 -0.35 -45.47
C ALA D 36 -5.71 0.23 -45.49
N ALA D 37 -5.00 0.01 -44.38
CA ALA D 37 -3.59 0.34 -44.26
C ALA D 37 -2.77 -0.95 -44.22
N TRP D 38 -1.79 -1.07 -45.11
CA TRP D 38 -1.00 -2.29 -45.16
C TRP D 38 0.38 -1.99 -45.72
N VAL D 39 1.19 -3.04 -45.79
CA VAL D 39 2.59 -2.93 -46.19
C VAL D 39 2.92 -4.06 -47.14
N VAL D 40 3.71 -3.75 -48.17
CA VAL D 40 4.06 -4.69 -49.22
C VAL D 40 5.57 -4.78 -49.33
N GLY D 41 6.04 -5.97 -49.67
CA GLY D 41 7.46 -6.22 -49.79
C GLY D 41 7.72 -7.23 -50.88
N ILE D 42 8.98 -7.27 -51.31
CA ILE D 42 9.45 -8.18 -52.34
C ILE D 42 10.54 -9.05 -51.72
N ASP D 43 10.55 -10.34 -52.08
CA ASP D 43 11.57 -11.21 -51.52
C ASP D 43 11.79 -12.40 -52.45
N GLN D 44 12.94 -13.05 -52.25
CA GLN D 44 13.25 -14.31 -52.90
C GLN D 44 12.68 -15.43 -52.04
N THR D 45 11.53 -15.95 -52.47
CA THR D 45 10.83 -17.00 -51.74
C THR D 45 11.80 -18.11 -51.32
N LEU D 46 12.13 -18.14 -50.03
CA LEU D 46 13.20 -18.96 -49.50
C LEU D 46 12.72 -19.73 -48.28
N VAL D 47 13.47 -20.78 -47.92
CA VAL D 47 13.16 -21.64 -46.78
C VAL D 47 14.42 -21.89 -45.96
N ASP D 48 14.37 -21.57 -44.66
CA ASP D 48 15.48 -21.83 -43.77
C ASP D 48 15.56 -23.32 -43.41
N ILE D 49 16.79 -23.83 -43.40
CA ILE D 49 17.08 -25.19 -42.94
C ILE D 49 18.30 -25.08 -42.02
N GLU D 50 18.06 -25.05 -40.72
CA GLU D 50 19.10 -24.72 -39.76
C GLU D 50 19.76 -25.98 -39.23
N ALA D 51 21.05 -25.88 -38.92
CA ALA D 51 21.83 -27.02 -38.44
C ALA D 51 23.19 -26.55 -37.96
N LYS D 52 23.76 -27.30 -37.01
CA LYS D 52 25.12 -27.05 -36.51
C LYS D 52 26.12 -27.93 -37.27
N VAL D 53 27.32 -27.39 -37.47
CA VAL D 53 28.33 -28.05 -38.30
C VAL D 53 29.73 -27.69 -37.77
N ASP D 54 30.74 -28.44 -38.26
CA ASP D 54 32.13 -28.13 -38.00
C ASP D 54 32.61 -26.98 -38.88
N ASP D 55 33.63 -26.27 -38.40
CA ASP D 55 34.24 -25.23 -39.21
C ASP D 55 34.90 -25.78 -40.47
N GLU D 56 35.30 -27.06 -40.47
CA GLU D 56 35.78 -27.68 -41.71
C GLU D 56 34.63 -27.93 -42.68
N PHE D 57 33.43 -28.21 -42.17
CA PHE D 57 32.27 -28.39 -43.03
C PHE D 57 32.09 -27.17 -43.93
N ILE D 58 32.53 -26.01 -43.46
CA ILE D 58 32.40 -24.77 -44.21
C ILE D 58 33.23 -24.81 -45.48
N GLU D 59 34.54 -25.08 -45.35
CA GLU D 59 35.40 -25.05 -46.52
C GLU D 59 35.04 -26.15 -47.51
N ARG D 60 34.42 -27.25 -47.05
CA ARG D 60 34.13 -28.36 -47.95
C ARG D 60 33.12 -27.99 -49.02
N TYR D 61 32.36 -26.91 -48.84
CA TYR D 61 31.38 -26.47 -49.83
C TYR D 61 31.61 -25.04 -50.29
N GLY D 62 32.83 -24.52 -50.12
CA GLY D 62 33.16 -23.22 -50.63
C GLY D 62 32.51 -22.06 -49.92
N LEU D 63 32.31 -22.18 -48.60
CA LEU D 63 31.68 -21.15 -47.80
C LEU D 63 32.69 -20.53 -46.83
N SER D 64 32.33 -19.35 -46.31
CA SER D 64 33.09 -18.66 -45.28
C SER D 64 32.17 -18.25 -44.15
N ALA D 65 32.71 -18.24 -42.93
CA ALA D 65 31.88 -18.00 -41.74
C ALA D 65 31.31 -16.59 -41.78
N GLY D 66 30.00 -16.49 -41.50
CA GLY D 66 29.33 -15.20 -41.44
C GLY D 66 28.83 -14.68 -42.76
N HIS D 67 28.95 -15.44 -43.83
CA HIS D 67 28.55 -14.99 -45.16
C HIS D 67 27.13 -15.40 -45.50
N SER D 68 26.64 -14.85 -46.61
CA SER D 68 25.45 -15.31 -47.31
C SER D 68 25.87 -15.52 -48.75
N LEU D 69 26.21 -16.77 -49.11
CA LEU D 69 26.81 -17.10 -50.39
C LEU D 69 25.89 -17.97 -51.23
N VAL D 70 25.74 -17.60 -52.51
CA VAL D 70 25.10 -18.49 -53.44
C VAL D 70 26.03 -19.67 -53.71
N ILE D 71 25.45 -20.83 -54.01
CA ILE D 71 26.21 -22.02 -54.30
C ILE D 71 25.56 -22.70 -55.50
N GLU D 72 26.37 -23.49 -56.21
CA GLU D 72 25.88 -24.17 -57.40
C GLU D 72 24.82 -25.19 -57.00
N ASP D 73 24.07 -25.66 -57.99
CA ASP D 73 22.97 -26.57 -57.71
C ASP D 73 23.49 -27.89 -57.16
N ASP D 74 24.64 -28.35 -57.66
CA ASP D 74 25.22 -29.59 -57.17
C ASP D 74 25.86 -29.40 -55.79
N VAL D 75 26.49 -28.25 -55.55
CA VAL D 75 27.07 -27.99 -54.23
C VAL D 75 25.98 -28.05 -53.16
N ALA D 76 24.78 -27.58 -53.51
CA ALA D 76 23.67 -27.65 -52.57
C ALA D 76 23.17 -29.08 -52.42
N GLU D 77 23.04 -29.81 -53.53
CA GLU D 77 22.58 -31.19 -53.45
C GLU D 77 23.56 -32.05 -52.67
N ALA D 78 24.87 -31.78 -52.81
CA ALA D 78 25.86 -32.53 -52.05
C ALA D 78 25.82 -32.15 -50.58
N LEU D 79 25.66 -30.85 -50.29
CA LEU D 79 25.57 -30.40 -48.91
C LEU D 79 24.28 -30.91 -48.26
N TYR D 80 23.18 -30.84 -48.99
CA TYR D 80 21.90 -31.35 -48.47
C TYR D 80 22.02 -32.81 -48.06
N GLN D 81 22.73 -33.60 -48.86
CA GLN D 81 22.81 -35.04 -48.60
C GLN D 81 23.64 -35.34 -47.35
N GLU D 82 24.70 -34.55 -47.12
CA GLU D 82 25.52 -34.79 -45.93
C GLU D 82 24.80 -34.41 -44.64
N LEU D 83 23.90 -33.42 -44.70
CA LEU D 83 23.19 -33.00 -43.50
C LEU D 83 22.15 -34.04 -43.08
N LYS D 84 21.51 -34.69 -44.07
CA LYS D 84 20.54 -35.74 -43.78
C LYS D 84 21.23 -37.01 -43.28
N GLN D 85 22.40 -37.33 -43.86
CA GLN D 85 23.17 -38.50 -43.44
C GLN D 85 23.43 -38.47 -41.94
N LYS D 86 24.17 -37.46 -41.49
CA LYS D 86 24.53 -37.35 -40.08
C LYS D 86 23.36 -36.99 -39.19
N ASN D 87 22.15 -36.85 -39.73
CA ASN D 87 21.00 -36.38 -38.96
C ASN D 87 21.36 -35.10 -38.21
N LEU D 88 21.57 -34.04 -38.99
CA LEU D 88 22.07 -32.78 -38.49
C LEU D 88 21.04 -31.66 -38.49
N ILE D 89 19.93 -31.81 -39.22
CA ILE D 89 18.96 -30.73 -39.34
C ILE D 89 18.22 -30.56 -38.02
N THR D 90 18.09 -29.30 -37.57
CA THR D 90 17.48 -28.98 -36.30
C THR D 90 16.15 -28.26 -36.40
N HIS D 91 15.89 -27.54 -37.48
CA HIS D 91 14.71 -26.67 -37.55
C HIS D 91 14.47 -26.33 -39.03
N GLN D 92 13.20 -26.32 -39.43
CA GLN D 92 12.82 -25.94 -40.79
C GLN D 92 11.60 -25.04 -40.76
N PHE D 93 11.72 -23.86 -41.37
CA PHE D 93 10.67 -22.86 -41.32
C PHE D 93 10.83 -21.94 -42.53
N ALA D 94 9.80 -21.12 -42.77
CA ALA D 94 9.88 -20.13 -43.83
C ALA D 94 10.95 -19.11 -43.51
N GLY D 95 11.53 -18.52 -44.56
CA GLY D 95 12.62 -17.57 -44.38
C GLY D 95 12.67 -16.45 -45.41
N GLY D 96 13.82 -15.78 -45.49
CA GLY D 96 13.98 -14.63 -46.34
C GLY D 96 13.97 -13.32 -45.56
N THR D 97 15.01 -12.51 -45.75
CA THR D 97 15.13 -11.27 -44.98
C THR D 97 13.85 -10.45 -45.05
N ILE D 98 13.23 -10.39 -46.23
CA ILE D 98 11.99 -9.64 -46.38
C ILE D 98 10.76 -10.50 -46.10
N GLY D 99 10.85 -11.81 -46.29
CA GLY D 99 9.76 -12.68 -45.87
C GLY D 99 9.54 -12.63 -44.37
N ASN D 100 10.62 -12.74 -43.60
CA ASN D 100 10.52 -12.55 -42.15
C ASN D 100 9.89 -11.21 -41.82
N THR D 101 10.38 -10.14 -42.43
CA THR D 101 9.92 -8.81 -42.07
C THR D 101 8.43 -8.66 -42.29
N MET D 102 7.93 -9.12 -43.44
CA MET D 102 6.50 -9.08 -43.70
C MET D 102 5.73 -10.01 -42.76
N HIS D 103 6.32 -11.15 -42.40
CA HIS D 103 5.69 -12.03 -41.41
C HIS D 103 5.60 -11.36 -40.05
N ASN D 104 6.75 -10.90 -39.53
CA ASN D 104 6.78 -10.27 -38.21
C ASN D 104 5.96 -8.99 -38.20
N TYR D 105 5.91 -8.26 -39.31
CA TYR D 105 5.05 -7.09 -39.32
C TYR D 105 3.62 -7.48 -38.97
N SER D 106 3.13 -8.55 -39.60
CA SER D 106 1.76 -8.97 -39.36
C SER D 106 1.56 -9.52 -37.95
N VAL D 107 2.58 -10.17 -37.39
CA VAL D 107 2.51 -10.64 -36.01
C VAL D 107 2.40 -9.44 -35.06
N LEU D 108 3.20 -8.41 -35.29
CA LEU D 108 3.19 -7.28 -34.37
C LEU D 108 1.91 -6.47 -34.53
N ALA D 109 1.45 -6.27 -35.76
CA ALA D 109 0.35 -5.35 -36.01
C ALA D 109 -1.01 -6.02 -36.17
N ASP D 110 -1.07 -7.31 -36.48
CA ASP D 110 -2.36 -7.97 -36.69
C ASP D 110 -3.13 -7.31 -37.83
N ASP D 111 -2.40 -6.78 -38.81
CA ASP D 111 -2.98 -6.26 -40.04
C ASP D 111 -2.27 -6.94 -41.20
N ARG D 112 -2.76 -6.70 -42.41
CA ARG D 112 -2.31 -7.50 -43.54
C ARG D 112 -0.97 -6.99 -44.07
N SER D 113 -0.19 -7.93 -44.58
CA SER D 113 1.04 -7.65 -45.29
C SER D 113 1.07 -8.50 -46.54
N VAL D 114 1.43 -7.88 -47.66
CA VAL D 114 1.50 -8.56 -48.96
C VAL D 114 2.95 -8.86 -49.27
N LEU D 115 3.20 -10.07 -49.74
CA LEU D 115 4.53 -10.51 -50.11
C LEU D 115 4.54 -10.80 -51.61
N LEU D 116 5.60 -10.38 -52.29
CA LEU D 116 5.76 -10.56 -53.72
C LEU D 116 6.99 -11.43 -53.99
N GLY D 117 6.80 -12.44 -54.84
CA GLY D 117 7.86 -13.41 -55.09
C GLY D 117 7.32 -14.58 -55.90
N VAL D 118 7.93 -15.73 -55.69
CA VAL D 118 7.64 -16.91 -56.49
C VAL D 118 7.03 -18.02 -55.66
N MET D 119 6.64 -19.13 -56.30
CA MET D 119 6.02 -20.27 -55.64
C MET D 119 5.78 -21.40 -56.64
N CYS D 120 6.13 -22.64 -56.26
CA CYS D 120 5.83 -23.80 -57.10
C CYS D 120 4.41 -23.71 -57.64
N SER D 121 4.25 -23.92 -58.95
CA SER D 121 2.93 -23.85 -59.55
C SER D 121 2.05 -25.02 -59.12
N ASN D 122 2.67 -26.16 -58.83
CA ASN D 122 1.97 -27.32 -58.26
C ASN D 122 2.60 -27.62 -56.92
N ILE D 123 1.78 -27.56 -55.87
CA ILE D 123 2.25 -27.69 -54.50
C ILE D 123 1.74 -29.01 -53.96
N GLU D 124 2.65 -29.94 -53.69
CA GLU D 124 2.31 -31.25 -53.17
C GLU D 124 2.58 -31.29 -51.67
N ILE D 125 1.77 -32.09 -50.98
CA ILE D 125 1.79 -32.11 -49.52
C ILE D 125 3.15 -32.61 -49.03
N GLY D 126 3.61 -32.01 -47.92
CA GLY D 126 4.89 -32.31 -47.34
C GLY D 126 6.07 -31.60 -47.97
N SER D 127 5.86 -30.88 -49.07
CA SER D 127 6.95 -30.26 -49.81
C SER D 127 7.43 -28.99 -49.10
N TYR D 128 8.42 -28.33 -49.72
CA TYR D 128 8.91 -27.06 -49.20
C TYR D 128 7.94 -25.92 -49.46
N ALA D 129 7.30 -25.92 -50.63
CA ALA D 129 6.28 -24.91 -50.92
C ALA D 129 5.08 -25.06 -49.99
N TYR D 130 4.71 -26.31 -49.67
CA TYR D 130 3.66 -26.54 -48.69
C TYR D 130 4.05 -25.90 -47.36
N ARG D 131 5.20 -26.29 -46.83
CA ARG D 131 5.68 -25.77 -45.55
C ARG D 131 5.60 -24.24 -45.53
N TYR D 132 6.06 -23.58 -46.59
CA TYR D 132 6.09 -22.12 -46.61
C TYR D 132 4.72 -21.53 -46.31
N LEU D 133 3.67 -22.18 -46.81
CA LEU D 133 2.32 -21.66 -46.59
C LEU D 133 1.84 -21.96 -45.17
N CYS D 134 1.93 -23.23 -44.74
CA CYS D 134 1.50 -23.62 -43.40
C CYS D 134 2.21 -22.80 -42.33
N ASN D 135 3.41 -22.29 -42.63
CA ASN D 135 4.23 -21.59 -41.64
C ASN D 135 4.09 -20.09 -41.68
N THR D 136 3.86 -19.53 -42.86
CA THR D 136 3.66 -18.09 -42.95
C THR D 136 2.50 -17.67 -42.07
N SER D 137 2.57 -16.44 -41.59
CA SER D 137 1.50 -15.86 -40.80
C SER D 137 0.17 -15.88 -41.55
N SER D 138 -0.90 -15.95 -40.77
CA SER D 138 -2.23 -15.89 -41.36
C SER D 138 -2.41 -14.57 -42.11
N ARG D 139 -2.25 -13.46 -41.40
CA ARG D 139 -2.52 -12.15 -42.01
C ARG D 139 -1.49 -11.75 -43.06
N THR D 140 -0.46 -12.54 -43.29
CA THR D 140 0.41 -12.33 -44.44
C THR D 140 -0.28 -12.89 -45.68
N ASP D 141 -0.49 -12.03 -46.68
CA ASP D 141 -1.25 -12.37 -47.88
C ASP D 141 -0.30 -12.83 -48.98
N LEU D 142 -0.46 -14.07 -49.43
CA LEU D 142 0.37 -14.64 -50.48
C LEU D 142 -0.39 -14.86 -51.80
N ASN D 143 -1.61 -14.33 -51.93
CA ASN D 143 -2.36 -14.54 -53.17
C ASN D 143 -1.68 -13.87 -54.35
N TYR D 144 -0.84 -12.88 -54.09
CA TYR D 144 -0.18 -12.16 -55.16
C TYR D 144 1.17 -12.74 -55.53
N LEU D 145 1.57 -13.88 -54.95
CA LEU D 145 2.79 -14.53 -55.39
C LEU D 145 2.66 -14.95 -56.85
N GLN D 146 3.79 -15.34 -57.44
CA GLN D 146 3.87 -15.78 -58.82
C GLN D 146 4.30 -17.23 -58.88
N GLY D 147 3.73 -17.96 -59.84
CA GLY D 147 4.10 -19.35 -60.02
C GLY D 147 5.39 -19.54 -60.79
N VAL D 148 6.11 -20.61 -60.45
CA VAL D 148 7.31 -21.01 -61.17
C VAL D 148 7.31 -22.53 -61.28
N ASP D 149 7.75 -23.04 -62.41
CA ASP D 149 7.78 -24.48 -62.64
C ASP D 149 8.95 -25.15 -61.94
N GLY D 150 9.71 -24.40 -61.14
CA GLY D 150 10.86 -24.95 -60.46
C GLY D 150 10.70 -24.85 -58.95
N PRO D 151 11.73 -25.23 -58.20
CA PRO D 151 11.66 -25.16 -56.75
C PRO D 151 12.01 -23.78 -56.23
N ILE D 152 11.46 -23.45 -55.06
CA ILE D 152 11.80 -22.20 -54.39
C ILE D 152 13.18 -22.36 -53.78
N GLY D 153 13.68 -21.29 -53.16
CA GLY D 153 15.04 -21.31 -52.65
C GLY D 153 15.17 -22.06 -51.34
N ARG D 154 16.38 -22.57 -51.10
CA ARG D 154 16.73 -23.27 -49.87
C ARG D 154 17.93 -22.57 -49.23
N CYS D 155 17.78 -22.16 -47.96
CA CYS D 155 18.85 -21.54 -47.20
C CYS D 155 19.32 -22.47 -46.07
N PHE D 156 20.56 -22.94 -46.17
CA PHE D 156 21.12 -23.84 -45.16
C PHE D 156 21.81 -22.98 -44.10
N THR D 157 21.07 -22.69 -43.03
CA THR D 157 21.60 -21.90 -41.92
C THR D 157 22.49 -22.78 -41.04
N LEU D 158 23.77 -22.42 -40.99
CA LEU D 158 24.79 -23.20 -40.31
C LEU D 158 25.29 -22.47 -39.06
N ILE D 159 25.20 -23.13 -37.91
CA ILE D 159 25.61 -22.56 -36.63
C ILE D 159 26.95 -23.15 -36.22
N GLY D 160 27.97 -22.28 -36.17
CA GLY D 160 29.29 -22.65 -35.68
C GLY D 160 29.32 -23.07 -34.22
N GLU D 161 28.25 -22.84 -33.47
CA GLU D 161 28.06 -23.19 -32.06
C GLU D 161 28.68 -22.16 -31.12
N SER D 162 29.51 -21.24 -31.60
CA SER D 162 30.03 -20.16 -30.78
C SER D 162 29.23 -18.88 -30.94
N GLY D 163 27.98 -18.99 -31.42
CA GLY D 163 27.15 -17.84 -31.72
C GLY D 163 27.13 -17.46 -33.19
N GLU D 164 27.79 -18.23 -34.05
CA GLU D 164 27.92 -17.88 -35.46
C GLU D 164 26.63 -18.15 -36.22
N ARG D 165 26.64 -17.76 -37.49
CA ARG D 165 25.45 -17.93 -38.33
C ARG D 165 25.90 -17.74 -39.79
N THR D 166 26.18 -18.85 -40.47
CA THR D 166 26.61 -18.82 -41.86
C THR D 166 25.44 -19.29 -42.72
N PHE D 167 25.34 -18.75 -43.93
CA PHE D 167 24.24 -19.06 -44.83
C PHE D 167 24.75 -19.57 -46.17
N ALA D 168 24.14 -20.65 -46.64
CA ALA D 168 24.42 -21.25 -47.95
C ALA D 168 23.10 -21.30 -48.72
N ILE D 169 23.05 -20.65 -49.87
CA ILE D 169 21.82 -20.41 -50.60
C ILE D 169 21.78 -21.26 -51.86
N SER D 170 20.71 -22.03 -52.02
CA SER D 170 20.44 -22.75 -53.26
C SER D 170 19.35 -21.98 -53.98
N PRO D 171 19.69 -21.07 -54.90
CA PRO D 171 18.68 -20.13 -55.41
C PRO D 171 17.45 -20.80 -56.01
N GLY D 172 17.61 -21.92 -56.70
CA GLY D 172 16.50 -22.48 -57.44
C GLY D 172 15.95 -21.46 -58.44
N HIS D 173 14.63 -21.26 -58.40
CA HIS D 173 13.95 -20.30 -59.27
C HIS D 173 13.55 -19.04 -58.52
N MET D 174 14.12 -18.82 -57.34
CA MET D 174 13.64 -17.75 -56.46
C MET D 174 13.72 -16.38 -57.11
N ASN D 175 14.57 -16.21 -58.12
CA ASN D 175 14.76 -14.93 -58.77
C ASN D 175 13.93 -14.78 -60.05
N GLN D 176 12.95 -15.64 -60.28
CA GLN D 176 12.23 -15.63 -61.54
C GLN D 176 11.05 -14.67 -61.55
N LEU D 177 11.06 -13.67 -60.68
CA LEU D 177 9.96 -12.71 -60.64
C LEU D 177 10.02 -11.76 -61.82
N ARG D 178 8.91 -11.66 -62.54
CA ARG D 178 8.79 -10.77 -63.69
C ARG D 178 8.04 -9.51 -63.31
N ALA D 179 8.40 -8.40 -63.97
CA ALA D 179 7.80 -7.12 -63.64
C ALA D 179 6.32 -7.07 -63.98
N GLU D 180 5.86 -7.95 -64.85
CA GLU D 180 4.43 -8.02 -65.13
C GLU D 180 3.63 -8.48 -63.92
N SER D 181 4.25 -9.28 -63.03
CA SER D 181 3.58 -9.82 -61.86
C SER D 181 3.46 -8.84 -60.71
N ILE D 182 4.03 -7.65 -60.82
CA ILE D 182 3.98 -6.65 -59.77
C ILE D 182 2.62 -5.96 -59.80
N PRO D 183 1.79 -6.11 -58.77
CA PRO D 183 0.47 -5.48 -58.78
C PRO D 183 0.52 -3.97 -58.54
N GLU D 184 0.21 -3.20 -59.57
CA GLU D 184 0.26 -1.75 -59.44
C GLU D 184 -0.70 -1.27 -58.37
N ASP D 185 -1.90 -1.84 -58.34
CA ASP D 185 -2.93 -1.36 -57.41
C ASP D 185 -2.59 -1.72 -55.95
N VAL D 186 -1.87 -2.82 -55.72
CA VAL D 186 -1.45 -3.15 -54.35
C VAL D 186 -0.50 -2.08 -53.83
N ILE D 187 0.55 -1.78 -54.59
CA ILE D 187 1.52 -0.78 -54.15
C ILE D 187 0.90 0.61 -54.11
N ALA D 188 -0.19 0.83 -54.85
CA ALA D 188 -0.78 2.16 -54.84
C ALA D 188 -1.34 2.51 -53.47
N GLY D 189 -2.04 1.57 -52.85
CA GLY D 189 -2.64 1.77 -51.55
C GLY D 189 -1.77 1.34 -50.39
N ALA D 190 -0.48 1.16 -50.63
CA ALA D 190 0.45 0.79 -49.56
C ALA D 190 1.06 2.04 -48.93
N SER D 191 1.62 1.83 -47.74
CA SER D 191 2.34 2.87 -47.02
C SER D 191 3.84 2.62 -47.02
N ALA D 192 4.29 1.51 -47.60
CA ALA D 192 5.72 1.26 -47.72
C ALA D 192 5.96 0.04 -48.62
N LEU D 193 7.08 0.08 -49.33
CA LEU D 193 7.57 -1.03 -50.14
C LEU D 193 8.95 -1.44 -49.63
N VAL D 194 9.12 -2.71 -49.30
CA VAL D 194 10.28 -3.15 -48.54
C VAL D 194 11.12 -4.08 -49.40
N LEU D 195 12.42 -3.78 -49.53
CA LEU D 195 13.36 -4.51 -50.37
C LEU D 195 14.63 -4.79 -49.57
N THR D 196 15.45 -5.70 -50.07
CA THR D 196 16.71 -6.05 -49.42
C THR D 196 17.86 -6.02 -50.42
N SER D 197 19.07 -5.76 -49.92
CA SER D 197 20.23 -5.70 -50.79
C SER D 197 20.40 -6.98 -51.62
N TYR D 198 19.82 -8.09 -51.15
CA TYR D 198 19.94 -9.36 -51.84
C TYR D 198 19.16 -9.43 -53.15
N LEU D 199 18.27 -8.48 -53.45
CA LEU D 199 17.43 -8.62 -54.63
C LEU D 199 18.21 -8.41 -55.92
N VAL D 200 19.28 -7.61 -55.86
CA VAL D 200 20.08 -7.41 -57.06
C VAL D 200 21.05 -8.57 -57.28
N ARG D 201 21.37 -9.31 -56.21
CA ARG D 201 22.24 -10.47 -56.33
C ARG D 201 21.51 -11.62 -57.00
N CYS D 202 21.82 -11.87 -58.26
CA CYS D 202 21.22 -12.97 -58.99
C CYS D 202 22.17 -13.36 -60.10
N LYS D 203 22.04 -14.58 -60.57
CA LYS D 203 22.82 -15.01 -61.72
C LYS D 203 22.35 -14.22 -62.95
N PRO D 204 23.27 -13.85 -63.84
CA PRO D 204 22.91 -12.90 -64.91
C PRO D 204 21.73 -13.34 -65.76
N GLY D 205 20.98 -12.36 -66.24
CA GLY D 205 19.82 -12.58 -67.09
C GLY D 205 18.51 -12.77 -66.37
N GLU D 206 18.53 -13.07 -65.07
CA GLU D 206 17.31 -13.26 -64.31
C GLU D 206 16.58 -11.93 -64.10
N PRO D 207 15.24 -11.91 -64.16
CA PRO D 207 14.50 -10.64 -64.18
C PRO D 207 14.26 -10.03 -62.82
N MET D 208 14.59 -10.73 -61.72
CA MET D 208 14.29 -10.21 -60.39
C MET D 208 14.64 -8.74 -60.26
N PRO D 209 15.86 -8.29 -60.58
CA PRO D 209 16.16 -6.85 -60.48
C PRO D 209 15.25 -6.02 -61.36
N GLU D 210 14.87 -6.54 -62.53
CA GLU D 210 13.99 -5.81 -63.41
C GLU D 210 12.62 -5.59 -62.78
N ALA D 211 12.08 -6.62 -62.13
CA ALA D 211 10.78 -6.48 -61.46
C ALA D 211 10.87 -5.50 -60.30
N THR D 212 11.97 -5.54 -59.54
CA THR D 212 12.17 -4.60 -58.45
C THR D 212 12.00 -3.17 -58.96
N MET D 213 12.71 -2.82 -60.03
CA MET D 213 12.61 -1.47 -60.56
C MET D 213 11.19 -1.14 -60.98
N LYS D 214 10.40 -2.14 -61.40
CA LYS D 214 9.03 -1.85 -61.78
C LYS D 214 8.18 -1.53 -60.56
N ALA D 215 8.40 -2.24 -59.45
CA ALA D 215 7.71 -1.88 -58.22
C ALA D 215 8.10 -0.48 -57.77
N ILE D 216 9.41 -0.18 -57.80
CA ILE D 216 9.88 1.14 -57.38
C ILE D 216 9.28 2.22 -58.27
N GLU D 217 9.13 1.91 -59.57
CA GLU D 217 8.46 2.82 -60.49
C GLU D 217 7.07 3.15 -59.97
N TYR D 218 6.30 2.11 -59.63
CA TYR D 218 4.98 2.32 -59.04
C TYR D 218 5.07 3.11 -57.74
N ALA D 219 6.09 2.84 -56.93
CA ALA D 219 6.22 3.53 -55.65
C ALA D 219 6.24 5.05 -55.86
N LYS D 220 7.10 5.54 -56.75
CA LYS D 220 7.12 6.97 -57.01
C LYS D 220 5.79 7.44 -57.59
N LYS D 221 5.14 6.59 -58.38
CA LYS D 221 3.86 6.96 -58.96
C LYS D 221 2.88 7.40 -57.88
N TYR D 222 2.75 6.59 -56.82
CA TYR D 222 1.75 6.82 -55.79
C TYR D 222 2.36 7.33 -54.49
N ASN D 223 3.61 7.79 -54.53
CA ASN D 223 4.24 8.46 -53.38
C ASN D 223 4.37 7.52 -52.18
N VAL D 224 4.89 6.32 -52.44
CA VAL D 224 5.06 5.30 -51.41
C VAL D 224 6.53 5.27 -50.99
N PRO D 225 6.85 5.51 -49.72
CA PRO D 225 8.24 5.42 -49.30
C PRO D 225 8.80 4.03 -49.57
N VAL D 226 10.06 3.98 -50.00
CA VAL D 226 10.75 2.74 -50.28
C VAL D 226 11.73 2.42 -49.16
N VAL D 227 11.77 1.17 -48.75
CA VAL D 227 12.54 0.72 -47.59
C VAL D 227 13.58 -0.29 -48.07
N LEU D 228 14.74 -0.28 -47.43
CA LEU D 228 15.83 -1.17 -47.82
C LEU D 228 16.59 -1.67 -46.61
N THR D 229 16.72 -2.99 -46.49
CA THR D 229 17.60 -3.61 -45.51
C THR D 229 18.79 -4.20 -46.27
N LEU D 230 19.90 -4.37 -45.56
CA LEU D 230 21.15 -4.75 -46.21
C LEU D 230 21.52 -6.20 -45.90
N GLY D 231 22.27 -6.77 -46.84
CA GLY D 231 22.62 -8.17 -46.83
C GLY D 231 24.12 -8.36 -46.64
N THR D 232 24.58 -8.11 -45.42
CA THR D 232 25.97 -8.35 -45.04
C THR D 232 26.90 -7.29 -45.62
N LYS D 233 28.02 -7.07 -44.92
CA LYS D 233 29.00 -6.10 -45.39
C LYS D 233 29.63 -6.54 -46.70
N PHE D 234 29.89 -7.84 -46.87
CA PHE D 234 30.63 -8.33 -48.02
C PHE D 234 29.87 -8.02 -49.31
N VAL D 235 28.55 -8.15 -49.29
CA VAL D 235 27.75 -7.87 -50.48
C VAL D 235 27.90 -6.40 -50.87
N ILE D 236 28.06 -5.53 -49.88
CA ILE D 236 28.05 -4.08 -50.12
C ILE D 236 29.43 -3.54 -50.47
N ALA D 237 30.48 -3.99 -49.79
CA ALA D 237 31.80 -3.40 -49.96
C ALA D 237 32.33 -3.49 -51.39
N GLU D 238 31.76 -4.34 -52.24
CA GLU D 238 32.26 -4.43 -53.61
C GLU D 238 32.12 -3.11 -54.36
N ASN D 239 31.02 -2.38 -54.13
CA ASN D 239 30.80 -1.17 -54.91
C ASN D 239 30.01 -0.14 -54.12
N PRO D 240 30.54 0.33 -52.98
CA PRO D 240 29.76 1.23 -52.12
C PRO D 240 29.15 2.39 -52.87
N GLN D 241 29.88 2.93 -53.85
CA GLN D 241 29.38 4.12 -54.54
C GLN D 241 28.18 3.80 -55.41
N TRP D 242 28.03 2.54 -55.83
CA TRP D 242 26.84 2.14 -56.57
C TRP D 242 25.62 2.17 -55.64
N TRP D 243 25.76 1.56 -54.45
CA TRP D 243 24.67 1.58 -53.48
C TRP D 243 24.31 3.00 -53.08
N GLN D 244 25.31 3.83 -52.78
CA GLN D 244 25.04 5.23 -52.49
C GLN D 244 24.15 5.85 -53.56
N GLN D 245 24.51 5.65 -54.82
CA GLN D 245 23.72 6.23 -55.90
C GLN D 245 22.30 5.66 -55.89
N PHE D 246 22.17 4.39 -55.51
CA PHE D 246 20.84 3.77 -55.44
C PHE D 246 19.97 4.49 -54.41
N LEU D 247 20.53 4.75 -53.22
CA LEU D 247 19.75 5.31 -52.12
C LEU D 247 19.30 6.72 -52.43
N LYS D 248 20.17 7.51 -53.04
CA LYS D 248 19.82 8.89 -53.39
C LYS D 248 18.58 8.91 -54.24
N ASP D 249 18.55 8.06 -55.28
CA ASP D 249 17.52 8.13 -56.30
C ASP D 249 16.17 7.67 -55.77
N HIS D 250 16.13 6.49 -55.13
CA HIS D 250 14.86 5.83 -54.81
C HIS D 250 14.52 5.82 -53.32
N VAL D 251 15.45 5.36 -52.48
CA VAL D 251 15.10 4.98 -51.12
C VAL D 251 14.70 6.17 -50.27
N SER D 252 13.74 5.93 -49.37
CA SER D 252 13.32 6.87 -48.34
C SER D 252 13.62 6.39 -46.93
N ILE D 253 13.82 5.09 -46.73
CA ILE D 253 14.06 4.52 -45.39
C ILE D 253 15.11 3.43 -45.48
N LEU D 254 16.09 3.46 -44.59
CA LEU D 254 17.25 2.57 -44.64
C LEU D 254 17.37 1.80 -43.33
N ALA D 255 17.45 0.47 -43.44
CA ALA D 255 17.70 -0.42 -42.32
C ALA D 255 19.11 -0.98 -42.44
N MET D 256 19.78 -1.14 -41.32
CA MET D 256 21.22 -1.31 -41.34
C MET D 256 21.67 -1.85 -39.98
N ASN D 257 22.84 -2.47 -39.96
CA ASN D 257 23.53 -2.76 -38.71
C ASN D 257 24.90 -2.09 -38.72
N GLU D 258 25.58 -2.13 -37.58
CA GLU D 258 26.81 -1.35 -37.41
C GLU D 258 27.85 -1.74 -38.45
N ASP D 259 28.00 -3.05 -38.71
CA ASP D 259 29.00 -3.52 -39.66
C ASP D 259 28.58 -3.26 -41.10
N GLU D 260 27.33 -3.62 -41.46
CA GLU D 260 26.80 -3.31 -42.79
C GLU D 260 26.91 -1.82 -43.09
N ALA D 261 26.90 -0.96 -42.07
CA ALA D 261 26.86 0.47 -42.29
C ALA D 261 28.22 1.02 -42.70
N GLU D 262 29.28 0.62 -42.00
CA GLU D 262 30.63 1.06 -42.34
C GLU D 262 30.98 0.80 -43.80
N ALA D 263 30.49 -0.32 -44.35
CA ALA D 263 30.82 -0.65 -45.74
C ALA D 263 30.23 0.37 -46.71
N LEU D 264 29.10 0.99 -46.35
CA LEU D 264 28.46 1.92 -47.26
C LEU D 264 29.04 3.31 -47.15
N THR D 265 29.41 3.74 -45.93
CA THR D 265 29.85 5.11 -45.69
C THR D 265 31.32 5.26 -45.34
N GLY D 266 31.97 4.20 -44.88
CA GLY D 266 33.36 4.28 -44.46
C GLY D 266 33.57 4.85 -43.07
N GLU D 267 32.52 4.96 -42.27
CA GLU D 267 32.60 5.53 -40.92
C GLU D 267 32.44 4.41 -39.91
N SER D 268 33.49 4.18 -39.12
CA SER D 268 33.44 3.14 -38.09
C SER D 268 32.51 3.50 -36.94
N ASP D 269 32.03 4.74 -36.89
CA ASP D 269 31.06 5.15 -35.88
C ASP D 269 29.65 5.01 -36.46
N PRO D 270 28.79 4.16 -35.90
CA PRO D 270 27.44 4.02 -36.47
C PRO D 270 26.68 5.34 -36.52
N LEU D 271 26.85 6.17 -35.50
CA LEU D 271 26.17 7.47 -35.47
C LEU D 271 26.54 8.30 -36.70
N LEU D 272 27.84 8.35 -37.03
CA LEU D 272 28.29 9.16 -38.16
C LEU D 272 27.78 8.60 -39.49
N ALA D 273 27.93 7.30 -39.69
CA ALA D 273 27.42 6.66 -40.90
C ALA D 273 25.94 6.96 -41.07
N SER D 274 25.17 6.77 -39.99
CA SER D 274 23.75 7.07 -40.04
C SER D 274 23.52 8.52 -40.44
N ASP D 275 24.31 9.43 -39.88
CA ASP D 275 24.18 10.84 -40.27
C ASP D 275 24.54 11.03 -41.74
N LYS D 276 25.63 10.40 -42.18
CA LYS D 276 26.00 10.49 -43.58
C LYS D 276 24.93 9.89 -44.47
N ALA D 277 24.29 8.81 -44.01
CA ALA D 277 23.23 8.20 -44.80
C ALA D 277 22.07 9.17 -45.01
N LEU D 278 21.86 10.08 -44.06
CA LEU D 278 20.77 11.05 -44.15
C LEU D 278 20.94 12.00 -45.33
N ASP D 279 22.12 12.02 -45.96
CA ASP D 279 22.27 12.80 -47.18
C ASP D 279 21.43 12.22 -48.31
N TRP D 280 21.16 10.91 -48.26
CA TRP D 280 20.54 10.17 -49.36
C TRP D 280 19.11 9.74 -49.10
N VAL D 281 18.75 9.48 -47.85
CA VAL D 281 17.44 8.94 -47.50
C VAL D 281 16.80 9.85 -46.45
N ASP D 282 15.58 9.51 -46.06
CA ASP D 282 14.82 10.32 -45.12
C ASP D 282 14.90 9.82 -43.68
N LEU D 283 15.27 8.56 -43.49
CA LEU D 283 15.22 7.94 -42.16
C LEU D 283 16.11 6.71 -42.16
N VAL D 284 16.89 6.56 -41.08
CA VAL D 284 17.87 5.48 -40.99
C VAL D 284 17.69 4.76 -39.66
N LEU D 285 17.70 3.45 -39.72
CA LEU D 285 17.68 2.58 -38.54
C LEU D 285 18.93 1.71 -38.61
N CYS D 286 19.76 1.80 -37.57
CA CYS D 286 21.04 1.07 -37.52
C CYS D 286 21.07 0.24 -36.25
N THR D 287 21.07 -1.07 -36.39
CA THR D 287 21.11 -1.98 -35.25
C THR D 287 22.57 -2.31 -34.97
N ALA D 288 23.09 -1.82 -33.85
CA ALA D 288 24.50 -2.00 -33.52
C ALA D 288 24.74 -3.14 -32.54
N GLY D 289 23.86 -4.13 -32.55
CA GLY D 289 23.98 -5.25 -31.67
C GLY D 289 24.05 -4.82 -30.21
N PRO D 290 25.13 -5.21 -29.51
CA PRO D 290 25.21 -4.91 -28.07
C PRO D 290 25.38 -3.42 -27.79
N ILE D 291 25.81 -2.63 -28.77
CA ILE D 291 25.84 -1.19 -28.62
C ILE D 291 24.43 -0.62 -28.48
N GLY D 292 23.43 -1.33 -29.00
CA GLY D 292 22.06 -0.87 -29.03
C GLY D 292 21.56 -0.71 -30.46
N LEU D 293 20.84 0.38 -30.71
CA LEU D 293 20.44 0.72 -32.07
C LEU D 293 20.22 2.22 -32.18
N TYR D 294 20.58 2.77 -33.32
CA TYR D 294 20.45 4.19 -33.59
C TYR D 294 19.34 4.45 -34.59
N MET D 295 18.86 5.68 -34.57
CA MET D 295 17.88 6.14 -35.55
C MET D 295 18.19 7.60 -35.88
N ALA D 296 18.14 7.92 -37.18
CA ALA D 296 18.40 9.27 -37.65
C ALA D 296 17.34 9.61 -38.68
N GLY D 297 16.83 10.84 -38.62
CA GLY D 297 15.81 11.28 -39.53
C GLY D 297 15.66 12.78 -39.54
N PHE D 298 14.59 13.23 -40.18
CA PHE D 298 14.31 14.65 -40.36
C PHE D 298 12.98 14.97 -39.70
N THR D 299 12.87 16.17 -39.16
CA THR D 299 11.62 16.69 -38.62
C THR D 299 11.52 18.18 -38.91
N GLU D 300 10.30 18.68 -38.94
CA GLU D 300 10.10 20.11 -39.13
C GLU D 300 10.63 20.87 -37.92
N ASP D 301 11.50 21.85 -38.16
CA ASP D 301 12.12 22.58 -37.07
C ASP D 301 11.09 23.34 -36.24
N GLU D 302 9.91 23.58 -36.81
CA GLU D 302 8.84 24.24 -36.06
C GLU D 302 8.22 23.30 -35.04
N ALA D 303 8.13 22.02 -35.37
CA ALA D 303 7.48 21.04 -34.53
C ALA D 303 8.49 20.19 -33.79
N LYS D 304 9.75 20.59 -33.75
CA LYS D 304 10.73 19.82 -33.00
C LYS D 304 10.29 19.77 -31.55
N ARG D 305 10.43 18.60 -30.95
CA ARG D 305 10.12 18.37 -29.54
C ARG D 305 11.37 17.83 -28.87
N LYS D 306 11.83 18.53 -27.85
CA LYS D 306 13.12 18.29 -27.23
C LYS D 306 13.02 17.21 -26.17
N THR D 307 14.11 16.45 -26.05
CA THR D 307 14.10 15.27 -25.20
C THR D 307 14.00 15.68 -23.73
N GLN D 308 13.63 14.70 -22.91
CA GLN D 308 13.67 14.81 -21.46
C GLN D 308 14.66 13.83 -20.85
N HIS D 309 15.44 13.15 -21.68
CA HIS D 309 16.50 12.27 -21.20
C HIS D 309 17.80 13.03 -21.10
N PRO D 310 18.79 12.48 -20.41
CA PRO D 310 20.10 13.12 -20.42
C PRO D 310 20.62 13.18 -21.84
N LEU D 311 21.29 14.28 -22.16
CA LEU D 311 21.87 14.43 -23.49
C LEU D 311 23.05 13.48 -23.62
N LEU D 312 23.09 12.76 -24.71
CA LEU D 312 24.13 11.75 -24.86
C LEU D 312 25.37 12.34 -25.50
N PRO D 313 26.53 11.78 -25.17
CA PRO D 313 27.76 12.18 -25.86
C PRO D 313 28.00 11.35 -27.11
N GLY D 314 28.50 12.02 -28.14
CA GLY D 314 28.81 11.30 -29.37
C GLY D 314 29.49 12.21 -30.36
N ALA D 315 29.90 11.58 -31.47
CA ALA D 315 30.54 12.32 -32.57
C ALA D 315 29.76 13.58 -32.90
N ILE D 316 28.43 13.49 -32.91
CA ILE D 316 27.57 14.66 -32.96
C ILE D 316 27.19 15.03 -31.54
N ALA D 317 27.56 16.23 -31.12
CA ALA D 317 27.33 16.62 -29.75
C ALA D 317 25.84 16.59 -29.44
N GLU D 318 25.49 15.93 -28.34
CA GLU D 318 24.13 15.99 -27.81
C GLU D 318 23.14 15.64 -28.91
N PHE D 319 23.36 14.48 -29.53
CA PHE D 319 22.65 14.14 -30.77
C PHE D 319 21.18 13.82 -30.51
N ASN D 320 20.85 13.34 -29.31
CA ASN D 320 19.47 13.05 -28.97
C ASN D 320 18.75 14.26 -28.42
N GLN D 321 19.23 15.47 -28.74
CA GLN D 321 18.64 16.65 -28.14
C GLN D 321 17.18 16.78 -28.54
N TYR D 322 16.82 16.29 -29.72
CA TYR D 322 15.44 16.32 -30.20
C TYR D 322 14.94 14.90 -30.45
N GLU D 323 15.37 13.98 -29.57
CA GLU D 323 14.94 12.59 -29.58
C GLU D 323 13.43 12.45 -29.73
N PHE D 324 12.65 13.38 -29.19
CA PHE D 324 11.21 13.22 -29.08
C PHE D 324 10.46 13.77 -30.29
N SER D 325 11.13 14.13 -31.36
CA SER D 325 10.42 14.59 -32.54
C SER D 325 9.98 13.41 -33.39
N ARG D 326 8.97 13.64 -34.23
CA ARG D 326 8.51 12.63 -35.16
C ARG D 326 9.23 12.78 -36.50
N ALA D 327 9.37 11.68 -37.21
CA ALA D 327 10.12 11.69 -38.44
C ALA D 327 9.26 12.16 -39.61
N MET D 328 9.84 13.01 -40.45
CA MET D 328 9.26 13.40 -41.73
C MET D 328 10.17 12.97 -42.85
N ARG D 329 9.60 13.00 -44.05
CA ARG D 329 10.39 12.83 -45.26
C ARG D 329 11.02 14.18 -45.59
N HIS D 330 12.26 14.14 -46.08
CA HIS D 330 12.94 15.41 -46.37
C HIS D 330 12.12 16.27 -47.32
N LYS D 331 11.44 15.64 -48.28
CA LYS D 331 10.70 16.41 -49.28
C LYS D 331 9.57 17.21 -48.65
N ASP D 332 8.92 16.64 -47.64
CA ASP D 332 7.75 17.26 -47.02
C ASP D 332 8.12 18.37 -46.06
N CYS D 333 9.39 18.53 -45.71
CA CYS D 333 9.80 19.55 -44.77
C CYS D 333 9.97 20.90 -45.46
N GLN D 334 9.63 21.96 -44.73
CA GLN D 334 9.92 23.30 -45.19
C GLN D 334 11.27 23.78 -44.63
N ASN D 335 11.56 23.45 -43.38
CA ASN D 335 12.86 23.68 -42.77
C ASN D 335 13.31 22.38 -42.08
N PRO D 336 13.83 21.43 -42.84
CA PRO D 336 14.20 20.14 -42.23
C PRO D 336 15.28 20.33 -41.18
N LEU D 337 15.18 19.52 -40.13
CA LEU D 337 16.16 19.49 -39.05
C LEU D 337 16.52 18.04 -38.79
N ARG D 338 17.81 17.76 -38.65
CA ARG D 338 18.25 16.40 -38.41
C ARG D 338 18.07 16.06 -36.94
N VAL D 339 17.57 14.86 -36.69
CA VAL D 339 17.25 14.40 -35.35
C VAL D 339 17.73 12.96 -35.19
N TYR D 340 18.21 12.65 -33.99
CA TYR D 340 18.89 11.39 -33.73
C TYR D 340 18.35 10.83 -32.43
N SER D 341 18.51 9.52 -32.26
CA SER D 341 18.14 8.90 -31.00
C SER D 341 18.90 7.59 -30.86
N HIS D 342 19.10 7.20 -29.62
CA HIS D 342 19.80 5.97 -29.30
C HIS D 342 19.23 5.37 -28.03
N ILE D 343 19.08 4.05 -28.05
CA ILE D 343 18.61 3.26 -26.92
C ILE D 343 19.49 2.03 -26.77
N ALA D 344 19.67 1.60 -25.53
CA ALA D 344 20.52 0.47 -25.21
C ALA D 344 19.71 -0.81 -25.23
N PRO D 345 20.38 -1.96 -25.24
CA PRO D 345 19.66 -3.23 -25.25
C PRO D 345 18.71 -3.37 -24.06
N TYR D 346 17.63 -4.09 -24.29
CA TYR D 346 16.63 -4.35 -23.25
C TYR D 346 17.19 -5.29 -22.20
N MET D 347 16.84 -5.03 -20.94
CA MET D 347 17.19 -5.86 -19.79
C MET D 347 18.63 -6.39 -19.92
N GLY D 348 19.55 -5.44 -20.07
CA GLY D 348 20.97 -5.76 -20.12
C GLY D 348 21.37 -6.73 -21.20
N GLY D 349 20.56 -6.87 -22.25
CA GLY D 349 20.83 -7.83 -23.28
C GLY D 349 20.47 -9.23 -22.81
N PRO D 350 20.41 -10.18 -23.75
CA PRO D 350 20.03 -11.55 -23.38
C PRO D 350 21.05 -12.21 -22.45
N GLU D 351 20.87 -13.51 -22.22
CA GLU D 351 21.90 -14.34 -21.62
C GLU D 351 22.75 -15.06 -22.65
N LYS D 352 22.21 -15.23 -23.86
CA LYS D 352 22.93 -15.83 -24.97
C LYS D 352 22.94 -14.85 -26.14
N ILE D 353 24.10 -14.67 -26.76
CA ILE D 353 24.17 -13.86 -27.98
C ILE D 353 23.17 -14.37 -29.01
N MET D 354 23.16 -15.68 -29.25
CA MET D 354 22.17 -16.32 -30.12
C MET D 354 22.10 -15.72 -31.53
N ASN D 355 20.95 -15.11 -31.84
CA ASN D 355 20.52 -14.89 -33.22
C ASN D 355 20.76 -13.45 -33.65
N THR D 356 22.05 -13.10 -33.77
CA THR D 356 22.44 -11.72 -34.05
C THR D 356 22.05 -11.27 -35.46
N ASN D 357 21.49 -12.14 -36.29
CA ASN D 357 21.22 -11.81 -37.69
C ASN D 357 19.78 -11.38 -37.92
N GLY D 358 18.83 -12.26 -37.61
CA GLY D 358 17.42 -11.94 -37.78
C GLY D 358 16.91 -10.85 -36.85
N ALA D 359 17.72 -10.42 -35.89
CA ALA D 359 17.26 -9.42 -34.92
C ALA D 359 16.99 -8.08 -35.60
N GLY D 360 17.95 -7.55 -36.36
CA GLY D 360 17.72 -6.30 -37.05
C GLY D 360 16.51 -6.34 -37.96
N ASP D 361 16.40 -7.43 -38.73
CA ASP D 361 15.24 -7.61 -39.59
C ASP D 361 13.93 -7.56 -38.82
N GLY D 362 13.96 -7.85 -37.53
CA GLY D 362 12.77 -7.77 -36.70
C GLY D 362 12.55 -6.36 -36.20
N ALA D 363 13.62 -5.73 -35.71
CA ALA D 363 13.54 -4.35 -35.28
C ALA D 363 12.99 -3.46 -36.40
N LEU D 364 13.29 -3.79 -37.66
CA LEU D 364 12.69 -3.07 -38.77
C LEU D 364 11.17 -3.20 -38.75
N ALA D 365 10.67 -4.43 -38.56
CA ALA D 365 9.23 -4.66 -38.54
C ALA D 365 8.53 -3.68 -37.61
N ALA D 366 9.11 -3.43 -36.44
CA ALA D 366 8.55 -2.44 -35.52
C ALA D 366 8.42 -1.08 -36.18
N LEU D 367 9.48 -0.64 -36.86
CA LEU D 367 9.44 0.65 -37.56
C LEU D 367 8.35 0.65 -38.61
N LEU D 368 8.25 -0.43 -39.38
CA LEU D 368 7.18 -0.53 -40.37
C LEU D 368 5.82 -0.38 -39.69
N HIS D 369 5.61 -1.09 -38.58
CA HIS D 369 4.37 -0.98 -37.82
C HIS D 369 4.04 0.48 -37.52
N ASP D 370 5.01 1.21 -36.96
CA ASP D 370 4.75 2.60 -36.61
C ASP D 370 4.41 3.41 -37.86
N ILE D 371 5.10 3.13 -38.97
CA ILE D 371 4.84 3.93 -40.17
C ILE D 371 3.46 3.60 -40.72
N THR D 372 3.11 2.32 -40.71
CA THR D 372 1.77 1.91 -41.11
C THR D 372 0.72 2.53 -40.20
N ALA D 373 0.99 2.55 -38.89
CA ALA D 373 0.02 3.07 -37.94
C ALA D 373 -0.33 4.50 -38.25
N ASN D 374 0.64 5.29 -38.70
CA ASN D 374 0.35 6.67 -39.05
C ASN D 374 -0.62 6.74 -40.23
N SER D 375 -0.37 5.94 -41.27
CA SER D 375 -1.27 5.93 -42.43
C SER D 375 -2.65 5.45 -42.03
N TYR D 376 -2.72 4.53 -41.06
CA TYR D 376 -4.01 4.00 -40.62
C TYR D 376 -4.75 5.04 -39.78
N HIS D 377 -4.07 5.62 -38.80
CA HIS D 377 -4.68 6.61 -37.94
C HIS D 377 -5.06 7.85 -38.73
N ARG D 378 -4.35 8.13 -39.82
CA ARG D 378 -4.65 9.32 -40.60
C ARG D 378 -5.95 9.15 -41.37
N SER D 379 -6.19 7.94 -41.87
CA SER D 379 -7.37 7.68 -42.68
C SER D 379 -8.62 7.55 -41.84
N ASN D 380 -8.50 7.16 -40.58
CA ASN D 380 -9.66 7.00 -39.72
C ASN D 380 -9.95 8.25 -38.90
N VAL D 381 -8.95 9.08 -38.63
CA VAL D 381 -9.10 10.26 -37.78
C VAL D 381 -8.37 11.46 -38.36
N PRO D 382 -8.82 12.04 -39.47
CA PRO D 382 -8.07 13.15 -40.09
C PRO D 382 -7.96 14.39 -39.24
N ASN D 383 -8.83 14.59 -38.25
CA ASN D 383 -8.83 15.83 -37.51
C ASN D 383 -7.73 15.93 -36.46
N SER D 384 -7.02 14.85 -36.16
CA SER D 384 -6.29 14.87 -34.91
C SER D 384 -5.07 15.77 -34.99
N SER D 385 -4.61 16.19 -33.81
CA SER D 385 -3.38 16.94 -33.75
C SER D 385 -2.23 16.13 -34.29
N LYS D 386 -2.40 14.81 -34.39
CA LYS D 386 -1.34 13.98 -34.92
C LYS D 386 -1.21 14.09 -36.42
N HIS D 387 -1.96 14.97 -37.06
CA HIS D 387 -1.92 15.10 -38.50
C HIS D 387 -2.01 16.55 -38.91
N LYS D 388 -1.39 17.42 -38.11
CA LYS D 388 -1.24 18.80 -38.51
C LYS D 388 -0.30 18.91 -39.70
N PHE D 389 0.70 18.03 -39.76
CA PHE D 389 1.65 17.94 -40.86
C PHE D 389 1.72 16.52 -41.40
N THR D 390 2.03 16.40 -42.68
CA THR D 390 2.21 15.08 -43.29
C THR D 390 3.42 14.36 -42.72
N TRP D 391 3.23 13.56 -41.66
CA TRP D 391 4.34 12.87 -41.02
C TRP D 391 4.62 11.52 -41.68
N LEU D 392 5.74 10.93 -41.31
CA LEU D 392 6.12 9.59 -41.74
C LEU D 392 5.81 8.56 -40.68
N THR D 393 6.22 8.81 -39.45
CA THR D 393 5.98 7.92 -38.34
C THR D 393 4.92 8.49 -37.41
N TYR D 394 4.19 7.58 -36.77
CA TYR D 394 3.16 7.99 -35.81
C TYR D 394 3.79 8.48 -34.52
N SER D 395 4.88 7.83 -34.08
CA SER D 395 5.53 8.08 -32.81
C SER D 395 6.87 8.79 -32.98
N SER D 396 7.48 9.13 -31.85
CA SER D 396 8.79 9.77 -31.83
C SER D 396 9.88 8.74 -32.02
N LEU D 397 11.06 9.24 -32.42
CA LEU D 397 12.20 8.36 -32.63
C LEU D 397 12.52 7.57 -31.38
N ALA D 398 12.48 8.21 -30.21
CA ALA D 398 12.72 7.48 -28.97
C ALA D 398 11.69 6.37 -28.80
N GLN D 399 10.42 6.68 -29.06
CA GLN D 399 9.39 5.66 -28.87
C GLN D 399 9.54 4.53 -29.86
N VAL D 400 9.90 4.85 -31.11
CA VAL D 400 10.12 3.80 -32.10
C VAL D 400 11.33 2.96 -31.70
N CYS D 401 12.36 3.59 -31.15
CA CYS D 401 13.50 2.84 -30.64
C CYS D 401 13.09 1.92 -29.49
N LYS D 402 12.30 2.43 -28.54
CA LYS D 402 11.82 1.56 -27.46
C LYS D 402 11.13 0.34 -28.05
N TYR D 403 10.25 0.55 -29.02
CA TYR D 403 9.52 -0.56 -29.63
C TYR D 403 10.46 -1.47 -30.39
N ALA D 404 11.22 -0.92 -31.34
CA ALA D 404 12.13 -1.75 -32.13
C ALA D 404 13.16 -2.43 -31.23
N ASN D 405 13.63 -1.73 -30.20
CA ASN D 405 14.55 -2.36 -29.25
C ASN D 405 13.89 -3.53 -28.54
N ARG D 406 12.64 -3.35 -28.12
CA ARG D 406 11.94 -4.44 -27.43
C ARG D 406 11.73 -5.63 -28.36
N VAL D 407 11.38 -5.36 -29.62
CA VAL D 407 11.11 -6.44 -30.57
C VAL D 407 12.40 -7.22 -30.87
N SER D 408 13.51 -6.51 -31.07
CA SER D 408 14.76 -7.19 -31.35
C SER D 408 15.11 -8.17 -30.25
N TYR D 409 14.85 -7.79 -29.00
CA TYR D 409 15.13 -8.67 -27.88
C TYR D 409 14.37 -9.98 -27.99
N GLN D 410 13.14 -9.93 -28.50
CA GLN D 410 12.34 -11.13 -28.65
C GLN D 410 12.96 -12.08 -29.67
N VAL D 411 13.46 -11.55 -30.78
CA VAL D 411 14.02 -12.39 -31.83
C VAL D 411 15.34 -12.99 -31.39
N LEU D 412 16.04 -12.36 -30.47
CA LEU D 412 17.32 -12.88 -30.02
C LEU D 412 17.13 -14.06 -29.08
N ASN D 413 16.11 -13.99 -28.22
CA ASN D 413 15.86 -15.00 -27.21
C ASN D 413 15.30 -16.29 -27.78
N GLN D 414 15.04 -16.36 -29.07
CA GLN D 414 14.62 -17.59 -29.71
C GLN D 414 15.54 -17.93 -30.87
N HIS D 415 15.48 -19.20 -31.29
CA HIS D 415 16.36 -19.65 -32.35
C HIS D 415 15.98 -19.03 -33.68
N SER D 416 14.71 -19.18 -34.06
CA SER D 416 14.25 -18.75 -35.37
C SER D 416 14.24 -17.22 -35.47
N PRO D 417 14.28 -16.69 -36.69
CA PRO D 417 14.13 -15.24 -36.88
C PRO D 417 12.69 -14.76 -37.05
N ARG D 418 11.72 -15.67 -37.14
CA ARG D 418 10.33 -15.26 -37.28
C ARG D 418 9.61 -15.39 -35.95
N LEU D 419 8.79 -14.39 -35.64
CA LEU D 419 7.99 -14.35 -34.44
C LEU D 419 6.68 -15.08 -34.68
N THR D 420 6.11 -15.60 -33.60
CA THR D 420 4.79 -16.23 -33.65
C THR D 420 3.78 -15.59 -32.71
N ARG D 421 4.21 -14.82 -31.72
CA ARG D 421 3.30 -14.15 -30.80
C ARG D 421 3.78 -12.72 -30.61
N GLY D 422 2.84 -11.77 -30.68
CA GLY D 422 3.14 -10.38 -30.38
C GLY D 422 3.61 -10.17 -28.95
N LEU D 423 3.73 -8.92 -28.56
CA LEU D 423 4.28 -8.60 -27.26
C LEU D 423 3.20 -8.57 -26.18
N PRO D 424 3.59 -8.72 -24.91
CA PRO D 424 2.61 -8.66 -23.83
C PRO D 424 2.12 -7.23 -23.63
N GLU D 425 1.00 -7.07 -22.92
CA GLU D 425 0.34 -5.78 -22.85
C GLU D 425 -0.21 -5.51 -21.45
N ARG D 426 -0.36 -4.22 -21.15
CA ARG D 426 -0.82 -3.81 -19.84
C ARG D 426 -2.32 -4.06 -19.71
N GLU D 427 -2.70 -4.69 -18.62
CA GLU D 427 -4.10 -4.79 -18.24
C GLU D 427 -4.40 -3.66 -17.25
N ASP D 428 -5.55 -3.03 -17.40
CA ASP D 428 -5.94 -1.94 -16.51
C ASP D 428 -6.31 -2.52 -15.15
N SER D 429 -6.85 -1.68 -14.28
CA SER D 429 -7.24 -2.18 -12.96
C SER D 429 -8.39 -3.18 -13.08
N LEU D 430 -9.38 -2.88 -13.93
CA LEU D 430 -10.53 -3.78 -14.06
C LEU D 430 -10.11 -5.16 -14.56
N GLU D 431 -9.38 -5.22 -15.66
CA GLU D 431 -8.91 -6.50 -16.15
C GLU D 431 -8.01 -7.20 -15.15
N GLU D 432 -7.09 -6.46 -14.53
CA GLU D 432 -6.20 -7.09 -13.57
C GLU D 432 -6.99 -7.73 -12.44
N SER D 433 -7.94 -7.00 -11.86
CA SER D 433 -8.76 -7.59 -10.80
C SER D 433 -9.57 -8.77 -11.33
N TYR D 434 -10.01 -8.71 -12.59
CA TYR D 434 -10.74 -9.83 -13.17
C TYR D 434 -9.90 -11.11 -13.08
N TRP D 435 -8.67 -11.05 -13.56
CA TRP D 435 -7.80 -12.23 -13.52
C TRP D 435 -7.40 -12.58 -12.10
N ASP D 436 -7.29 -11.58 -11.24
CA ASP D 436 -6.92 -11.84 -9.85
C ASP D 436 -8.09 -12.37 -9.04
N ARG D 437 -9.31 -12.00 -9.42
CA ARG D 437 -10.53 -12.46 -8.76
C ARG D 437 -10.48 -13.96 -8.49
N HIS E 3 37.16 6.15 -15.08
CA HIS E 3 36.37 5.39 -14.13
C HIS E 3 35.96 6.25 -12.92
N MET E 4 35.91 7.55 -13.13
CA MET E 4 35.65 8.47 -12.03
C MET E 4 34.15 8.63 -11.76
N LYS E 5 33.80 8.82 -10.49
CA LYS E 5 32.41 8.95 -10.07
C LYS E 5 31.89 10.36 -10.40
N PHE E 6 30.57 10.52 -10.28
CA PHE E 6 29.95 11.82 -10.52
C PHE E 6 29.91 12.65 -9.22
N PRO E 7 30.19 13.97 -9.29
CA PRO E 7 30.23 14.79 -8.08
C PRO E 7 28.86 15.20 -7.57
N GLY E 8 28.43 14.60 -6.48
CA GLY E 8 27.12 14.84 -5.92
C GLY E 8 26.11 13.79 -6.36
N LYS E 9 24.88 14.01 -5.91
CA LYS E 9 23.77 13.11 -6.18
C LYS E 9 22.63 13.80 -6.91
N ARG E 10 22.92 14.90 -7.60
CA ARG E 10 21.88 15.64 -8.29
C ARG E 10 21.57 14.99 -9.64
N LYS E 11 20.33 15.16 -10.10
CA LYS E 11 19.97 14.70 -11.43
C LYS E 11 20.60 15.64 -12.46
N SER E 12 21.35 15.08 -13.40
CA SER E 12 22.16 15.86 -14.32
C SER E 12 21.51 15.99 -15.69
N LYS E 13 21.64 17.16 -16.29
CA LYS E 13 21.12 17.36 -17.64
C LYS E 13 21.97 16.63 -18.67
N HIS E 14 23.29 16.65 -18.53
CA HIS E 14 24.17 15.91 -19.42
C HIS E 14 24.53 14.57 -18.81
N TYR E 15 24.67 13.57 -19.69
CA TYR E 15 24.99 12.22 -19.24
C TYR E 15 26.46 12.13 -18.89
N PHE E 16 26.75 11.57 -17.72
CA PHE E 16 28.13 11.41 -17.26
C PHE E 16 28.62 10.00 -17.53
N PRO E 17 29.71 9.82 -18.28
CA PRO E 17 30.09 8.47 -18.70
C PRO E 17 30.49 7.55 -17.57
N VAL E 18 31.09 8.08 -16.50
CA VAL E 18 31.53 7.27 -15.36
C VAL E 18 32.75 6.44 -15.75
N ASN E 19 32.54 5.18 -16.11
CA ASN E 19 33.66 4.35 -16.55
C ASN E 19 34.02 4.70 -17.99
N ALA E 20 35.31 4.96 -18.23
CA ALA E 20 35.74 5.41 -19.55
C ALA E 20 35.50 4.38 -20.64
N ARG E 21 35.15 3.14 -20.29
CA ARG E 21 34.91 2.12 -21.31
C ARG E 21 33.57 2.33 -22.01
N ASP E 22 32.59 2.91 -21.30
CA ASP E 22 31.19 3.07 -21.67
C ASP E 22 31.05 3.01 -23.19
N PRO E 23 30.18 2.14 -23.70
CA PRO E 23 30.09 1.95 -25.15
C PRO E 23 29.76 3.24 -25.90
N LEU E 24 29.06 4.18 -25.26
CA LEU E 24 28.63 5.37 -25.97
C LEU E 24 29.82 6.14 -26.51
N LEU E 25 30.87 6.29 -25.71
CA LEU E 25 32.06 7.01 -26.15
C LEU E 25 32.99 6.14 -27.00
N GLN E 26 32.63 4.88 -27.25
CA GLN E 26 33.45 3.99 -28.08
C GLN E 26 33.13 4.17 -29.56
N GLU E 33 43.80 6.32 -25.36
CA GLU E 33 42.58 6.98 -24.90
C GLU E 33 42.88 8.01 -23.80
N THR E 34 44.13 8.02 -23.33
CA THR E 34 44.54 8.87 -22.23
C THR E 34 43.52 8.84 -21.10
N SER E 35 42.92 9.99 -20.80
CA SER E 35 41.87 10.06 -19.79
C SER E 35 42.43 9.97 -18.38
N ALA E 36 41.63 9.45 -17.44
CA ALA E 36 42.02 9.28 -16.05
C ALA E 36 42.63 10.55 -15.48
N ALA E 37 41.76 11.55 -15.28
CA ALA E 37 42.18 12.79 -14.64
C ALA E 37 42.32 12.59 -13.15
N TRP E 38 43.19 13.40 -12.53
CA TRP E 38 43.53 13.25 -11.13
C TRP E 38 43.94 14.61 -10.55
N VAL E 39 44.24 14.58 -9.26
CA VAL E 39 44.64 15.76 -8.50
C VAL E 39 45.82 15.36 -7.63
N VAL E 40 46.75 16.29 -7.45
CA VAL E 40 47.96 16.03 -6.66
C VAL E 40 48.09 17.11 -5.60
N GLY E 41 48.65 16.72 -4.46
CA GLY E 41 48.82 17.64 -3.35
C GLY E 41 50.09 17.33 -2.60
N ILE E 42 50.52 18.32 -1.80
CA ILE E 42 51.73 18.23 -0.99
C ILE E 42 51.35 18.32 0.47
N ASP E 43 52.01 17.51 1.32
CA ASP E 43 51.66 17.51 2.73
C ASP E 43 52.86 17.10 3.57
N GLN E 44 52.76 17.46 4.84
CA GLN E 44 53.72 17.04 5.87
C GLN E 44 53.21 15.73 6.45
N THR E 45 53.79 14.62 5.97
CA THR E 45 53.36 13.28 6.39
C THR E 45 53.16 13.19 7.90
N LEU E 46 51.91 13.02 8.33
CA LEU E 46 51.56 13.08 9.73
C LEU E 46 50.68 11.90 10.14
N VAL E 47 50.61 11.66 11.44
CA VAL E 47 49.78 10.62 12.03
C VAL E 47 49.06 11.23 13.22
N ASP E 48 47.72 11.22 13.18
CA ASP E 48 46.92 11.76 14.27
C ASP E 48 46.91 10.82 15.47
N ILE E 49 47.02 11.39 16.66
CA ILE E 49 46.90 10.65 17.91
C ILE E 49 45.95 11.45 18.79
N GLU E 50 44.69 11.05 18.83
CA GLU E 50 43.64 11.84 19.47
C GLU E 50 43.41 11.37 20.90
N ALA E 51 43.03 12.32 21.77
CA ALA E 51 42.81 12.02 23.17
C ALA E 51 42.15 13.21 23.85
N LYS E 52 41.37 12.92 24.89
CA LYS E 52 40.77 13.93 25.75
C LYS E 52 41.64 14.17 26.97
N VAL E 53 41.66 15.41 27.45
CA VAL E 53 42.52 15.83 28.56
C VAL E 53 41.84 16.94 29.34
N ASP E 54 42.37 17.22 30.53
CA ASP E 54 41.93 18.35 31.33
C ASP E 54 42.48 19.65 30.77
N ASP E 55 41.76 20.75 31.08
CA ASP E 55 42.28 22.07 30.74
C ASP E 55 43.62 22.35 31.41
N GLU E 56 43.93 21.62 32.49
CA GLU E 56 45.26 21.70 33.08
C GLU E 56 46.31 21.11 32.15
N PHE E 57 45.96 20.01 31.47
CA PHE E 57 46.88 19.33 30.58
C PHE E 57 47.32 20.23 29.44
N ILE E 58 46.46 21.16 29.00
CA ILE E 58 46.81 22.05 27.90
C ILE E 58 47.93 23.00 28.31
N GLU E 59 47.73 23.74 29.40
CA GLU E 59 48.74 24.71 29.81
C GLU E 59 50.02 24.02 30.30
N ARG E 60 49.91 22.77 30.78
CA ARG E 60 51.09 22.08 31.29
C ARG E 60 52.13 21.84 30.21
N TYR E 61 51.77 21.95 28.93
CA TYR E 61 52.70 21.74 27.83
C TYR E 61 52.81 22.97 26.93
N GLY E 62 52.47 24.15 27.45
CA GLY E 62 52.68 25.38 26.73
C GLY E 62 51.77 25.56 25.54
N LEU E 63 50.53 25.08 25.65
CA LEU E 63 49.57 25.15 24.57
C LEU E 63 48.43 26.11 24.90
N SER E 64 47.73 26.53 23.86
CA SER E 64 46.54 27.36 23.97
C SER E 64 45.42 26.69 23.20
N ALA E 65 44.20 26.85 23.71
CA ALA E 65 43.07 26.13 23.12
C ALA E 65 42.82 26.62 21.70
N GLY E 66 42.69 25.67 20.77
CA GLY E 66 42.37 25.99 19.40
C GLY E 66 43.55 26.30 18.49
N HIS E 67 44.78 26.21 19.00
CA HIS E 67 45.95 26.49 18.17
C HIS E 67 46.48 25.21 17.54
N SER E 68 47.41 25.39 16.59
CA SER E 68 48.22 24.30 16.05
C SER E 68 49.67 24.72 16.24
N LEU E 69 50.30 24.24 17.31
CA LEU E 69 51.62 24.69 17.72
C LEU E 69 52.61 23.55 17.63
N VAL E 70 53.77 23.84 17.04
CA VAL E 70 54.88 22.89 17.05
C VAL E 70 55.44 22.82 18.46
N ILE E 71 56.03 21.67 18.79
CA ILE E 71 56.64 21.46 20.10
C ILE E 71 57.99 20.79 19.92
N GLU E 72 58.86 20.98 20.90
CA GLU E 72 60.19 20.43 20.85
C GLU E 72 60.12 18.91 20.96
N ASP E 73 61.22 18.24 20.60
CA ASP E 73 61.24 16.79 20.64
C ASP E 73 61.15 16.26 22.07
N ASP E 74 61.76 16.97 23.02
CA ASP E 74 61.70 16.55 24.42
C ASP E 74 60.32 16.80 25.02
N VAL E 75 59.69 17.92 24.70
CA VAL E 75 58.31 18.16 25.15
C VAL E 75 57.38 17.11 24.57
N ALA E 76 57.64 16.70 23.33
CA ALA E 76 56.80 15.71 22.68
C ALA E 76 56.96 14.34 23.32
N GLU E 77 58.19 13.94 23.62
CA GLU E 77 58.39 12.66 24.28
C GLU E 77 57.77 12.65 25.67
N ALA E 78 57.75 13.81 26.33
CA ALA E 78 57.12 13.89 27.64
C ALA E 78 55.60 13.78 27.53
N LEU E 79 55.01 14.48 26.56
CA LEU E 79 53.56 14.42 26.38
C LEU E 79 53.13 13.05 25.87
N TYR E 80 53.86 12.48 24.91
CA TYR E 80 53.52 11.15 24.41
C TYR E 80 53.46 10.14 25.54
N GLN E 81 54.42 10.21 26.47
CA GLN E 81 54.52 9.21 27.53
C GLN E 81 53.41 9.37 28.56
N GLU E 82 53.01 10.61 28.86
CA GLU E 82 51.97 10.81 29.87
C GLU E 82 50.62 10.28 29.40
N LEU E 83 50.36 10.27 28.09
CA LEU E 83 49.10 9.79 27.57
C LEU E 83 48.99 8.27 27.60
N LYS E 84 50.09 7.55 27.37
CA LYS E 84 50.03 6.09 27.44
C LYS E 84 49.89 5.61 28.88
N GLN E 85 50.56 6.28 29.83
CA GLN E 85 50.41 5.93 31.24
C GLN E 85 48.94 5.98 31.66
N LYS E 86 48.31 7.15 31.57
CA LYS E 86 46.93 7.30 31.96
C LYS E 86 45.95 6.63 31.01
N ASN E 87 46.44 5.98 29.95
CA ASN E 87 45.58 5.38 28.93
C ASN E 87 44.51 6.37 28.46
N LEU E 88 45.00 7.40 27.77
CA LEU E 88 44.16 8.50 27.30
C LEU E 88 43.97 8.48 25.79
N ILE E 89 44.79 7.74 25.06
CA ILE E 89 44.71 7.68 23.60
C ILE E 89 43.47 6.90 23.19
N THR E 90 42.72 7.45 22.26
CA THR E 90 41.46 6.85 21.81
C THR E 90 41.50 6.34 20.39
N HIS E 91 42.38 6.91 19.55
CA HIS E 91 42.33 6.69 18.12
C HIS E 91 43.67 7.08 17.51
N GLN E 92 44.13 6.28 16.55
CA GLN E 92 45.35 6.56 15.81
C GLN E 92 45.10 6.29 14.34
N PHE E 93 45.35 7.30 13.50
CA PHE E 93 45.03 7.20 12.08
C PHE E 93 45.90 8.20 11.33
N ALA E 94 45.94 8.04 10.00
CA ALA E 94 46.69 8.97 9.16
C ALA E 94 46.04 10.36 9.23
N GLY E 95 46.85 11.39 9.03
CA GLY E 95 46.38 12.75 9.14
C GLY E 95 47.07 13.72 8.21
N GLY E 96 46.98 15.02 8.51
CA GLY E 96 47.53 16.05 7.66
C GLY E 96 46.49 16.76 6.83
N THR E 97 46.44 18.09 6.92
CA THR E 97 45.39 18.82 6.21
C THR E 97 45.30 18.40 4.75
N ILE E 98 46.45 18.18 4.11
CA ILE E 98 46.45 17.74 2.72
C ILE E 98 46.41 16.21 2.60
N GLY E 99 46.89 15.49 3.61
CA GLY E 99 46.69 14.05 3.63
C GLY E 99 45.22 13.68 3.69
N ASN E 100 44.48 14.33 4.61
CA ASN E 100 43.03 14.15 4.66
C ASN E 100 42.40 14.43 3.31
N THR E 101 42.72 15.60 2.73
CA THR E 101 42.05 16.03 1.51
C THR E 101 42.32 15.08 0.36
N MET E 102 43.58 14.72 0.14
CA MET E 102 43.88 13.77 -0.94
C MET E 102 43.21 12.42 -0.67
N HIS E 103 43.14 12.02 0.60
CA HIS E 103 42.44 10.79 0.96
C HIS E 103 40.95 10.90 0.66
N ASN E 104 40.30 11.94 1.19
CA ASN E 104 38.85 12.08 1.04
C ASN E 104 38.47 12.24 -0.42
N TYR E 105 39.28 12.93 -1.22
CA TYR E 105 38.98 13.06 -2.63
C TYR E 105 38.87 11.70 -3.29
N SER E 106 39.81 10.81 -3.00
CA SER E 106 39.77 9.49 -3.63
C SER E 106 38.54 8.71 -3.17
N VAL E 107 38.11 8.91 -1.93
CA VAL E 107 36.89 8.24 -1.46
C VAL E 107 35.67 8.74 -2.21
N LEU E 108 35.54 10.06 -2.36
CA LEU E 108 34.33 10.60 -2.97
C LEU E 108 34.27 10.31 -4.46
N ALA E 109 35.39 10.41 -5.17
CA ALA E 109 35.39 10.28 -6.62
C ALA E 109 35.82 8.91 -7.11
N ASP E 110 36.51 8.13 -6.29
CA ASP E 110 36.98 6.80 -6.69
C ASP E 110 37.93 6.88 -7.88
N ASP E 111 38.68 7.97 -7.99
CA ASP E 111 39.76 8.09 -8.96
C ASP E 111 41.04 8.39 -8.20
N ARG E 112 42.16 8.42 -8.92
CA ARG E 112 43.44 8.46 -8.24
C ARG E 112 43.79 9.88 -7.81
N SER E 113 44.51 9.96 -6.70
CA SER E 113 45.09 11.19 -6.19
C SER E 113 46.53 10.90 -5.81
N VAL E 114 47.44 11.80 -6.17
CA VAL E 114 48.85 11.67 -5.88
C VAL E 114 49.19 12.53 -4.68
N LEU E 115 49.93 11.96 -3.73
CA LEU E 115 50.36 12.65 -2.54
C LEU E 115 51.88 12.75 -2.56
N LEU E 116 52.40 13.92 -2.19
CA LEU E 116 53.83 14.19 -2.18
C LEU E 116 54.27 14.50 -0.76
N GLY E 117 55.36 13.86 -0.33
CA GLY E 117 55.81 14.02 1.03
C GLY E 117 56.95 13.08 1.37
N VAL E 118 57.01 12.70 2.64
CA VAL E 118 58.11 11.89 3.16
C VAL E 118 57.59 10.55 3.64
N MET E 119 58.50 9.67 4.07
CA MET E 119 58.15 8.35 4.59
C MET E 119 59.41 7.64 5.06
N CYS E 120 59.37 6.99 6.23
CA CYS E 120 60.52 6.17 6.64
C CYS E 120 61.00 5.32 5.47
N SER E 121 62.29 5.40 5.18
CA SER E 121 62.84 4.56 4.13
C SER E 121 62.80 3.10 4.55
N ASN E 122 62.82 2.85 5.85
CA ASN E 122 62.63 1.52 6.42
C ASN E 122 61.39 1.56 7.28
N ILE E 123 60.38 0.77 6.90
CA ILE E 123 59.08 0.79 7.56
C ILE E 123 58.91 -0.53 8.27
N GLU E 124 58.78 -0.47 9.58
CA GLU E 124 58.62 -1.64 10.42
C GLU E 124 57.14 -1.82 10.75
N ILE E 125 56.74 -3.08 10.90
CA ILE E 125 55.32 -3.37 11.11
C ILE E 125 54.89 -2.84 12.47
N GLY E 126 53.66 -2.30 12.53
CA GLY E 126 53.14 -1.69 13.72
C GLY E 126 53.57 -0.26 13.95
N SER E 127 54.45 0.29 13.12
CA SER E 127 54.99 1.62 13.31
C SER E 127 53.98 2.68 12.86
N TYR E 128 54.38 3.95 12.99
CA TYR E 128 53.54 5.04 12.51
C TYR E 128 53.57 5.14 10.99
N ALA E 129 54.75 4.89 10.39
CA ALA E 129 54.86 4.88 8.93
C ALA E 129 54.08 3.71 8.32
N TYR E 130 54.08 2.56 9.00
CA TYR E 130 53.22 1.45 8.61
C TYR E 130 51.75 1.84 8.65
N ARG E 131 51.28 2.29 9.81
CA ARG E 131 49.89 2.67 9.99
C ARG E 131 49.41 3.61 8.90
N TYR E 132 50.20 4.64 8.58
CA TYR E 132 49.82 5.59 7.55
C TYR E 132 49.48 4.89 6.24
N LEU E 133 50.20 3.80 5.93
CA LEU E 133 49.97 3.09 4.69
C LEU E 133 48.73 2.19 4.77
N CYS E 134 48.64 1.35 5.81
CA CYS E 134 47.48 0.49 5.95
C CYS E 134 46.18 1.29 6.02
N ASN E 135 46.25 2.55 6.47
CA ASN E 135 45.08 3.38 6.70
C ASN E 135 44.76 4.31 5.53
N THR E 136 45.75 4.78 4.80
CA THR E 136 45.47 5.64 3.66
C THR E 136 44.52 4.94 2.69
N SER E 137 43.70 5.73 2.01
CA SER E 137 42.78 5.18 1.04
C SER E 137 43.51 4.40 -0.05
N SER E 138 42.80 3.41 -0.60
CA SER E 138 43.37 2.58 -1.66
C SER E 138 43.71 3.43 -2.89
N ARG E 139 42.72 4.10 -3.45
CA ARG E 139 42.96 4.84 -4.67
C ARG E 139 43.86 6.06 -4.46
N THR E 140 44.26 6.37 -3.23
CA THR E 140 45.25 7.42 -3.00
C THR E 140 46.62 6.84 -3.27
N ASP E 141 47.37 7.48 -4.17
CA ASP E 141 48.63 6.97 -4.66
C ASP E 141 49.77 7.58 -3.86
N LEU E 142 50.54 6.74 -3.16
CA LEU E 142 51.64 7.16 -2.31
C LEU E 142 53.00 6.75 -2.88
N ASN E 143 53.03 6.27 -4.13
CA ASN E 143 54.26 5.76 -4.69
C ASN E 143 55.31 6.85 -4.92
N TYR E 144 54.89 8.10 -5.04
CA TYR E 144 55.80 9.19 -5.34
C TYR E 144 56.36 9.86 -4.08
N LEU E 145 56.07 9.31 -2.91
CA LEU E 145 56.66 9.84 -1.69
C LEU E 145 58.19 9.74 -1.74
N GLN E 146 58.82 10.42 -0.79
CA GLN E 146 60.27 10.47 -0.67
C GLN E 146 60.71 9.77 0.61
N GLY E 147 61.84 9.07 0.53
CA GLY E 147 62.38 8.39 1.70
C GLY E 147 63.15 9.35 2.60
N VAL E 148 63.07 9.08 3.89
CA VAL E 148 63.79 9.85 4.90
C VAL E 148 64.31 8.90 5.96
N ASP E 149 65.51 9.18 6.47
CA ASP E 149 66.13 8.31 7.47
C ASP E 149 65.53 8.48 8.86
N GLY E 150 64.50 9.30 9.00
CA GLY E 150 63.91 9.56 10.29
C GLY E 150 62.44 9.18 10.35
N PRO E 151 61.80 9.49 11.48
CA PRO E 151 60.37 9.20 11.61
C PRO E 151 59.53 10.30 11.00
N ILE E 152 58.33 9.93 10.58
CA ILE E 152 57.38 10.91 10.05
C ILE E 152 56.85 11.71 11.22
N GLY E 153 56.01 12.70 10.93
CA GLY E 153 55.51 13.57 11.97
C GLY E 153 54.41 12.92 12.79
N ARG E 154 54.28 13.39 14.02
CA ARG E 154 53.23 12.95 14.93
C ARG E 154 52.42 14.18 15.36
N CYS E 155 51.11 14.14 15.14
CA CYS E 155 50.22 15.23 15.53
C CYS E 155 49.34 14.74 16.69
N PHE E 156 49.54 15.33 17.86
CA PHE E 156 48.78 14.96 19.05
C PHE E 156 47.53 15.82 19.11
N THR E 157 46.42 15.30 18.60
CA THR E 157 45.14 15.99 18.63
C THR E 157 44.52 15.87 20.01
N LEU E 158 44.37 16.99 20.70
CA LEU E 158 43.86 17.03 22.06
C LEU E 158 42.48 17.68 22.08
N ILE E 159 41.50 16.96 22.60
CA ILE E 159 40.13 17.43 22.70
C ILE E 159 39.94 17.86 24.15
N GLY E 160 40.07 19.17 24.39
CA GLY E 160 40.00 19.70 25.74
C GLY E 160 38.76 19.30 26.49
N GLU E 161 38.76 19.49 27.80
CA GLU E 161 37.57 19.25 28.61
C GLU E 161 36.37 20.02 28.07
N SER E 162 36.60 21.12 27.35
CA SER E 162 35.56 21.92 26.75
C SER E 162 35.31 21.57 25.28
N GLY E 163 35.87 20.47 24.80
CA GLY E 163 35.68 20.06 23.42
C GLY E 163 36.58 20.74 22.40
N GLU E 164 37.30 21.79 22.79
CA GLU E 164 38.19 22.47 21.86
C GLU E 164 39.17 21.49 21.25
N ARG E 165 39.49 21.70 19.99
CA ARG E 165 40.38 20.83 19.21
C ARG E 165 41.72 21.56 19.08
N THR E 166 42.67 21.22 19.95
CA THR E 166 44.00 21.80 19.92
C THR E 166 44.98 20.78 19.33
N PHE E 167 45.99 21.26 18.63
CA PHE E 167 46.95 20.41 17.93
C PHE E 167 48.37 20.67 18.42
N ALA E 168 49.12 19.60 18.69
CA ALA E 168 50.52 19.67 19.08
C ALA E 168 51.34 18.86 18.09
N ILE E 169 52.30 19.51 17.43
CA ILE E 169 52.97 18.95 16.27
C ILE E 169 54.37 18.52 16.67
N SER E 170 54.69 17.25 16.42
CA SER E 170 56.05 16.72 16.57
C SER E 170 56.62 16.49 15.18
N PRO E 171 57.35 17.47 14.61
CA PRO E 171 57.64 17.41 13.18
C PRO E 171 58.36 16.17 12.70
N GLY E 172 59.29 15.64 13.47
CA GLY E 172 60.14 14.60 12.92
C GLY E 172 60.80 15.11 11.66
N HIS E 173 60.69 14.33 10.58
CA HIS E 173 61.26 14.68 9.29
C HIS E 173 60.20 15.17 8.31
N MET E 174 59.02 15.54 8.79
CA MET E 174 57.90 15.77 7.89
C MET E 174 58.21 16.86 6.87
N ASN E 175 59.13 17.78 7.19
CA ASN E 175 59.45 18.91 6.32
C ASN E 175 60.69 18.64 5.46
N GLN E 176 61.15 17.40 5.36
CA GLN E 176 62.38 17.07 4.67
C GLN E 176 62.18 16.79 3.18
N LEU E 177 61.11 17.30 2.59
CA LEU E 177 60.84 17.07 1.18
C LEU E 177 61.78 17.89 0.30
N ARG E 178 62.45 17.23 -0.64
CA ARG E 178 63.39 17.89 -1.53
C ARG E 178 62.73 18.21 -2.87
N ALA E 179 63.14 19.33 -3.47
CA ALA E 179 62.52 19.77 -4.73
C ALA E 179 62.85 18.84 -5.89
N GLU E 180 63.95 18.09 -5.80
CA GLU E 180 64.21 17.05 -6.79
C GLU E 180 63.16 15.95 -6.69
N SER E 181 62.53 15.81 -5.53
CA SER E 181 61.49 14.80 -5.30
C SER E 181 60.14 15.18 -5.91
N ILE E 182 60.02 16.38 -6.49
CA ILE E 182 58.77 16.80 -7.13
C ILE E 182 58.69 16.19 -8.52
N PRO E 183 57.77 15.24 -8.76
CA PRO E 183 57.68 14.67 -10.12
C PRO E 183 57.04 15.67 -11.07
N GLU E 184 57.83 16.19 -12.01
CA GLU E 184 57.31 17.22 -12.91
C GLU E 184 56.12 16.70 -13.72
N ASP E 185 56.20 15.48 -14.22
CA ASP E 185 55.19 14.97 -15.13
C ASP E 185 53.85 14.75 -14.43
N VAL E 186 53.87 14.38 -13.15
CA VAL E 186 52.63 14.17 -12.42
C VAL E 186 51.83 15.45 -12.38
N ILE E 187 52.47 16.54 -11.97
CA ILE E 187 51.78 17.82 -11.86
C ILE E 187 51.32 18.32 -13.22
N ALA E 188 51.99 17.90 -14.30
CA ALA E 188 51.61 18.39 -15.62
C ALA E 188 50.25 17.88 -16.04
N GLY E 189 49.98 16.60 -15.80
CA GLY E 189 48.72 16.02 -16.21
C GLY E 189 47.68 16.11 -15.12
N ALA E 190 47.94 16.98 -14.15
CA ALA E 190 46.98 17.19 -13.07
C ALA E 190 46.03 18.32 -13.41
N SER E 191 44.92 18.35 -12.68
CA SER E 191 43.91 19.39 -12.84
C SER E 191 43.92 20.40 -11.70
N ALA E 192 44.75 20.18 -10.67
CA ALA E 192 44.91 21.15 -9.58
C ALA E 192 46.04 20.66 -8.68
N LEU E 193 46.72 21.62 -8.04
CA LEU E 193 47.73 21.34 -7.03
C LEU E 193 47.27 21.94 -5.70
N VAL E 194 47.24 21.11 -4.66
CA VAL E 194 46.56 21.44 -3.40
C VAL E 194 47.58 21.55 -2.29
N LEU E 195 47.57 22.68 -1.57
CA LEU E 195 48.54 22.97 -0.53
C LEU E 195 47.84 23.50 0.72
N THR E 196 48.59 23.51 1.84
CA THR E 196 48.10 24.00 3.11
C THR E 196 49.05 25.03 3.71
N SER E 197 48.47 25.98 4.43
CA SER E 197 49.24 27.05 5.05
C SER E 197 50.36 26.54 5.94
N TYR E 198 50.25 25.31 6.43
CA TYR E 198 51.22 24.75 7.37
C TYR E 198 52.59 24.45 6.73
N LEU E 199 52.72 24.56 5.41
CA LEU E 199 53.95 24.13 4.76
C LEU E 199 55.13 25.07 5.00
N VAL E 200 54.87 26.36 5.23
CA VAL E 200 55.96 27.29 5.50
C VAL E 200 56.43 27.22 6.93
N ARG E 201 55.62 26.67 7.83
CA ARG E 201 56.01 26.50 9.22
C ARG E 201 57.03 25.37 9.32
N CYS E 202 58.30 25.75 9.44
CA CYS E 202 59.38 24.78 9.52
C CYS E 202 60.57 25.41 10.22
N LYS E 203 61.44 24.55 10.76
CA LYS E 203 62.70 25.02 11.34
C LYS E 203 63.60 25.56 10.22
N PRO E 204 64.32 26.66 10.46
CA PRO E 204 65.06 27.30 9.36
C PRO E 204 66.04 26.34 8.71
N GLY E 205 66.25 26.52 7.40
CA GLY E 205 67.11 25.67 6.63
C GLY E 205 66.44 24.43 6.09
N GLU E 206 65.27 24.05 6.63
CA GLU E 206 64.57 22.88 6.14
C GLU E 206 64.04 23.13 4.73
N PRO E 207 64.07 22.13 3.86
CA PRO E 207 63.81 22.36 2.43
C PRO E 207 62.36 22.36 1.98
N MET E 208 61.40 21.97 2.84
CA MET E 208 60.01 21.84 2.40
C MET E 208 59.52 23.04 1.60
N PRO E 209 59.64 24.28 2.09
CA PRO E 209 59.13 25.42 1.29
C PRO E 209 59.77 25.54 -0.08
N GLU E 210 61.05 25.18 -0.23
CA GLU E 210 61.67 25.23 -1.54
C GLU E 210 60.98 24.29 -2.51
N ALA E 211 60.64 23.08 -2.06
CA ALA E 211 59.97 22.11 -2.93
C ALA E 211 58.60 22.63 -3.33
N THR E 212 57.86 23.20 -2.39
CA THR E 212 56.55 23.76 -2.69
C THR E 212 56.64 24.78 -3.81
N MET E 213 57.56 25.74 -3.68
CA MET E 213 57.73 26.73 -4.72
C MET E 213 58.09 26.07 -6.05
N LYS E 214 58.78 24.93 -6.00
CA LYS E 214 59.14 24.24 -7.24
C LYS E 214 57.91 23.59 -7.87
N ALA E 215 57.05 22.97 -7.05
CA ALA E 215 55.82 22.42 -7.60
C ALA E 215 54.98 23.53 -8.23
N ILE E 216 54.83 24.66 -7.54
CA ILE E 216 54.08 25.78 -8.11
C ILE E 216 54.73 26.25 -9.40
N GLU E 217 56.07 26.20 -9.47
CA GLU E 217 56.74 26.51 -10.73
C GLU E 217 56.21 25.61 -11.83
N TYR E 218 56.22 24.30 -11.61
CA TYR E 218 55.69 23.36 -12.59
C TYR E 218 54.21 23.62 -12.85
N ALA E 219 53.43 23.87 -11.79
CA ALA E 219 52.00 24.14 -11.97
C ALA E 219 51.79 25.33 -12.89
N LYS E 220 52.50 26.43 -12.63
CA LYS E 220 52.40 27.60 -13.49
C LYS E 220 52.83 27.27 -14.91
N LYS E 221 53.82 26.38 -15.06
CA LYS E 221 54.27 25.97 -16.39
C LYS E 221 53.12 25.47 -17.23
N TYR E 222 52.31 24.58 -16.67
CA TYR E 222 51.28 23.83 -17.39
C TYR E 222 49.86 24.34 -17.12
N ASN E 223 49.73 25.55 -16.59
CA ASN E 223 48.42 26.19 -16.41
C ASN E 223 47.52 25.32 -15.51
N VAL E 224 48.09 24.87 -14.41
CA VAL E 224 47.40 24.03 -13.45
C VAL E 224 46.97 24.91 -12.27
N PRO E 225 45.68 25.03 -11.98
CA PRO E 225 45.25 25.86 -10.86
C PRO E 225 45.87 25.41 -9.55
N VAL E 226 46.23 26.40 -8.73
CA VAL E 226 46.84 26.18 -7.41
C VAL E 226 45.78 26.38 -6.34
N VAL E 227 45.75 25.48 -5.36
CA VAL E 227 44.72 25.47 -4.32
C VAL E 227 45.37 25.60 -2.95
N LEU E 228 44.69 26.32 -2.05
CA LEU E 228 45.24 26.60 -0.73
C LEU E 228 44.16 26.56 0.34
N THR E 229 44.37 25.73 1.36
CA THR E 229 43.56 25.71 2.57
C THR E 229 44.38 26.28 3.75
N LEU E 230 43.67 26.81 4.74
CA LEU E 230 44.32 27.51 5.85
C LEU E 230 44.22 26.71 7.14
N GLY E 231 45.22 26.91 7.99
CA GLY E 231 45.43 26.12 9.20
C GLY E 231 45.36 26.84 10.53
N THR E 232 44.28 27.56 10.78
CA THR E 232 43.99 28.25 12.03
C THR E 232 44.06 29.76 11.79
N LYS E 233 43.29 30.51 12.56
CA LYS E 233 43.32 31.96 12.47
C LYS E 233 44.64 32.52 12.96
N PHE E 234 45.22 31.91 13.99
CA PHE E 234 46.42 32.48 14.60
C PHE E 234 47.61 32.44 13.65
N VAL E 235 47.81 31.34 12.95
CA VAL E 235 48.95 31.27 12.01
C VAL E 235 48.78 32.30 10.90
N ILE E 236 47.55 32.65 10.57
CA ILE E 236 47.33 33.57 9.46
C ILE E 236 47.49 35.01 9.96
N ALA E 237 46.97 35.27 11.16
CA ALA E 237 47.12 36.60 11.75
C ALA E 237 48.59 36.93 11.99
N GLU E 238 49.47 35.92 11.99
CA GLU E 238 50.90 36.15 12.18
C GLU E 238 51.48 37.01 11.05
N ASN E 239 51.01 36.82 9.83
CA ASN E 239 51.60 37.57 8.74
C ASN E 239 50.59 37.80 7.62
N PRO E 240 49.46 38.44 7.92
CA PRO E 240 48.39 38.53 6.93
C PRO E 240 48.82 39.11 5.58
N GLN E 241 49.61 40.17 5.57
CA GLN E 241 49.92 40.77 4.27
C GLN E 241 50.90 39.93 3.47
N TRP E 242 51.66 39.06 4.12
CA TRP E 242 52.44 38.12 3.32
C TRP E 242 51.54 37.11 2.62
N TRP E 243 50.57 36.56 3.34
CA TRP E 243 49.63 35.63 2.70
C TRP E 243 48.92 36.31 1.54
N GLN E 244 48.45 37.54 1.70
CA GLN E 244 47.85 38.25 0.59
C GLN E 244 48.74 38.16 -0.65
N GLN E 245 50.02 38.52 -0.49
CA GLN E 245 50.91 38.55 -1.64
C GLN E 245 51.07 37.14 -2.23
N PHE E 246 51.06 36.12 -1.37
CA PHE E 246 51.18 34.75 -1.86
C PHE E 246 50.03 34.39 -2.78
N LEU E 247 48.81 34.75 -2.39
CA LEU E 247 47.62 34.36 -3.15
C LEU E 247 47.60 35.05 -4.50
N LYS E 248 48.00 36.31 -4.55
CA LYS E 248 47.97 37.07 -5.79
C LYS E 248 48.81 36.38 -6.86
N ASP E 249 50.06 36.06 -6.52
CA ASP E 249 51.00 35.58 -7.53
C ASP E 249 50.67 34.16 -7.97
N HIS E 250 50.46 33.24 -7.02
CA HIS E 250 50.35 31.83 -7.33
C HIS E 250 48.93 31.28 -7.22
N VAL E 251 48.27 31.50 -6.09
CA VAL E 251 47.04 30.76 -5.80
C VAL E 251 45.92 31.19 -6.73
N SER E 252 45.12 30.21 -7.16
CA SER E 252 43.90 30.41 -7.92
C SER E 252 42.65 29.99 -7.17
N ILE E 253 42.79 29.16 -6.13
CA ILE E 253 41.63 28.65 -5.38
C ILE E 253 41.94 28.62 -3.89
N LEU E 254 41.05 29.18 -3.08
CA LEU E 254 41.30 29.41 -1.66
C LEU E 254 40.22 28.75 -0.81
N ALA E 255 40.65 27.92 0.13
CA ALA E 255 39.78 27.27 1.10
C ALA E 255 40.01 27.90 2.46
N MET E 256 38.94 28.03 3.25
CA MET E 256 38.97 28.97 4.35
C MET E 256 37.82 28.72 5.30
N ASN E 257 37.96 29.20 6.52
CA ASN E 257 36.82 29.39 7.40
C ASN E 257 36.71 30.87 7.71
N GLU E 258 35.61 31.28 8.33
CA GLU E 258 35.35 32.71 8.50
C GLU E 258 36.42 33.34 9.38
N ASP E 259 36.87 32.64 10.42
CA ASP E 259 37.87 33.20 11.30
C ASP E 259 39.22 33.32 10.58
N GLU E 260 39.66 32.23 9.96
CA GLU E 260 40.85 32.29 9.12
C GLU E 260 40.72 33.41 8.10
N ALA E 261 39.49 33.71 7.66
CA ALA E 261 39.27 34.72 6.63
C ALA E 261 39.33 36.13 7.20
N GLU E 262 38.66 36.35 8.32
CA GLU E 262 38.76 37.66 8.98
C GLU E 262 40.21 38.01 9.28
N ALA E 263 41.01 37.00 9.62
CA ALA E 263 42.42 37.24 9.94
C ALA E 263 43.18 37.70 8.70
N LEU E 264 42.76 37.27 7.52
CA LEU E 264 43.48 37.60 6.29
C LEU E 264 43.08 38.96 5.74
N THR E 265 41.80 39.32 5.85
CA THR E 265 41.27 40.54 5.24
C THR E 265 40.82 41.60 6.22
N GLY E 266 40.55 41.23 7.47
CA GLY E 266 40.01 42.16 8.45
C GLY E 266 38.51 42.36 8.37
N GLU E 267 37.80 41.50 7.65
CA GLU E 267 36.35 41.59 7.47
C GLU E 267 35.73 40.44 8.24
N SER E 268 34.98 40.76 9.30
CA SER E 268 34.29 39.75 10.08
C SER E 268 33.11 39.15 9.34
N ASP E 269 32.73 39.71 8.19
CA ASP E 269 31.65 39.17 7.40
C ASP E 269 32.22 38.17 6.41
N PRO E 270 31.88 36.87 6.52
CA PRO E 270 32.48 35.90 5.60
C PRO E 270 32.23 36.23 4.15
N LEU E 271 31.04 36.74 3.84
CA LEU E 271 30.74 37.12 2.47
C LEU E 271 31.72 38.17 1.97
N LEU E 272 31.95 39.22 2.77
CA LEU E 272 32.84 40.29 2.35
C LEU E 272 34.29 39.81 2.29
N ALA E 273 34.74 39.10 3.32
CA ALA E 273 36.09 38.55 3.29
C ALA E 273 36.28 37.74 2.00
N SER E 274 35.34 36.84 1.74
CA SER E 274 35.40 36.04 0.52
C SER E 274 35.43 36.94 -0.72
N ASP E 275 34.66 38.03 -0.70
CA ASP E 275 34.66 38.95 -1.83
C ASP E 275 36.00 39.67 -1.98
N LYS E 276 36.59 40.13 -0.87
CA LYS E 276 37.88 40.78 -0.96
C LYS E 276 38.95 39.83 -1.48
N ALA E 277 38.89 38.56 -1.06
CA ALA E 277 39.88 37.60 -1.53
C ALA E 277 39.83 37.45 -3.04
N LEU E 278 38.66 37.66 -3.64
CA LEU E 278 38.57 37.55 -5.10
C LEU E 278 39.40 38.60 -5.81
N ASP E 279 39.88 39.62 -5.10
CA ASP E 279 40.84 40.51 -5.72
C ASP E 279 42.13 39.78 -6.08
N TRP E 280 42.42 38.67 -5.38
CA TRP E 280 43.71 38.00 -5.47
C TRP E 280 43.66 36.65 -6.18
N VAL E 281 42.57 35.90 -6.07
CA VAL E 281 42.46 34.57 -6.62
C VAL E 281 41.22 34.48 -7.49
N ASP E 282 41.02 33.31 -8.11
CA ASP E 282 39.94 33.09 -9.06
C ASP E 282 38.68 32.47 -8.42
N LEU E 283 38.81 31.85 -7.25
CA LEU E 283 37.69 31.15 -6.65
C LEU E 283 37.97 30.97 -5.15
N VAL E 284 36.94 31.21 -4.34
CA VAL E 284 37.07 31.21 -2.88
C VAL E 284 35.98 30.37 -2.27
N LEU E 285 36.36 29.54 -1.30
CA LEU E 285 35.43 28.75 -0.52
C LEU E 285 35.62 29.15 0.93
N CYS E 286 34.55 29.60 1.57
CA CYS E 286 34.59 30.07 2.94
C CYS E 286 33.59 29.25 3.74
N THR E 287 34.09 28.46 4.68
CA THR E 287 33.24 27.64 5.53
C THR E 287 32.87 28.49 6.72
N ALA E 288 31.60 28.87 6.83
CA ALA E 288 31.16 29.77 7.87
C ALA E 288 30.56 29.03 9.07
N GLY E 289 31.03 27.81 9.31
CA GLY E 289 30.53 27.01 10.41
C GLY E 289 29.02 26.88 10.37
N PRO E 290 28.34 27.29 11.45
CA PRO E 290 26.87 27.15 11.49
C PRO E 290 26.11 28.08 10.56
N ILE E 291 26.70 29.17 10.07
CA ILE E 291 26.06 29.94 9.02
C ILE E 291 25.96 29.15 7.72
N GLY E 292 26.80 28.14 7.54
CA GLY E 292 26.83 27.41 6.29
C GLY E 292 28.17 27.53 5.59
N LEU E 293 28.16 27.82 4.30
CA LEU E 293 29.41 28.17 3.62
C LEU E 293 29.09 29.01 2.39
N TYR E 294 29.97 29.97 2.11
CA TYR E 294 29.81 30.86 0.98
C TYR E 294 30.79 30.44 -0.10
N MET E 295 30.50 30.85 -1.34
CA MET E 295 31.40 30.62 -2.45
C MET E 295 31.35 31.81 -3.37
N ALA E 296 32.52 32.26 -3.83
CA ALA E 296 32.63 33.41 -4.71
C ALA E 296 33.61 33.09 -5.82
N GLY E 297 33.30 33.55 -7.02
CA GLY E 297 34.16 33.28 -8.14
C GLY E 297 33.85 34.17 -9.33
N PHE E 298 34.43 33.81 -10.45
CA PHE E 298 34.28 34.55 -11.70
C PHE E 298 33.63 33.65 -12.74
N THR E 299 32.83 34.27 -13.60
CA THR E 299 32.22 33.59 -14.73
C THR E 299 32.18 34.53 -15.91
N GLU E 300 32.13 33.96 -17.12
CA GLU E 300 32.02 34.76 -18.32
C GLU E 300 30.65 35.44 -18.33
N ASP E 301 30.64 36.76 -18.56
CA ASP E 301 29.38 37.49 -18.49
C ASP E 301 28.41 37.08 -19.58
N GLU E 302 28.88 36.48 -20.66
CA GLU E 302 27.97 36.04 -21.71
C GLU E 302 27.23 34.77 -21.31
N ALA E 303 27.86 33.91 -20.51
CA ALA E 303 27.28 32.64 -20.11
C ALA E 303 26.72 32.66 -18.70
N LYS E 304 26.55 33.83 -18.10
CA LYS E 304 25.96 33.90 -16.77
C LYS E 304 24.56 33.31 -16.79
N ARG E 305 24.23 32.51 -15.78
CA ARG E 305 22.90 31.91 -15.68
C ARG E 305 22.27 32.20 -14.33
N LYS E 306 21.05 32.76 -14.36
CA LYS E 306 20.38 33.31 -13.19
C LYS E 306 19.68 32.26 -12.34
N THR E 307 19.64 32.51 -11.04
CA THR E 307 19.09 31.57 -10.08
C THR E 307 17.57 31.51 -10.20
N GLN E 308 17.00 30.46 -9.62
CA GLN E 308 15.56 30.33 -9.43
C GLN E 308 15.17 30.34 -7.97
N HIS E 309 16.13 30.61 -7.08
CA HIS E 309 15.87 30.78 -5.65
C HIS E 309 15.62 32.25 -5.34
N PRO E 310 15.10 32.55 -4.15
CA PRO E 310 14.91 33.95 -3.77
C PRO E 310 16.24 34.70 -3.74
N LEU E 311 16.20 35.97 -4.15
CA LEU E 311 17.40 36.79 -4.04
C LEU E 311 17.62 37.09 -2.56
N LEU E 312 18.82 36.79 -2.06
CA LEU E 312 19.01 36.92 -0.62
C LEU E 312 19.57 38.30 -0.25
N PRO E 313 19.24 38.77 0.96
CA PRO E 313 19.86 39.99 1.47
C PRO E 313 21.16 39.65 2.19
N GLY E 314 22.13 40.54 2.04
CA GLY E 314 23.42 40.36 2.67
C GLY E 314 24.29 41.57 2.42
N ALA E 315 25.49 41.53 2.99
CA ALA E 315 26.46 42.60 2.80
C ALA E 315 26.53 43.03 1.35
N ILE E 316 26.47 42.07 0.43
CA ILE E 316 26.24 42.35 -0.99
C ILE E 316 24.76 42.13 -1.29
N ALA E 317 24.07 43.19 -1.74
CA ALA E 317 22.65 43.04 -2.04
C ALA E 317 22.45 42.05 -3.18
N GLU E 318 21.54 41.09 -2.98
CA GLU E 318 21.18 40.12 -4.00
C GLU E 318 22.43 39.42 -4.54
N PHE E 319 23.22 38.88 -3.62
CA PHE E 319 24.52 38.36 -4.02
C PHE E 319 24.43 37.04 -4.76
N ASN E 320 23.42 36.23 -4.46
CA ASN E 320 23.22 34.96 -5.14
C ASN E 320 22.41 35.11 -6.42
N GLN E 321 22.41 36.30 -7.02
CA GLN E 321 21.59 36.56 -8.20
C GLN E 321 21.96 35.69 -9.38
N TYR E 322 23.22 35.26 -9.49
CA TYR E 322 23.65 34.35 -10.56
C TYR E 322 24.24 33.07 -9.96
N GLU E 323 23.66 32.64 -8.84
CA GLU E 323 24.07 31.44 -8.14
C GLU E 323 24.32 30.25 -9.07
N PHE E 324 23.59 30.19 -10.18
CA PHE E 324 23.58 29.00 -11.02
C PHE E 324 24.66 29.03 -12.10
N SER E 325 25.56 30.00 -12.06
CA SER E 325 26.62 30.05 -13.06
C SER E 325 27.78 29.14 -12.67
N ARG E 326 28.58 28.79 -13.67
CA ARG E 326 29.78 28.00 -13.45
C ARG E 326 30.99 28.91 -13.28
N ALA E 327 31.96 28.43 -12.52
CA ALA E 327 33.14 29.22 -12.19
C ALA E 327 34.18 29.11 -13.29
N MET E 328 34.76 30.26 -13.64
CA MET E 328 35.90 30.31 -14.54
C MET E 328 37.09 30.92 -13.80
N ARG E 329 38.26 30.73 -14.38
CA ARG E 329 39.46 31.40 -13.91
C ARG E 329 39.46 32.82 -14.47
N HIS E 330 39.89 33.77 -13.65
CA HIS E 330 39.84 35.16 -14.08
C HIS E 330 40.58 35.35 -15.40
N LYS E 331 41.69 34.62 -15.57
CA LYS E 331 42.50 34.82 -16.77
C LYS E 331 41.73 34.43 -18.03
N ASP E 332 40.95 33.36 -17.94
CA ASP E 332 40.23 32.80 -19.08
C ASP E 332 38.99 33.59 -19.45
N CYS E 333 38.57 34.55 -18.61
CA CYS E 333 37.38 35.32 -18.92
C CYS E 333 37.69 36.48 -19.86
N GLN E 334 36.72 36.77 -20.73
CA GLN E 334 36.77 37.93 -21.59
C GLN E 334 36.07 39.13 -20.95
N ASN E 335 34.94 38.91 -20.28
CA ASN E 335 34.28 39.92 -19.47
C ASN E 335 33.92 39.30 -18.14
N PRO E 336 34.90 39.15 -17.23
CA PRO E 336 34.62 38.44 -15.97
C PRO E 336 33.59 39.15 -15.13
N LEU E 337 32.79 38.35 -14.43
CA LEU E 337 31.76 38.84 -13.51
C LEU E 337 31.87 38.09 -12.20
N ARG E 338 31.77 38.83 -11.10
CA ARG E 338 31.85 38.21 -9.79
C ARG E 338 30.49 37.61 -9.45
N VAL E 339 30.51 36.38 -8.94
CA VAL E 339 29.29 35.62 -8.67
C VAL E 339 29.45 34.95 -7.31
N TYR E 340 28.37 34.87 -6.56
CA TYR E 340 28.43 34.47 -5.16
C TYR E 340 27.33 33.45 -4.90
N SER E 341 27.51 32.69 -3.82
CA SER E 341 26.51 31.72 -3.43
C SER E 341 26.66 31.38 -1.96
N HIS E 342 25.55 30.98 -1.35
CA HIS E 342 25.54 30.64 0.06
C HIS E 342 24.58 29.48 0.28
N ILE E 343 24.98 28.57 1.17
CA ILE E 343 24.17 27.43 1.56
C ILE E 343 24.24 27.29 3.08
N ALA E 344 23.16 26.81 3.66
CA ALA E 344 23.05 26.63 5.10
C ALA E 344 23.44 25.21 5.49
N PRO E 345 23.56 24.94 6.79
CA PRO E 345 23.88 23.57 7.24
C PRO E 345 22.84 22.54 6.82
N TYR E 346 23.32 21.34 6.55
CA TYR E 346 22.45 20.21 6.24
C TYR E 346 21.74 19.77 7.52
N MET E 347 20.45 19.44 7.40
CA MET E 347 19.65 18.91 8.50
C MET E 347 19.99 19.57 9.83
N GLY E 348 20.16 20.90 9.81
CA GLY E 348 20.42 21.66 11.02
C GLY E 348 21.73 21.30 11.72
N THR E 356 35.15 19.99 14.37
CA THR E 356 34.75 21.17 13.62
C THR E 356 35.88 21.65 12.72
N ASN E 357 37.09 21.14 12.96
CA ASN E 357 38.27 21.60 12.22
C ASN E 357 38.46 20.85 10.91
N GLY E 358 38.29 19.52 10.92
CA GLY E 358 38.47 18.73 9.71
C GLY E 358 37.33 18.84 8.72
N ALA E 359 36.22 19.48 9.09
CA ALA E 359 35.09 19.58 8.18
C ALA E 359 35.44 20.43 6.97
N GLY E 360 35.98 21.64 7.21
CA GLY E 360 36.40 22.47 6.09
C GLY E 360 37.35 21.75 5.17
N ASP E 361 38.33 21.03 5.75
CA ASP E 361 39.23 20.21 4.95
C ASP E 361 38.47 19.19 4.11
N GLY E 362 37.23 18.87 4.48
CA GLY E 362 36.40 17.97 3.70
C GLY E 362 35.65 18.66 2.59
N ALA E 363 35.01 19.80 2.91
CA ALA E 363 34.32 20.58 1.89
C ALA E 363 35.25 20.94 0.74
N LEU E 364 36.53 21.14 1.04
CA LEU E 364 37.51 21.36 -0.02
C LEU E 364 37.58 20.13 -0.92
N ALA E 365 37.69 18.95 -0.32
CA ALA E 365 37.77 17.72 -1.10
C ALA E 365 36.63 17.63 -2.10
N ALA E 366 35.41 17.98 -1.67
CA ALA E 366 34.26 17.96 -2.56
C ALA E 366 34.48 18.86 -3.76
N LEU E 367 34.95 20.09 -3.52
CA LEU E 367 35.20 21.01 -4.62
C LEU E 367 36.22 20.44 -5.60
N LEU E 368 37.29 19.83 -5.08
CA LEU E 368 38.28 19.22 -5.96
C LEU E 368 37.62 18.25 -6.94
N HIS E 369 36.76 17.37 -6.43
CA HIS E 369 36.03 16.43 -7.28
C HIS E 369 35.36 17.15 -8.44
N ASP E 370 34.60 18.20 -8.15
CA ASP E 370 33.89 18.89 -9.22
C ASP E 370 34.86 19.40 -10.28
N ILE E 371 36.02 19.91 -9.85
CA ILE E 371 36.99 20.44 -10.81
C ILE E 371 37.68 19.31 -11.57
N THR E 372 38.00 18.21 -10.87
CA THR E 372 38.54 17.06 -11.58
C THR E 372 37.54 16.58 -12.63
N ALA E 373 36.26 16.53 -12.27
CA ALA E 373 35.24 16.04 -13.19
C ALA E 373 35.23 16.86 -14.49
N ASN E 374 35.38 18.18 -14.38
CA ASN E 374 35.39 18.98 -15.60
C ASN E 374 36.55 18.59 -16.50
N SER E 375 37.75 18.40 -15.93
CA SER E 375 38.87 17.98 -16.75
C SER E 375 38.62 16.62 -17.37
N TYR E 376 37.88 15.76 -16.67
CA TYR E 376 37.59 14.43 -17.17
C TYR E 376 36.56 14.47 -18.29
N HIS E 377 35.42 15.13 -18.03
CA HIS E 377 34.37 15.24 -19.02
C HIS E 377 34.79 16.06 -20.23
N ARG E 378 35.78 16.93 -20.10
CA ARG E 378 36.28 17.68 -21.25
C ARG E 378 37.14 16.81 -22.14
N SER E 379 37.91 15.90 -21.54
CA SER E 379 38.78 15.02 -22.30
C SER E 379 38.02 13.88 -22.96
N ASN E 380 36.90 13.44 -22.36
CA ASN E 380 36.10 12.36 -22.92
C ASN E 380 34.95 12.87 -23.79
N VAL E 381 34.50 14.10 -23.58
CA VAL E 381 33.36 14.63 -24.31
C VAL E 381 33.66 16.07 -24.73
N PRO E 382 34.62 16.29 -25.63
CA PRO E 382 34.96 17.68 -26.01
C PRO E 382 33.84 18.41 -26.73
N ASN E 383 32.91 17.72 -27.36
CA ASN E 383 31.92 18.40 -28.18
C ASN E 383 30.78 19.00 -27.38
N SER E 384 30.67 18.70 -26.09
CA SER E 384 29.43 18.96 -25.39
C SER E 384 29.29 20.46 -25.11
N SER E 385 28.05 20.86 -24.85
CA SER E 385 27.78 22.24 -24.48
C SER E 385 28.52 22.64 -23.20
N LYS E 386 28.97 21.67 -22.41
CA LYS E 386 29.68 21.97 -21.18
C LYS E 386 31.12 22.41 -21.42
N HIS E 387 31.52 22.65 -22.66
CA HIS E 387 32.89 23.10 -22.92
C HIS E 387 32.95 24.11 -24.05
N LYS E 388 31.84 24.82 -24.32
CA LYS E 388 31.86 25.95 -25.23
C LYS E 388 33.01 26.90 -24.90
N PHE E 389 33.42 26.95 -23.63
CA PHE E 389 34.56 27.74 -23.20
C PHE E 389 35.58 26.90 -22.44
N THR E 390 36.54 27.57 -21.82
CA THR E 390 37.58 26.93 -21.02
C THR E 390 37.16 27.19 -19.58
N TRP E 391 36.39 26.27 -19.01
CA TRP E 391 35.82 26.43 -17.68
C TRP E 391 36.74 25.90 -16.59
N LEU E 392 36.39 26.24 -15.34
CA LEU E 392 37.09 25.74 -14.16
C LEU E 392 36.34 24.63 -13.44
N THR E 393 35.06 24.84 -13.14
CA THR E 393 34.24 23.87 -12.43
C THR E 393 33.22 23.25 -13.39
N TYR E 394 32.88 21.99 -13.12
CA TYR E 394 31.87 21.32 -13.94
C TYR E 394 30.47 21.82 -13.58
N SER E 395 30.20 22.06 -12.31
CA SER E 395 28.87 22.42 -11.82
C SER E 395 28.80 23.91 -11.48
N SER E 396 27.59 24.34 -11.12
CA SER E 396 27.35 25.70 -10.68
C SER E 396 27.68 25.84 -9.21
N LEU E 397 27.92 27.08 -8.81
CA LEU E 397 28.28 27.38 -7.42
C LEU E 397 27.23 26.84 -6.45
N ALA E 398 25.95 27.09 -6.73
CA ALA E 398 24.89 26.56 -5.88
C ALA E 398 24.96 25.04 -5.81
N GLN E 399 25.20 24.39 -6.95
CA GLN E 399 25.28 22.93 -6.95
C GLN E 399 26.52 22.46 -6.20
N VAL E 400 27.64 23.18 -6.37
CA VAL E 400 28.88 22.82 -5.69
C VAL E 400 28.73 22.97 -4.18
N CYS E 401 27.98 24.00 -3.75
CA CYS E 401 27.70 24.16 -2.32
C CYS E 401 26.91 22.99 -1.76
N LYS E 402 25.87 22.53 -2.49
CA LYS E 402 25.08 21.40 -2.03
C LYS E 402 25.99 20.22 -1.70
N TYR E 403 26.93 19.94 -2.61
CA TYR E 403 27.84 18.81 -2.41
C TYR E 403 28.75 19.06 -1.23
N ALA E 404 29.46 20.19 -1.25
CA ALA E 404 30.42 20.49 -0.20
C ALA E 404 29.75 20.59 1.17
N ASN E 405 28.57 21.20 1.23
CA ASN E 405 27.87 21.27 2.51
C ASN E 405 27.55 19.87 3.02
N ARG E 406 27.11 18.99 2.12
CA ARG E 406 26.82 17.61 2.50
C ARG E 406 28.07 16.90 3.03
N VAL E 407 29.21 17.12 2.38
CA VAL E 407 30.44 16.45 2.82
C VAL E 407 30.85 16.96 4.19
N SER E 408 30.81 18.28 4.40
CA SER E 408 31.18 18.81 5.71
C SER E 408 30.32 18.19 6.80
N TYR E 409 29.02 18.03 6.52
CA TYR E 409 28.13 17.40 7.51
C TYR E 409 28.58 15.98 7.82
N GLN E 410 29.08 15.26 6.81
CA GLN E 410 29.53 13.89 7.05
C GLN E 410 30.77 13.88 7.94
N VAL E 411 31.67 14.86 7.75
CA VAL E 411 32.90 14.89 8.53
C VAL E 411 32.58 15.23 9.98
N LEU E 412 31.52 16.00 10.19
CA LEU E 412 31.15 16.43 11.54
C LEU E 412 30.51 15.28 12.30
N ASN E 413 29.71 14.47 11.59
CA ASN E 413 29.00 13.34 12.18
C ASN E 413 29.92 12.19 12.55
N GLN E 414 31.21 12.26 12.26
CA GLN E 414 32.15 11.25 12.73
C GLN E 414 33.33 11.92 13.44
N HIS E 415 34.08 11.09 14.17
CA HIS E 415 35.18 11.57 14.99
C HIS E 415 36.35 12.05 14.15
N SER E 416 36.88 11.18 13.30
CA SER E 416 38.09 11.50 12.55
C SER E 416 37.82 12.57 11.50
N PRO E 417 38.87 13.26 11.04
CA PRO E 417 38.70 14.17 9.91
C PRO E 417 38.80 13.50 8.55
N ARG E 418 39.12 12.20 8.51
CA ARG E 418 39.17 11.43 7.28
C ARG E 418 37.94 10.54 7.16
N LEU E 419 37.41 10.47 5.94
CA LEU E 419 36.27 9.63 5.63
C LEU E 419 36.73 8.21 5.29
N THR E 420 35.82 7.26 5.49
CA THR E 420 36.08 5.86 5.17
C THR E 420 35.16 5.32 4.09
N ARG E 421 33.99 5.93 3.88
CA ARG E 421 33.03 5.50 2.88
C ARG E 421 32.47 6.74 2.19
N GLY E 422 32.44 6.72 0.87
CA GLY E 422 31.85 7.81 0.11
C GLY E 422 30.40 8.06 0.45
N LEU E 423 29.72 8.87 -0.36
CA LEU E 423 28.35 9.25 -0.10
C LEU E 423 27.36 8.25 -0.68
N PRO E 424 26.15 8.19 -0.12
CA PRO E 424 25.14 7.25 -0.62
C PRO E 424 24.62 7.74 -1.97
N GLU E 425 24.69 6.89 -2.98
CA GLU E 425 24.38 7.33 -4.34
C GLU E 425 22.91 7.03 -4.64
N ARG E 426 22.32 7.85 -5.51
CA ARG E 426 20.90 7.73 -5.77
C ARG E 426 20.63 6.56 -6.70
N GLU E 427 19.69 5.69 -6.32
CA GLU E 427 19.28 4.56 -7.15
C GLU E 427 18.03 4.87 -7.97
N ASP E 428 18.00 4.37 -9.20
CA ASP E 428 16.87 4.50 -10.11
C ASP E 428 15.73 3.55 -9.71
N SER E 429 14.69 3.51 -10.55
CA SER E 429 13.55 2.64 -10.28
C SER E 429 13.90 1.17 -10.46
N LEU E 430 14.65 0.82 -11.52
CA LEU E 430 14.97 -0.59 -11.74
C LEU E 430 15.68 -1.18 -10.54
N GLU E 431 16.75 -0.53 -10.09
CA GLU E 431 17.41 -1.01 -8.88
C GLU E 431 16.47 -1.00 -7.70
N GLU E 432 15.66 0.06 -7.57
CA GLU E 432 14.74 0.16 -6.44
C GLU E 432 13.76 -1.01 -6.41
N SER E 433 13.09 -1.28 -7.54
CA SER E 433 12.16 -2.41 -7.55
C SER E 433 12.88 -3.72 -7.30
N TYR E 434 14.13 -3.84 -7.77
CA TYR E 434 14.92 -5.02 -7.47
C TYR E 434 15.07 -5.20 -5.96
N TRP E 435 15.49 -4.16 -5.26
CA TRP E 435 15.68 -4.25 -3.81
C TRP E 435 14.35 -4.36 -3.07
N ASP E 436 13.26 -3.82 -3.62
CA ASP E 436 11.99 -3.95 -2.93
C ASP E 436 11.44 -5.36 -3.07
N ARG E 437 11.22 -5.80 -4.30
CA ARG E 437 10.72 -7.14 -4.59
C ARG E 437 11.55 -8.17 -3.79
N HIS F 3 29.48 1.67 14.17
CA HIS F 3 29.48 2.62 13.06
C HIS F 3 29.43 1.89 11.72
N MET F 4 28.93 0.65 11.76
CA MET F 4 28.91 -0.22 10.59
C MET F 4 27.70 0.06 9.70
N LYS F 5 27.87 -0.17 8.41
CA LYS F 5 26.82 0.04 7.41
C LYS F 5 25.82 -1.12 7.43
N PHE F 6 24.68 -0.90 6.75
CA PHE F 6 23.57 -1.86 6.64
C PHE F 6 23.79 -2.79 5.45
N PRO F 7 23.49 -4.12 5.58
CA PRO F 7 23.75 -5.06 4.49
C PRO F 7 22.69 -4.99 3.41
N GLY F 8 23.05 -4.44 2.26
CA GLY F 8 22.10 -4.24 1.19
C GLY F 8 21.52 -2.85 1.22
N LYS F 9 20.59 -2.62 0.28
CA LYS F 9 19.93 -1.33 0.13
C LYS F 9 18.42 -1.44 0.29
N ARG F 10 17.96 -2.48 0.95
CA ARG F 10 16.54 -2.72 1.12
C ARG F 10 15.98 -1.87 2.26
N LYS F 11 14.68 -1.58 2.15
CA LYS F 11 13.97 -0.92 3.24
C LYS F 11 13.76 -1.91 4.38
N SER F 12 14.14 -1.51 5.59
CA SER F 12 14.16 -2.43 6.72
C SER F 12 12.97 -2.20 7.64
N LYS F 13 12.42 -3.31 8.15
CA LYS F 13 11.36 -3.21 9.15
C LYS F 13 11.94 -2.75 10.49
N HIS F 14 13.08 -3.30 10.88
CA HIS F 14 13.77 -2.95 12.12
C HIS F 14 14.84 -1.92 11.82
N TYR F 15 15.03 -0.99 12.76
CA TYR F 15 15.98 0.09 12.57
C TYR F 15 17.42 -0.36 12.82
N PHE F 16 18.31 0.01 11.89
CA PHE F 16 19.74 -0.28 11.94
C PHE F 16 20.52 0.96 12.36
N PRO F 17 21.35 0.91 13.40
CA PRO F 17 21.93 2.17 13.92
C PRO F 17 22.89 2.87 12.97
N VAL F 18 23.79 2.13 12.31
CA VAL F 18 24.71 2.74 11.36
C VAL F 18 25.69 3.71 12.05
N THR F 34 39.52 -1.05 18.01
CA THR F 34 38.33 -0.91 18.85
C THR F 34 37.07 -1.11 18.02
N SER F 35 36.29 -2.13 18.38
CA SER F 35 35.07 -2.47 17.67
C SER F 35 34.23 -3.39 18.53
N ALA F 36 32.92 -3.41 18.25
CA ALA F 36 32.00 -4.30 18.95
C ALA F 36 31.71 -5.59 18.20
N ALA F 37 32.18 -5.71 16.95
CA ALA F 37 31.95 -6.92 16.15
C ALA F 37 32.67 -6.80 14.81
N TRP F 38 33.48 -7.79 14.46
CA TRP F 38 34.39 -7.68 13.31
C TRP F 38 34.67 -9.07 12.77
N VAL F 39 35.52 -9.14 11.75
CA VAL F 39 35.82 -10.38 11.06
C VAL F 39 37.33 -10.50 10.85
N VAL F 40 37.84 -11.72 10.98
CA VAL F 40 39.25 -12.00 10.83
C VAL F 40 39.41 -13.10 9.79
N GLY F 41 40.50 -13.03 9.04
CA GLY F 41 40.77 -14.02 8.01
C GLY F 41 42.27 -14.22 7.86
N ILE F 42 42.62 -15.36 7.29
CA ILE F 42 44.01 -15.76 7.09
C ILE F 42 44.26 -15.93 5.61
N ASP F 43 45.43 -15.50 5.13
CA ASP F 43 45.71 -15.60 3.71
C ASP F 43 47.20 -15.67 3.45
N GLN F 44 47.53 -16.12 2.24
CA GLN F 44 48.88 -16.11 1.70
C GLN F 44 49.14 -14.76 1.03
N THR F 45 49.88 -13.89 1.73
CA THR F 45 50.17 -12.55 1.24
C THR F 45 50.62 -12.56 -0.22
N LEU F 46 49.77 -12.04 -1.11
CA LEU F 46 49.99 -12.14 -2.54
C LEU F 46 49.79 -10.79 -3.21
N VAL F 47 50.34 -10.68 -4.42
CA VAL F 47 50.25 -9.48 -5.24
C VAL F 47 49.85 -9.90 -6.65
N ASP F 48 48.73 -9.38 -7.13
CA ASP F 48 48.32 -9.65 -8.51
C ASP F 48 49.14 -8.81 -9.47
N ILE F 49 49.59 -9.43 -10.56
CA ILE F 49 50.29 -8.74 -11.64
C ILE F 49 49.62 -9.20 -12.93
N GLU F 50 48.66 -8.42 -13.42
CA GLU F 50 47.80 -8.88 -14.50
C GLU F 50 48.37 -8.40 -15.83
N ALA F 51 48.16 -9.20 -16.87
CA ALA F 51 48.71 -8.90 -18.18
C ALA F 51 48.08 -9.83 -19.21
N LYS F 52 47.98 -9.34 -20.45
CA LYS F 52 47.54 -10.15 -21.57
C LYS F 52 48.72 -10.77 -22.29
N VAL F 53 48.52 -11.98 -22.80
CA VAL F 53 49.58 -12.79 -23.40
C VAL F 53 48.98 -13.67 -24.48
N ASP F 54 49.86 -14.27 -25.29
CA ASP F 54 49.48 -15.26 -26.27
C ASP F 54 49.21 -16.62 -25.61
N ASP F 55 48.41 -17.44 -26.29
CA ASP F 55 48.25 -18.83 -25.86
C ASP F 55 49.58 -19.55 -25.86
N GLU F 56 50.56 -19.03 -26.60
CA GLU F 56 51.92 -19.56 -26.57
C GLU F 56 52.56 -19.31 -25.21
N PHE F 57 52.30 -18.13 -24.64
CA PHE F 57 52.90 -17.75 -23.36
C PHE F 57 52.52 -18.71 -22.25
N ILE F 58 51.33 -19.30 -22.32
CA ILE F 58 50.88 -20.21 -21.26
C ILE F 58 51.73 -21.48 -21.24
N GLU F 59 51.83 -22.16 -22.39
CA GLU F 59 52.60 -23.40 -22.42
C GLU F 59 54.08 -23.16 -22.17
N ARG F 60 54.57 -21.96 -22.50
CA ARG F 60 56.00 -21.70 -22.37
C ARG F 60 56.49 -21.74 -20.92
N TYR F 61 55.58 -21.63 -19.95
CA TYR F 61 55.97 -21.69 -18.54
C TYR F 61 55.23 -22.80 -17.78
N GLY F 62 54.71 -23.79 -18.50
CA GLY F 62 54.11 -24.94 -17.85
C GLY F 62 52.79 -24.69 -17.17
N LEU F 63 51.96 -23.81 -17.73
CA LEU F 63 50.67 -23.46 -17.16
C LEU F 63 49.54 -23.96 -18.05
N SER F 64 48.34 -24.07 -17.45
CA SER F 64 47.13 -24.47 -18.14
C SER F 64 46.00 -23.48 -17.85
N ALA F 65 45.14 -23.29 -18.83
CA ALA F 65 44.08 -22.27 -18.74
C ALA F 65 43.09 -22.62 -17.63
N GLY F 66 42.78 -21.63 -16.80
CA GLY F 66 41.82 -21.80 -15.73
C GLY F 66 42.40 -22.35 -14.44
N HIS F 67 43.71 -22.59 -14.39
CA HIS F 67 44.36 -23.12 -13.21
C HIS F 67 44.87 -21.99 -12.33
N SER F 68 45.29 -22.35 -11.12
CA SER F 68 46.10 -21.50 -10.27
C SER F 68 47.29 -22.36 -9.85
N LEU F 69 48.41 -22.22 -10.55
CA LEU F 69 49.55 -23.12 -10.42
C LEU F 69 50.75 -22.39 -9.85
N VAL F 70 51.40 -23.00 -8.86
CA VAL F 70 52.68 -22.51 -8.38
C VAL F 70 53.74 -22.80 -9.45
N ILE F 71 54.76 -21.94 -9.50
CA ILE F 71 55.86 -22.09 -10.45
C ILE F 71 57.18 -21.85 -9.72
N GLU F 72 58.24 -22.41 -10.28
CA GLU F 72 59.57 -22.31 -9.69
C GLU F 72 60.05 -20.86 -9.74
N ASP F 73 61.05 -20.56 -8.92
CA ASP F 73 61.60 -19.21 -8.86
C ASP F 73 62.29 -18.85 -10.17
N ASP F 74 62.95 -19.82 -10.80
CA ASP F 74 63.59 -19.55 -12.09
C ASP F 74 62.54 -19.38 -13.17
N VAL F 75 61.47 -20.18 -13.11
CA VAL F 75 60.33 -19.96 -13.99
C VAL F 75 59.69 -18.62 -13.69
N ALA F 76 59.69 -18.21 -12.42
CA ALA F 76 59.09 -16.94 -12.03
C ALA F 76 59.94 -15.75 -12.49
N GLU F 77 61.25 -15.79 -12.25
CA GLU F 77 62.10 -14.69 -12.68
C GLU F 77 62.18 -14.61 -14.20
N ALA F 78 62.15 -15.76 -14.89
CA ALA F 78 62.17 -15.75 -16.34
C ALA F 78 60.85 -15.21 -16.90
N LEU F 79 59.73 -15.59 -16.28
CA LEU F 79 58.44 -15.08 -16.71
C LEU F 79 58.31 -13.59 -16.42
N TYR F 80 58.74 -13.17 -15.22
CA TYR F 80 58.66 -11.76 -14.86
C TYR F 80 59.43 -10.88 -15.84
N GLN F 81 60.62 -11.34 -16.25
CA GLN F 81 61.46 -10.52 -17.13
C GLN F 81 60.87 -10.42 -18.52
N GLU F 82 60.19 -11.47 -18.99
CA GLU F 82 59.58 -11.44 -20.32
C GLU F 82 58.41 -10.46 -20.39
N LEU F 83 57.70 -10.28 -19.27
CA LEU F 83 56.56 -9.37 -19.26
C LEU F 83 57.02 -7.91 -19.23
N LYS F 84 58.11 -7.62 -18.52
CA LYS F 84 58.65 -6.27 -18.51
C LYS F 84 59.29 -5.94 -19.86
N GLN F 85 59.94 -6.92 -20.46
CA GLN F 85 60.55 -6.74 -21.78
C GLN F 85 59.53 -6.26 -22.80
N LYS F 86 58.50 -7.06 -23.06
CA LYS F 86 57.49 -6.75 -24.07
C LYS F 86 56.56 -5.60 -23.69
N ASN F 87 56.74 -5.01 -22.52
CA ASN F 87 55.82 -3.99 -22.02
C ASN F 87 54.38 -4.47 -22.16
N LEU F 88 54.09 -5.53 -21.40
CA LEU F 88 52.81 -6.21 -21.47
C LEU F 88 51.97 -6.06 -20.20
N ILE F 89 52.55 -5.63 -19.09
CA ILE F 89 51.84 -5.59 -17.83
C ILE F 89 50.80 -4.47 -17.87
N THR F 90 49.58 -4.78 -17.42
CA THR F 90 48.45 -3.87 -17.48
C THR F 90 47.98 -3.36 -16.12
N HIS F 91 48.23 -4.07 -15.04
CA HIS F 91 47.66 -3.73 -13.75
C HIS F 91 48.42 -4.42 -12.64
N GLN F 92 48.66 -3.70 -11.53
CA GLN F 92 49.32 -4.25 -10.35
C GLN F 92 48.53 -3.80 -9.12
N PHE F 93 48.09 -4.77 -8.32
CA PHE F 93 47.27 -4.48 -7.15
C PHE F 93 47.37 -5.65 -6.19
N ALA F 94 46.90 -5.42 -4.97
CA ALA F 94 46.85 -6.49 -3.98
C ALA F 94 45.88 -7.58 -4.42
N GLY F 95 46.15 -8.81 -3.97
CA GLY F 95 45.35 -9.95 -4.37
C GLY F 95 45.24 -11.00 -3.28
N GLY F 96 44.85 -12.22 -3.69
CA GLY F 96 44.64 -13.30 -2.74
C GLY F 96 43.17 -13.53 -2.46
N THR F 97 42.72 -14.76 -2.68
CA THR F 97 41.29 -15.06 -2.52
C THR F 97 40.75 -14.56 -1.19
N ILE F 98 41.52 -14.72 -0.11
CA ILE F 98 41.08 -14.23 1.18
C ILE F 98 41.46 -12.77 1.39
N GLY F 99 42.53 -12.32 0.73
CA GLY F 99 42.84 -10.90 0.75
C GLY F 99 41.71 -10.07 0.14
N ASN F 100 41.23 -10.50 -1.03
CA ASN F 100 40.07 -9.85 -1.63
C ASN F 100 38.92 -9.79 -0.64
N THR F 101 38.59 -10.92 -0.02
CA THR F 101 37.41 -10.99 0.82
C THR F 101 37.49 -10.01 1.98
N MET F 102 38.61 -10.02 2.70
CA MET F 102 38.78 -9.08 3.80
C MET F 102 38.78 -7.64 3.31
N HIS F 103 39.37 -7.39 2.15
CA HIS F 103 39.38 -6.05 1.56
C HIS F 103 37.96 -5.61 1.22
N ASN F 104 37.24 -6.44 0.45
CA ASN F 104 35.87 -6.11 0.06
C ASN F 104 34.92 -6.06 1.25
N TYR F 105 35.14 -6.90 2.27
CA TYR F 105 34.26 -6.88 3.43
C TYR F 105 34.26 -5.49 4.07
N SER F 106 35.44 -4.92 4.28
CA SER F 106 35.51 -3.62 4.95
C SER F 106 34.91 -2.51 4.10
N VAL F 107 35.07 -2.59 2.78
CA VAL F 107 34.47 -1.60 1.90
C VAL F 107 32.95 -1.68 1.99
N LEU F 108 32.40 -2.90 1.95
CA LEU F 108 30.95 -3.04 1.94
C LEU F 108 30.36 -2.67 3.30
N ALA F 109 31.03 -3.06 4.38
CA ALA F 109 30.48 -2.89 5.71
C ALA F 109 31.01 -1.66 6.44
N ASP F 110 32.17 -1.15 6.05
CA ASP F 110 32.75 0.03 6.70
C ASP F 110 33.05 -0.24 8.17
N ASP F 111 33.37 -1.48 8.51
CA ASP F 111 33.85 -1.86 9.83
C ASP F 111 35.18 -2.57 9.67
N ARG F 112 35.81 -2.90 10.80
CA ARG F 112 37.18 -3.39 10.73
C ARG F 112 37.20 -4.87 10.38
N SER F 113 38.27 -5.25 9.67
CA SER F 113 38.59 -6.65 9.38
C SER F 113 40.07 -6.84 9.67
N VAL F 114 40.40 -7.93 10.35
CA VAL F 114 41.78 -8.24 10.69
C VAL F 114 42.28 -9.28 9.72
N LEU F 115 43.49 -9.06 9.19
CA LEU F 115 44.10 -9.97 8.24
C LEU F 115 45.38 -10.53 8.85
N LEU F 116 45.57 -11.84 8.69
CA LEU F 116 46.70 -12.56 9.27
C LEU F 116 47.53 -13.15 8.14
N GLY F 117 48.84 -12.96 8.22
CA GLY F 117 49.71 -13.40 7.13
C GLY F 117 51.14 -12.92 7.33
N VAL F 118 51.83 -12.70 6.22
CA VAL F 118 53.25 -12.35 6.24
C VAL F 118 53.43 -10.95 5.65
N MET F 119 54.67 -10.45 5.73
CA MET F 119 55.03 -9.13 5.25
C MET F 119 56.52 -8.87 5.44
N CYS F 120 57.18 -8.32 4.42
CA CYS F 120 58.57 -7.92 4.56
C CYS F 120 58.78 -7.16 5.86
N SER F 121 59.78 -7.56 6.64
CA SER F 121 60.08 -6.85 7.88
C SER F 121 60.67 -5.47 7.58
N ASN F 122 61.32 -5.32 6.44
CA ASN F 122 61.83 -4.05 5.96
C ASN F 122 61.12 -3.71 4.67
N ILE F 123 60.40 -2.58 4.66
CA ILE F 123 59.53 -2.20 3.56
C ILE F 123 60.13 -0.99 2.89
N GLU F 124 60.53 -1.14 1.63
CA GLU F 124 61.15 -0.06 0.86
C GLU F 124 60.13 0.58 -0.07
N ILE F 125 60.29 1.88 -0.29
CA ILE F 125 59.33 2.62 -1.10
C ILE F 125 59.38 2.15 -2.55
N GLY F 126 58.21 2.08 -3.19
CA GLY F 126 58.07 1.60 -4.54
C GLY F 126 58.04 0.09 -4.69
N SER F 127 58.24 -0.66 -3.61
CA SER F 127 58.32 -2.11 -3.67
C SER F 127 56.94 -2.75 -3.79
N TYR F 128 56.92 -4.08 -3.82
CA TYR F 128 55.66 -4.82 -3.83
C TYR F 128 54.99 -4.80 -2.46
N ALA F 129 55.78 -4.94 -1.39
CA ALA F 129 55.21 -4.88 -0.05
C ALA F 129 54.64 -3.49 0.23
N TYR F 130 55.31 -2.45 -0.27
CA TYR F 130 54.76 -1.10 -0.18
C TYR F 130 53.40 -1.02 -0.87
N ARG F 131 53.36 -1.38 -2.15
CA ARG F 131 52.12 -1.33 -2.91
C ARG F 131 50.97 -2.01 -2.16
N TYR F 132 51.24 -3.18 -1.57
CA TYR F 132 50.18 -3.91 -0.86
C TYR F 132 49.53 -3.03 0.20
N LEU F 133 50.32 -2.21 0.89
CA LEU F 133 49.77 -1.40 1.97
C LEU F 133 49.02 -0.18 1.43
N CYS F 134 49.66 0.58 0.54
CA CYS F 134 49.00 1.76 -0.04
C CYS F 134 47.67 1.40 -0.69
N ASN F 135 47.52 0.14 -1.12
CA ASN F 135 46.34 -0.32 -1.85
C ASN F 135 45.30 -0.98 -0.97
N THR F 136 45.72 -1.64 0.11
CA THR F 136 44.76 -2.29 0.99
C THR F 136 43.72 -1.29 1.48
N SER F 137 42.53 -1.80 1.76
CA SER F 137 41.47 -0.96 2.29
C SER F 137 41.93 -0.32 3.60
N SER F 138 41.42 0.88 3.86
CA SER F 138 41.78 1.57 5.09
C SER F 138 41.34 0.76 6.30
N ARG F 139 40.04 0.49 6.41
CA ARG F 139 39.52 -0.20 7.58
C ARG F 139 39.98 -1.65 7.67
N THR F 140 40.71 -2.16 6.68
CA THR F 140 41.32 -3.49 6.78
C THR F 140 42.58 -3.38 7.63
N ASP F 141 42.62 -4.16 8.71
CA ASP F 141 43.68 -4.05 9.71
C ASP F 141 44.80 -5.03 9.39
N LEU F 142 45.99 -4.48 9.16
CA LEU F 142 47.17 -5.29 8.84
C LEU F 142 48.20 -5.30 9.96
N ASN F 143 47.86 -4.77 11.14
CA ASN F 143 48.85 -4.73 12.21
C ASN F 143 49.19 -6.11 12.71
N TYR F 144 48.31 -7.09 12.50
CA TYR F 144 48.53 -8.43 13.01
C TYR F 144 49.28 -9.31 12.04
N LEU F 145 49.78 -8.74 10.94
CA LEU F 145 50.64 -9.49 10.05
C LEU F 145 51.91 -9.92 10.81
N GLN F 146 52.65 -10.81 10.19
CA GLN F 146 53.90 -11.33 10.73
C GLN F 146 55.04 -10.91 9.83
N GLY F 147 56.17 -10.59 10.43
CA GLY F 147 57.34 -10.22 9.66
C GLY F 147 58.08 -11.43 9.13
N VAL F 148 58.65 -11.28 7.93
CA VAL F 148 59.50 -12.29 7.33
C VAL F 148 60.64 -11.59 6.62
N ASP F 149 61.83 -12.16 6.70
CA ASP F 149 63.02 -11.58 6.07
C ASP F 149 63.06 -11.82 4.57
N GLY F 150 62.00 -12.39 4.00
CA GLY F 150 61.98 -12.70 2.58
C GLY F 150 60.89 -11.93 1.86
N PRO F 151 60.71 -12.21 0.57
CA PRO F 151 59.69 -11.50 -0.21
C PRO F 151 58.30 -12.12 -0.06
N ILE F 152 57.30 -11.26 -0.22
CA ILE F 152 55.90 -11.71 -0.22
C ILE F 152 55.61 -12.38 -1.55
N GLY F 153 54.41 -12.95 -1.69
CA GLY F 153 54.09 -13.72 -2.87
C GLY F 153 53.75 -12.84 -4.05
N ARG F 154 53.99 -13.38 -5.25
CA ARG F 154 53.62 -12.73 -6.50
C ARG F 154 52.70 -13.67 -7.27
N CYS F 155 51.54 -13.17 -7.65
CA CYS F 155 50.58 -13.92 -8.47
C CYS F 155 50.52 -13.29 -9.86
N PHE F 156 51.00 -14.02 -10.87
CA PHE F 156 51.01 -13.53 -12.25
C PHE F 156 49.68 -13.92 -12.89
N THR F 157 48.74 -12.98 -12.87
CA THR F 157 47.43 -13.19 -13.50
C THR F 157 47.58 -13.03 -15.00
N LEU F 158 47.34 -14.10 -15.75
CA LEU F 158 47.49 -14.11 -17.20
C LEU F 158 46.11 -14.16 -17.81
N ILE F 159 45.79 -13.16 -18.63
CA ILE F 159 44.48 -13.01 -19.24
C ILE F 159 44.60 -13.52 -20.68
N GLY F 160 44.05 -14.71 -20.91
CA GLY F 160 44.34 -15.43 -22.14
C GLY F 160 43.89 -14.70 -23.39
N GLU F 161 44.41 -15.18 -24.52
CA GLU F 161 44.03 -14.68 -25.83
C GLU F 161 42.53 -14.81 -26.09
N SER F 162 41.81 -15.54 -25.23
CA SER F 162 40.36 -15.62 -25.29
C SER F 162 39.70 -14.82 -24.18
N GLY F 163 40.05 -15.11 -22.92
CA GLY F 163 39.45 -14.41 -21.79
C GLY F 163 39.61 -15.10 -20.46
N GLU F 164 39.93 -16.40 -20.47
CA GLU F 164 40.15 -17.14 -19.24
C GLU F 164 41.15 -16.42 -18.35
N ARG F 165 41.05 -16.67 -17.05
CA ARG F 165 41.89 -16.02 -16.04
C ARG F 165 42.79 -17.08 -15.41
N THR F 166 44.05 -17.13 -15.83
CA THR F 166 45.01 -18.10 -15.33
C THR F 166 45.92 -17.43 -14.30
N PHE F 167 46.38 -18.21 -13.32
CA PHE F 167 47.19 -17.68 -12.23
C PHE F 167 48.51 -18.45 -12.16
N ALA F 168 49.62 -17.72 -12.04
CA ALA F 168 50.94 -18.30 -11.83
C ALA F 168 51.51 -17.69 -10.56
N ILE F 169 51.84 -18.53 -9.59
CA ILE F 169 52.15 -18.09 -8.24
C ILE F 169 53.63 -18.30 -7.95
N SER F 170 54.29 -17.23 -7.51
CA SER F 170 55.64 -17.29 -6.95
C SER F 170 55.53 -17.11 -5.44
N PRO F 171 55.41 -18.18 -4.67
CA PRO F 171 55.07 -18.02 -3.25
C PRO F 171 56.04 -17.18 -2.45
N GLY F 172 57.34 -17.26 -2.75
CA GLY F 172 58.30 -16.64 -1.86
C GLY F 172 58.12 -17.20 -0.47
N HIS F 173 57.92 -16.30 0.51
CA HIS F 173 57.71 -16.69 1.89
C HIS F 173 56.23 -16.64 2.29
N MET F 174 55.33 -16.57 1.32
CA MET F 174 53.94 -16.29 1.65
C MET F 174 53.38 -17.31 2.64
N ASN F 175 53.99 -18.49 2.72
CA ASN F 175 53.52 -19.60 3.54
C ASN F 175 54.22 -19.68 4.90
N GLN F 176 54.91 -18.63 5.32
CA GLN F 176 55.74 -18.65 6.52
C GLN F 176 55.01 -18.23 7.81
N LEU F 177 53.68 -18.30 7.84
CA LEU F 177 52.95 -17.91 9.06
C LEU F 177 53.05 -19.00 10.13
N ARG F 178 53.46 -18.61 11.33
CA ARG F 178 53.60 -19.55 12.45
C ARG F 178 52.40 -19.45 13.39
N ALA F 179 52.10 -20.58 14.03
CA ALA F 179 50.93 -20.68 14.89
C ALA F 179 51.04 -19.81 16.14
N GLU F 180 52.26 -19.48 16.57
CA GLU F 180 52.39 -18.55 17.69
C GLU F 180 51.94 -17.15 17.30
N SER F 181 52.09 -16.79 16.02
CA SER F 181 51.74 -15.46 15.54
C SER F 181 50.24 -15.28 15.36
N ILE F 182 49.44 -16.32 15.59
CA ILE F 182 48.00 -16.22 15.46
C ILE F 182 47.44 -15.56 16.71
N PRO F 183 46.88 -14.34 16.60
CA PRO F 183 46.34 -13.68 17.80
C PRO F 183 45.03 -14.27 18.29
N GLU F 184 45.08 -14.91 19.47
CA GLU F 184 43.90 -15.57 20.00
C GLU F 184 42.76 -14.58 20.25
N ASP F 185 43.08 -13.40 20.78
CA ASP F 185 42.03 -12.47 21.17
C ASP F 185 41.27 -11.91 19.98
N VAL F 186 41.96 -11.73 18.84
CA VAL F 186 41.29 -11.27 17.64
C VAL F 186 40.23 -12.28 17.23
N ILE F 187 40.60 -13.56 17.21
CA ILE F 187 39.68 -14.61 16.84
C ILE F 187 38.57 -14.76 17.87
N ALA F 188 38.82 -14.36 19.12
CA ALA F 188 37.82 -14.53 20.16
C ALA F 188 36.62 -13.60 19.98
N GLY F 189 36.88 -12.32 19.70
CA GLY F 189 35.82 -11.34 19.55
C GLY F 189 35.34 -11.13 18.14
N ALA F 190 35.70 -12.02 17.23
CA ALA F 190 35.25 -11.97 15.84
C ALA F 190 33.97 -12.78 15.68
N SER F 191 33.29 -12.56 14.57
CA SER F 191 32.09 -13.32 14.24
C SER F 191 32.32 -14.37 13.16
N ALA F 192 33.53 -14.45 12.60
CA ALA F 192 33.84 -15.47 11.62
C ALA F 192 35.33 -15.49 11.35
N LEU F 193 35.83 -16.68 11.01
CA LEU F 193 37.21 -16.89 10.57
C LEU F 193 37.17 -17.41 9.14
N VAL F 194 37.91 -16.76 8.25
CA VAL F 194 37.78 -16.97 6.82
C VAL F 194 39.02 -17.65 6.28
N LEU F 195 38.82 -18.76 5.57
CA LEU F 195 39.91 -19.56 5.04
C LEU F 195 39.64 -19.89 3.57
N THR F 196 40.68 -20.30 2.85
CA THR F 196 40.57 -20.67 1.45
C THR F 196 41.27 -21.99 1.20
N SER F 197 40.75 -22.74 0.22
CA SER F 197 41.34 -24.04 -0.12
C SER F 197 42.82 -23.93 -0.47
N TYR F 198 43.28 -22.75 -0.89
CA TYR F 198 44.68 -22.57 -1.27
C TYR F 198 45.62 -22.57 -0.07
N LEU F 199 45.12 -22.48 1.16
CA LEU F 199 46.00 -22.31 2.31
C LEU F 199 46.79 -23.57 2.62
N VAL F 200 46.22 -24.74 2.35
CA VAL F 200 46.93 -25.98 2.60
C VAL F 200 47.90 -26.34 1.47
N ARG F 201 47.72 -25.76 0.27
CA ARG F 201 48.64 -26.02 -0.83
C ARG F 201 49.94 -25.27 -0.55
N CYS F 202 50.96 -25.99 -0.09
CA CYS F 202 52.22 -25.34 0.25
C CYS F 202 53.35 -26.35 0.20
N LYS F 203 54.57 -25.82 0.10
CA LYS F 203 55.76 -26.65 0.16
C LYS F 203 55.92 -27.26 1.55
N PRO F 204 56.35 -28.51 1.64
CA PRO F 204 56.37 -29.19 2.96
C PRO F 204 57.24 -28.47 3.98
N GLY F 205 56.83 -28.58 5.24
CA GLY F 205 57.56 -27.99 6.36
C GLY F 205 57.18 -26.56 6.69
N GLU F 206 56.54 -25.84 5.77
CA GLU F 206 56.15 -24.46 6.03
C GLU F 206 55.01 -24.43 7.04
N PRO F 207 54.99 -23.43 7.94
CA PRO F 207 54.07 -23.49 9.08
C PRO F 207 52.66 -23.01 8.79
N MET F 208 52.41 -22.44 7.60
CA MET F 208 51.08 -21.93 7.27
C MET F 208 49.96 -22.90 7.65
N PRO F 209 49.98 -24.16 7.21
CA PRO F 209 48.90 -25.08 7.63
C PRO F 209 48.84 -25.29 9.13
N GLU F 210 49.99 -25.32 9.81
CA GLU F 210 49.99 -25.48 11.27
C GLU F 210 49.26 -24.31 11.92
N ALA F 211 49.50 -23.10 11.43
CA ALA F 211 48.79 -21.93 11.96
C ALA F 211 47.30 -22.04 11.67
N THR F 212 46.95 -22.53 10.48
CA THR F 212 45.54 -22.70 10.14
C THR F 212 44.82 -23.52 11.20
N MET F 213 45.38 -24.70 11.54
CA MET F 213 44.76 -25.52 12.58
C MET F 213 44.76 -24.79 13.92
N LYS F 214 45.73 -23.92 14.17
CA LYS F 214 45.78 -23.19 15.43
C LYS F 214 44.67 -22.15 15.50
N ALA F 215 44.42 -21.44 14.40
CA ALA F 215 43.28 -20.51 14.38
C ALA F 215 41.98 -21.26 14.56
N ILE F 216 41.83 -22.40 13.88
CA ILE F 216 40.63 -23.21 14.02
C ILE F 216 40.45 -23.65 15.45
N GLU F 217 41.57 -23.97 16.13
CA GLU F 217 41.52 -24.26 17.56
C GLU F 217 40.90 -23.11 18.34
N TYR F 218 41.44 -21.91 18.16
CA TYR F 218 40.88 -20.75 18.84
C TYR F 218 39.41 -20.56 18.47
N ALA F 219 39.07 -20.76 17.20
CA ALA F 219 37.69 -20.61 16.74
C ALA F 219 36.76 -21.53 17.54
N LYS F 220 37.12 -22.80 17.68
CA LYS F 220 36.30 -23.71 18.46
C LYS F 220 36.23 -23.26 19.91
N LYS F 221 37.31 -22.68 20.44
CA LYS F 221 37.31 -22.22 21.83
C LYS F 221 36.16 -21.25 22.08
N TYR F 222 36.03 -20.22 21.24
CA TYR F 222 35.09 -19.14 21.46
C TYR F 222 33.87 -19.21 20.56
N ASN F 223 33.62 -20.37 19.93
CA ASN F 223 32.41 -20.60 19.15
C ASN F 223 32.30 -19.60 17.99
N VAL F 224 33.39 -19.45 17.24
CA VAL F 224 33.42 -18.58 16.08
C VAL F 224 33.33 -19.44 14.84
N PRO F 225 32.30 -19.27 13.99
CA PRO F 225 32.20 -20.09 12.78
C PRO F 225 33.39 -19.91 11.86
N VAL F 226 33.80 -21.01 11.24
CA VAL F 226 34.90 -21.03 10.28
C VAL F 226 34.33 -21.05 8.87
N VAL F 227 34.96 -20.27 7.99
CA VAL F 227 34.49 -20.10 6.62
C VAL F 227 35.57 -20.58 5.65
N LEU F 228 35.12 -21.17 4.55
CA LEU F 228 36.03 -21.74 3.57
C LEU F 228 35.49 -21.55 2.16
N THR F 229 36.33 -20.97 1.30
CA THR F 229 36.07 -20.89 -0.13
C THR F 229 37.00 -21.84 -0.87
N LEU F 230 36.61 -22.23 -2.07
CA LEU F 230 37.36 -23.20 -2.83
C LEU F 230 38.07 -22.54 -4.01
N GLY F 231 39.22 -23.12 -4.37
CA GLY F 231 40.08 -22.58 -5.39
C GLY F 231 40.23 -23.48 -6.59
N THR F 232 39.29 -23.40 -7.54
CA THR F 232 39.37 -24.12 -8.80
C THR F 232 39.00 -25.59 -8.63
N LYS F 233 38.56 -26.21 -9.73
CA LYS F 233 38.19 -27.62 -9.72
C LYS F 233 39.40 -28.52 -9.47
N PHE F 234 40.57 -28.13 -9.98
CA PHE F 234 41.73 -29.01 -9.92
C PHE F 234 42.17 -29.23 -8.47
N VAL F 235 42.12 -28.18 -7.65
CA VAL F 235 42.59 -28.28 -6.27
C VAL F 235 41.76 -29.29 -5.49
N ILE F 236 40.45 -29.35 -5.75
CA ILE F 236 39.55 -30.17 -4.96
C ILE F 236 39.43 -31.58 -5.53
N ALA F 237 39.33 -31.70 -6.86
CA ALA F 237 39.12 -33.01 -7.49
C ALA F 237 40.23 -34.00 -7.17
N GLU F 238 41.36 -33.53 -6.67
CA GLU F 238 42.49 -34.40 -6.38
C GLU F 238 42.16 -35.44 -5.31
N ASN F 239 41.44 -35.04 -4.27
CA ASN F 239 41.19 -35.94 -3.14
C ASN F 239 39.87 -35.58 -2.47
N PRO F 240 38.75 -35.65 -3.20
CA PRO F 240 37.47 -35.17 -2.65
C PRO F 240 37.14 -35.72 -1.28
N GLN F 241 37.47 -36.98 -0.99
CA GLN F 241 37.05 -37.57 0.28
C GLN F 241 37.76 -36.95 1.47
N TRP F 242 38.97 -36.40 1.27
CA TRP F 242 39.63 -35.72 2.38
C TRP F 242 38.92 -34.41 2.69
N TRP F 243 38.61 -33.62 1.66
CA TRP F 243 37.89 -32.37 1.86
C TRP F 243 36.54 -32.61 2.54
N GLN F 244 35.80 -33.62 2.09
CA GLN F 244 34.55 -33.97 2.74
C GLN F 244 34.73 -34.05 4.25
N GLN F 245 35.74 -34.82 4.70
CA GLN F 245 35.95 -34.97 6.13
C GLN F 245 36.33 -33.66 6.81
N PHE F 246 37.08 -32.79 6.10
CA PHE F 246 37.52 -31.54 6.71
C PHE F 246 36.35 -30.66 7.14
N LEU F 247 35.34 -30.53 6.28
CA LEU F 247 34.24 -29.62 6.56
C LEU F 247 33.41 -30.06 7.75
N LYS F 248 33.21 -31.37 7.90
CA LYS F 248 32.38 -31.87 8.98
C LYS F 248 32.88 -31.36 10.34
N ASP F 249 34.16 -31.58 10.61
CA ASP F 249 34.70 -31.35 11.94
C ASP F 249 34.83 -29.86 12.24
N HIS F 250 35.42 -29.10 11.31
CA HIS F 250 35.83 -27.73 11.59
C HIS F 250 34.92 -26.70 10.93
N VAL F 251 34.76 -26.77 9.61
CA VAL F 251 34.12 -25.69 8.89
C VAL F 251 32.62 -25.66 9.18
N SER F 252 32.08 -24.45 9.22
CA SER F 252 30.64 -24.25 9.31
C SER F 252 30.03 -23.58 8.08
N ILE F 253 30.84 -22.94 7.23
CA ILE F 253 30.34 -22.23 6.05
C ILE F 253 31.27 -22.47 4.86
N LEU F 254 30.67 -22.71 3.69
CA LEU F 254 31.37 -23.10 2.47
C LEU F 254 31.04 -22.14 1.34
N ALA F 255 32.08 -21.59 0.70
CA ALA F 255 31.94 -20.76 -0.49
C ALA F 255 32.45 -21.51 -1.71
N MET F 256 31.79 -21.32 -2.85
CA MET F 256 31.94 -22.26 -3.97
C MET F 256 31.41 -21.66 -5.25
N ASN F 257 31.88 -22.19 -6.38
CA ASN F 257 31.22 -22.01 -7.66
C ASN F 257 30.85 -23.40 -8.18
N GLU F 258 30.05 -23.44 -9.26
CA GLU F 258 29.45 -24.71 -9.66
C GLU F 258 30.51 -25.74 -10.03
N ASP F 259 31.57 -25.30 -10.73
CA ASP F 259 32.61 -26.24 -11.15
C ASP F 259 33.40 -26.71 -9.93
N GLU F 260 33.81 -25.77 -9.07
CA GLU F 260 34.39 -26.16 -7.79
C GLU F 260 33.46 -27.12 -7.05
N ALA F 261 32.15 -27.01 -7.28
CA ALA F 261 31.18 -27.80 -6.53
C ALA F 261 31.11 -29.23 -7.03
N GLU F 262 30.98 -29.43 -8.35
CA GLU F 262 30.97 -30.78 -8.88
C GLU F 262 32.21 -31.56 -8.49
N ALA F 263 33.35 -30.88 -8.37
CA ALA F 263 34.59 -31.55 -7.98
C ALA F 263 34.52 -32.10 -6.56
N LEU F 264 33.77 -31.45 -5.68
CA LEU F 264 33.69 -31.94 -4.30
C LEU F 264 32.64 -33.02 -4.14
N THR F 265 31.51 -32.88 -4.84
CA THR F 265 30.39 -33.77 -4.65
C THR F 265 30.08 -34.67 -5.85
N GLY F 266 30.54 -34.31 -7.05
CA GLY F 266 30.21 -35.08 -8.23
C GLY F 266 28.85 -34.78 -8.81
N GLU F 267 28.22 -33.68 -8.42
CA GLU F 267 26.87 -33.33 -8.81
C GLU F 267 26.92 -32.16 -9.79
N SER F 268 26.50 -32.41 -11.04
CA SER F 268 26.48 -31.35 -12.04
C SER F 268 25.37 -30.34 -11.83
N ASP F 269 24.43 -30.61 -10.90
CA ASP F 269 23.36 -29.66 -10.60
C ASP F 269 23.75 -28.81 -9.41
N PRO F 270 23.88 -27.48 -9.57
CA PRO F 270 24.30 -26.67 -8.41
C PRO F 270 23.39 -26.83 -7.22
N LEU F 271 22.09 -26.94 -7.47
CA LEU F 271 21.12 -27.12 -6.40
C LEU F 271 21.43 -28.40 -5.61
N LEU F 272 21.71 -29.49 -6.32
CA LEU F 272 21.97 -30.77 -5.68
C LEU F 272 23.30 -30.75 -4.93
N ALA F 273 24.36 -30.26 -5.57
CA ALA F 273 25.67 -30.24 -4.92
C ALA F 273 25.61 -29.54 -3.57
N SER F 274 25.04 -28.34 -3.53
CA SER F 274 24.94 -27.59 -2.29
C SER F 274 24.16 -28.35 -1.22
N ASP F 275 23.10 -29.06 -1.62
CA ASP F 275 22.32 -29.82 -0.64
C ASP F 275 23.18 -30.90 0.01
N LYS F 276 24.01 -31.59 -0.79
CA LYS F 276 24.91 -32.60 -0.22
C LYS F 276 25.85 -31.99 0.80
N ALA F 277 26.33 -30.76 0.53
CA ALA F 277 27.27 -30.12 1.44
C ALA F 277 26.66 -29.86 2.81
N LEU F 278 25.34 -29.68 2.89
CA LEU F 278 24.71 -29.38 4.16
C LEU F 278 24.83 -30.53 5.17
N ASP F 279 25.22 -31.71 4.74
CA ASP F 279 25.50 -32.80 5.68
C ASP F 279 26.72 -32.50 6.53
N TRP F 280 27.63 -31.67 6.03
CA TRP F 280 28.93 -31.45 6.63
C TRP F 280 29.09 -30.09 7.29
N VAL F 281 28.44 -29.06 6.77
CA VAL F 281 28.55 -27.70 7.27
C VAL F 281 27.15 -27.18 7.56
N ASP F 282 27.10 -25.94 8.07
CA ASP F 282 25.86 -25.33 8.49
C ASP F 282 25.24 -24.41 7.45
N LEU F 283 26.00 -23.96 6.45
CA LEU F 283 25.51 -22.99 5.47
C LEU F 283 26.39 -23.02 4.24
N VAL F 284 25.77 -22.97 3.06
CA VAL F 284 26.49 -23.12 1.79
C VAL F 284 26.07 -22.02 0.81
N LEU F 285 27.07 -21.44 0.13
CA LEU F 285 26.87 -20.47 -0.93
C LEU F 285 27.60 -20.95 -2.19
N CYS F 286 26.88 -21.11 -3.29
CA CYS F 286 27.45 -21.59 -4.55
C CYS F 286 27.11 -20.62 -5.68
N THR F 287 28.14 -20.06 -6.31
CA THR F 287 27.95 -19.12 -7.41
C THR F 287 27.94 -19.92 -8.72
N ALA F 288 26.80 -19.95 -9.40
CA ALA F 288 26.64 -20.75 -10.60
C ALA F 288 26.80 -19.93 -11.88
N GLY F 289 27.58 -18.87 -11.84
CA GLY F 289 27.78 -18.03 -12.99
C GLY F 289 26.47 -17.54 -13.58
N PRO F 290 26.23 -17.82 -14.88
CA PRO F 290 25.00 -17.30 -15.52
C PRO F 290 23.73 -17.96 -15.03
N ILE F 291 23.84 -19.13 -14.38
CA ILE F 291 22.68 -19.71 -13.74
C ILE F 291 22.18 -18.82 -12.61
N GLY F 292 23.06 -17.99 -12.04
CA GLY F 292 22.76 -17.18 -10.89
C GLY F 292 23.63 -17.59 -9.71
N LEU F 293 23.03 -17.71 -8.54
CA LEU F 293 23.72 -18.28 -7.39
C LEU F 293 22.67 -18.86 -6.44
N TYR F 294 23.00 -20.00 -5.83
CA TYR F 294 22.10 -20.67 -4.90
C TYR F 294 22.65 -20.55 -3.48
N MET F 295 21.77 -20.72 -2.50
CA MET F 295 22.15 -20.72 -1.10
C MET F 295 21.34 -21.77 -0.36
N ALA F 296 22.00 -22.51 0.52
CA ALA F 296 21.36 -23.56 1.30
C ALA F 296 21.81 -23.48 2.74
N GLY F 297 20.87 -23.65 3.66
CA GLY F 297 21.17 -23.58 5.07
C GLY F 297 20.06 -24.16 5.91
N PHE F 298 20.17 -23.97 7.23
CA PHE F 298 19.26 -24.55 8.20
C PHE F 298 18.53 -23.48 8.97
N THR F 299 17.28 -23.78 9.33
CA THR F 299 16.48 -22.91 10.17
C THR F 299 15.64 -23.78 11.10
N GLU F 300 15.23 -23.19 12.22
CA GLU F 300 14.37 -23.89 13.16
C GLU F 300 12.99 -24.09 12.53
N ASP F 301 12.48 -25.32 12.62
CA ASP F 301 11.21 -25.65 11.98
C ASP F 301 10.07 -24.79 12.53
N GLU F 302 10.25 -24.17 13.69
CA GLU F 302 9.26 -23.25 14.22
C GLU F 302 9.33 -21.89 13.54
N ALA F 303 10.52 -21.46 13.14
CA ALA F 303 10.75 -20.14 12.58
C ALA F 303 10.86 -20.14 11.07
N LYS F 304 10.46 -21.22 10.42
CA LYS F 304 10.44 -21.24 8.96
C LYS F 304 9.50 -20.15 8.44
N ARG F 305 9.93 -19.46 7.39
CA ARG F 305 9.18 -18.37 6.79
C ARG F 305 8.93 -18.70 5.32
N LYS F 306 7.65 -18.74 4.93
CA LYS F 306 7.33 -19.20 3.59
C LYS F 306 7.47 -18.04 2.61
N THR F 307 7.96 -18.35 1.42
CA THR F 307 8.24 -17.30 0.46
C THR F 307 6.95 -16.70 -0.07
N GLN F 308 7.08 -15.51 -0.64
CA GLN F 308 6.01 -14.85 -1.37
C GLN F 308 6.33 -14.73 -2.85
N HIS F 309 7.42 -15.33 -3.29
CA HIS F 309 7.80 -15.42 -4.69
C HIS F 309 7.28 -16.74 -5.27
N PRO F 310 7.32 -16.88 -6.60
CA PRO F 310 6.90 -18.15 -7.21
C PRO F 310 7.75 -19.31 -6.73
N LEU F 311 7.09 -20.46 -6.56
CA LEU F 311 7.79 -21.70 -6.22
C LEU F 311 8.53 -22.22 -7.45
N LEU F 312 9.82 -22.48 -7.29
CA LEU F 312 10.67 -22.82 -8.42
C LEU F 312 10.75 -24.34 -8.63
N PRO F 313 10.95 -24.77 -9.87
CA PRO F 313 11.23 -26.18 -10.14
C PRO F 313 12.71 -26.50 -10.05
N GLY F 314 12.99 -27.70 -9.58
CA GLY F 314 14.37 -28.17 -9.52
C GLY F 314 14.43 -29.61 -9.06
N ALA F 315 15.64 -30.16 -9.09
CA ALA F 315 15.88 -31.51 -8.60
C ALA F 315 15.26 -31.70 -7.23
N ILE F 316 15.37 -30.69 -6.36
CA ILE F 316 14.61 -30.63 -5.12
C ILE F 316 13.36 -29.81 -5.39
N ALA F 317 12.19 -30.43 -5.27
CA ALA F 317 10.96 -29.76 -5.62
C ALA F 317 10.74 -28.53 -4.74
N GLU F 318 10.49 -27.40 -5.39
CA GLU F 318 10.06 -26.18 -4.72
C GLU F 318 11.00 -25.84 -3.56
N PHE F 319 12.28 -25.73 -3.91
CA PHE F 319 13.31 -25.59 -2.89
C PHE F 319 13.27 -24.22 -2.23
N ASN F 320 12.74 -23.22 -2.92
CA ASN F 320 12.61 -21.89 -2.36
C ASN F 320 11.31 -21.70 -1.58
N GLN F 321 10.68 -22.78 -1.11
CA GLN F 321 9.39 -22.64 -0.44
C GLN F 321 9.51 -21.85 0.86
N TYR F 322 10.64 -21.95 1.55
CA TYR F 322 10.88 -21.23 2.80
C TYR F 322 12.07 -20.29 2.65
N GLU F 323 12.18 -19.71 1.46
CA GLU F 323 13.22 -18.75 1.12
C GLU F 323 13.39 -17.66 2.17
N PHE F 324 12.32 -17.27 2.86
CA PHE F 324 12.31 -16.08 3.68
C PHE F 324 12.77 -16.33 5.11
N SER F 325 13.35 -17.51 5.37
CA SER F 325 13.88 -17.84 6.69
C SER F 325 15.31 -17.33 6.88
N ARG F 326 15.70 -17.21 8.14
CA ARG F 326 17.05 -16.87 8.52
C ARG F 326 17.84 -18.14 8.81
N ALA F 327 19.14 -18.09 8.61
CA ALA F 327 19.98 -19.26 8.74
C ALA F 327 20.39 -19.49 10.19
N MET F 328 20.34 -20.75 10.62
CA MET F 328 20.92 -21.18 11.88
C MET F 328 21.96 -22.26 11.61
N ARG F 329 22.77 -22.53 12.63
CA ARG F 329 23.68 -23.67 12.58
C ARG F 329 22.93 -24.94 12.97
N HIS F 330 23.27 -26.06 12.31
CA HIS F 330 22.57 -27.30 12.59
C HIS F 330 22.59 -27.62 14.07
N LYS F 331 23.70 -27.32 14.74
CA LYS F 331 23.85 -27.65 16.15
C LYS F 331 22.85 -26.86 17.02
N ASP F 332 22.56 -25.62 16.66
CA ASP F 332 21.66 -24.80 17.48
C ASP F 332 20.20 -25.15 17.30
N CYS F 333 19.84 -25.93 16.31
CA CYS F 333 18.45 -26.26 16.04
C CYS F 333 18.00 -27.47 16.85
N GLN F 334 16.73 -27.46 17.26
CA GLN F 334 16.14 -28.61 17.92
C GLN F 334 15.46 -29.56 16.95
N ASN F 335 14.77 -29.03 15.96
CA ASN F 335 14.21 -29.80 14.86
C ASN F 335 14.67 -29.05 13.61
N PRO F 336 15.92 -29.24 13.20
CA PRO F 336 16.46 -28.45 12.09
C PRO F 336 15.69 -28.68 10.80
N LEU F 337 15.61 -27.63 10.00
CA LEU F 337 14.93 -27.67 8.71
C LEU F 337 15.83 -27.12 7.62
N ARG F 338 15.91 -27.83 6.50
CA ARG F 338 16.69 -27.38 5.37
C ARG F 338 15.87 -26.40 4.53
N VAL F 339 16.50 -25.29 4.16
CA VAL F 339 15.86 -24.22 3.40
C VAL F 339 16.83 -23.75 2.32
N TYR F 340 16.27 -23.38 1.17
CA TYR F 340 17.05 -23.08 -0.01
C TYR F 340 16.53 -21.79 -0.65
N SER F 341 17.39 -21.17 -1.46
CA SER F 341 17.00 -19.98 -2.19
C SER F 341 17.90 -19.83 -3.39
N HIS F 342 17.39 -19.15 -4.42
CA HIS F 342 18.11 -18.96 -5.66
C HIS F 342 17.78 -17.58 -6.22
N ILE F 343 18.79 -16.94 -6.79
CA ILE F 343 18.67 -15.62 -7.40
C ILE F 343 19.37 -15.62 -8.75
N ALA F 344 18.84 -14.85 -9.67
CA ALA F 344 19.33 -14.79 -11.04
C ALA F 344 20.38 -13.69 -11.17
N PRO F 345 21.09 -13.67 -12.30
CA PRO F 345 22.08 -12.60 -12.50
C PRO F 345 21.41 -11.23 -12.43
N TYR F 346 22.16 -10.25 -11.96
CA TYR F 346 21.64 -8.89 -11.89
C TYR F 346 21.55 -8.28 -13.29
N MET F 347 20.46 -7.54 -13.53
CA MET F 347 20.24 -6.77 -14.74
C MET F 347 20.77 -7.48 -15.98
N GLY F 348 20.50 -8.77 -16.09
CA GLY F 348 20.80 -9.51 -17.29
C GLY F 348 22.26 -9.66 -17.62
N GLY F 349 23.15 -9.51 -16.63
CA GLY F 349 24.58 -9.68 -16.85
C GLY F 349 25.33 -8.49 -17.43
N GLY F 358 37.02 -13.88 -9.87
CA GLY F 358 37.09 -13.10 -8.65
C GLY F 358 35.73 -12.67 -8.13
N ALA F 359 34.69 -12.90 -8.93
CA ALA F 359 33.33 -12.50 -8.55
C ALA F 359 32.84 -13.26 -7.32
N GLY F 360 33.01 -14.59 -7.33
CA GLY F 360 32.62 -15.38 -6.18
C GLY F 360 33.25 -14.87 -4.89
N ASP F 361 34.53 -14.52 -4.95
CA ASP F 361 35.20 -13.92 -3.78
C ASP F 361 34.46 -12.68 -3.30
N GLY F 362 33.69 -12.03 -4.17
CA GLY F 362 32.94 -10.86 -3.78
C GLY F 362 31.60 -11.22 -3.17
N ALA F 363 30.84 -12.10 -3.84
CA ALA F 363 29.57 -12.54 -3.28
C ALA F 363 29.75 -13.09 -1.87
N LEU F 364 30.89 -13.73 -1.61
CA LEU F 364 31.18 -14.21 -0.27
C LEU F 364 31.22 -13.05 0.72
N ALA F 365 31.96 -12.00 0.38
CA ALA F 365 32.10 -10.85 1.27
C ALA F 365 30.75 -10.35 1.75
N ALA F 366 29.78 -10.26 0.83
CA ALA F 366 28.45 -9.80 1.21
C ALA F 366 27.86 -10.67 2.31
N LEU F 367 27.95 -11.99 2.16
CA LEU F 367 27.42 -12.87 3.20
C LEU F 367 28.11 -12.62 4.53
N LEU F 368 29.44 -12.46 4.52
CA LEU F 368 30.16 -12.12 5.73
C LEU F 368 29.59 -10.85 6.36
N HIS F 369 29.37 -9.83 5.53
CA HIS F 369 28.75 -8.59 5.99
C HIS F 369 27.48 -8.90 6.78
N ASP F 370 26.61 -9.73 6.22
CA ASP F 370 25.34 -10.04 6.86
C ASP F 370 25.56 -10.73 8.21
N ILE F 371 26.58 -11.59 8.32
CA ILE F 371 26.79 -12.32 9.57
C ILE F 371 27.30 -11.39 10.67
N THR F 372 28.22 -10.49 10.34
CA THR F 372 28.66 -9.51 11.32
C THR F 372 27.49 -8.67 11.81
N ALA F 373 26.61 -8.25 10.89
CA ALA F 373 25.48 -7.43 11.29
C ALA F 373 24.66 -8.13 12.36
N ASN F 374 24.55 -9.45 12.27
CA ASN F 374 23.88 -10.19 13.35
C ASN F 374 24.65 -10.05 14.65
N SER F 375 25.97 -10.29 14.61
CA SER F 375 26.78 -10.15 15.82
C SER F 375 26.85 -8.70 16.29
N TYR F 376 26.87 -7.75 15.35
CA TYR F 376 26.93 -6.32 15.67
C TYR F 376 25.58 -5.82 16.18
N HIS F 377 24.52 -6.10 15.44
CA HIS F 377 23.18 -5.71 15.85
C HIS F 377 22.72 -6.48 17.08
N ARG F 378 23.30 -7.66 17.35
CA ARG F 378 22.95 -8.41 18.54
C ARG F 378 23.58 -7.78 19.77
N SER F 379 24.82 -7.27 19.62
CA SER F 379 25.52 -6.67 20.75
C SER F 379 25.03 -5.25 21.03
N ASN F 380 24.50 -4.55 20.02
CA ASN F 380 23.99 -3.19 20.23
C ASN F 380 22.49 -3.13 20.50
N VAL F 381 21.72 -4.14 20.08
CA VAL F 381 20.27 -4.13 20.24
C VAL F 381 19.76 -5.49 20.68
N PRO F 382 20.07 -5.95 21.91
CA PRO F 382 19.63 -7.30 22.31
C PRO F 382 18.12 -7.45 22.44
N ASN F 383 17.38 -6.35 22.62
CA ASN F 383 15.95 -6.44 22.91
C ASN F 383 15.05 -6.60 21.69
N SER F 384 15.56 -6.49 20.47
CA SER F 384 14.66 -6.43 19.34
C SER F 384 14.11 -7.83 19.04
N SER F 385 12.97 -7.85 18.33
CA SER F 385 12.37 -9.12 17.92
C SER F 385 13.31 -9.94 17.05
N LYS F 386 14.38 -9.32 16.53
CA LYS F 386 15.39 -10.01 15.74
C LYS F 386 16.29 -10.88 16.58
N HIS F 387 16.05 -11.02 17.88
CA HIS F 387 16.92 -11.78 18.75
C HIS F 387 16.13 -12.53 19.83
N LYS F 388 15.25 -13.43 19.35
CA LYS F 388 14.56 -14.38 20.21
C LYS F 388 15.27 -15.73 20.21
N PHE F 389 15.98 -16.04 19.12
CA PHE F 389 16.85 -17.21 19.01
C PHE F 389 18.20 -16.78 18.43
N THR F 390 19.28 -17.31 19.00
CA THR F 390 20.63 -17.10 18.45
C THR F 390 20.77 -17.45 16.98
N TRP F 391 20.65 -16.47 16.08
CA TRP F 391 20.71 -16.73 14.65
C TRP F 391 22.15 -16.72 14.12
N LEU F 392 22.30 -17.12 12.86
CA LEU F 392 23.56 -17.07 12.13
C LEU F 392 23.63 -15.86 11.20
N THR F 393 22.59 -15.63 10.41
CA THR F 393 22.53 -14.50 9.50
C THR F 393 21.54 -13.47 10.03
N TYR F 394 21.84 -12.20 9.75
CA TYR F 394 20.92 -11.13 10.12
C TYR F 394 19.69 -11.13 9.23
N SER F 395 19.88 -11.39 7.94
CA SER F 395 18.84 -11.31 6.94
C SER F 395 18.40 -12.70 6.52
N SER F 396 17.37 -12.75 5.68
CA SER F 396 16.89 -14.01 5.14
C SER F 396 17.74 -14.44 3.95
N LEU F 397 17.72 -15.75 3.67
CA LEU F 397 18.51 -16.30 2.57
C LEU F 397 18.20 -15.57 1.26
N ALA F 398 16.92 -15.33 1.00
CA ALA F 398 16.53 -14.60 -0.21
C ALA F 398 17.18 -13.23 -0.24
N GLN F 399 17.17 -12.54 0.90
CA GLN F 399 17.77 -11.20 0.97
C GLN F 399 19.29 -11.28 0.87
N VAL F 400 19.90 -12.29 1.49
CA VAL F 400 21.34 -12.43 1.39
C VAL F 400 21.74 -12.73 -0.05
N CYS F 401 20.98 -13.58 -0.74
CA CYS F 401 21.22 -13.80 -2.15
C CYS F 401 21.04 -12.50 -2.93
N LYS F 402 19.98 -11.76 -2.60
CA LYS F 402 19.76 -10.45 -3.20
C LYS F 402 21.00 -9.61 -3.10
N TYR F 403 21.59 -9.57 -1.91
CA TYR F 403 22.79 -8.77 -1.66
C TYR F 403 23.99 -9.33 -2.41
N ALA F 404 24.29 -10.62 -2.18
CA ALA F 404 25.48 -11.21 -2.77
C ALA F 404 25.45 -11.18 -4.28
N ASN F 405 24.29 -11.43 -4.88
CA ASN F 405 24.20 -11.37 -6.33
C ASN F 405 24.52 -9.97 -6.83
N ARG F 406 23.99 -8.95 -6.15
CA ARG F 406 24.24 -7.58 -6.56
C ARG F 406 25.72 -7.24 -6.50
N VAL F 407 26.40 -7.73 -5.46
CA VAL F 407 27.83 -7.48 -5.31
C VAL F 407 28.61 -8.21 -6.38
N SER F 408 28.23 -9.47 -6.65
CA SER F 408 28.92 -10.26 -7.68
C SER F 408 28.89 -9.55 -9.02
N TYR F 409 27.77 -8.90 -9.36
CA TYR F 409 27.71 -8.13 -10.60
C TYR F 409 28.72 -7.00 -10.60
N GLN F 410 28.93 -6.38 -9.43
CA GLN F 410 29.87 -5.27 -9.34
C GLN F 410 31.28 -5.73 -9.64
N VAL F 411 31.67 -6.89 -9.13
CA VAL F 411 33.03 -7.37 -9.36
C VAL F 411 33.22 -7.74 -10.82
N LEU F 412 32.14 -8.12 -11.51
CA LEU F 412 32.27 -8.58 -12.88
C LEU F 412 32.44 -7.42 -13.86
N ASN F 413 31.75 -6.31 -13.63
CA ASN F 413 31.85 -5.18 -14.54
C ASN F 413 33.17 -4.44 -14.42
N GLN F 414 34.06 -4.85 -13.51
CA GLN F 414 35.38 -4.24 -13.42
C GLN F 414 36.47 -5.29 -13.59
N HIS F 415 37.68 -4.79 -13.86
CA HIS F 415 38.81 -5.67 -14.13
C HIS F 415 39.28 -6.34 -12.85
N SER F 416 39.60 -5.55 -11.82
CA SER F 416 40.19 -6.08 -10.61
C SER F 416 39.17 -6.89 -9.81
N PRO F 417 39.63 -7.78 -8.92
CA PRO F 417 38.71 -8.48 -8.02
C PRO F 417 38.42 -7.74 -6.73
N ARG F 418 39.06 -6.61 -6.48
CA ARG F 418 38.84 -5.85 -5.25
C ARG F 418 37.96 -4.63 -5.53
N LEU F 419 37.03 -4.38 -4.62
CA LEU F 419 36.16 -3.22 -4.73
C LEU F 419 36.83 -2.02 -4.07
N THR F 420 36.45 -0.83 -4.52
CA THR F 420 36.94 0.43 -3.97
C THR F 420 35.86 1.28 -3.35
N ARG F 421 34.59 1.07 -3.69
CA ARG F 421 33.48 1.85 -3.17
C ARG F 421 32.34 0.91 -2.84
N GLY F 422 31.75 1.09 -1.65
CA GLY F 422 30.61 0.31 -1.23
C GLY F 422 29.42 0.39 -2.17
N LEU F 423 28.29 -0.13 -1.75
CA LEU F 423 27.22 -0.09 -2.74
C LEU F 423 26.47 1.24 -2.64
N PRO F 424 25.87 1.67 -3.76
CA PRO F 424 25.16 2.96 -3.74
C PRO F 424 23.86 2.85 -2.97
N GLU F 425 23.80 3.38 -1.75
CA GLU F 425 22.67 3.14 -0.87
C GLU F 425 21.63 4.26 -0.96
N ARG F 426 20.39 3.88 -0.68
CA ARG F 426 19.23 4.72 -0.93
C ARG F 426 19.04 5.84 0.09
N GLU F 427 18.76 7.04 -0.42
CA GLU F 427 18.38 8.20 0.38
C GLU F 427 16.86 8.29 0.47
N ASP F 428 16.36 8.77 1.59
CA ASP F 428 14.92 8.95 1.71
C ASP F 428 14.49 10.09 0.79
N SER F 429 13.20 10.45 0.87
CA SER F 429 12.67 11.51 0.01
C SER F 429 13.23 12.88 0.40
N LEU F 430 13.36 13.17 1.70
CA LEU F 430 13.85 14.48 2.12
C LEU F 430 15.21 14.76 1.53
N GLU F 431 16.14 13.80 1.65
CA GLU F 431 17.44 13.96 1.00
C GLU F 431 17.26 14.17 -0.49
N GLU F 432 16.30 13.48 -1.10
CA GLU F 432 16.03 13.64 -2.52
C GLU F 432 15.75 15.10 -2.87
N SER F 433 14.85 15.74 -2.12
CA SER F 433 14.52 17.13 -2.41
C SER F 433 15.73 18.03 -2.21
N TYR F 434 16.57 17.74 -1.21
CA TYR F 434 17.76 18.55 -0.97
C TYR F 434 18.65 18.60 -2.21
N TRP F 435 18.97 17.43 -2.76
CA TRP F 435 19.83 17.38 -3.94
C TRP F 435 19.15 17.96 -5.17
N ASP F 436 17.82 17.88 -5.23
CA ASP F 436 17.09 18.44 -6.36
C ASP F 436 16.99 19.96 -6.26
N ARG F 437 16.93 20.50 -5.04
CA ARG F 437 16.79 21.94 -4.81
C ARG F 437 17.71 22.78 -5.70
N HIS G 3 -12.27 -0.09 39.32
CA HIS G 3 -11.61 0.55 38.18
C HIS G 3 -10.28 -0.12 37.77
N MET G 4 -10.13 -1.41 38.07
CA MET G 4 -8.88 -2.11 37.86
C MET G 4 -8.70 -2.58 36.42
N LYS G 5 -7.44 -2.64 35.98
CA LYS G 5 -7.05 -3.12 34.67
C LYS G 5 -7.08 -4.64 34.62
N PHE G 6 -6.99 -5.19 33.40
CA PHE G 6 -6.96 -6.62 33.13
C PHE G 6 -5.53 -7.16 33.19
N PRO G 7 -5.31 -8.36 33.79
CA PRO G 7 -3.95 -8.90 33.90
C PRO G 7 -3.48 -9.56 32.62
N GLY G 8 -2.54 -8.92 31.95
CA GLY G 8 -2.02 -9.41 30.70
C GLY G 8 -2.70 -8.77 29.51
N LYS G 9 -2.25 -9.18 28.33
CA LYS G 9 -2.75 -8.64 27.07
C LYS G 9 -3.33 -9.74 26.19
N ARG G 10 -3.74 -10.86 26.78
CA ARG G 10 -4.29 -11.95 26.01
C ARG G 10 -5.76 -11.68 25.66
N LYS G 11 -6.19 -12.24 24.55
CA LYS G 11 -7.60 -12.17 24.21
C LYS G 11 -8.39 -13.06 25.14
N SER G 12 -9.40 -12.50 25.78
CA SER G 12 -10.11 -13.20 26.85
C SER G 12 -11.42 -13.75 26.34
N LYS G 13 -11.77 -14.95 26.82
CA LYS G 13 -13.08 -15.50 26.49
C LYS G 13 -14.17 -14.73 27.22
N HIS G 14 -13.93 -14.37 28.47
CA HIS G 14 -14.87 -13.59 29.26
C HIS G 14 -14.52 -12.10 29.19
N TYR G 15 -15.55 -11.28 29.17
CA TYR G 15 -15.40 -9.83 29.09
C TYR G 15 -14.98 -9.27 30.44
N PHE G 16 -13.98 -8.40 30.44
CA PHE G 16 -13.54 -7.82 31.70
C PHE G 16 -14.16 -6.43 31.86
N PRO G 17 -14.84 -6.16 32.97
CA PRO G 17 -15.56 -4.88 33.08
C PRO G 17 -14.65 -3.68 33.12
N VAL G 18 -13.48 -3.78 33.76
CA VAL G 18 -12.54 -2.67 33.89
C VAL G 18 -13.14 -1.65 34.87
N ASN G 19 -13.45 -0.44 34.37
CA ASN G 19 -14.12 0.54 35.22
C ASN G 19 -15.50 0.03 35.61
N ALA G 20 -15.75 -0.10 36.92
CA ALA G 20 -17.03 -0.59 37.40
C ALA G 20 -18.21 0.30 36.99
N ARG G 21 -17.94 1.45 36.38
CA ARG G 21 -19.01 2.26 35.80
C ARG G 21 -19.75 1.48 34.72
N ASP G 22 -19.01 0.73 33.89
CA ASP G 22 -19.44 0.02 32.69
C ASP G 22 -20.94 -0.21 32.66
N PRO G 23 -21.65 0.36 31.69
CA PRO G 23 -23.12 0.30 31.71
C PRO G 23 -23.66 -1.11 31.91
N LEU G 24 -22.90 -2.13 31.52
CA LEU G 24 -23.35 -3.50 31.63
C LEU G 24 -23.68 -3.85 33.08
N LEU G 25 -22.64 -4.02 33.89
CA LEU G 25 -22.82 -4.51 35.25
C LEU G 25 -23.64 -3.56 36.11
N GLN G 26 -23.80 -2.30 35.71
CA GLN G 26 -24.49 -1.33 36.57
C GLN G 26 -25.99 -1.60 36.63
N GLN G 27 -26.57 -2.19 35.57
CA GLN G 27 -28.01 -2.42 35.57
C GLN G 27 -28.42 -3.51 36.56
N PHE G 28 -27.52 -4.46 36.84
CA PHE G 28 -27.77 -5.52 37.81
C PHE G 28 -26.93 -5.37 39.07
N GLN G 29 -26.09 -4.34 39.16
CA GLN G 29 -25.32 -4.06 40.38
C GLN G 29 -26.21 -4.04 41.62
N ALA G 37 -11.47 -4.07 46.32
CA ALA G 37 -10.60 -5.15 45.85
C ALA G 37 -9.16 -4.66 45.62
N TRP G 38 -8.29 -4.97 46.56
CA TRP G 38 -6.93 -4.43 46.59
C TRP G 38 -6.00 -5.41 47.29
N VAL G 39 -4.73 -5.00 47.40
CA VAL G 39 -3.68 -5.82 47.99
C VAL G 39 -2.87 -4.94 48.93
N VAL G 40 -2.42 -5.51 50.05
CA VAL G 40 -1.71 -4.78 51.09
C VAL G 40 -0.39 -5.49 51.37
N GLY G 41 0.61 -4.70 51.77
CA GLY G 41 1.91 -5.26 52.07
C GLY G 41 2.62 -4.50 53.17
N ILE G 42 3.63 -5.16 53.74
CA ILE G 42 4.47 -4.59 54.79
C ILE G 42 5.90 -4.56 54.27
N ASP G 43 6.63 -3.50 54.61
CA ASP G 43 8.00 -3.36 54.16
C ASP G 43 8.78 -2.52 55.16
N GLN G 44 10.10 -2.63 55.07
CA GLN G 44 11.03 -1.79 55.83
C GLN G 44 11.27 -0.55 54.98
N THR G 45 10.64 0.56 55.37
CA THR G 45 10.72 1.81 54.63
C THR G 45 12.16 2.09 54.19
N LEU G 46 12.45 1.94 52.90
CA LEU G 46 13.82 1.99 52.41
C LEU G 46 13.92 2.93 51.22
N VAL G 47 15.15 3.36 50.95
CA VAL G 47 15.48 4.27 49.86
C VAL G 47 16.72 3.75 49.15
N ASP G 48 16.60 3.50 47.84
CA ASP G 48 17.75 3.06 47.06
C ASP G 48 18.69 4.24 46.79
N ILE G 49 19.98 4.01 46.93
CA ILE G 49 21.03 4.98 46.59
C ILE G 49 22.05 4.20 45.76
N GLU G 50 21.97 4.31 44.46
CA GLU G 50 22.70 3.46 43.54
C GLU G 50 23.99 4.11 43.09
N ALA G 51 25.01 3.29 42.84
CA ALA G 51 26.33 3.77 42.47
C ALA G 51 27.20 2.62 42.00
N LYS G 52 28.14 2.93 41.09
CA LYS G 52 29.17 1.99 40.70
C LYS G 52 30.38 2.21 41.60
N VAL G 53 31.08 1.13 41.93
CA VAL G 53 32.16 1.17 42.91
C VAL G 53 33.24 0.16 42.54
N ASP G 54 34.41 0.32 43.18
CA ASP G 54 35.50 -0.63 43.05
C ASP G 54 35.23 -1.88 43.89
N ASP G 55 35.85 -2.99 43.48
CA ASP G 55 35.85 -4.17 44.34
C ASP G 55 36.56 -3.88 45.66
N GLU G 56 37.42 -2.84 45.67
CA GLU G 56 37.99 -2.36 46.92
C GLU G 56 36.92 -1.69 47.78
N PHE G 57 36.02 -0.95 47.14
CA PHE G 57 34.95 -0.26 47.83
C PHE G 57 34.02 -1.23 48.56
N ILE G 58 33.85 -2.44 48.00
CA ILE G 58 32.96 -3.43 48.61
C ILE G 58 33.54 -3.91 49.93
N GLU G 59 34.77 -4.45 49.89
CA GLU G 59 35.39 -4.99 51.09
C GLU G 59 35.70 -3.91 52.11
N ARG G 60 35.87 -2.66 51.66
CA ARG G 60 36.28 -1.58 52.55
C ARG G 60 35.26 -1.28 53.64
N TYR G 61 34.01 -1.75 53.51
CA TYR G 61 32.99 -1.51 54.52
C TYR G 61 32.41 -2.81 55.07
N GLY G 62 33.15 -3.92 54.91
CA GLY G 62 32.73 -5.20 55.44
C GLY G 62 31.57 -5.83 54.69
N LEU G 63 31.50 -5.62 53.37
CA LEU G 63 30.44 -6.16 52.54
C LEU G 63 30.99 -7.22 51.58
N SER G 64 30.08 -8.06 51.07
CA SER G 64 30.39 -9.07 50.07
C SER G 64 29.39 -8.96 48.92
N ALA G 65 29.86 -9.26 47.71
CA ALA G 65 29.06 -9.09 46.51
C ALA G 65 27.86 -10.04 46.48
N GLY G 66 26.69 -9.52 46.12
CA GLY G 66 25.48 -10.29 45.99
C GLY G 66 24.66 -10.46 47.27
N HIS G 67 25.10 -9.89 48.38
CA HIS G 67 24.37 -9.98 49.63
C HIS G 67 23.46 -8.76 49.82
N SER G 68 22.64 -8.84 50.85
CA SER G 68 21.90 -7.69 51.39
C SER G 68 22.27 -7.64 52.87
N LEU G 69 23.24 -6.80 53.20
CA LEU G 69 23.87 -6.80 54.51
C LEU G 69 23.56 -5.52 55.26
N VAL G 70 23.14 -5.65 56.51
CA VAL G 70 23.02 -4.49 57.39
C VAL G 70 24.43 -4.03 57.77
N ILE G 71 24.57 -2.73 58.02
CA ILE G 71 25.86 -2.16 58.40
C ILE G 71 25.65 -1.16 59.54
N GLU G 72 26.72 -0.90 60.27
CA GLU G 72 26.65 0.03 61.38
C GLU G 72 26.33 1.42 60.86
N ASP G 73 25.87 2.30 61.76
CA ASP G 73 25.51 3.64 61.33
C ASP G 73 26.73 4.44 60.89
N ASP G 74 27.85 4.29 61.61
CA ASP G 74 29.08 4.98 61.25
C ASP G 74 29.75 4.35 60.03
N VAL G 75 29.69 3.02 59.90
CA VAL G 75 30.19 2.37 58.69
C VAL G 75 29.43 2.91 57.47
N ALA G 76 28.14 3.18 57.65
CA ALA G 76 27.33 3.73 56.56
C ALA G 76 27.70 5.17 56.27
N GLU G 77 27.93 5.97 57.31
CA GLU G 77 28.29 7.37 57.11
C GLU G 77 29.60 7.51 56.34
N ALA G 78 30.54 6.58 56.55
CA ALA G 78 31.78 6.62 55.80
C ALA G 78 31.54 6.26 54.35
N LEU G 79 30.69 5.27 54.10
CA LEU G 79 30.38 4.88 52.73
C LEU G 79 29.64 5.99 52.00
N TYR G 80 28.64 6.59 52.66
CA TYR G 80 27.89 7.67 52.05
C TYR G 80 28.80 8.83 51.68
N GLN G 81 29.76 9.14 52.56
CA GLN G 81 30.61 10.32 52.33
C GLN G 81 31.56 10.10 51.16
N GLU G 82 32.06 8.89 50.98
CA GLU G 82 32.96 8.62 49.86
C GLU G 82 32.23 8.68 48.53
N LEU G 83 30.95 8.33 48.51
CA LEU G 83 30.22 8.33 47.25
C LEU G 83 29.95 9.76 46.78
N LYS G 84 29.69 10.67 47.71
CA LYS G 84 29.52 12.07 47.36
C LYS G 84 30.85 12.73 47.02
N GLN G 85 31.90 12.41 47.78
CA GLN G 85 33.22 12.96 47.48
C GLN G 85 33.62 12.65 46.05
N LYS G 86 33.74 11.36 45.73
CA LYS G 86 34.14 10.96 44.39
C LYS G 86 33.04 11.18 43.36
N ASN G 87 31.89 11.71 43.75
CA ASN G 87 30.76 11.88 42.85
C ASN G 87 30.48 10.59 42.08
N LEU G 88 30.03 9.59 42.84
CA LEU G 88 29.84 8.24 42.32
C LEU G 88 28.38 7.85 42.14
N ILE G 89 27.46 8.54 42.80
CA ILE G 89 26.04 8.20 42.77
C ILE G 89 25.43 8.62 41.44
N THR G 90 24.63 7.73 40.85
CA THR G 90 24.01 7.98 39.55
C THR G 90 22.49 8.19 39.64
N HIS G 91 21.84 7.67 40.68
CA HIS G 91 20.39 7.67 40.77
C HIS G 91 19.97 7.44 42.21
N GLN G 92 18.89 8.10 42.62
CA GLN G 92 18.31 7.96 43.95
C GLN G 92 16.80 7.77 43.81
N PHE G 93 16.27 6.71 44.41
CA PHE G 93 14.87 6.38 44.28
C PHE G 93 14.41 5.56 45.48
N ALA G 94 13.10 5.44 45.61
CA ALA G 94 12.49 4.60 46.64
C ALA G 94 12.85 3.13 46.40
N GLY G 95 12.86 2.35 47.49
CA GLY G 95 13.23 0.95 47.40
C GLY G 95 12.50 0.04 48.36
N GLY G 96 13.07 -1.14 48.59
CA GLY G 96 12.44 -2.15 49.43
C GLY G 96 11.81 -3.27 48.64
N THR G 97 12.18 -4.53 48.96
CA THR G 97 11.65 -5.66 48.21
C THR G 97 10.13 -5.60 48.11
N ILE G 98 9.48 -5.19 49.19
CA ILE G 98 8.02 -5.06 49.18
C ILE G 98 7.59 -3.67 48.71
N GLY G 99 8.44 -2.65 48.87
CA GLY G 99 8.13 -1.36 48.30
C GLY G 99 8.02 -1.43 46.78
N ASN G 100 8.98 -2.09 46.14
CA ASN G 100 8.91 -2.31 44.70
C ASN G 100 7.59 -2.98 44.32
N THR G 101 7.24 -4.04 45.03
CA THR G 101 6.09 -4.85 44.64
C THR G 101 4.78 -4.07 44.70
N MET G 102 4.54 -3.38 45.82
CA MET G 102 3.31 -2.59 45.92
C MET G 102 3.28 -1.49 44.86
N HIS G 103 4.44 -0.90 44.58
CA HIS G 103 4.52 0.10 43.52
C HIS G 103 4.22 -0.50 42.16
N ASN G 104 4.94 -1.57 41.80
CA ASN G 104 4.77 -2.20 40.48
C ASN G 104 3.36 -2.75 40.27
N TYR G 105 2.75 -3.28 41.33
CA TYR G 105 1.38 -3.77 41.22
C TYR G 105 0.43 -2.67 40.78
N SER G 106 0.52 -1.51 41.45
CA SER G 106 -0.37 -0.40 41.13
C SER G 106 -0.11 0.15 39.73
N VAL G 107 1.14 0.12 39.27
CA VAL G 107 1.45 0.55 37.91
C VAL G 107 0.78 -0.40 36.91
N LEU G 108 0.90 -1.70 37.16
CA LEU G 108 0.36 -2.69 36.22
C LEU G 108 -1.16 -2.76 36.29
N ALA G 109 -1.73 -2.67 37.49
CA ALA G 109 -3.16 -2.87 37.67
C ALA G 109 -3.95 -1.58 37.68
N ASP G 110 -3.29 -0.44 37.95
CA ASP G 110 -3.98 0.85 38.01
C ASP G 110 -5.05 0.84 39.10
N ASP G 111 -4.82 0.05 40.14
CA ASP G 111 -5.67 0.04 41.34
C ASP G 111 -4.78 0.27 42.56
N ARG G 112 -5.43 0.40 43.72
CA ARG G 112 -4.72 0.82 44.92
C ARG G 112 -3.99 -0.34 45.57
N SER G 113 -2.87 -0.01 46.21
CA SER G 113 -2.13 -0.93 47.06
C SER G 113 -1.78 -0.19 48.35
N VAL G 114 -1.97 -0.84 49.48
CA VAL G 114 -1.69 -0.26 50.78
C VAL G 114 -0.36 -0.78 51.26
N LEU G 115 0.48 0.12 51.75
CA LEU G 115 1.80 -0.21 52.26
C LEU G 115 1.85 0.17 53.74
N LEU G 116 2.43 -0.71 54.55
CA LEU G 116 2.51 -0.50 55.99
C LEU G 116 3.97 -0.42 56.41
N GLY G 117 4.28 0.58 57.23
CA GLY G 117 5.65 0.81 57.63
C GLY G 117 5.77 2.10 58.43
N VAL G 118 6.94 2.71 58.34
CA VAL G 118 7.26 3.88 59.15
C VAL G 118 7.54 5.07 58.23
N MET G 119 7.73 6.24 58.84
CA MET G 119 7.98 7.47 58.10
C MET G 119 8.23 8.62 59.07
N CYS G 120 9.22 9.47 58.78
CA CYS G 120 9.48 10.67 59.56
C CYS G 120 8.17 11.36 59.92
N SER G 121 7.99 11.68 61.20
CA SER G 121 6.79 12.40 61.58
C SER G 121 6.82 13.83 61.05
N ASN G 122 8.01 14.39 60.87
CA ASN G 122 8.20 15.69 60.22
C ASN G 122 9.07 15.51 58.98
N ILE G 123 8.51 15.86 57.82
CA ILE G 123 9.13 15.65 56.53
C ILE G 123 9.47 17.00 55.94
N GLU G 124 10.76 17.24 55.71
CA GLU G 124 11.23 18.51 55.16
C GLU G 124 11.49 18.35 53.66
N ILE G 125 11.35 19.47 52.95
CA ILE G 125 11.45 19.44 51.50
C ILE G 125 12.85 19.04 51.08
N GLY G 126 12.94 18.25 50.01
CA GLY G 126 14.21 17.76 49.50
C GLY G 126 14.82 16.60 50.24
N SER G 127 14.23 16.19 51.37
CA SER G 127 14.80 15.14 52.20
C SER G 127 14.55 13.77 51.55
N TYR G 128 15.01 12.72 52.22
CA TYR G 128 14.75 11.37 51.70
C TYR G 128 13.29 10.97 51.89
N ALA G 129 12.69 11.34 53.01
CA ALA G 129 11.28 11.03 53.22
C ALA G 129 10.39 11.78 52.21
N TYR G 130 10.73 13.03 51.91
CA TYR G 130 10.06 13.75 50.83
C TYR G 130 10.18 12.99 49.53
N ARG G 131 11.42 12.73 49.10
CA ARG G 131 11.68 12.01 47.86
C ARG G 131 10.85 10.74 47.77
N TYR G 132 10.78 9.98 48.86
CA TYR G 132 10.06 8.72 48.85
C TYR G 132 8.62 8.91 48.36
N LEU G 133 7.97 10.00 48.78
CA LEU G 133 6.58 10.21 48.39
C LEU G 133 6.48 10.76 46.96
N CYS G 134 7.27 11.78 46.63
CA CYS G 134 7.22 12.31 45.27
C CYS G 134 7.47 11.20 44.26
N ASN G 135 8.18 10.15 44.66
CA ASN G 135 8.60 9.07 43.77
C ASN G 135 7.68 7.85 43.81
N THR G 136 7.07 7.55 44.95
CA THR G 136 6.16 6.41 45.05
C THR G 136 5.06 6.54 43.99
N SER G 137 4.55 5.39 43.55
CA SER G 137 3.47 5.39 42.57
C SER G 137 2.27 6.19 43.09
N SER G 138 1.54 6.77 42.14
CA SER G 138 0.38 7.58 42.50
C SER G 138 -0.65 6.75 43.26
N ARG G 139 -1.14 5.69 42.64
CA ARG G 139 -2.20 4.88 43.21
C ARG G 139 -1.78 4.07 44.42
N THR G 140 -0.52 4.13 44.83
CA THR G 140 -0.08 3.49 46.07
C THR G 140 -0.46 4.35 47.28
N ASP G 141 -1.16 3.75 48.24
CA ASP G 141 -1.67 4.47 49.39
C ASP G 141 -0.69 4.34 50.55
N LEU G 142 -0.17 5.48 51.02
CA LEU G 142 0.77 5.50 52.13
C LEU G 142 0.17 6.13 53.39
N ASN G 143 -1.13 6.36 53.40
CA ASN G 143 -1.78 7.05 54.51
C ASN G 143 -1.79 6.23 55.80
N TYR G 144 -1.65 4.91 55.71
CA TYR G 144 -1.71 4.05 56.88
C TYR G 144 -0.34 3.81 57.51
N LEU G 145 0.69 4.48 57.01
CA LEU G 145 2.02 4.37 57.59
C LEU G 145 2.02 4.85 59.05
N GLN G 146 3.15 4.61 59.71
CA GLN G 146 3.35 5.00 61.11
C GLN G 146 4.42 6.08 61.18
N GLY G 147 4.20 7.05 62.07
CA GLY G 147 5.19 8.10 62.28
C GLY G 147 6.27 7.60 63.23
N VAL G 148 7.51 8.03 62.96
CA VAL G 148 8.65 7.69 63.80
C VAL G 148 9.55 8.91 63.91
N ASP G 149 10.11 9.11 65.09
CA ASP G 149 10.96 10.25 65.39
C ASP G 149 12.38 10.14 64.83
N GLY G 150 12.68 9.10 64.05
CA GLY G 150 14.00 8.91 63.52
C GLY G 150 14.04 8.95 62.01
N PRO G 151 15.21 8.65 61.43
CA PRO G 151 15.33 8.64 59.97
C PRO G 151 14.87 7.32 59.38
N ILE G 152 14.42 7.37 58.13
CA ILE G 152 14.01 6.15 57.44
C ILE G 152 15.25 5.38 57.03
N GLY G 153 15.06 4.18 56.47
CA GLY G 153 16.17 3.34 56.10
C GLY G 153 16.79 3.74 54.77
N ARG G 154 18.08 3.47 54.64
CA ARG G 154 18.81 3.71 53.39
C ARG G 154 19.46 2.41 52.93
N CYS G 155 19.20 2.04 51.68
CA CYS G 155 19.82 0.88 51.06
C CYS G 155 20.78 1.41 50.00
N PHE G 156 22.08 1.24 50.23
CA PHE G 156 23.10 1.70 49.29
C PHE G 156 23.33 0.57 48.29
N THR G 157 22.68 0.66 47.13
CA THR G 157 22.89 -0.34 46.10
C THR G 157 24.25 -0.09 45.46
N LEU G 158 25.18 -1.02 45.66
CA LEU G 158 26.55 -0.88 45.18
C LEU G 158 26.72 -1.86 44.03
N ILE G 159 26.96 -1.32 42.84
CA ILE G 159 27.09 -2.11 41.63
C ILE G 159 28.54 -2.07 41.15
N GLY G 160 28.97 -3.17 40.55
CA GLY G 160 30.27 -3.26 39.92
C GLY G 160 30.14 -3.35 38.41
N GLU G 161 31.29 -3.25 37.73
CA GLU G 161 31.28 -3.36 36.28
C GLU G 161 30.72 -4.71 35.83
N SER G 162 30.95 -5.77 36.62
CA SER G 162 30.37 -7.06 36.30
C SER G 162 28.85 -7.01 36.38
N GLY G 163 28.32 -6.31 37.39
CA GLY G 163 26.88 -6.18 37.55
C GLY G 163 26.40 -6.54 38.94
N GLU G 164 27.28 -7.08 39.77
CA GLU G 164 26.89 -7.53 41.10
C GLU G 164 26.34 -6.37 41.91
N ARG G 165 25.07 -6.48 42.33
CA ARG G 165 24.39 -5.45 43.10
C ARG G 165 24.45 -5.83 44.58
N THR G 166 25.44 -5.28 45.28
CA THR G 166 25.49 -5.42 46.72
C THR G 166 24.58 -4.39 47.35
N PHE G 167 24.01 -4.73 48.50
CA PHE G 167 23.09 -3.86 49.21
C PHE G 167 23.66 -3.62 50.60
N ALA G 168 23.66 -2.36 51.01
CA ALA G 168 24.10 -1.96 52.35
C ALA G 168 22.96 -1.19 53.00
N ILE G 169 22.48 -1.69 54.12
CA ILE G 169 21.26 -1.22 54.75
C ILE G 169 21.63 -0.44 56.00
N SER G 170 21.18 0.81 56.09
CA SER G 170 21.28 1.61 57.30
C SER G 170 19.89 1.66 57.91
N PRO G 171 19.55 0.74 58.82
CA PRO G 171 18.13 0.61 59.22
C PRO G 171 17.53 1.90 59.76
N GLY G 172 18.30 2.70 60.48
CA GLY G 172 17.70 3.82 61.17
C GLY G 172 16.59 3.30 62.06
N HIS G 173 15.39 3.85 61.88
CA HIS G 173 14.22 3.42 62.62
C HIS G 173 13.30 2.54 61.79
N MET G 174 13.78 2.05 60.64
CA MET G 174 12.89 1.39 59.69
C MET G 174 12.18 0.19 60.29
N ASN G 175 12.75 -0.40 61.34
CA ASN G 175 12.19 -1.60 61.94
C ASN G 175 11.35 -1.28 63.17
N GLN G 176 10.97 -0.03 63.36
CA GLN G 176 10.20 0.40 64.52
C GLN G 176 8.70 0.30 64.30
N LEU G 177 8.27 -0.55 63.37
CA LEU G 177 6.84 -0.72 63.11
C LEU G 177 6.22 -1.50 64.26
N ARG G 178 5.19 -0.91 64.85
CA ARG G 178 4.49 -1.50 66.00
C ARG G 178 3.22 -2.20 65.55
N ALA G 179 2.87 -3.27 66.27
CA ALA G 179 1.73 -4.08 65.89
C ALA G 179 0.40 -3.35 66.03
N GLU G 180 0.31 -2.32 66.89
CA GLU G 180 -0.92 -1.55 66.96
C GLU G 180 -1.17 -0.78 65.68
N SER G 181 -0.11 -0.41 64.97
CA SER G 181 -0.21 0.39 63.76
C SER G 181 -0.67 -0.40 62.55
N ILE G 182 -0.87 -1.71 62.69
CA ILE G 182 -1.37 -2.52 61.59
C ILE G 182 -2.88 -2.33 61.52
N PRO G 183 -3.42 -1.78 60.43
CA PRO G 183 -4.87 -1.54 60.33
C PRO G 183 -5.65 -2.83 60.17
N GLU G 184 -6.49 -3.13 61.17
CA GLU G 184 -7.23 -4.38 61.17
C GLU G 184 -8.10 -4.53 59.92
N ASP G 185 -8.88 -3.49 59.59
CA ASP G 185 -9.84 -3.61 58.49
C ASP G 185 -9.17 -3.57 57.12
N VAL G 186 -8.05 -2.87 56.97
CA VAL G 186 -7.39 -2.78 55.67
C VAL G 186 -6.99 -4.17 55.19
N ILE G 187 -6.31 -4.93 56.05
CA ILE G 187 -5.88 -6.26 55.63
C ILE G 187 -7.08 -7.17 55.42
N ALA G 188 -8.21 -6.87 56.06
CA ALA G 188 -9.38 -7.74 55.96
C ALA G 188 -9.95 -7.76 54.55
N GLY G 189 -10.06 -6.61 53.91
CA GLY G 189 -10.66 -6.54 52.59
C GLY G 189 -9.64 -6.71 51.48
N ALA G 190 -8.47 -7.24 51.82
CA ALA G 190 -7.42 -7.48 50.85
C ALA G 190 -7.53 -8.87 50.24
N SER G 191 -6.85 -9.05 49.11
CA SER G 191 -6.78 -10.33 48.44
C SER G 191 -5.43 -11.01 48.63
N ALA G 192 -4.50 -10.37 49.33
CA ALA G 192 -3.20 -10.96 49.64
C ALA G 192 -2.48 -10.08 50.65
N LEU G 193 -1.66 -10.71 51.50
CA LEU G 193 -0.79 -10.02 52.43
C LEU G 193 0.64 -10.41 52.05
N VAL G 194 1.48 -9.42 51.79
CA VAL G 194 2.77 -9.64 51.15
C VAL G 194 3.88 -9.29 52.12
N LEU G 195 4.83 -10.21 52.30
CA LEU G 195 5.95 -10.08 53.23
C LEU G 195 7.23 -10.48 52.52
N THR G 196 8.37 -10.14 53.13
CA THR G 196 9.69 -10.49 52.59
C THR G 196 10.55 -11.09 53.68
N SER G 197 11.48 -11.96 53.29
CA SER G 197 12.36 -12.64 54.24
C SER G 197 13.07 -11.65 55.16
N TYR G 198 13.19 -10.39 54.74
CA TYR G 198 13.89 -9.37 55.50
C TYR G 198 13.15 -8.90 56.74
N LEU G 199 11.86 -9.25 56.91
CA LEU G 199 11.10 -8.63 58.00
C LEU G 199 11.51 -9.17 59.37
N VAL G 200 11.98 -10.41 59.46
CA VAL G 200 12.44 -10.91 60.75
C VAL G 200 13.87 -10.47 61.05
N ARG G 201 14.64 -10.11 60.02
CA ARG G 201 16.00 -9.64 60.20
C ARG G 201 15.96 -8.20 60.70
N CYS G 202 16.21 -8.02 61.99
CA CYS G 202 16.19 -6.70 62.60
C CYS G 202 17.08 -6.76 63.84
N LYS G 203 17.50 -5.58 64.28
CA LYS G 203 18.23 -5.53 65.54
C LYS G 203 17.30 -5.98 66.67
N PRO G 204 17.77 -6.83 67.58
CA PRO G 204 16.86 -7.39 68.57
C PRO G 204 16.19 -6.33 69.43
N GLY G 205 14.97 -6.63 69.85
CA GLY G 205 14.15 -5.73 70.63
C GLY G 205 13.28 -4.81 69.80
N GLU G 206 13.61 -4.59 68.53
CA GLU G 206 12.75 -3.78 67.68
C GLU G 206 11.49 -4.57 67.32
N PRO G 207 10.33 -3.91 67.28
CA PRO G 207 9.06 -4.65 67.18
C PRO G 207 8.67 -5.09 65.78
N MET G 208 9.44 -4.74 64.74
CA MET G 208 9.07 -5.06 63.37
C MET G 208 8.58 -6.49 63.19
N PRO G 209 9.31 -7.52 63.61
CA PRO G 209 8.76 -8.89 63.46
C PRO G 209 7.46 -9.09 64.23
N GLU G 210 7.31 -8.44 65.38
CA GLU G 210 6.06 -8.54 66.12
C GLU G 210 4.90 -7.97 65.30
N ALA G 211 5.13 -6.86 64.61
CA ALA G 211 4.09 -6.28 63.77
C ALA G 211 3.71 -7.23 62.65
N THR G 212 4.70 -7.90 62.05
CA THR G 212 4.41 -8.87 61.01
C THR G 212 3.43 -9.92 61.51
N MET G 213 3.70 -10.47 62.70
CA MET G 213 2.80 -11.49 63.26
C MET G 213 1.40 -10.96 63.52
N LYS G 214 1.26 -9.66 63.86
CA LYS G 214 -0.09 -9.14 64.08
C LYS G 214 -0.84 -8.99 62.76
N ALA G 215 -0.13 -8.59 61.70
CA ALA G 215 -0.75 -8.56 60.38
C ALA G 215 -1.16 -9.96 59.94
N ILE G 216 -0.29 -10.95 60.18
CA ILE G 216 -0.63 -12.34 59.83
C ILE G 216 -1.84 -12.82 60.64
N GLU G 217 -1.98 -12.38 61.88
CA GLU G 217 -3.17 -12.72 62.64
C GLU G 217 -4.43 -12.32 61.87
N TYR G 218 -4.52 -11.06 61.48
CA TYR G 218 -5.68 -10.58 60.74
C TYR G 218 -5.84 -11.36 59.43
N ALA G 219 -4.74 -11.67 58.75
CA ALA G 219 -4.83 -12.39 57.49
C ALA G 219 -5.57 -13.70 57.64
N LYS G 220 -5.18 -14.52 58.62
CA LYS G 220 -5.89 -15.77 58.86
C LYS G 220 -7.30 -15.52 59.36
N LYS G 221 -7.48 -14.50 60.19
CA LYS G 221 -8.80 -14.21 60.74
C LYS G 221 -9.82 -14.04 59.62
N TYR G 222 -9.47 -13.23 58.62
CA TYR G 222 -10.37 -12.88 57.53
C TYR G 222 -10.05 -13.61 56.23
N ASN G 223 -9.26 -14.69 56.31
CA ASN G 223 -8.98 -15.56 55.17
C ASN G 223 -8.29 -14.84 54.01
N VAL G 224 -7.23 -14.12 54.32
CA VAL G 224 -6.42 -13.43 53.31
C VAL G 224 -5.16 -14.24 53.08
N PRO G 225 -4.93 -14.77 51.88
CA PRO G 225 -3.70 -15.54 51.64
C PRO G 225 -2.47 -14.69 51.91
N VAL G 226 -1.46 -15.34 52.50
CA VAL G 226 -0.21 -14.68 52.84
C VAL G 226 0.85 -15.03 51.81
N VAL G 227 1.66 -14.05 51.46
CA VAL G 227 2.67 -14.13 50.40
C VAL G 227 4.03 -13.88 51.01
N LEU G 228 5.06 -14.52 50.45
CA LEU G 228 6.42 -14.39 50.99
C LEU G 228 7.45 -14.38 49.87
N THR G 229 8.25 -13.31 49.81
CA THR G 229 9.41 -13.24 48.93
C THR G 229 10.70 -13.24 49.75
N LEU G 230 11.77 -13.66 49.10
CA LEU G 230 13.06 -13.91 49.71
C LEU G 230 14.10 -12.92 49.22
N GLY G 231 15.13 -12.71 50.03
CA GLY G 231 16.15 -11.71 49.72
C GLY G 231 17.30 -12.25 48.91
N THR G 232 18.12 -13.10 49.53
CA THR G 232 19.23 -13.77 48.86
C THR G 232 19.36 -15.16 49.48
N LYS G 233 20.09 -16.05 48.80
CA LYS G 233 20.23 -17.41 49.29
C LYS G 233 20.81 -17.42 50.69
N PHE G 234 21.73 -16.49 50.97
CA PHE G 234 22.41 -16.47 52.26
C PHE G 234 21.44 -16.20 53.40
N VAL G 235 20.41 -15.38 53.15
CA VAL G 235 19.47 -15.05 54.21
C VAL G 235 18.80 -16.31 54.72
N ILE G 236 18.58 -17.28 53.84
CA ILE G 236 17.88 -18.52 54.19
C ILE G 236 18.84 -19.61 54.63
N ALA G 237 20.00 -19.73 53.98
CA ALA G 237 20.92 -20.82 54.31
C ALA G 237 21.33 -20.78 55.78
N GLU G 238 21.10 -19.65 56.47
CA GLU G 238 21.37 -19.58 57.90
C GLU G 238 20.50 -20.56 58.67
N ASN G 239 19.24 -20.69 58.28
CA ASN G 239 18.28 -21.48 59.03
C ASN G 239 17.19 -22.03 58.12
N PRO G 240 17.54 -22.82 57.11
CA PRO G 240 16.50 -23.29 56.17
C PRO G 240 15.30 -23.93 56.84
N GLN G 241 15.52 -24.65 57.95
CA GLN G 241 14.44 -25.43 58.55
C GLN G 241 13.40 -24.57 59.25
N TRP G 242 13.78 -23.40 59.76
CA TRP G 242 12.80 -22.53 60.39
C TRP G 242 11.87 -21.91 59.35
N TRP G 243 12.44 -21.45 58.23
CA TRP G 243 11.62 -20.87 57.18
C TRP G 243 10.59 -21.87 56.71
N GLN G 244 11.02 -23.10 56.43
CA GLN G 244 10.11 -24.17 56.06
C GLN G 244 8.97 -24.29 57.07
N GLN G 245 9.31 -24.34 58.35
CA GLN G 245 8.28 -24.47 59.38
C GLN G 245 7.35 -23.26 59.37
N PHE G 246 7.89 -22.08 59.07
CA PHE G 246 7.06 -20.89 58.96
C PHE G 246 6.00 -21.08 57.88
N LEU G 247 6.41 -21.65 56.75
CA LEU G 247 5.53 -21.71 55.58
C LEU G 247 4.31 -22.58 55.86
N LYS G 248 4.49 -23.69 56.57
CA LYS G 248 3.38 -24.60 56.83
C LYS G 248 2.22 -23.89 57.52
N ASP G 249 2.50 -23.25 58.65
CA ASP G 249 1.43 -22.73 59.49
C ASP G 249 0.76 -21.53 58.83
N HIS G 250 1.56 -20.58 58.37
CA HIS G 250 1.07 -19.27 57.97
C HIS G 250 1.00 -19.09 56.46
N VAL G 251 2.10 -19.34 55.76
CA VAL G 251 2.17 -18.94 54.37
C VAL G 251 1.21 -19.77 53.54
N SER G 252 0.60 -19.11 52.56
CA SER G 252 -0.21 -19.77 51.54
C SER G 252 0.38 -19.61 50.15
N ILE G 253 1.30 -18.66 49.96
CA ILE G 253 1.90 -18.39 48.66
C ILE G 253 3.37 -18.06 48.89
N LEU G 254 4.26 -18.64 48.09
CA LEU G 254 5.71 -18.50 48.31
C LEU G 254 6.36 -17.96 47.04
N ALA G 255 7.13 -16.89 47.18
CA ALA G 255 7.91 -16.30 46.09
C ALA G 255 9.38 -16.58 46.28
N MET G 256 10.10 -16.83 45.18
CA MET G 256 11.42 -17.44 45.26
C MET G 256 12.12 -17.27 43.91
N ASN G 257 13.45 -17.32 43.94
CA ASN G 257 14.26 -17.48 42.74
C ASN G 257 15.12 -18.75 42.87
N GLU G 258 15.79 -19.11 41.77
CA GLU G 258 16.42 -20.43 41.67
C GLU G 258 17.46 -20.66 42.76
N ASP G 259 18.31 -19.67 43.05
CA ASP G 259 19.32 -19.84 44.08
C ASP G 259 18.71 -19.80 45.48
N GLU G 260 17.87 -18.80 45.75
CA GLU G 260 17.15 -18.76 47.02
C GLU G 260 16.44 -20.08 47.30
N ALA G 261 16.03 -20.79 46.25
CA ALA G 261 15.26 -22.02 46.41
C ALA G 261 16.13 -23.20 46.81
N GLU G 262 17.26 -23.37 46.13
CA GLU G 262 18.17 -24.46 46.48
C GLU G 262 18.57 -24.42 47.94
N ALA G 263 18.71 -23.21 48.50
CA ALA G 263 19.06 -23.08 49.91
C ALA G 263 17.94 -23.53 50.84
N LEU G 264 16.68 -23.37 50.43
CA LEU G 264 15.56 -23.73 51.30
C LEU G 264 15.20 -25.20 51.18
N THR G 265 15.33 -25.77 49.98
CA THR G 265 14.89 -27.12 49.70
C THR G 265 16.04 -28.10 49.46
N GLY G 266 17.22 -27.61 49.09
CA GLY G 266 18.34 -28.48 48.81
C GLY G 266 18.36 -29.10 47.44
N GLU G 267 17.54 -28.62 46.50
CA GLU G 267 17.41 -29.22 45.19
C GLU G 267 18.00 -28.30 44.12
N SER G 268 19.06 -28.77 43.45
CA SER G 268 19.61 -28.00 42.34
C SER G 268 18.68 -28.01 41.14
N ASP G 269 17.61 -28.82 41.17
CA ASP G 269 16.58 -28.82 40.14
C ASP G 269 15.43 -27.94 40.60
N PRO G 270 15.10 -26.87 39.87
CA PRO G 270 14.02 -25.98 40.35
C PRO G 270 12.67 -26.64 40.52
N LEU G 271 12.29 -27.52 39.58
CA LEU G 271 10.97 -28.14 39.60
C LEU G 271 10.72 -28.93 40.89
N LEU G 272 11.69 -29.73 41.30
CA LEU G 272 11.49 -30.53 42.52
C LEU G 272 11.40 -29.64 43.75
N ALA G 273 12.29 -28.64 43.85
CA ALA G 273 12.27 -27.73 44.98
C ALA G 273 10.88 -27.13 45.20
N SER G 274 10.29 -26.59 44.13
CA SER G 274 8.95 -26.03 44.23
C SER G 274 7.95 -27.07 44.70
N ASP G 275 8.08 -28.30 44.19
CA ASP G 275 7.17 -29.37 44.58
C ASP G 275 7.31 -29.68 46.07
N LYS G 276 8.55 -29.72 46.57
CA LYS G 276 8.75 -29.94 48.00
C LYS G 276 8.08 -28.85 48.82
N ALA G 277 8.19 -27.60 48.37
CA ALA G 277 7.58 -26.48 49.09
C ALA G 277 6.06 -26.58 49.09
N LEU G 278 5.49 -27.25 48.09
CA LEU G 278 4.03 -27.36 47.97
C LEU G 278 3.39 -28.14 49.10
N ASP G 279 4.19 -28.88 49.88
CA ASP G 279 3.66 -29.56 51.07
C ASP G 279 3.25 -28.58 52.18
N TRP G 280 3.82 -27.37 52.20
CA TRP G 280 3.65 -26.44 53.30
C TRP G 280 2.72 -25.29 52.98
N VAL G 281 2.70 -24.83 51.74
CA VAL G 281 1.92 -23.70 51.29
C VAL G 281 1.07 -24.15 50.11
N ASP G 282 0.22 -23.23 49.62
CA ASP G 282 -0.75 -23.56 48.60
C ASP G 282 -0.32 -23.22 47.18
N LEU G 283 0.69 -22.37 47.00
CA LEU G 283 1.09 -21.93 45.67
C LEU G 283 2.51 -21.39 45.74
N VAL G 284 3.32 -21.75 44.76
CA VAL G 284 4.74 -21.41 44.76
C VAL G 284 5.13 -20.89 43.37
N LEU G 285 5.88 -19.79 43.33
CA LEU G 285 6.46 -19.26 42.11
C LEU G 285 7.96 -19.06 42.30
N CYS G 286 8.74 -19.64 41.38
CA CYS G 286 10.20 -19.59 41.43
C CYS G 286 10.77 -19.06 40.12
N THR G 287 11.60 -18.02 40.22
CA THR G 287 12.25 -17.42 39.06
C THR G 287 13.53 -18.19 38.74
N ALA G 288 13.59 -18.81 37.57
CA ALA G 288 14.72 -19.64 37.18
C ALA G 288 15.71 -18.91 36.27
N GLY G 289 15.77 -17.59 36.36
CA GLY G 289 16.67 -16.80 35.55
C GLY G 289 16.57 -17.12 34.08
N PRO G 290 17.70 -17.47 33.44
CA PRO G 290 17.67 -17.73 31.99
C PRO G 290 16.98 -19.02 31.61
N ILE G 291 16.83 -19.97 32.54
CA ILE G 291 16.07 -21.18 32.28
C ILE G 291 14.60 -20.84 32.04
N GLY G 292 14.16 -19.67 32.49
CA GLY G 292 12.76 -19.26 32.41
C GLY G 292 12.15 -19.03 33.77
N LEU G 293 10.94 -19.53 33.98
CA LEU G 293 10.32 -19.51 35.30
C LEU G 293 9.34 -20.66 35.41
N TYR G 294 9.26 -21.24 36.60
CA TYR G 294 8.34 -22.34 36.87
C TYR G 294 7.24 -21.84 37.80
N MET G 295 6.10 -22.54 37.79
CA MET G 295 5.03 -22.27 38.74
C MET G 295 4.34 -23.57 39.13
N ALA G 296 4.05 -23.73 40.42
CA ALA G 296 3.41 -24.92 40.94
C ALA G 296 2.32 -24.55 41.94
N GLY G 297 1.21 -25.28 41.90
CA GLY G 297 0.10 -25.02 42.79
C GLY G 297 -0.86 -26.18 42.86
N PHE G 298 -2.02 -25.92 43.46
CA PHE G 298 -3.07 -26.91 43.65
C PHE G 298 -4.29 -26.48 42.84
N THR G 299 -5.01 -27.47 42.32
CA THR G 299 -6.24 -27.25 41.57
C THR G 299 -7.22 -28.36 41.91
N GLU G 300 -8.50 -28.08 41.70
CA GLU G 300 -9.53 -29.09 41.88
C GLU G 300 -9.40 -30.16 40.80
N ASP G 301 -9.31 -31.42 41.22
CA ASP G 301 -9.10 -32.52 40.26
C ASP G 301 -10.31 -32.70 39.33
N GLU G 302 -11.48 -32.17 39.69
CA GLU G 302 -12.65 -32.28 38.85
C GLU G 302 -12.61 -31.33 37.66
N ALA G 303 -12.05 -30.13 37.85
CA ALA G 303 -12.05 -29.09 36.83
C ALA G 303 -10.69 -28.89 36.15
N LYS G 304 -9.77 -29.84 36.30
CA LYS G 304 -8.48 -29.68 35.64
C LYS G 304 -8.66 -29.57 34.13
N ARG G 305 -7.91 -28.65 33.52
CA ARG G 305 -7.94 -28.41 32.08
C ARG G 305 -6.54 -28.63 31.51
N LYS G 306 -6.46 -29.53 30.55
CA LYS G 306 -5.19 -30.02 30.03
C LYS G 306 -4.64 -29.12 28.92
N THR G 307 -3.31 -29.09 28.83
CA THR G 307 -2.61 -28.19 27.94
C THR G 307 -2.83 -28.55 26.47
N GLN G 308 -2.50 -27.58 25.61
CA GLN G 308 -2.44 -27.79 24.17
C GLN G 308 -1.00 -27.66 23.67
N HIS G 309 -0.04 -27.52 24.58
CA HIS G 309 1.37 -27.51 24.20
C HIS G 309 1.93 -28.93 24.29
N PRO G 310 3.08 -29.18 23.66
CA PRO G 310 3.73 -30.48 23.81
C PRO G 310 4.10 -30.75 25.27
N LEU G 311 3.98 -32.01 25.67
CA LEU G 311 4.39 -32.42 27.02
C LEU G 311 5.91 -32.38 27.14
N LEU G 312 6.40 -31.73 28.23
CA LEU G 312 7.80 -31.44 28.47
C LEU G 312 8.47 -32.55 29.26
N PRO G 313 9.78 -32.76 29.03
CA PRO G 313 10.55 -33.64 29.91
C PRO G 313 11.12 -32.85 31.08
N GLY G 314 11.19 -33.49 32.23
CA GLY G 314 11.74 -32.82 33.40
C GLY G 314 11.82 -33.77 34.58
N ALA G 315 12.38 -33.25 35.67
CA ALA G 315 12.49 -34.02 36.90
C ALA G 315 11.17 -34.72 37.22
N ILE G 316 10.07 -33.99 37.10
CA ILE G 316 8.74 -34.59 37.02
C ILE G 316 8.36 -34.59 35.55
N ALA G 317 8.26 -35.79 34.96
CA ALA G 317 7.99 -35.90 33.53
C ALA G 317 6.63 -35.31 33.18
N GLU G 318 6.59 -34.53 32.11
CA GLU G 318 5.35 -33.96 31.59
C GLU G 318 4.62 -33.19 32.70
N PHE G 319 5.35 -32.23 33.27
CA PHE G 319 4.85 -31.44 34.37
C PHE G 319 3.80 -30.43 33.89
N ASN G 320 3.85 -30.05 32.62
CA ASN G 320 2.89 -29.14 32.00
C ASN G 320 1.66 -29.87 31.47
N GLN G 321 1.37 -31.06 32.00
CA GLN G 321 0.29 -31.88 31.44
C GLN G 321 -1.07 -31.19 31.59
N TYR G 322 -1.28 -30.45 32.68
CA TYR G 322 -2.51 -29.70 32.92
C TYR G 322 -2.20 -28.22 33.14
N GLU G 323 -1.27 -27.70 32.32
CA GLU G 323 -0.84 -26.30 32.38
C GLU G 323 -1.99 -25.30 32.49
N PHE G 324 -3.13 -25.59 31.89
CA PHE G 324 -4.17 -24.60 31.67
C PHE G 324 -5.20 -24.51 32.80
N SER G 325 -4.91 -25.10 33.96
CA SER G 325 -5.85 -25.03 35.06
C SER G 325 -5.67 -23.72 35.85
N ARG G 326 -6.70 -23.37 36.61
CA ARG G 326 -6.63 -22.26 37.56
C ARG G 326 -6.27 -22.82 38.93
N ALA G 327 -5.54 -22.03 39.71
CA ALA G 327 -5.01 -22.50 40.99
C ALA G 327 -6.02 -22.31 42.10
N MET G 328 -6.12 -23.32 42.96
CA MET G 328 -6.88 -23.25 44.21
C MET G 328 -5.94 -23.49 45.38
N ARG G 329 -6.42 -23.17 46.58
CA ARG G 329 -5.70 -23.51 47.80
C ARG G 329 -5.98 -24.96 48.22
N HIS G 330 -4.95 -25.61 48.77
CA HIS G 330 -5.11 -26.98 49.24
C HIS G 330 -6.30 -27.10 50.17
N LYS G 331 -6.51 -26.07 51.00
CA LYS G 331 -7.62 -26.05 51.94
C LYS G 331 -8.96 -25.95 51.22
N ASP G 332 -9.03 -25.14 50.15
CA ASP G 332 -10.27 -24.94 49.41
C ASP G 332 -10.57 -26.08 48.45
N CYS G 333 -9.62 -26.98 48.22
CA CYS G 333 -9.83 -28.08 47.30
C CYS G 333 -10.54 -29.22 48.02
N GLN G 334 -11.40 -29.93 47.29
CA GLN G 334 -12.01 -31.13 47.84
C GLN G 334 -11.18 -32.36 47.47
N ASN G 335 -10.66 -32.42 46.24
CA ASN G 335 -9.68 -33.43 45.82
C ASN G 335 -8.55 -32.75 45.05
N PRO G 336 -7.59 -32.15 45.75
CA PRO G 336 -6.53 -31.40 45.06
C PRO G 336 -5.65 -32.26 44.15
N LEU G 337 -5.15 -31.62 43.09
CA LEU G 337 -4.21 -32.19 42.13
C LEU G 337 -3.05 -31.22 41.96
N ARG G 338 -1.83 -31.73 41.93
CA ARG G 338 -0.67 -30.87 41.73
C ARG G 338 -0.48 -30.57 40.26
N VAL G 339 -0.20 -29.30 39.96
CA VAL G 339 -0.12 -28.79 38.59
C VAL G 339 1.11 -27.90 38.46
N TYR G 340 1.75 -27.98 37.29
CA TYR G 340 3.05 -27.35 37.08
C TYR G 340 3.03 -26.64 35.73
N SER G 341 3.87 -25.62 35.59
CA SER G 341 4.02 -24.92 34.32
C SER G 341 5.34 -24.18 34.29
N HIS G 342 5.89 -24.01 33.08
CA HIS G 342 7.16 -23.35 32.88
C HIS G 342 7.17 -22.63 31.54
N ILE G 343 7.75 -21.43 31.53
CA ILE G 343 7.91 -20.65 30.30
C ILE G 343 9.31 -20.07 30.26
N ALA G 344 9.83 -19.90 29.05
CA ALA G 344 11.19 -19.44 28.81
C ALA G 344 11.24 -17.93 28.71
N PRO G 345 12.44 -17.35 28.67
CA PRO G 345 12.55 -15.89 28.57
C PRO G 345 11.89 -15.33 27.32
N TYR G 346 11.35 -14.13 27.46
CA TYR G 346 10.74 -13.42 26.34
C TYR G 346 11.86 -12.92 25.41
N MET G 347 11.61 -13.04 24.10
CA MET G 347 12.51 -12.49 23.07
C MET G 347 13.98 -12.61 23.44
N ASN G 355 19.95 -6.27 35.91
CA ASN G 355 19.05 -6.10 37.05
C ASN G 355 18.40 -7.43 37.42
N THR G 356 19.23 -8.42 37.75
CA THR G 356 18.72 -9.75 38.08
C THR G 356 18.05 -9.79 39.45
N ASN G 357 18.17 -8.74 40.26
CA ASN G 357 17.62 -8.73 41.62
C ASN G 357 16.16 -8.26 41.64
N GLY G 358 15.88 -7.12 41.02
CA GLY G 358 14.55 -6.56 41.05
C GLY G 358 13.57 -7.15 40.06
N ALA G 359 14.04 -7.98 39.13
CA ALA G 359 13.14 -8.57 38.14
C ALA G 359 12.16 -9.51 38.82
N GLY G 360 12.67 -10.42 39.67
CA GLY G 360 11.78 -11.29 40.42
C GLY G 360 10.76 -10.52 41.23
N ASP G 361 11.20 -9.45 41.91
CA ASP G 361 10.30 -8.60 42.66
C ASP G 361 9.17 -8.05 41.78
N GLY G 362 9.36 -8.01 40.46
CA GLY G 362 8.35 -7.54 39.54
C GLY G 362 7.35 -8.60 39.13
N ALA G 363 7.85 -9.79 38.79
CA ALA G 363 6.96 -10.89 38.44
C ALA G 363 5.96 -11.19 39.55
N LEU G 364 6.35 -11.00 40.81
CA LEU G 364 5.39 -11.16 41.91
C LEU G 364 4.23 -10.19 41.75
N ALA G 365 4.52 -8.91 41.49
CA ALA G 365 3.46 -7.94 41.27
C ALA G 365 2.48 -8.45 40.21
N ALA G 366 2.99 -9.00 39.12
CA ALA G 366 2.13 -9.51 38.06
C ALA G 366 1.14 -10.54 38.60
N LEU G 367 1.63 -11.52 39.36
CA LEU G 367 0.74 -12.53 39.90
C LEU G 367 -0.33 -11.91 40.82
N LEU G 368 0.08 -10.96 41.66
CA LEU G 368 -0.88 -10.27 42.51
C LEU G 368 -2.01 -9.67 41.68
N HIS G 369 -1.67 -9.02 40.56
CA HIS G 369 -2.69 -8.47 39.68
C HIS G 369 -3.75 -9.52 39.38
N ASP G 370 -3.32 -10.69 38.91
CA ASP G 370 -4.25 -11.74 38.55
C ASP G 370 -5.06 -12.20 39.75
N ILE G 371 -4.43 -12.25 40.93
CA ILE G 371 -5.14 -12.72 42.11
C ILE G 371 -6.17 -11.69 42.56
N THR G 372 -5.81 -10.41 42.55
CA THR G 372 -6.81 -9.38 42.80
C THR G 372 -7.87 -9.42 41.71
N ALA G 373 -7.44 -9.58 40.45
CA ALA G 373 -8.40 -9.58 39.36
C ALA G 373 -9.49 -10.61 39.61
N ASN G 374 -9.11 -11.76 40.13
CA ASN G 374 -10.11 -12.76 40.51
C ASN G 374 -11.01 -12.19 41.61
N SER G 375 -10.41 -11.53 42.61
CA SER G 375 -11.19 -10.92 43.66
C SER G 375 -12.07 -9.79 43.12
N TYR G 376 -11.57 -9.08 42.11
CA TYR G 376 -12.34 -7.97 41.54
C TYR G 376 -13.47 -8.49 40.68
N HIS G 377 -13.15 -9.41 39.76
CA HIS G 377 -14.16 -9.96 38.88
C HIS G 377 -15.20 -10.77 39.65
N ARG G 378 -14.85 -11.29 40.83
CA ARG G 378 -15.79 -12.08 41.61
C ARG G 378 -16.83 -11.19 42.29
N SER G 379 -16.42 -10.02 42.77
CA SER G 379 -17.37 -9.14 43.44
C SER G 379 -18.23 -8.39 42.44
N ASN G 380 -17.73 -8.18 41.23
CA ASN G 380 -18.46 -7.48 40.18
C ASN G 380 -19.23 -8.42 39.25
N VAL G 381 -18.82 -9.68 39.15
CA VAL G 381 -19.44 -10.62 38.23
C VAL G 381 -19.66 -11.95 38.94
N PRO G 382 -20.56 -12.03 39.93
CA PRO G 382 -20.73 -13.30 40.65
C PRO G 382 -21.27 -14.44 39.80
N ASN G 383 -21.97 -14.12 38.72
CA ASN G 383 -22.67 -15.14 37.94
C ASN G 383 -21.78 -15.90 36.98
N SER G 384 -20.54 -15.45 36.76
CA SER G 384 -19.81 -15.97 35.62
C SER G 384 -19.30 -17.37 35.87
N SER G 385 -19.02 -18.08 34.77
CA SER G 385 -18.43 -19.40 34.88
C SER G 385 -17.10 -19.38 35.60
N LYS G 386 -16.49 -18.20 35.72
CA LYS G 386 -15.20 -18.05 36.37
C LYS G 386 -15.29 -18.09 37.89
N HIS G 387 -16.45 -18.38 38.48
CA HIS G 387 -16.56 -18.39 39.93
C HIS G 387 -17.49 -19.47 40.46
N LYS G 388 -17.68 -20.54 39.70
CA LYS G 388 -18.38 -21.73 40.20
C LYS G 388 -17.88 -22.04 41.60
N PHE G 389 -16.61 -22.41 41.70
CA PHE G 389 -15.96 -22.71 42.96
C PHE G 389 -15.34 -21.44 43.55
N THR G 390 -14.43 -21.61 44.52
CA THR G 390 -13.72 -20.52 45.16
C THR G 390 -12.24 -20.64 44.73
N TRP G 391 -11.92 -19.98 43.64
CA TRP G 391 -10.61 -20.06 43.02
C TRP G 391 -9.65 -19.05 43.66
N LEU G 392 -8.36 -19.20 43.35
CA LEU G 392 -7.36 -18.24 43.79
C LEU G 392 -6.94 -17.27 42.70
N THR G 393 -6.58 -17.77 41.53
CA THR G 393 -6.12 -16.92 40.44
C THR G 393 -7.21 -16.82 39.37
N TYR G 394 -7.25 -15.66 38.71
CA TYR G 394 -8.21 -15.47 37.64
C TYR G 394 -7.82 -16.24 36.39
N SER G 395 -6.54 -16.30 36.07
CA SER G 395 -6.08 -16.89 34.82
C SER G 395 -5.46 -18.26 35.05
N SER G 396 -5.11 -18.92 33.95
CA SER G 396 -4.45 -20.20 34.00
C SER G 396 -2.96 -20.04 34.25
N LEU G 397 -2.34 -21.10 34.76
CA LEU G 397 -0.90 -21.07 35.05
C LEU G 397 -0.09 -20.70 33.81
N ALA G 398 -0.41 -21.30 32.66
CA ALA G 398 0.29 -20.94 31.43
C ALA G 398 0.10 -19.45 31.14
N GLN G 399 -1.13 -18.96 31.29
CA GLN G 399 -1.41 -17.55 31.02
C GLN G 399 -0.75 -16.65 32.06
N VAL G 400 -0.74 -17.08 33.32
CA VAL G 400 -0.12 -16.28 34.38
C VAL G 400 1.40 -16.21 34.18
N CYS G 401 2.02 -17.30 33.75
CA CYS G 401 3.45 -17.25 33.43
C CYS G 401 3.71 -16.25 32.31
N LYS G 402 2.86 -16.23 31.30
CA LYS G 402 2.99 -15.26 30.21
C LYS G 402 3.11 -13.84 30.76
N TYR G 403 2.24 -13.50 31.71
CA TYR G 403 2.20 -12.13 32.24
C TYR G 403 3.46 -11.81 33.02
N ALA G 404 3.74 -12.60 34.07
CA ALA G 404 4.89 -12.33 34.94
C ALA G 404 6.20 -12.40 34.17
N ASN G 405 6.30 -13.33 33.23
CA ASN G 405 7.49 -13.39 32.39
C ASN G 405 7.64 -12.09 31.63
N ARG G 406 6.52 -11.57 31.12
CA ARG G 406 6.56 -10.33 30.35
C ARG G 406 7.01 -9.16 31.22
N VAL G 407 6.54 -9.12 32.48
CA VAL G 407 6.89 -8.01 33.38
C VAL G 407 8.37 -8.04 33.73
N SER G 408 8.89 -9.20 34.10
CA SER G 408 10.30 -9.32 34.46
C SER G 408 11.19 -8.85 33.32
N TYR G 409 10.79 -9.12 32.08
CA TYR G 409 11.54 -8.64 30.94
C TYR G 409 11.63 -7.11 30.92
N GLN G 410 10.55 -6.43 31.31
CA GLN G 410 10.58 -4.97 31.35
C GLN G 410 11.53 -4.48 32.45
N VAL G 411 11.58 -5.19 33.58
CA VAL G 411 12.40 -4.74 34.69
C VAL G 411 13.88 -4.81 34.32
N LEU G 412 14.25 -5.70 33.40
CA LEU G 412 15.66 -5.86 33.07
C LEU G 412 16.13 -4.78 32.11
N ASN G 413 15.29 -4.38 31.15
CA ASN G 413 15.67 -3.36 30.19
C ASN G 413 15.72 -1.96 30.81
N GLN G 414 15.41 -1.83 32.10
CA GLN G 414 15.55 -0.56 32.79
C GLN G 414 16.48 -0.67 33.99
N HIS G 415 16.90 0.50 34.46
CA HIS G 415 17.86 0.62 35.55
C HIS G 415 17.23 0.22 36.88
N SER G 416 16.15 0.90 37.26
CA SER G 416 15.54 0.71 38.57
C SER G 416 14.77 -0.61 38.65
N PRO G 417 14.54 -1.10 39.87
CA PRO G 417 13.65 -2.25 40.06
C PRO G 417 12.17 -1.88 40.16
N ARG G 418 11.85 -0.59 40.17
CA ARG G 418 10.48 -0.11 40.17
C ARG G 418 10.11 0.36 38.76
N LEU G 419 8.88 0.05 38.34
CA LEU G 419 8.39 0.46 37.04
C LEU G 419 7.74 1.84 37.02
N THR G 420 7.85 2.48 35.85
CA THR G 420 7.19 3.73 35.53
C THR G 420 6.28 3.59 34.31
N ARG G 421 6.44 2.51 33.55
CA ARG G 421 5.74 2.26 32.28
C ARG G 421 5.13 0.87 32.37
N GLY G 422 3.85 0.81 32.75
CA GLY G 422 3.11 -0.44 32.75
C GLY G 422 3.05 -1.04 31.35
N LEU G 423 2.22 -2.07 31.17
CA LEU G 423 2.27 -2.75 29.88
C LEU G 423 1.38 -2.05 28.85
N PRO G 424 1.79 -2.00 27.58
CA PRO G 424 0.97 -1.37 26.56
C PRO G 424 -0.12 -2.31 26.05
N GLU G 425 -1.37 -1.85 26.06
CA GLU G 425 -2.48 -2.72 25.69
C GLU G 425 -2.60 -2.81 24.16
N ARG G 426 -3.28 -3.87 23.71
CA ARG G 426 -3.42 -4.11 22.29
C ARG G 426 -4.33 -3.05 21.70
N GLU G 427 -3.94 -2.51 20.55
CA GLU G 427 -4.77 -1.52 19.89
C GLU G 427 -5.88 -2.25 19.15
N ASP G 428 -7.09 -1.73 19.27
CA ASP G 428 -8.24 -2.41 18.69
C ASP G 428 -8.30 -2.22 17.18
N SER G 429 -9.32 -2.82 16.58
CA SER G 429 -9.54 -2.65 15.15
C SER G 429 -10.06 -1.25 14.87
N LEU G 430 -11.02 -0.80 15.68
CA LEU G 430 -11.59 0.54 15.50
C LEU G 430 -10.55 1.62 15.80
N GLU G 431 -9.86 1.51 16.94
CA GLU G 431 -8.85 2.49 17.29
C GLU G 431 -7.74 2.57 16.26
N GLU G 432 -7.25 1.43 15.80
CA GLU G 432 -6.11 1.41 14.91
C GLU G 432 -6.39 2.24 13.65
N SER G 433 -7.58 2.07 13.07
CA SER G 433 -7.94 2.88 11.91
C SER G 433 -8.00 4.37 12.26
N TYR G 434 -8.44 4.69 13.48
CA TYR G 434 -8.45 6.08 13.92
C TYR G 434 -7.05 6.67 13.89
N TRP G 435 -6.09 5.98 14.51
CA TRP G 435 -4.71 6.44 14.51
C TRP G 435 -4.12 6.44 13.11
N ASP G 436 -4.62 5.56 12.24
CA ASP G 436 -4.15 5.59 10.86
C ASP G 436 -4.76 6.74 10.08
N ARG G 437 -5.98 7.15 10.40
CA ARG G 437 -6.60 8.28 9.71
C ARG G 437 -5.64 9.44 9.54
N HIS H 3 14.51 7.95 27.59
CA HIS H 3 13.63 6.89 28.04
C HIS H 3 12.17 7.34 27.87
N MET H 4 11.95 8.33 27.01
CA MET H 4 10.63 8.91 26.83
C MET H 4 9.80 8.13 25.82
N LYS H 5 8.49 8.11 26.04
CA LYS H 5 7.57 7.40 25.17
C LYS H 5 7.30 8.20 23.89
N PHE H 6 6.66 7.54 22.92
CA PHE H 6 6.33 8.21 21.66
C PHE H 6 5.01 8.94 21.78
N PRO H 7 4.86 10.16 21.23
CA PRO H 7 3.60 10.90 21.37
C PRO H 7 2.53 10.37 20.43
N GLY H 8 1.55 9.67 20.99
CA GLY H 8 0.50 9.03 20.21
C GLY H 8 0.81 7.57 19.94
N LYS H 9 -0.11 6.95 19.20
CA LYS H 9 0.01 5.54 18.83
C LYS H 9 0.03 5.36 17.32
N ARG H 10 0.35 6.39 16.58
CA ARG H 10 0.38 6.30 15.14
C ARG H 10 1.65 5.61 14.70
N LYS H 11 1.57 4.92 13.57
CA LYS H 11 2.76 4.30 13.00
C LYS H 11 3.65 5.39 12.43
N SER H 12 4.92 5.39 12.84
CA SER H 12 5.83 6.49 12.50
C SER H 12 6.77 6.09 11.37
N LYS H 13 7.00 7.04 10.47
CA LYS H 13 7.97 6.85 9.40
C LYS H 13 9.38 6.86 9.95
N HIS H 14 9.67 7.80 10.85
CA HIS H 14 10.98 7.95 11.46
C HIS H 14 11.02 7.23 12.81
N TYR H 15 12.16 6.62 13.11
CA TYR H 15 12.30 5.81 14.31
C TYR H 15 12.45 6.64 15.57
N PHE H 16 11.66 6.27 16.62
CA PHE H 16 11.73 6.95 17.91
C PHE H 16 12.54 6.09 18.86
N PRO H 17 13.60 6.61 19.49
CA PRO H 17 14.48 5.73 20.27
C PRO H 17 13.83 5.13 21.50
N VAL H 18 12.97 5.87 22.20
CA VAL H 18 12.33 5.38 23.42
C VAL H 18 13.38 5.29 24.54
N TRP H 38 12.73 17.78 28.82
CA TRP H 38 11.64 17.94 29.77
C TRP H 38 10.86 19.28 29.66
N VAL H 39 9.90 19.43 30.57
CA VAL H 39 9.00 20.58 30.59
C VAL H 39 8.83 21.05 32.03
N VAL H 40 8.66 22.36 32.20
CA VAL H 40 8.50 22.97 33.52
C VAL H 40 7.24 23.84 33.55
N GLY H 41 6.60 23.87 34.71
CA GLY H 41 5.39 24.65 34.87
C GLY H 41 5.23 25.18 36.29
N ILE H 42 4.40 26.21 36.40
CA ILE H 42 4.13 26.92 37.65
C ILE H 42 2.65 26.75 37.98
N ASP H 43 2.35 26.58 39.26
CA ASP H 43 0.96 26.40 39.64
C ASP H 43 0.75 26.85 41.07
N GLN H 44 -0.51 27.09 41.38
CA GLN H 44 -0.96 27.32 42.75
C GLN H 44 -1.24 25.94 43.34
N THR H 45 -0.31 25.43 44.14
CA THR H 45 -0.40 24.11 44.75
C THR H 45 -1.76 23.85 45.37
N LEU H 46 -2.54 22.97 44.77
CA LEU H 46 -3.92 22.78 45.18
C LEU H 46 -4.21 21.31 45.41
N VAL H 47 -5.25 21.07 46.20
CA VAL H 47 -5.73 19.72 46.52
C VAL H 47 -7.23 19.72 46.33
N ASP H 48 -7.71 18.86 45.43
CA ASP H 48 -9.13 18.76 45.15
C ASP H 48 -9.84 17.98 46.25
N ILE H 49 -11.00 18.51 46.66
CA ILE H 49 -11.87 17.88 47.66
C ILE H 49 -13.26 17.88 47.06
N GLU H 50 -13.66 16.75 46.48
CA GLU H 50 -14.86 16.69 45.67
C GLU H 50 -16.05 16.21 46.50
N ALA H 51 -17.22 16.71 46.10
CA ALA H 51 -18.49 16.37 46.74
C ALA H 51 -19.60 16.91 45.84
N LYS H 52 -20.70 16.17 45.76
CA LYS H 52 -21.89 16.66 45.09
C LYS H 52 -22.81 17.28 46.12
N VAL H 53 -23.54 18.31 45.70
CA VAL H 53 -24.39 19.09 46.58
C VAL H 53 -25.62 19.54 45.80
N ASP H 54 -26.63 20.00 46.53
CA ASP H 54 -27.80 20.58 45.90
C ASP H 54 -27.45 21.97 45.37
N ASP H 55 -28.21 22.41 44.37
CA ASP H 55 -28.10 23.79 43.92
C ASP H 55 -28.43 24.78 45.03
N GLU H 56 -29.10 24.33 46.10
CA GLU H 56 -29.28 25.18 47.28
C GLU H 56 -27.96 25.40 48.01
N PHE H 57 -27.11 24.36 48.06
CA PHE H 57 -25.84 24.43 48.77
C PHE H 57 -24.91 25.49 48.16
N ILE H 58 -25.00 25.74 46.86
CA ILE H 58 -24.12 26.70 46.20
C ILE H 58 -24.41 28.12 46.70
N GLU H 59 -25.67 28.55 46.58
CA GLU H 59 -26.02 29.90 47.01
C GLU H 59 -25.90 30.09 48.52
N ARG H 60 -25.99 28.99 49.29
CA ARG H 60 -25.89 29.08 50.75
C ARG H 60 -24.51 29.57 51.19
N TYR H 61 -23.51 29.51 50.31
CA TYR H 61 -22.15 29.97 50.62
C TYR H 61 -21.67 31.05 49.66
N GLY H 62 -22.59 31.73 48.97
CA GLY H 62 -22.20 32.85 48.14
C GLY H 62 -21.42 32.48 46.90
N LEU H 63 -21.73 31.33 46.30
CA LEU H 63 -21.04 30.85 45.11
C LEU H 63 -21.95 30.88 43.89
N SER H 64 -21.32 30.81 42.72
CA SER H 64 -22.01 30.76 41.44
C SER H 64 -21.43 29.61 40.61
N ALA H 65 -22.33 28.96 39.86
CA ALA H 65 -22.03 27.78 39.08
C ALA H 65 -21.11 28.09 37.90
N GLY H 66 -20.14 27.21 37.74
CA GLY H 66 -19.22 27.29 36.63
C GLY H 66 -18.04 28.19 36.85
N HIS H 67 -17.93 28.79 38.03
CA HIS H 67 -16.85 29.68 38.40
C HIS H 67 -15.75 28.93 39.13
N SER H 68 -14.67 29.64 39.41
CA SER H 68 -13.67 29.25 40.40
C SER H 68 -13.61 30.45 41.32
N LEU H 69 -14.34 30.42 42.43
CA LEU H 69 -14.52 31.57 43.29
C LEU H 69 -13.76 31.34 44.59
N VAL H 70 -12.89 32.29 44.92
CA VAL H 70 -12.14 32.22 46.16
C VAL H 70 -13.06 32.52 47.35
N ILE H 71 -12.71 31.93 48.49
CA ILE H 71 -13.46 32.12 49.72
C ILE H 71 -12.48 32.26 50.89
N GLU H 72 -12.92 32.95 51.93
CA GLU H 72 -12.07 33.23 53.08
C GLU H 72 -11.70 31.96 53.84
N ASP H 73 -10.70 32.11 54.73
CA ASP H 73 -10.21 30.97 55.49
C ASP H 73 -11.25 30.46 56.48
N ASP H 74 -11.96 31.37 57.15
CA ASP H 74 -13.01 30.93 58.08
C ASP H 74 -14.26 30.49 57.31
N VAL H 75 -14.63 31.20 56.25
CA VAL H 75 -15.72 30.75 55.40
C VAL H 75 -15.38 29.39 54.80
N ALA H 76 -14.11 29.16 54.50
CA ALA H 76 -13.69 27.86 53.99
C ALA H 76 -13.84 26.80 55.06
N GLU H 77 -13.48 27.15 56.30
CA GLU H 77 -13.62 26.20 57.40
C GLU H 77 -15.08 25.83 57.66
N ALA H 78 -16.01 26.77 57.41
CA ALA H 78 -17.44 26.48 57.58
C ALA H 78 -17.95 25.52 56.52
N LEU H 79 -17.52 25.70 55.26
CA LEU H 79 -17.91 24.77 54.21
C LEU H 79 -17.26 23.41 54.44
N TYR H 80 -15.98 23.40 54.83
CA TYR H 80 -15.29 22.15 55.12
C TYR H 80 -16.02 21.35 56.19
N GLN H 81 -16.51 22.04 57.23
CA GLN H 81 -17.12 21.35 58.36
C GLN H 81 -18.47 20.74 58.00
N GLU H 82 -19.25 21.40 57.15
CA GLU H 82 -20.54 20.82 56.76
C GLU H 82 -20.34 19.56 55.92
N LEU H 83 -19.23 19.48 55.19
CA LEU H 83 -18.95 18.29 54.39
C LEU H 83 -18.51 17.12 55.26
N LYS H 84 -17.77 17.39 56.35
CA LYS H 84 -17.35 16.33 57.26
C LYS H 84 -18.49 15.81 58.14
N GLN H 85 -19.37 16.69 58.61
CA GLN H 85 -20.47 16.27 59.47
C GLN H 85 -21.31 15.16 58.84
N LYS H 86 -22.08 15.52 57.82
CA LYS H 86 -22.92 14.58 57.09
C LYS H 86 -22.16 13.72 56.08
N ASN H 87 -20.83 13.83 56.02
CA ASN H 87 -19.98 13.04 55.13
C ASN H 87 -20.44 13.12 53.68
N LEU H 88 -20.16 14.26 53.07
CA LEU H 88 -20.51 14.49 51.68
C LEU H 88 -19.30 14.39 50.75
N ILE H 89 -18.08 14.38 51.30
CA ILE H 89 -16.88 14.33 50.49
C ILE H 89 -16.75 12.94 49.85
N THR H 90 -16.50 12.91 48.55
CA THR H 90 -16.45 11.66 47.80
C THR H 90 -15.07 11.25 47.35
N HIS H 91 -14.17 12.20 47.16
CA HIS H 91 -12.87 11.91 46.57
C HIS H 91 -11.95 13.08 46.87
N GLN H 92 -10.69 12.78 47.15
CA GLN H 92 -9.67 13.80 47.42
C GLN H 92 -8.40 13.47 46.67
N PHE H 93 -7.91 14.42 45.88
CA PHE H 93 -6.73 14.17 45.06
C PHE H 93 -6.05 15.49 44.74
N ALA H 94 -4.82 15.38 44.23
CA ALA H 94 -4.09 16.55 43.81
C ALA H 94 -4.81 17.24 42.65
N GLY H 95 -4.64 18.56 42.57
CA GLY H 95 -5.31 19.34 41.57
C GLY H 95 -4.51 20.54 41.12
N GLY H 96 -5.19 21.50 40.50
CA GLY H 96 -4.50 22.65 39.95
C GLY H 96 -4.35 22.54 38.46
N THR H 97 -4.82 23.56 37.74
CA THR H 97 -4.82 23.50 36.28
C THR H 97 -3.45 23.08 35.76
N ILE H 98 -2.38 23.60 36.36
CA ILE H 98 -1.05 23.24 35.91
C ILE H 98 -0.50 22.02 36.64
N GLY H 99 -0.96 21.75 37.86
CA GLY H 99 -0.58 20.51 38.51
C GLY H 99 -1.08 19.30 37.74
N ASN H 100 -2.36 19.34 37.34
CA ASN H 100 -2.88 18.31 36.47
C ASN H 100 -2.02 18.17 35.23
N THR H 101 -1.77 19.29 34.55
CA THR H 101 -1.13 19.22 33.24
C THR H 101 0.26 18.59 33.32
N MET H 102 1.07 19.04 34.29
CA MET H 102 2.38 18.43 34.46
C MET H 102 2.25 16.97 34.87
N HIS H 103 1.27 16.67 35.72
CA HIS H 103 1.04 15.28 36.14
C HIS H 103 0.67 14.42 34.94
N ASN H 104 -0.30 14.85 34.14
CA ASN H 104 -0.70 14.08 32.97
C ASN H 104 0.43 13.95 31.96
N TYR H 105 1.28 14.97 31.83
CA TYR H 105 2.39 14.88 30.90
C TYR H 105 3.32 13.72 31.25
N SER H 106 3.64 13.58 32.53
CA SER H 106 4.58 12.53 32.93
C SER H 106 3.98 11.15 32.70
N VAL H 107 2.67 11.01 32.89
CA VAL H 107 2.01 9.74 32.60
C VAL H 107 2.07 9.43 31.11
N LEU H 108 1.80 10.42 30.27
CA LEU H 108 1.73 10.16 28.84
C LEU H 108 3.10 9.86 28.26
N ALA H 109 4.13 10.60 28.69
CA ALA H 109 5.45 10.51 28.07
C ALA H 109 6.45 9.66 28.84
N ASP H 110 6.23 9.41 30.13
CA ASP H 110 7.21 8.67 30.94
C ASP H 110 8.53 9.40 31.03
N ASP H 111 8.48 10.74 30.99
CA ASP H 111 9.64 11.58 31.25
C ASP H 111 9.31 12.53 32.39
N ARG H 112 10.31 13.27 32.83
CA ARG H 112 10.18 14.08 34.03
C ARG H 112 9.54 15.42 33.70
N SER H 113 8.80 15.94 34.67
CA SER H 113 8.23 17.28 34.60
C SER H 113 8.50 17.97 35.93
N VAL H 114 8.89 19.24 35.87
CA VAL H 114 9.19 20.02 37.06
C VAL H 114 8.00 20.91 37.39
N LEU H 115 7.58 20.91 38.63
CA LEU H 115 6.47 21.72 39.09
C LEU H 115 6.98 22.73 40.11
N LEU H 116 6.53 23.98 39.97
CA LEU H 116 6.97 25.09 40.81
C LEU H 116 5.79 25.64 41.58
N GLY H 117 5.98 25.83 42.88
CA GLY H 117 4.87 26.24 43.74
C GLY H 117 5.28 26.22 45.19
N VAL H 118 4.30 25.95 46.04
CA VAL H 118 4.51 26.01 47.48
C VAL H 118 4.34 24.63 48.09
N MET H 119 4.59 24.51 49.39
CA MET H 119 4.47 23.24 50.10
C MET H 119 4.75 23.41 51.59
N CYS H 120 3.92 22.82 52.45
CA CYS H 120 4.18 22.84 53.88
C CYS H 120 5.64 22.51 54.17
N SER H 121 6.29 23.36 54.97
CA SER H 121 7.67 23.10 55.35
C SER H 121 7.77 21.93 56.32
N ASN H 122 6.74 21.71 57.12
CA ASN H 122 6.62 20.54 57.99
C ASN H 122 5.37 19.77 57.60
N ILE H 123 5.57 18.51 57.19
CA ILE H 123 4.51 17.68 56.63
C ILE H 123 4.27 16.51 57.58
N GLU H 124 3.05 16.45 58.12
CA GLU H 124 2.62 15.39 59.02
C GLU H 124 1.84 14.35 58.24
N ILE H 125 1.90 13.10 58.71
CA ILE H 125 1.26 12.01 57.99
C ILE H 125 -0.24 12.22 57.98
N GLY H 126 -0.88 11.89 56.87
CA GLY H 126 -2.31 12.07 56.70
C GLY H 126 -2.77 13.46 56.32
N SER H 127 -1.86 14.43 56.21
CA SER H 127 -2.23 15.81 55.95
C SER H 127 -2.60 16.03 54.48
N TYR H 128 -2.97 17.27 54.14
CA TYR H 128 -3.26 17.59 52.75
C TYR H 128 -1.98 17.67 51.93
N ALA H 129 -0.93 18.26 52.50
CA ALA H 129 0.35 18.30 51.81
C ALA H 129 0.89 16.88 51.66
N TYR H 130 0.64 16.04 52.65
CA TYR H 130 1.02 14.63 52.56
C TYR H 130 0.37 14.00 51.32
N ARG H 131 -0.96 14.06 51.26
CA ARG H 131 -1.69 13.48 50.13
C ARG H 131 -1.13 13.93 48.79
N TYR H 132 -0.92 15.24 48.63
CA TYR H 132 -0.46 15.77 47.35
C TYR H 132 0.78 15.02 46.89
N LEU H 133 1.63 14.62 47.82
CA LEU H 133 2.84 13.91 47.46
C LEU H 133 2.56 12.45 47.13
N CYS H 134 1.84 11.75 48.02
CA CYS H 134 1.55 10.34 47.77
C CYS H 134 0.80 10.14 46.46
N ASN H 135 0.05 11.17 46.02
CA ASN H 135 -0.82 11.11 44.85
C ASN H 135 -0.19 11.65 43.58
N THR H 136 0.68 12.65 43.67
CA THR H 136 1.32 13.17 42.47
C THR H 136 2.05 12.04 41.76
N SER H 137 2.15 12.16 40.44
CA SER H 137 2.83 11.14 39.64
C SER H 137 4.25 10.94 40.13
N SER H 138 4.72 9.71 39.97
CA SER H 138 6.09 9.37 40.37
C SER H 138 7.11 10.15 39.56
N ARG H 139 7.06 10.02 38.23
CA ARG H 139 8.05 10.64 37.38
C ARG H 139 7.95 12.17 37.35
N THR H 140 6.98 12.77 38.03
CA THR H 140 6.92 14.22 38.21
C THR H 140 7.78 14.67 39.39
N ASP H 141 8.69 15.62 39.13
CA ASP H 141 9.68 16.08 40.12
C ASP H 141 9.18 17.31 40.85
N LEU H 142 9.08 17.20 42.18
CA LEU H 142 8.60 18.29 43.03
C LEU H 142 9.70 18.88 43.93
N ASN H 143 10.97 18.57 43.69
CA ASN H 143 12.01 19.02 44.61
C ASN H 143 12.19 20.54 44.63
N TYR H 144 11.81 21.24 43.58
CA TYR H 144 12.06 22.67 43.49
C TYR H 144 10.96 23.51 44.09
N LEU H 145 10.01 22.89 44.77
CA LEU H 145 8.99 23.64 45.48
C LEU H 145 9.64 24.52 46.55
N GLN H 146 8.83 25.41 47.09
CA GLN H 146 9.24 26.36 48.11
C GLN H 146 8.49 26.06 49.40
N GLY H 147 9.18 26.18 50.52
CA GLY H 147 8.53 25.94 51.79
C GLY H 147 7.72 27.13 52.25
N VAL H 148 6.63 26.85 52.93
CA VAL H 148 5.80 27.89 53.52
C VAL H 148 5.26 27.40 54.85
N ASP H 149 5.18 28.29 55.83
CA ASP H 149 4.68 27.93 57.14
C ASP H 149 3.16 27.76 57.17
N GLY H 150 2.49 27.86 56.03
CA GLY H 150 1.05 27.75 55.99
C GLY H 150 0.61 26.55 55.16
N PRO H 151 -0.71 26.40 55.00
CA PRO H 151 -1.25 25.29 54.20
C PRO H 151 -1.34 25.59 52.72
N ILE H 152 -1.30 24.53 51.94
CA ILE H 152 -1.51 24.66 50.49
C ILE H 152 -2.99 24.91 50.26
N GLY H 153 -3.37 25.10 49.00
CA GLY H 153 -4.74 25.44 48.69
C GLY H 153 -5.68 24.25 48.72
N ARG H 154 -6.94 24.54 49.03
CA ARG H 154 -8.00 23.55 49.03
C ARG H 154 -9.06 24.00 48.03
N CYS H 155 -9.37 23.11 47.08
CA CYS H 155 -10.38 23.37 46.07
C CYS H 155 -11.56 22.43 46.34
N PHE H 156 -12.69 23.00 46.76
CA PHE H 156 -13.90 22.23 47.05
C PHE H 156 -14.73 22.14 45.78
N THR H 157 -14.59 21.01 45.08
CA THR H 157 -15.32 20.77 43.84
C THR H 157 -16.77 20.41 44.18
N LEU H 158 -17.70 21.27 43.78
CA LEU H 158 -19.12 21.04 44.03
C LEU H 158 -19.83 20.82 42.69
N ILE H 159 -20.45 19.66 42.53
CA ILE H 159 -21.12 19.30 41.30
C ILE H 159 -22.63 19.40 41.52
N THR H 166 -18.86 23.70 39.87
CA THR H 166 -18.30 24.91 40.48
C THR H 166 -17.16 24.57 41.42
N PHE H 167 -16.25 25.52 41.57
CA PHE H 167 -15.08 25.37 42.42
C PHE H 167 -15.08 26.47 43.48
N ALA H 168 -14.77 26.09 44.72
CA ALA H 168 -14.61 27.03 45.83
C ALA H 168 -13.21 26.87 46.39
N ILE H 169 -12.43 27.95 46.36
CA ILE H 169 -10.99 27.91 46.58
C ILE H 169 -10.68 28.54 47.92
N SER H 170 -9.95 27.80 48.77
CA SER H 170 -9.36 28.34 49.99
C SER H 170 -7.87 28.49 49.75
N PRO H 171 -7.40 29.65 49.29
CA PRO H 171 -6.03 29.72 48.76
C PRO H 171 -4.97 29.28 49.74
N GLY H 172 -5.17 29.54 51.03
CA GLY H 172 -4.10 29.33 51.98
C GLY H 172 -2.90 30.15 51.57
N HIS H 173 -1.76 29.47 51.42
CA HIS H 173 -0.53 30.13 51.02
C HIS H 173 -0.17 29.86 49.58
N MET H 174 -1.11 29.37 48.77
CA MET H 174 -0.75 28.88 47.44
C MET H 174 -0.12 29.97 46.57
N ASN H 175 -0.40 31.25 46.84
CA ASN H 175 0.13 32.34 46.04
C ASN H 175 1.39 32.96 46.62
N GLN H 176 1.99 32.33 47.63
CA GLN H 176 3.14 32.88 48.32
C GLN H 176 4.46 32.44 47.69
N LEU H 177 4.45 32.07 46.42
CA LEU H 177 5.68 31.69 45.75
C LEU H 177 6.55 32.92 45.52
N ARG H 178 7.80 32.85 45.95
CA ARG H 178 8.72 33.97 45.82
C ARG H 178 9.60 33.77 44.59
N ALA H 179 9.94 34.89 43.94
CA ALA H 179 10.70 34.82 42.70
C ALA H 179 12.12 34.30 42.91
N GLU H 180 12.65 34.39 44.13
CA GLU H 180 13.95 33.78 44.38
C GLU H 180 13.86 32.27 44.24
N SER H 181 12.68 31.70 44.48
CA SER H 181 12.49 30.26 44.43
C SER H 181 12.41 29.73 43.01
N ILE H 182 12.43 30.60 42.00
CA ILE H 182 12.39 30.16 40.61
C ILE H 182 13.79 29.68 40.23
N PRO H 183 13.99 28.39 40.01
CA PRO H 183 15.34 27.92 39.65
C PRO H 183 15.70 28.27 38.22
N GLU H 184 16.66 29.17 38.05
CA GLU H 184 17.02 29.64 36.72
C GLU H 184 17.49 28.48 35.85
N ASP H 185 18.26 27.55 36.42
CA ASP H 185 18.86 26.48 35.62
C ASP H 185 17.80 25.51 35.11
N VAL H 186 16.74 25.28 35.89
CA VAL H 186 15.68 24.37 35.47
C VAL H 186 15.00 24.89 34.21
N ILE H 187 14.57 26.15 34.24
CA ILE H 187 13.87 26.73 33.09
C ILE H 187 14.79 26.88 31.90
N ALA H 188 16.10 26.99 32.15
CA ALA H 188 17.03 27.16 31.03
C ALA H 188 17.10 25.90 30.19
N GLY H 189 17.13 24.74 30.83
CA GLY H 189 17.21 23.46 30.14
C GLY H 189 15.86 22.83 29.86
N ALA H 190 14.81 23.64 29.94
CA ALA H 190 13.47 23.17 29.61
C ALA H 190 13.15 23.46 28.14
N SER H 191 12.12 22.78 27.65
CA SER H 191 11.62 23.01 26.31
C SER H 191 10.32 23.79 26.30
N ALA H 192 9.73 24.06 27.46
CA ALA H 192 8.52 24.86 27.54
C ALA H 192 8.24 25.21 29.00
N LEU H 193 7.64 26.38 29.19
CA LEU H 193 7.18 26.85 30.48
C LEU H 193 5.67 27.00 30.42
N VAL H 194 4.98 26.35 31.36
CA VAL H 194 3.52 26.19 31.30
C VAL H 194 2.90 26.97 32.45
N LEU H 195 1.98 27.88 32.10
CA LEU H 195 1.34 28.76 33.06
C LEU H 195 -0.16 28.78 32.83
N THR H 196 -0.89 29.30 33.81
CA THR H 196 -2.33 29.42 33.73
C THR H 196 -2.74 30.83 34.05
N SER H 197 -3.83 31.29 33.44
CA SER H 197 -4.31 32.63 33.72
C SER H 197 -4.56 32.82 35.21
N TYR H 198 -4.80 31.73 35.95
CA TYR H 198 -5.08 31.85 37.36
C TYR H 198 -3.89 32.39 38.15
N LEU H 199 -2.71 32.47 37.55
CA LEU H 199 -1.54 32.88 38.33
C LEU H 199 -1.57 34.37 38.63
N VAL H 200 -2.18 35.19 37.77
CA VAL H 200 -2.32 36.60 38.09
C VAL H 200 -3.57 36.90 38.93
N ARG H 201 -4.57 36.01 38.93
CA ARG H 201 -5.74 36.19 39.78
C ARG H 201 -5.31 35.86 41.20
N CYS H 202 -5.05 36.89 41.99
CA CYS H 202 -4.62 36.67 43.36
C CYS H 202 -4.90 37.94 44.15
N LYS H 203 -4.95 37.77 45.47
CA LYS H 203 -5.11 38.94 46.32
C LYS H 203 -3.87 39.80 46.10
N PRO H 204 -4.03 41.12 45.90
CA PRO H 204 -2.85 41.93 45.60
C PRO H 204 -1.87 41.89 46.75
N GLY H 205 -0.59 42.02 46.42
CA GLY H 205 0.46 41.93 47.39
C GLY H 205 1.01 40.53 47.57
N GLU H 206 0.28 39.52 47.15
CA GLU H 206 0.83 38.17 47.16
C GLU H 206 1.87 38.07 46.04
N PRO H 207 2.98 37.36 46.26
CA PRO H 207 4.10 37.44 45.33
C PRO H 207 4.00 36.55 44.10
N MET H 208 3.03 35.64 44.02
CA MET H 208 2.96 34.72 42.90
C MET H 208 3.13 35.42 41.55
N PRO H 209 2.39 36.48 41.22
CA PRO H 209 2.55 37.09 39.89
C PRO H 209 3.96 37.57 39.64
N GLU H 210 4.63 38.08 40.66
CA GLU H 210 6.02 38.50 40.50
C GLU H 210 6.91 37.32 40.15
N ALA H 211 6.70 36.17 40.81
CA ALA H 211 7.49 34.99 40.49
C ALA H 211 7.24 34.55 39.06
N THR H 212 5.98 34.60 38.63
CA THR H 212 5.63 34.25 37.26
C THR H 212 6.41 35.10 36.26
N MET H 213 6.39 36.43 36.44
CA MET H 213 7.12 37.29 35.53
C MET H 213 8.60 36.95 35.51
N LYS H 214 9.13 36.48 36.65
CA LYS H 214 10.55 36.14 36.69
C LYS H 214 10.82 34.89 35.85
N ALA H 215 9.92 33.91 35.91
CA ALA H 215 10.05 32.75 35.05
C ALA H 215 10.00 33.14 33.58
N ILE H 216 9.07 34.02 33.21
CA ILE H 216 8.98 34.48 31.84
C ILE H 216 10.24 35.24 31.43
N GLU H 217 10.79 36.04 32.36
CA GLU H 217 12.05 36.73 32.10
C GLU H 217 13.14 35.72 31.77
N TYR H 218 13.29 34.70 32.61
CA TYR H 218 14.26 33.65 32.33
C TYR H 218 13.98 32.97 31.00
N ALA H 219 12.70 32.68 30.71
CA ALA H 219 12.33 31.97 29.50
C ALA H 219 12.83 32.70 28.25
N LYS H 220 12.63 34.02 28.18
CA LYS H 220 13.09 34.75 27.02
C LYS H 220 14.60 34.66 26.85
N LYS H 221 15.34 34.64 27.97
CA LYS H 221 16.80 34.56 27.89
C LYS H 221 17.23 33.35 27.08
N TYR H 222 16.67 32.18 27.37
CA TYR H 222 17.10 30.94 26.77
C TYR H 222 16.15 30.45 25.68
N ASN H 223 15.27 31.33 25.19
CA ASN H 223 14.39 31.03 24.06
C ASN H 223 13.48 29.83 24.34
N VAL H 224 12.82 29.86 25.49
CA VAL H 224 11.90 28.80 25.91
C VAL H 224 10.48 29.26 25.65
N PRO H 225 9.69 28.52 24.87
CA PRO H 225 8.29 28.93 24.63
C PRO H 225 7.49 29.00 25.92
N VAL H 226 6.61 30.00 25.98
CA VAL H 226 5.71 30.21 27.11
C VAL H 226 4.34 29.67 26.71
N VAL H 227 3.72 28.93 27.62
CA VAL H 227 2.44 28.27 27.37
C VAL H 227 1.43 28.79 28.38
N LEU H 228 0.19 28.98 27.92
CA LEU H 228 -0.84 29.56 28.80
C LEU H 228 -2.20 28.93 28.51
N THR H 229 -2.81 28.34 29.54
CA THR H 229 -4.19 27.90 29.53
C THR H 229 -5.01 28.87 30.38
N LEU H 230 -6.30 28.98 30.10
CA LEU H 230 -7.09 30.03 30.72
C LEU H 230 -8.06 29.48 31.77
N GLY H 231 -8.40 30.35 32.72
CA GLY H 231 -9.15 30.00 33.90
C GLY H 231 -10.53 30.65 34.02
N THR H 232 -11.35 30.50 33.00
CA THR H 232 -12.75 30.92 33.00
C THR H 232 -12.97 32.14 32.10
N LYS H 233 -14.16 32.23 31.52
CA LYS H 233 -14.49 33.37 30.69
C LYS H 233 -14.56 34.64 31.52
N PHE H 234 -15.06 34.54 32.75
CA PHE H 234 -15.31 35.74 33.53
C PHE H 234 -14.02 36.49 33.80
N VAL H 235 -12.94 35.75 34.10
CA VAL H 235 -11.67 36.40 34.43
C VAL H 235 -11.17 37.21 33.24
N ILE H 236 -11.44 36.75 32.03
CA ILE H 236 -10.86 37.37 30.83
C ILE H 236 -11.73 38.52 30.32
N ALA H 237 -13.06 38.33 30.35
CA ALA H 237 -13.97 39.35 29.85
C ALA H 237 -13.90 40.66 30.62
N GLU H 238 -13.31 40.65 31.82
CA GLU H 238 -13.20 41.87 32.61
C GLU H 238 -12.39 42.93 31.88
N ASN H 239 -11.30 42.51 31.24
CA ASN H 239 -10.36 43.41 30.59
C ASN H 239 -9.73 42.68 29.41
N PRO H 240 -10.54 42.25 28.44
CA PRO H 240 -10.01 41.45 27.34
C PRO H 240 -8.81 42.07 26.66
N GLN H 241 -8.77 43.40 26.58
CA GLN H 241 -7.73 44.08 25.84
C GLN H 241 -6.36 43.93 26.51
N TRP H 242 -6.34 43.74 27.83
CA TRP H 242 -5.09 43.55 28.55
C TRP H 242 -4.45 42.21 28.27
N TRP H 243 -5.25 41.14 28.39
CA TRP H 243 -4.73 39.80 28.10
C TRP H 243 -4.16 39.71 26.70
N GLN H 244 -4.84 40.30 25.72
CA GLN H 244 -4.28 40.35 24.39
C GLN H 244 -2.85 40.83 24.42
N GLN H 245 -2.61 41.97 25.09
CA GLN H 245 -1.26 42.53 25.12
C GLN H 245 -0.28 41.60 25.83
N PHE H 246 -0.76 40.88 26.85
CA PHE H 246 0.10 39.93 27.55
C PHE H 246 0.61 38.86 26.60
N LEU H 247 -0.26 38.34 25.74
CA LEU H 247 0.09 37.24 24.85
C LEU H 247 1.13 37.67 23.81
N LYS H 248 1.02 38.90 23.30
CA LYS H 248 1.97 39.37 22.31
C LYS H 248 3.38 39.31 22.87
N ASP H 249 3.58 39.92 24.05
CA ASP H 249 4.92 40.14 24.56
C ASP H 249 5.57 38.83 25.00
N HIS H 250 4.85 38.01 25.76
CA HIS H 250 5.44 36.85 26.42
C HIS H 250 5.04 35.53 25.76
N VAL H 251 3.75 35.31 25.56
CA VAL H 251 3.25 33.99 25.21
C VAL H 251 3.61 33.61 23.79
N SER H 252 3.92 32.32 23.59
CA SER H 252 4.12 31.71 22.29
C SER H 252 3.10 30.63 21.96
N ILE H 253 2.44 30.05 22.96
CA ILE H 253 1.48 28.97 22.75
C ILE H 253 0.28 29.19 23.68
N LEU H 254 -0.93 29.10 23.13
CA LEU H 254 -2.15 29.45 23.84
C LEU H 254 -3.09 28.26 23.90
N ALA H 255 -3.47 27.88 25.11
CA ALA H 255 -4.46 26.83 25.34
C ALA H 255 -5.74 27.49 25.82
N MET H 256 -6.87 26.95 25.40
CA MET H 256 -8.10 27.73 25.41
C MET H 256 -9.27 26.78 25.28
N ASN H 257 -10.44 27.23 25.72
CA ASN H 257 -11.68 26.56 25.35
C ASN H 257 -12.56 27.57 24.61
N GLU H 258 -13.67 27.06 24.07
CA GLU H 258 -14.47 27.88 23.15
C GLU H 258 -14.96 29.17 23.83
N ASP H 259 -15.36 29.08 25.11
CA ASP H 259 -15.87 30.28 25.79
C ASP H 259 -14.74 31.25 26.10
N GLU H 260 -13.67 30.74 26.71
CA GLU H 260 -12.50 31.56 26.97
C GLU H 260 -12.03 32.27 25.71
N ALA H 261 -12.29 31.69 24.53
CA ALA H 261 -11.82 32.27 23.28
C ALA H 261 -12.67 33.45 22.84
N GLU H 262 -14.00 33.31 22.90
CA GLU H 262 -14.86 34.45 22.58
C GLU H 262 -14.58 35.63 23.49
N ALA H 263 -14.31 35.36 24.77
CA ALA H 263 -14.04 36.45 25.70
C ALA H 263 -12.77 37.18 25.35
N LEU H 264 -11.80 36.48 24.77
CA LEU H 264 -10.51 37.08 24.48
C LEU H 264 -10.53 37.88 23.20
N THR H 265 -11.27 37.41 22.18
CA THR H 265 -11.23 38.01 20.85
C THR H 265 -12.54 38.68 20.44
N GLY H 266 -13.65 38.34 21.07
CA GLY H 266 -14.93 38.82 20.63
C GLY H 266 -15.50 38.07 19.46
N GLU H 267 -14.92 36.93 19.10
CA GLU H 267 -15.34 36.13 17.97
C GLU H 267 -15.93 34.83 18.51
N SER H 268 -17.24 34.66 18.33
CA SER H 268 -17.92 33.46 18.80
C SER H 268 -17.58 32.22 17.99
N ASP H 269 -16.86 32.34 16.87
CA ASP H 269 -16.47 31.18 16.06
C ASP H 269 -15.10 30.69 16.49
N PRO H 270 -14.98 29.46 17.00
CA PRO H 270 -13.65 29.01 17.49
C PRO H 270 -12.56 29.10 16.45
N LEU H 271 -12.89 28.85 15.19
CA LEU H 271 -11.88 28.97 14.14
C LEU H 271 -11.35 30.40 14.09
N LEU H 272 -12.25 31.38 14.08
CA LEU H 272 -11.84 32.77 13.97
C LEU H 272 -11.08 33.23 15.21
N ALA H 273 -11.63 32.94 16.37
CA ALA H 273 -10.96 33.31 17.61
C ALA H 273 -9.54 32.79 17.62
N SER H 274 -9.37 31.49 17.35
CA SER H 274 -8.02 30.92 17.30
C SER H 274 -7.17 31.66 16.27
N ASP H 275 -7.77 32.04 15.14
CA ASP H 275 -7.01 32.77 14.14
C ASP H 275 -6.59 34.14 14.64
N LYS H 276 -7.52 34.87 15.27
CA LYS H 276 -7.19 36.19 15.77
C LYS H 276 -6.08 36.10 16.81
N ALA H 277 -6.12 35.06 17.65
CA ALA H 277 -5.08 34.86 18.64
C ALA H 277 -3.72 34.65 17.99
N LEU H 278 -3.70 34.15 16.75
CA LEU H 278 -2.41 33.95 16.09
C LEU H 278 -1.71 35.27 15.79
N ASP H 279 -2.41 36.40 15.88
CA ASP H 279 -1.72 37.68 15.74
C ASP H 279 -0.74 37.90 16.89
N TRP H 280 -1.00 37.26 18.03
CA TRP H 280 -0.30 37.51 19.27
C TRP H 280 0.63 36.38 19.67
N VAL H 281 0.28 35.14 19.36
CA VAL H 281 1.06 33.97 19.75
C VAL H 281 1.34 33.12 18.51
N ASP H 282 2.12 32.07 18.72
CA ASP H 282 2.60 31.23 17.62
C ASP H 282 1.78 29.97 17.39
N LEU H 283 0.98 29.54 18.37
CA LEU H 283 0.28 28.28 18.27
C LEU H 283 -0.92 28.29 19.21
N VAL H 284 -2.07 27.82 18.71
CA VAL H 284 -3.32 27.90 19.45
C VAL H 284 -3.94 26.52 19.48
N LEU H 285 -4.40 26.11 20.66
CA LEU H 285 -5.18 24.90 20.86
C LEU H 285 -6.47 25.32 21.53
N CYS H 286 -7.60 25.04 20.88
CA CYS H 286 -8.90 25.47 21.35
C CYS H 286 -9.80 24.27 21.49
N THR H 287 -10.24 23.99 22.71
CA THR H 287 -11.10 22.86 22.98
C THR H 287 -12.54 23.34 22.80
N ALA H 288 -13.21 22.82 21.78
CA ALA H 288 -14.56 23.26 21.44
C ALA H 288 -15.61 22.31 21.98
N GLY H 289 -15.31 21.62 23.09
CA GLY H 289 -16.24 20.71 23.70
C GLY H 289 -16.74 19.71 22.68
N PRO H 290 -18.06 19.63 22.49
CA PRO H 290 -18.60 18.63 21.53
C PRO H 290 -18.27 18.94 20.08
N ILE H 291 -17.96 20.19 19.73
CA ILE H 291 -17.53 20.47 18.37
C ILE H 291 -16.21 19.78 18.07
N GLY H 292 -15.44 19.44 19.11
CA GLY H 292 -14.14 18.84 18.90
C GLY H 292 -13.02 19.70 19.43
N LEU H 293 -11.97 19.90 18.62
CA LEU H 293 -10.94 20.84 18.97
C LEU H 293 -10.28 21.36 17.70
N TYR H 294 -9.92 22.63 17.71
CA TYR H 294 -9.23 23.28 16.61
C TYR H 294 -7.78 23.51 16.99
N MET H 295 -6.94 23.73 15.98
CA MET H 295 -5.56 24.12 16.23
C MET H 295 -5.12 25.05 15.12
N ALA H 296 -4.38 26.10 15.48
CA ALA H 296 -3.89 27.07 14.51
C ALA H 296 -2.43 27.41 14.83
N GLY H 297 -1.61 27.57 13.80
CA GLY H 297 -0.21 27.86 13.98
C GLY H 297 0.44 28.36 12.71
N PHE H 298 1.77 28.40 12.73
CA PHE H 298 2.56 28.87 11.59
C PHE H 298 3.50 27.77 11.12
N THR H 299 3.74 27.75 9.81
CA THR H 299 4.73 26.84 9.23
C THR H 299 5.41 27.54 8.07
N GLU H 300 6.60 27.06 7.75
CA GLU H 300 7.37 27.61 6.63
C GLU H 300 6.64 27.36 5.31
N ASP H 301 6.46 28.43 4.52
CA ASP H 301 5.75 28.29 3.26
C ASP H 301 6.49 27.36 2.30
N GLU H 302 7.78 27.12 2.53
CA GLU H 302 8.54 26.16 1.75
C GLU H 302 8.27 24.73 2.18
N ALA H 303 7.96 24.53 3.46
CA ALA H 303 7.79 23.21 4.05
C ALA H 303 6.33 22.83 4.19
N LYS H 304 5.44 23.51 3.47
CA LYS H 304 4.04 23.18 3.53
C LYS H 304 3.81 21.72 3.12
N ARG H 305 3.00 21.01 3.89
CA ARG H 305 2.56 19.67 3.54
C ARG H 305 1.05 19.70 3.58
N LYS H 306 0.43 19.47 2.42
CA LYS H 306 -1.00 19.68 2.25
C LYS H 306 -1.79 18.42 2.63
N THR H 307 -2.99 18.64 3.13
CA THR H 307 -3.76 17.56 3.72
C THR H 307 -4.20 16.55 2.67
N GLN H 308 -4.53 15.36 3.15
CA GLN H 308 -5.12 14.30 2.35
C GLN H 308 -6.55 14.03 2.78
N HIS H 309 -7.09 14.84 3.67
CA HIS H 309 -8.50 14.82 4.05
C HIS H 309 -9.27 15.79 3.18
N PRO H 310 -10.60 15.72 3.20
CA PRO H 310 -11.40 16.70 2.46
C PRO H 310 -11.20 18.11 3.00
N LEU H 311 -11.22 19.09 2.10
CA LEU H 311 -11.12 20.48 2.53
C LEU H 311 -12.41 20.89 3.22
N LEU H 312 -12.28 21.42 4.46
CA LEU H 312 -13.46 21.71 5.26
C LEU H 312 -13.96 23.12 5.02
N PRO H 313 -15.26 23.34 5.17
CA PRO H 313 -15.81 24.70 5.09
C PRO H 313 -15.75 25.41 6.42
N GLY H 314 -15.55 26.70 6.35
CA GLY H 314 -15.55 27.52 7.55
C GLY H 314 -15.38 28.98 7.19
N ALA H 315 -15.47 29.81 8.22
CA ALA H 315 -15.22 31.23 8.05
C ALA H 315 -13.94 31.46 7.26
N ILE H 316 -12.92 30.66 7.52
CA ILE H 316 -11.74 30.58 6.66
C ILE H 316 -11.96 29.41 5.71
N ALA H 317 -12.10 29.71 4.42
CA ALA H 317 -12.36 28.68 3.44
C ALA H 317 -11.22 27.68 3.40
N GLU H 318 -11.56 26.39 3.41
CA GLU H 318 -10.58 25.32 3.21
C GLU H 318 -9.43 25.46 4.21
N PHE H 319 -9.80 25.59 5.47
CA PHE H 319 -8.81 25.99 6.47
C PHE H 319 -7.86 24.85 6.81
N ASN H 320 -8.27 23.59 6.65
CA ASN H 320 -7.36 22.49 6.88
C ASN H 320 -6.56 22.14 5.64
N GLN H 321 -6.43 23.09 4.71
CA GLN H 321 -5.76 22.79 3.45
C GLN H 321 -4.33 22.31 3.68
N TYR H 322 -3.68 22.76 4.74
CA TYR H 322 -2.32 22.32 5.07
C TYR H 322 -2.27 21.68 6.43
N GLU H 323 -3.34 20.95 6.77
CA GLU H 323 -3.44 20.22 8.03
C GLU H 323 -2.16 19.46 8.35
N PHE H 324 -1.44 19.02 7.32
CA PHE H 324 -0.33 18.09 7.45
C PHE H 324 1.04 18.75 7.61
N SER H 325 1.11 20.06 7.85
CA SER H 325 2.39 20.69 8.08
C SER H 325 2.82 20.56 9.54
N ARG H 326 4.12 20.70 9.78
CA ARG H 326 4.66 20.73 11.13
C ARG H 326 4.76 22.19 11.58
N ALA H 327 4.69 22.39 12.90
CA ALA H 327 4.62 23.74 13.47
C ALA H 327 5.99 24.38 13.72
N MET H 328 6.11 25.64 13.34
CA MET H 328 7.25 26.48 13.67
C MET H 328 6.75 27.70 14.44
N ARG H 329 7.68 28.39 15.11
CA ARG H 329 7.39 29.68 15.72
C ARG H 329 7.44 30.79 14.67
N HIS H 330 6.57 31.79 14.85
CA HIS H 330 6.46 32.85 13.85
C HIS H 330 7.81 33.48 13.55
N LYS H 331 8.65 33.61 14.58
CA LYS H 331 9.95 34.25 14.41
C LYS H 331 10.87 33.43 13.50
N ASP H 332 10.84 32.11 13.63
CA ASP H 332 11.78 31.24 12.91
C ASP H 332 11.43 31.07 11.44
N CYS H 333 10.26 31.51 11.02
CA CYS H 333 9.82 31.35 9.64
C CYS H 333 10.34 32.52 8.80
N GLN H 334 10.70 32.22 7.54
CA GLN H 334 11.09 33.26 6.59
C GLN H 334 9.90 33.77 5.78
N ASN H 335 9.01 32.86 5.39
CA ASN H 335 7.74 33.23 4.75
C ASN H 335 6.67 32.47 5.53
N PRO H 336 6.30 32.95 6.72
CA PRO H 336 5.36 32.20 7.55
C PRO H 336 4.01 32.07 6.88
N LEU H 337 3.37 30.92 7.10
CA LEU H 337 2.03 30.69 6.58
C LEU H 337 1.16 30.14 7.71
N ARG H 338 -0.05 30.65 7.80
CA ARG H 338 -0.99 30.19 8.82
C ARG H 338 -1.64 28.90 8.37
N VAL H 339 -1.71 27.95 9.29
CA VAL H 339 -2.18 26.60 9.00
C VAL H 339 -3.11 26.16 10.11
N TYR H 340 -4.14 25.39 9.75
CA TYR H 340 -5.21 25.06 10.67
C TYR H 340 -5.56 23.59 10.54
N SER H 341 -6.22 23.07 11.57
CA SER H 341 -6.68 21.69 11.58
C SER H 341 -7.83 21.57 12.56
N HIS H 342 -8.71 20.61 12.30
CA HIS H 342 -9.83 20.37 13.19
C HIS H 342 -10.15 18.88 13.18
N ILE H 343 -10.46 18.34 14.35
CA ILE H 343 -10.84 16.95 14.50
C ILE H 343 -12.01 16.90 15.47
N ALA H 344 -12.88 15.92 15.27
CA ALA H 344 -14.09 15.77 16.08
C ALA H 344 -13.83 14.87 17.28
N PRO H 345 -14.78 14.78 18.20
CA PRO H 345 -14.60 13.94 19.39
C PRO H 345 -14.32 12.48 19.03
N TYR H 346 -13.58 11.82 19.91
CA TYR H 346 -13.29 10.40 19.72
C TYR H 346 -14.55 9.58 19.93
N MET H 347 -14.74 8.58 19.07
CA MET H 347 -15.84 7.62 19.16
C MET H 347 -17.12 8.30 19.62
N GLY H 348 -17.51 9.34 18.86
CA GLY H 348 -18.74 10.04 19.12
C GLY H 348 -18.89 10.63 20.50
N GLY H 349 -17.77 10.93 21.17
CA GLY H 349 -17.82 11.47 22.51
C GLY H 349 -18.22 10.42 23.53
N PRO H 350 -18.40 10.85 24.78
CA PRO H 350 -18.64 9.87 25.86
C PRO H 350 -20.09 9.40 25.93
N GLU H 351 -20.40 8.66 26.98
CA GLU H 351 -21.78 8.28 27.31
C GLU H 351 -22.41 9.26 28.29
N LYS H 352 -21.63 9.77 29.24
CA LYS H 352 -22.15 10.70 30.24
C LYS H 352 -21.61 12.11 30.01
N ASN H 355 -17.45 15.46 33.64
CA ASN H 355 -16.18 16.14 33.90
C ASN H 355 -15.71 16.88 32.65
N THR H 356 -16.51 17.82 32.17
CA THR H 356 -16.10 18.58 31.00
C THR H 356 -15.01 19.60 31.33
N ASN H 357 -14.53 19.64 32.57
CA ASN H 357 -13.55 20.66 32.99
C ASN H 357 -12.12 20.22 32.66
N GLY H 358 -11.62 19.23 33.41
CA GLY H 358 -10.23 18.83 33.29
C GLY H 358 -9.81 18.34 31.92
N ALA H 359 -10.75 18.20 30.98
CA ALA H 359 -10.43 17.66 29.68
C ALA H 359 -9.44 18.56 28.92
N GLY H 360 -9.73 19.85 28.86
CA GLY H 360 -8.80 20.76 28.21
C GLY H 360 -7.41 20.68 28.80
N ASP H 361 -7.32 20.69 30.13
CA ASP H 361 -6.04 20.54 30.82
C ASP H 361 -5.35 19.25 30.42
N GLY H 362 -6.09 18.26 29.93
CA GLY H 362 -5.51 17.02 29.45
C GLY H 362 -5.10 17.12 27.99
N ALA H 363 -5.99 17.67 27.16
CA ALA H 363 -5.66 17.82 25.75
C ALA H 363 -4.37 18.62 25.58
N LEU H 364 -4.14 19.60 26.47
CA LEU H 364 -2.90 20.36 26.42
C LEU H 364 -1.69 19.47 26.64
N ALA H 365 -1.73 18.64 27.69
CA ALA H 365 -0.60 17.77 28.01
C ALA H 365 -0.11 17.03 26.78
N ALA H 366 -1.05 16.55 25.95
CA ALA H 366 -0.67 15.87 24.72
C ALA H 366 0.19 16.76 23.84
N LEU H 367 -0.22 18.01 23.66
CA LEU H 367 0.59 18.92 22.85
C LEU H 367 1.97 19.09 23.45
N LEU H 368 2.05 19.25 24.78
CA LEU H 368 3.35 19.31 25.44
C LEU H 368 4.17 18.08 25.10
N HIS H 369 3.56 16.90 25.20
CA HIS H 369 4.23 15.64 24.88
C HIS H 369 4.87 15.71 23.50
N ASP H 370 4.12 16.15 22.50
CA ASP H 370 4.67 16.25 21.15
C ASP H 370 5.83 17.24 21.10
N ILE H 371 5.72 18.36 21.82
CA ILE H 371 6.76 19.39 21.77
C ILE H 371 8.01 18.92 22.50
N THR H 372 7.84 18.26 23.65
CA THR H 372 8.99 17.67 24.30
C THR H 372 9.68 16.68 23.37
N ALA H 373 8.89 15.86 22.68
CA ALA H 373 9.46 14.85 21.81
C ALA H 373 10.36 15.46 20.75
N ASN H 374 10.00 16.63 20.22
CA ASN H 374 10.85 17.26 19.22
C ASN H 374 12.22 17.63 19.77
N SER H 375 12.25 18.28 20.93
CA SER H 375 13.53 18.60 21.55
C SER H 375 14.26 17.33 21.97
N TYR H 376 13.50 16.29 22.34
CA TYR H 376 14.09 15.03 22.76
C TYR H 376 14.66 14.28 21.58
N HIS H 377 13.86 14.11 20.54
CA HIS H 377 14.31 13.40 19.35
C HIS H 377 15.41 14.14 18.62
N ARG H 378 15.51 15.47 18.80
CA ARG H 378 16.61 16.22 18.19
C ARG H 378 17.91 16.04 18.96
N SER H 379 17.83 15.93 20.29
CA SER H 379 19.04 15.81 21.10
C SER H 379 19.63 14.41 21.07
N ASN H 380 18.80 13.39 20.85
CA ASN H 380 19.26 12.01 20.78
C ASN H 380 19.54 11.52 19.37
N VAL H 381 18.96 12.15 18.35
CA VAL H 381 19.12 11.69 16.97
C VAL H 381 19.35 12.84 16.00
N PRO H 382 20.53 13.48 16.01
CA PRO H 382 20.75 14.60 15.08
C PRO H 382 20.70 14.18 13.62
N ASN H 383 20.89 12.88 13.32
CA ASN H 383 20.93 12.43 11.93
C ASN H 383 19.55 12.28 11.30
N SER H 384 18.47 12.38 12.08
CA SER H 384 17.16 12.06 11.53
C SER H 384 16.67 13.22 10.68
N SER H 385 15.82 12.90 9.70
CA SER H 385 15.24 13.90 8.81
C SER H 385 14.22 14.81 9.48
N LYS H 386 13.75 14.48 10.68
CA LYS H 386 12.72 15.29 11.36
C LYS H 386 13.26 16.63 11.91
N HIS H 387 14.46 17.10 11.56
CA HIS H 387 15.01 18.33 12.11
C HIS H 387 15.70 19.12 10.99
N LYS H 388 15.09 19.09 9.81
CA LYS H 388 15.58 19.84 8.66
C LYS H 388 15.52 21.34 8.87
N PHE H 389 14.54 21.80 9.64
CA PHE H 389 14.41 23.18 10.08
C PHE H 389 14.24 23.20 11.60
N THR H 390 14.30 24.40 12.14
CA THR H 390 14.08 24.61 13.57
C THR H 390 12.59 24.42 13.85
N TRP H 391 12.17 23.20 14.14
CA TRP H 391 10.76 23.00 14.36
C TRP H 391 10.37 23.23 15.82
N LEU H 392 9.07 23.36 16.02
CA LEU H 392 8.44 23.41 17.33
C LEU H 392 7.82 22.08 17.71
N THR H 393 7.05 21.49 16.80
CA THR H 393 6.36 20.23 17.02
C THR H 393 7.06 19.10 16.28
N TYR H 394 7.02 17.92 16.91
CA TYR H 394 7.58 16.72 16.31
C TYR H 394 6.71 16.22 15.17
N SER H 395 5.40 16.30 15.35
CA SER H 395 4.42 15.74 14.43
C SER H 395 3.80 16.83 13.58
N SER H 396 2.92 16.41 12.70
CA SER H 396 2.16 17.38 11.93
C SER H 396 1.01 17.90 12.78
N LEU H 397 0.52 19.07 12.39
CA LEU H 397 -0.59 19.69 13.13
C LEU H 397 -1.78 18.74 13.20
N ALA H 398 -2.14 18.13 12.06
CA ALA H 398 -3.24 17.17 12.03
C ALA H 398 -2.97 16.00 12.96
N GLN H 399 -1.73 15.49 12.95
CA GLN H 399 -1.38 14.33 13.77
C GLN H 399 -1.44 14.69 15.24
N VAL H 400 -1.05 15.91 15.59
CA VAL H 400 -1.09 16.35 16.99
C VAL H 400 -2.53 16.50 17.48
N CYS H 401 -3.43 17.00 16.62
CA CYS H 401 -4.83 17.07 16.99
C CYS H 401 -5.37 15.67 17.30
N LYS H 402 -5.01 14.71 16.46
CA LYS H 402 -5.38 13.32 16.70
C LYS H 402 -4.98 12.89 18.10
N TYR H 403 -3.75 13.21 18.49
CA TYR H 403 -3.26 12.79 19.80
C TYR H 403 -4.00 13.51 20.92
N ALA H 404 -4.05 14.84 20.86
CA ALA H 404 -4.71 15.58 21.94
C ALA H 404 -6.17 15.18 22.07
N ASN H 405 -6.84 14.95 20.93
CA ASN H 405 -8.25 14.56 20.96
C ASN H 405 -8.45 13.27 21.74
N ARG H 406 -7.59 12.28 21.51
CA ARG H 406 -7.72 11.00 22.22
C ARG H 406 -7.54 11.18 23.71
N VAL H 407 -6.61 12.04 24.13
CA VAL H 407 -6.36 12.21 25.56
C VAL H 407 -7.57 12.85 26.22
N SER H 408 -8.17 13.84 25.56
CA SER H 408 -9.36 14.47 26.13
C SER H 408 -10.45 13.44 26.41
N TYR H 409 -10.64 12.49 25.49
CA TYR H 409 -11.64 11.45 25.71
C TYR H 409 -11.32 10.65 26.97
N GLN H 410 -10.04 10.39 27.21
CA GLN H 410 -9.64 9.65 28.40
C GLN H 410 -9.94 10.45 29.66
N VAL H 411 -9.69 11.76 29.62
CA VAL H 411 -9.91 12.59 30.79
C VAL H 411 -11.41 12.74 31.06
N LEU H 412 -12.23 12.62 30.03
CA LEU H 412 -13.67 12.73 30.20
C LEU H 412 -14.28 11.46 30.76
N ASN H 413 -13.77 10.29 30.35
CA ASN H 413 -14.37 9.03 30.80
C ASN H 413 -14.09 8.74 32.26
N GLN H 414 -13.00 9.25 32.82
CA GLN H 414 -12.71 9.10 34.24
C GLN H 414 -13.12 10.35 35.01
N HIS H 415 -13.22 10.19 36.33
CA HIS H 415 -13.73 11.25 37.18
C HIS H 415 -12.72 12.38 37.34
N SER H 416 -11.53 12.07 37.85
CA SER H 416 -10.56 13.10 38.15
C SER H 416 -9.95 13.68 36.87
N PRO H 417 -9.35 14.86 36.95
CA PRO H 417 -8.66 15.43 35.79
C PRO H 417 -7.24 14.95 35.60
N ARG H 418 -6.73 14.11 36.49
CA ARG H 418 -5.38 13.57 36.38
C ARG H 418 -5.41 12.15 35.86
N LEU H 419 -4.49 11.84 34.94
CA LEU H 419 -4.37 10.51 34.37
C LEU H 419 -3.50 9.65 35.26
N THR H 420 -3.73 8.33 35.20
CA THR H 420 -2.92 7.37 35.93
C THR H 420 -2.19 6.37 35.04
N ARG H 421 -2.63 6.19 33.80
CA ARG H 421 -1.95 5.30 32.87
C ARG H 421 -1.96 5.90 31.47
N GLY H 422 -0.80 5.90 30.83
CA GLY H 422 -0.69 6.39 29.46
C GLY H 422 -1.54 5.65 28.44
N LEU H 423 -1.33 5.94 27.16
CA LEU H 423 -2.20 5.28 26.22
C LEU H 423 -1.61 3.93 25.82
N PRO H 424 -2.45 2.98 25.41
CA PRO H 424 -1.96 1.65 25.02
C PRO H 424 -1.37 1.64 23.62
N GLU H 425 -0.12 1.21 23.48
CA GLU H 425 0.54 1.24 22.19
C GLU H 425 0.44 -0.14 21.54
N ARG H 426 0.44 -0.16 20.21
CA ARG H 426 0.28 -1.41 19.50
C ARG H 426 1.58 -2.19 19.57
N GLU H 427 1.47 -3.48 19.85
CA GLU H 427 2.63 -4.36 19.84
C GLU H 427 2.83 -5.01 18.48
N ASP H 428 4.03 -5.53 18.30
CA ASP H 428 4.41 -6.26 17.10
C ASP H 428 3.76 -7.65 17.08
N SER H 429 4.12 -8.46 16.09
CA SER H 429 3.58 -9.80 15.99
C SER H 429 4.02 -10.67 17.15
N LEU H 430 5.28 -10.52 17.59
CA LEU H 430 5.78 -11.34 18.70
C LEU H 430 4.89 -11.18 19.93
N GLU H 431 4.58 -9.93 20.29
CA GLU H 431 3.67 -9.72 21.40
C GLU H 431 2.34 -10.40 21.13
N GLU H 432 1.82 -10.26 19.90
CA GLU H 432 0.57 -10.93 19.56
C GLU H 432 0.68 -12.43 19.73
N SER H 433 1.68 -13.03 19.09
CA SER H 433 1.85 -14.48 19.18
C SER H 433 2.21 -14.91 20.59
N TYR H 434 3.00 -14.13 21.32
CA TYR H 434 3.37 -14.49 22.67
C TYR H 434 2.15 -14.64 23.57
N TRP H 435 1.27 -13.63 23.57
CA TRP H 435 0.12 -13.64 24.48
C TRP H 435 -0.92 -14.69 24.09
N ASP H 436 -1.10 -14.98 22.80
CA ASP H 436 -2.12 -15.94 22.40
C ASP H 436 -1.64 -17.39 22.58
N ARG H 437 -0.36 -17.65 22.33
CA ARG H 437 0.23 -18.98 22.52
C ARG H 437 -0.16 -19.59 23.86
PB G4P I . -25.15 -15.69 5.55
O1B G4P I . -23.74 -15.19 5.38
O2B G4P I . -26.01 -15.66 4.31
O3B G4P I . -25.79 -15.10 6.78
O3A G4P I . -24.90 -17.25 5.83
PA G4P I . -25.14 -17.97 7.26
O1A G4P I . -25.85 -17.03 8.21
O2A G4P I . -25.68 -19.36 7.04
O5' G4P I . -23.64 -18.13 7.81
C5' G4P I . -23.53 -18.66 9.10
C4' G4P I . -22.36 -18.04 9.80
O4' G4P I . -22.55 -16.66 10.09
C3' G4P I . -22.18 -18.75 11.14
O3' G4P I . -20.92 -19.37 11.20
C2' G4P I . -22.10 -17.67 12.17
O2' G4P I . -21.00 -18.02 12.99
C1' G4P I . -21.93 -16.39 11.36
N9 G4P I . -22.49 -15.25 12.13
C8 G4P I . -23.73 -15.10 12.60
N7 G4P I . -23.85 -13.92 13.27
C5 G4P I . -22.66 -13.31 13.23
C6 G4P I . -22.09 -12.03 13.71
O6 G4P I . -22.77 -11.21 14.36
N1 G4P I . -20.80 -11.79 13.44
C2 G4P I . -20.04 -12.64 12.75
N2 G4P I . -18.75 -12.35 12.50
N3 G4P I . -20.50 -13.81 12.27
C4 G4P I . -21.77 -14.19 12.48
PC G4P I . -20.78 -20.95 11.05
O1C G4P I . -21.47 -21.36 9.77
O2C G4P I . -21.16 -21.55 12.39
O3C G4P I . -19.20 -21.01 10.87
PD G4P I . -18.70 -21.00 9.34
O1D G4P I . -19.29 -22.28 8.76
O2D G4P I . -19.35 -19.75 8.79
O3D G4P I . -17.19 -21.00 9.43
H5' G4P I . -24.44 -18.46 9.67
H5'' G4P I . -23.40 -19.75 9.05
H4' G4P I . -21.49 -18.13 9.14
H3' G4P I . -22.98 -19.49 11.27
H2' G4P I . -22.96 -17.52 12.84
HO2' G4P I . -20.50 -17.23 13.23
H1' G4P I . -20.88 -16.12 11.16
H8 G4P I . -24.54 -15.82 12.48
HN1 G4P I . -20.38 -10.89 13.78
HN21 G4P I . -18.16 -12.99 11.98
HN22 G4P I . -18.35 -11.48 12.83
O5' GMP J . -42.85 7.82 18.86
C5' GMP J . -43.38 8.91 18.12
C4' GMP J . -44.38 8.44 17.11
O4' GMP J . -45.55 7.91 17.81
C3' GMP J . -44.91 9.53 16.17
O3' GMP J . -45.03 9.01 14.84
C2' GMP J . -46.33 9.79 16.69
O2' GMP J . -47.24 10.25 15.72
C1' GMP J . -46.71 8.40 17.20
N9 GMP J . -47.82 8.40 18.15
C8 GMP J . -48.01 9.21 19.23
N7 GMP J . -49.14 8.98 19.87
C5 GMP J . -49.73 7.95 19.15
C6 GMP J . -50.95 7.28 19.37
O6 GMP J . -51.80 7.48 20.25
N1 GMP J . -51.18 6.30 18.40
C2 GMP J . -50.33 5.99 17.37
N2 GMP J . -50.71 5.02 16.54
N3 GMP J . -49.17 6.63 17.17
C4 GMP J . -48.94 7.58 18.09
HO5' GMP J . -43.48 7.42 19.27
H5'1 GMP J . -43.81 9.55 18.74
H5'2 GMP J . -42.65 9.38 17.66
H4' GMP J . -43.99 7.73 16.57
H3' GMP J . -44.34 10.34 16.21
HO3' GMP J . -45.32 9.62 14.33
H2' GMP J . -46.29 10.43 17.45
HO2' GMP J . -48.00 10.38 16.09
H1' GMP J . -46.96 7.82 16.45
H8 GMP J . -47.41 9.89 19.48
HN1 GMP J . -51.95 5.85 18.45
HN21 GMP J . -51.48 4.61 16.67
HN22 GMP J . -50.19 4.78 15.87
O5' GMP K . -47.60 -26.07 25.69
C5' GMP K . -48.37 -24.94 26.07
C4' GMP K . -48.23 -23.80 25.09
O4' GMP K . -47.44 -22.75 25.73
C3' GMP K . -47.50 -24.14 23.79
O3' GMP K . -47.97 -23.28 22.75
C2' GMP K . -46.06 -23.78 24.13
O2' GMP K . -45.24 -23.56 23.00
C1' GMP K . -46.26 -22.51 24.98
N9 GMP K . -45.18 -22.24 25.93
C8 GMP K . -44.94 -22.88 27.11
N7 GMP K . -43.90 -22.43 27.76
C5 GMP K . -43.44 -21.38 26.97
C6 GMP K . -42.35 -20.49 27.18
O6 GMP K . -41.56 -20.45 28.12
N1 GMP K . -42.26 -19.55 26.14
C2 GMP K . -43.09 -19.49 25.05
N2 GMP K . -42.84 -18.53 24.15
N3 GMP K . -44.10 -20.34 24.85
C4 GMP K . -44.23 -21.24 25.84
HO5' GMP K . -47.71 -26.69 26.27
H5'1 GMP K . -49.32 -25.20 26.12
H5'2 GMP K . -48.09 -24.64 26.96
H4' GMP K . -49.12 -23.46 24.86
H3' GMP K . -47.61 -25.10 23.56
HO3' GMP K . -48.79 -23.42 22.63
H2' GMP K . -45.65 -24.48 24.70
HO2' GMP K . -45.22 -24.26 22.53
H1' GMP K . -46.40 -21.73 24.39
H8 GMP K . -45.47 -23.60 27.43
HN1 GMP K . -41.60 -18.95 26.20
HN21 GMP K . -42.16 -17.98 24.28
HN22 GMP K . -43.34 -18.45 23.44
K K L . -47.52 -15.96 22.06
MG MG M . -42.41 3.41 21.69
PB G4P N . -14.75 18.37 -6.00
O1B G4P N . -14.14 17.19 -6.77
O2B G4P N . -14.91 18.14 -4.51
O3B G4P N . -15.98 18.95 -6.65
O3A G4P N . -13.62 19.52 -6.12
PA G4P N . -13.24 20.19 -7.54
O1A G4P N . -14.24 19.81 -8.61
O2A G4P N . -12.92 21.65 -7.35
O5' G4P N . -11.85 19.44 -7.83
C5' G4P N . -11.26 19.74 -9.09
C4' G4P N . -10.50 18.53 -9.61
O4' G4P N . -11.38 17.45 -9.95
C3' G4P N . -9.77 18.93 -10.90
O3' G4P N . -8.38 18.82 -10.70
C2' G4P N . -10.16 17.90 -11.91
O2' G4P N . -8.96 17.47 -12.55
C1' G4P N . -10.85 16.80 -11.11
N9 G4P N . -11.82 16.11 -12.00
C8 G4P N . -12.84 16.64 -12.70
N7 G4P N . -13.49 15.66 -13.39
C5 G4P N . -12.88 14.49 -13.14
C6 G4P N . -13.05 13.06 -13.52
O6 G4P N . -13.96 12.68 -14.30
N1 G4P N . -12.19 12.18 -13.02
C2 G4P N . -11.20 12.54 -12.19
N2 G4P N . -10.36 11.58 -11.70
N3 G4P N . -10.99 13.81 -11.79
C4 G4P N . -11.79 14.80 -12.23
PC G4P N . -7.51 20.15 -10.43
O1C G4P N . -8.16 21.00 -9.38
O2C G4P N . -7.10 20.75 -11.76
O3C G4P N . -6.24 19.39 -9.84
PD G4P N . -6.28 19.27 -8.24
O1D G4P N . -6.26 20.72 -7.77
O2D G4P N . -7.58 18.56 -8.00
O3D G4P N . -5.03 18.48 -7.88
H5' G4P N . -12.03 20.02 -9.81
H5'' G4P N . -10.57 20.58 -8.98
H4' G4P N . -9.82 18.19 -8.82
H3' G4P N . -10.02 19.96 -11.19
H2' G4P N . -10.83 18.23 -12.71
HO2' G4P N . -9.01 16.51 -12.74
H1' G4P N . -10.19 15.99 -10.76
H8 G4P N . -13.11 17.69 -12.72
HN1 G4P N . -12.29 11.17 -13.29
HN21 G4P N . -9.61 11.84 -11.08
HN22 G4P N . -10.48 10.62 -11.98
O5' GMP O . -40.77 7.64 -21.09
C5' GMP O . -41.91 6.98 -20.53
C4' GMP O . -42.67 7.91 -19.64
O4' GMP O . -43.27 8.97 -20.45
C3' GMP O . -43.84 7.24 -18.88
O3' GMP O . -43.88 7.72 -17.55
C2' GMP O . -45.07 7.75 -19.62
O2' GMP O . -46.24 7.80 -18.84
C1' GMP O . -44.61 9.15 -20.05
N9 GMP O . -45.42 9.73 -21.11
C8 GMP O . -45.92 9.11 -22.22
N7 GMP O . -46.65 9.91 -22.97
C5 GMP O . -46.64 11.12 -22.30
C6 GMP O . -47.26 12.34 -22.62
O6 GMP O . -47.97 12.62 -23.60
N1 GMP O . -46.99 13.32 -21.66
C2 GMP O . -46.21 13.14 -20.55
N2 GMP O . -46.06 14.21 -19.74
N3 GMP O . -45.63 11.99 -20.24
C4 GMP O . -45.88 11.02 -21.15
HO5' GMP O . -41.03 8.30 -21.54
H5'1 GMP O . -42.48 6.66 -21.26
H5'2 GMP O . -41.61 6.20 -20.01
H4' GMP O . -42.07 8.33 -18.99
H3' GMP O . -43.75 6.25 -18.92
HO3' GMP O . -43.96 7.06 -17.01
H2' GMP O . -45.24 7.20 -20.43
HO2' GMP O . -46.89 8.07 -19.32
H1' GMP O . -44.61 9.78 -19.30
H8 GMP O . -45.76 8.21 -22.43
HN1 GMP O . -47.36 14.13 -21.79
HN21 GMP O . -46.44 14.97 -19.94
HN22 GMP O . -45.57 14.14 -19.02
O5' GMP P . -25.06 36.10 -23.58
C5' GMP P . -24.96 37.12 -24.57
C4' GMP P . -26.15 37.10 -25.51
O4' GMP P . -25.71 36.54 -26.79
C3' GMP P . -27.32 36.23 -25.08
O3' GMP P . -28.53 36.73 -25.65
C2' GMP P . -26.98 34.88 -25.70
O2' GMP P . -28.07 34.00 -25.85
C1' GMP P . -26.42 35.34 -27.05
N9 GMP P . -25.49 34.40 -27.67
C8 GMP P . -24.49 34.72 -28.54
N7 GMP P . -23.79 33.69 -28.95
C5 GMP P . -24.38 32.61 -28.30
C6 GMP P . -24.05 31.23 -28.36
O6 GMP P . -23.16 30.68 -29.01
N1 GMP P . -24.91 30.48 -27.54
C2 GMP P . -25.93 30.97 -26.79
N2 GMP P . -26.64 30.10 -26.07
N3 GMP P . -26.25 32.27 -26.73
C4 GMP P . -25.43 33.03 -27.51
HO5' GMP P . -24.39 36.14 -23.07
H5'1 GMP P . -24.92 37.99 -24.14
H5'2 GMP P . -24.14 36.98 -25.09
H4' GMP P . -26.46 38.02 -25.64
H3' GMP P . -27.39 36.18 -24.09
HO3' GMP P . -28.66 37.52 -25.37
H2' GMP P . -26.27 34.44 -25.17
HO2' GMP P . -28.66 34.37 -26.34
H1' GMP P . -27.19 35.50 -27.66
H8 GMP P . -24.31 35.60 -28.81
HN1 GMP P . -24.77 29.58 -27.53
HN21 GMP P . -26.44 29.24 -26.10
HN22 GMP P . -27.31 30.37 -25.57
K K Q . -46.63 8.93 -1.56
K K R . -31.12 31.17 -23.87
PB G4P S . -1.17 -22.13 -9.36
O1B G4P S . -1.36 -20.67 -9.00
O2B G4P S . 0.14 -22.44 -10.05
O3B G4P S . -2.40 -22.69 -10.00
O3A G4P S . -0.99 -22.85 -7.94
PA G4P S . -2.09 -23.82 -7.22
O1A G4P S . -3.26 -24.18 -8.12
O2A G4P S . -1.40 -24.88 -6.40
O5' G4P S . -2.62 -22.74 -6.15
C5' G4P S . -3.71 -23.13 -5.33
C4' G4P S . -4.54 -21.92 -4.98
O4' G4P S . -5.25 -21.32 -6.07
C3' G4P S . -5.57 -22.37 -3.96
O3' G4P S . -5.39 -21.72 -2.72
C2' G4P S . -6.91 -21.89 -4.46
O2' G4P S . -7.66 -21.37 -3.39
C1' G4P S . -6.51 -20.87 -5.52
N9 G4P S . -7.60 -20.68 -6.49
C8 G4P S . -8.22 -21.59 -7.24
N7 G4P S . -9.18 -20.99 -8.00
C5 G4P S . -9.19 -19.69 -7.73
C6 G4P S . -9.93 -18.49 -8.18
O6 G4P S . -10.84 -18.54 -9.02
N1 G4P S . -9.60 -17.32 -7.63
C2 G4P S . -8.63 -17.20 -6.71
N2 G4P S . -8.36 -15.98 -6.21
N3 G4P S . -7.91 -18.25 -6.26
C4 G4P S . -8.14 -19.49 -6.72
PC G4P S . -5.03 -22.52 -1.39
O1C G4P S . -5.51 -23.93 -1.59
O2C G4P S . -5.53 -21.72 -0.21
O3C G4P S . -3.42 -22.39 -1.42
PD G4P S . -2.45 -23.66 -1.18
O1D G4P S . -3.29 -24.64 -0.41
O2D G4P S . -2.08 -24.12 -2.58
O3D G4P S . -1.29 -23.07 -0.42
H5' G4P S . -4.33 -23.85 -5.87
H5'' G4P S . -3.34 -23.59 -4.42
H4' G4P S . -3.84 -21.14 -4.63
H3' G4P S . -5.49 -23.47 -3.83
H2' G4P S . -7.58 -22.65 -4.89
HO2' G4P S . -8.17 -20.60 -3.68
H1' G4P S . -6.36 -19.86 -5.11
H8 G4P S . -8.00 -22.65 -7.24
HN1 G4P S . -10.11 -16.47 -7.93
HN21 G4P S . -7.62 -15.87 -5.52
HN22 G4P S . -8.87 -15.17 -6.52
O5' GMP T . -19.25 -22.39 -35.74
C5' GMP T . -18.77 -21.91 -37.00
C4' GMP T . -17.65 -22.75 -37.52
O4' GMP T . -18.16 -24.08 -37.82
C3' GMP T . -17.00 -22.25 -38.81
O3' GMP T . -15.59 -22.47 -38.76
C2' GMP T . -17.60 -23.16 -39.88
O2' GMP T . -16.80 -23.30 -41.03
C1' GMP T . -17.72 -24.46 -39.12
N9 GMP T . -18.68 -25.42 -39.66
C8 GMP T . -19.95 -25.17 -40.12
N7 GMP T . -20.56 -26.23 -40.57
C5 GMP T . -19.63 -27.25 -40.44
C6 GMP T . -19.72 -28.61 -40.77
O6 GMP T . -20.67 -29.22 -41.28
N1 GMP T . -18.53 -29.29 -40.48
C2 GMP T . -17.42 -28.73 -39.92
N2 GMP T . -16.37 -29.53 -39.69
N3 GMP T . -17.33 -27.44 -39.59
C4 GMP T . -18.47 -26.76 -39.88
HO5' GMP T . -19.53 -23.19 -35.84
H5'1 GMP T . -19.52 -21.92 -37.64
H5'2 GMP T . -18.47 -20.98 -36.90
H4' GMP T . -16.96 -22.84 -36.83
H3' GMP T . -17.22 -21.29 -38.97
HO3' GMP T . -15.24 -22.17 -39.48
H2' GMP T . -18.51 -22.83 -40.14
HO2' GMP T . -17.20 -23.81 -41.58
H1' GMP T . -16.83 -24.89 -39.08
H8 GMP T . -20.34 -24.31 -40.11
HN1 GMP T . -18.50 -30.17 -40.67
HN21 GMP T . -16.42 -30.38 -39.91
HN22 GMP T . -15.64 -29.22 -39.33
O5' GMP U . -17.59 -50.08 -15.18
C5' GMP U . -17.88 -48.72 -14.84
C4' GMP U . -17.04 -47.75 -15.63
O4' GMP U . -17.75 -46.48 -15.67
C3' GMP U . -15.66 -47.43 -15.06
O3' GMP U . -14.79 -47.05 -16.12
C2' GMP U . -15.95 -46.23 -14.17
O2' GMP U . -14.81 -45.43 -13.90
C1' GMP U . -16.98 -45.48 -15.02
N9 GMP U . -17.94 -44.67 -14.25
C8 GMP U . -18.69 -45.13 -13.19
N7 GMP U . -19.49 -44.20 -12.69
C5 GMP U . -19.26 -43.08 -13.48
C6 GMP U . -19.84 -41.79 -13.41
O6 GMP U . -20.69 -41.37 -12.62
N1 GMP U . -19.33 -40.95 -14.41
C2 GMP U . -18.38 -41.31 -15.34
N2 GMP U . -18.01 -40.36 -16.21
N3 GMP U . -17.83 -42.53 -15.41
C4 GMP U . -18.32 -43.36 -14.45
HO5' GMP U . -18.13 -50.59 -14.75
H5'1 GMP U . -18.83 -48.55 -15.01
H5'2 GMP U . -17.70 -48.59 -13.88
H4' GMP U . -16.92 -48.11 -16.54
H3' GMP U . -15.30 -48.19 -14.54
HO3' GMP U . -14.71 -47.69 -16.66
H2' GMP U . -16.38 -46.52 -13.32
HO2' GMP U . -14.22 -45.90 -13.51
H1' GMP U . -16.49 -44.92 -15.67
H8 GMP U . -18.65 -46.00 -12.86
HN1 GMP U . -19.64 -40.12 -14.44
HN21 GMP U . -18.37 -39.57 -16.17
HN22 GMP U . -17.41 -40.55 -16.82
K K V . -0.29 -20.02 -42.86
K K W . -16.28 -41.59 -20.92
MG MG X . -19.89 -26.10 -30.17
PB G4P Y . 0.85 10.08 -28.50
O1B G4P Y . -0.57 9.61 -28.34
O2B G4P Y . 1.49 9.71 -29.80
O3B G4P Y . 1.78 9.77 -27.35
O3A G4P Y . 0.65 11.68 -28.51
PA G4P Y . 1.80 12.73 -28.97
O1A G4P Y . 2.98 12.04 -29.63
O2A G4P Y . 1.11 13.90 -29.65
O5' G4P Y . 2.32 13.25 -27.56
C5' G4P Y . 3.47 14.10 -27.61
C4' G4P Y . 4.32 13.92 -26.37
O4' G4P Y . 4.94 12.63 -26.29
C3' G4P Y . 5.46 14.95 -26.39
O3' G4P Y . 5.35 15.85 -25.31
C2' G4P Y . 6.70 14.15 -26.12
O2' G4P Y . 7.43 14.82 -25.10
C1' G4P Y . 6.21 12.79 -25.66
N9 G4P Y . 7.30 11.83 -25.99
C8 G4P Y . 7.91 11.64 -27.16
N7 G4P Y . 8.85 10.68 -27.05
C5 G4P Y . 8.88 10.25 -25.79
C6 G4P Y . 9.65 9.24 -25.01
O6 G4P Y . 10.55 8.55 -25.53
N1 G4P Y . 9.35 9.10 -23.71
C2 G4P Y . 8.40 9.84 -23.11
N2 G4P Y . 8.17 9.62 -21.79
N3 G4P Y . 7.66 10.77 -23.77
C4 G4P Y . 7.85 11.02 -25.07
PC G4P Y . 4.70 17.29 -25.49
O1C G4P Y . 3.92 17.34 -26.79
O2C G4P Y . 5.79 18.30 -25.25
O3C G4P Y . 3.64 17.31 -24.28
PD G4P Y . 2.17 17.86 -24.55
O1D G4P Y . 2.39 19.31 -24.92
O2D G4P Y . 1.68 17.02 -25.71
O3D G4P Y . 1.45 17.68 -23.24
H5' G4P Y . 4.05 13.86 -28.49
H5'' G4P Y . 3.14 15.14 -27.67
H4' G4P Y . 3.65 14.05 -25.50
H3' G4P Y . 5.43 15.51 -27.34
H2' G4P Y . 7.37 14.06 -26.98
HO2' G4P Y . 7.92 14.16 -24.57
H1' G4P Y . 6.04 12.65 -24.59
H8 G4P Y . 7.68 12.20 -28.06
HN1 G4P Y . 9.89 8.41 -23.15
HN21 G4P Y . 7.46 10.15 -21.31
HN22 G4P Y . 8.70 8.94 -21.29
O5' GMP Z . 18.68 -12.57 -41.45
C5' GMP Z . 18.51 -13.98 -41.64
C4' GMP Z . 17.48 -14.27 -42.69
O4' GMP Z . 17.98 -13.82 -43.98
C3' GMP Z . 17.13 -15.76 -42.86
O3' GMP Z . 15.74 -15.91 -43.10
C2' GMP Z . 17.89 -16.14 -44.14
O2' GMP Z . 17.34 -17.23 -44.83
C1' GMP Z . 17.77 -14.84 -44.93
N9 GMP Z . 18.75 -14.73 -46.01
C8 GMP Z . 20.08 -15.06 -45.98
N7 GMP Z . 20.69 -14.87 -47.12
C5 GMP Z . 19.69 -14.39 -47.96
C6 GMP Z . 19.76 -14.02 -49.33
O6 GMP Z . 20.74 -14.04 -50.08
N1 GMP Z . 18.52 -13.60 -49.81
C2 GMP Z . 17.35 -13.55 -49.06
N2 GMP Z . 16.25 -13.11 -49.68
N3 GMP Z . 17.30 -13.89 -47.78
C4 GMP Z . 18.49 -14.31 -47.30
HO5' GMP Z . 18.92 -12.23 -42.19
H5'1 GMP Z . 19.37 -14.38 -41.90
H5'2 GMP Z . 18.23 -14.38 -40.79
H4' GMP Z . 16.65 -13.77 -42.48
H3' GMP Z . 17.44 -16.28 -42.08
HO3' GMP Z . 15.32 -15.65 -42.40
H2' GMP Z . 18.85 -16.32 -43.92
HO2' GMP Z . 17.81 -17.37 -45.53
H1' GMP Z . 16.88 -14.75 -45.32
H8 GMP Z . 20.50 -15.40 -45.21
HN1 GMP Z . 18.47 -13.35 -50.67
HN21 GMP Z . 16.30 -12.87 -50.53
HN22 GMP Z . 15.50 -13.05 -49.25
O5' GMP AA . 13.35 18.35 -51.13
C5' GMP AA . 14.23 19.05 -51.99
C4' GMP AA . 15.04 18.12 -52.87
O4' GMP AA . 16.43 18.14 -52.43
C3' GMP AA . 14.62 16.66 -52.83
O3' GMP AA . 14.97 16.04 -54.07
C2' GMP AA . 15.52 16.10 -51.74
O2' GMP AA . 15.69 14.70 -51.77
C1' GMP AA . 16.82 16.84 -52.03
N9 GMP AA . 17.75 16.95 -50.89
C8 GMP AA . 18.54 18.04 -50.60
N7 GMP AA . 19.27 17.86 -49.52
C5 GMP AA . 18.95 16.59 -49.09
C6 GMP AA . 19.43 15.85 -47.98
O6 GMP AA . 20.27 16.20 -47.13
N1 GMP AA . 18.83 14.59 -47.90
C2 GMP AA . 17.90 14.10 -48.78
N2 GMP AA . 17.45 12.86 -48.54
N3 GMP AA . 17.44 14.79 -49.82
C4 GMP AA . 18.01 16.02 -49.92
HO5' GMP AA . 13.82 17.92 -50.57
H5'1 GMP AA . 13.70 19.65 -52.57
H5'2 GMP AA . 14.84 19.60 -51.47
H4' GMP AA . 14.99 18.45 -53.80
H3' GMP AA . 13.67 16.55 -52.62
HO3' GMP AA . 14.55 16.43 -54.70
H2' GMP AA . 15.18 16.36 -50.84
HO2' GMP AA . 16.06 14.48 -52.50
H1' GMP AA . 17.29 16.39 -52.77
H8 GMP AA . 18.56 18.82 -51.11
HN1 GMP AA . 19.09 14.07 -47.22
HN21 GMP AA . 17.74 12.41 -47.85
HN22 GMP AA . 16.84 12.51 -49.07
K K BA . 15.75 9.96 -51.86
MG MG CA . 19.74 -7.02 -42.46
PB G4P DA . 24.55 19.57 -15.53
O1B G4P DA . 23.29 19.31 -14.74
O2B G4P DA . 25.19 18.32 -16.14
O3B G4P DA . 25.53 20.49 -14.85
O3A G4P DA . 24.06 20.35 -16.86
PA G4P DA . 24.28 21.93 -17.05
O1A G4P DA . 25.09 22.54 -15.93
O2A G4P DA . 24.62 22.22 -18.50
O5' G4P DA . 22.77 22.41 -16.83
C5' G4P DA . 22.54 23.80 -16.79
C4' G4P DA . 21.34 24.06 -15.90
O4' G4P DA . 21.55 23.65 -14.54
C3' G4P DA . 20.99 25.54 -15.91
O3' G4P DA . 19.73 25.82 -16.49
C2' G4P DA . 20.86 25.89 -14.45
O2' G4P DA . 19.66 26.61 -14.26
C1' G4P DA . 20.79 24.54 -13.72
N9 G4P DA . 21.28 24.72 -12.36
C8 G4P DA . 22.48 25.16 -11.96
N7 G4P DA . 22.54 25.19 -10.60
C5 G4P DA . 21.37 24.75 -10.10
C6 G4P DA . 20.74 24.51 -8.78
O6 G4P DA . 21.33 24.72 -7.70
N1 G4P DA . 19.50 24.04 -8.72
C2 G4P DA . 18.81 23.79 -9.84
N2 G4P DA . 17.54 23.31 -9.73
N3 G4P DA . 19.30 23.98 -11.09
C4 G4P DA . 20.56 24.45 -11.28
PC G4P DA . 19.63 26.19 -18.04
O1C G4P DA . 20.20 25.04 -18.85
O2C G4P DA . 20.21 27.59 -18.15
O3C G4P DA . 18.04 26.27 -18.32
PD G4P DA . 17.42 27.35 -19.36
O1D G4P DA . 17.77 28.68 -18.73
O2D G4P DA . 18.13 27.07 -20.67
O3D G4P DA . 15.94 27.05 -19.35
H5' G4P DA . 23.42 24.31 -16.38
H5'' G4P DA . 22.36 24.19 -17.79
H4' G4P DA . 20.52 23.45 -16.30
H3' G4P DA . 21.74 26.08 -16.50
H2' G4P DA . 21.69 26.50 -14.08
HO2' G4P DA . 19.32 26.45 -13.36
H1' G4P DA . 19.78 24.14 -13.61
H8 G4P DA . 23.29 25.48 -12.62
HN1 G4P DA . 19.05 23.87 -7.80
HN21 G4P DA . 17.00 23.12 -10.57
HN22 G4P DA . 17.13 23.16 -8.82
O5' GMP EA . 41.98 20.07 10.76
C5' GMP EA . 42.50 18.94 11.45
C4' GMP EA . 43.50 18.19 10.61
O4' GMP EA . 44.65 19.04 10.37
C3' GMP EA . 44.04 16.91 11.24
O3' GMP EA . 44.20 15.89 10.25
C2' GMP EA . 45.42 17.33 11.74
O2' GMP EA . 46.36 16.27 11.85
C1' GMP EA . 45.83 18.31 10.66
N9 GMP EA . 46.86 19.27 11.07
C8 GMP EA . 46.92 19.96 12.25
N7 GMP EA . 47.98 20.72 12.37
C5 GMP EA . 48.69 20.48 11.20
C6 GMP EA . 49.93 21.01 10.75
O6 GMP EA . 50.66 21.81 11.33
N1 GMP EA . 50.29 20.50 9.51
C2 GMP EA . 49.55 19.60 8.78
N2 GMP EA . 50.06 19.23 7.59
N3 GMP EA . 48.39 19.11 9.18
C4 GMP EA . 48.01 19.58 10.39
HO5' GMP EA . 41.59 19.81 10.05
H5'1 GMP EA . 42.94 19.24 12.28
H5'2 GMP EA . 41.76 18.34 11.68
H4' GMP EA . 43.09 17.97 9.74
H3' GMP EA . 43.46 16.60 11.98
HO3' GMP EA . 44.50 15.19 10.61
H2' GMP EA . 45.34 17.79 12.62
HO2' GMP EA . 47.09 16.59 12.12
H1' GMP EA . 46.13 17.83 9.86
H8 GMP EA . 46.26 19.90 12.92
HN1 GMP EA . 51.06 20.78 9.16
HN21 GMP EA . 50.82 19.55 7.33
HN22 GMP EA . 49.61 18.66 7.09
O5' GMP FA . 46.45 43.11 -12.57
C5' GMP FA . 47.50 42.17 -12.37
C4' GMP FA . 47.06 40.75 -12.66
O4' GMP FA . 45.89 40.47 -11.84
C3' GMP FA . 46.64 40.46 -14.10
O3' GMP FA . 46.85 39.08 -14.38
C2' GMP FA . 45.15 40.76 -14.05
O2' GMP FA . 44.40 40.15 -15.10
C1' GMP FA . 44.78 40.18 -12.69
N9 GMP FA . 43.58 40.77 -12.08
C8 GMP FA . 43.08 42.02 -12.28
N7 GMP FA . 41.99 42.27 -11.59
C5 GMP FA . 41.77 41.09 -10.88
C6 GMP FA . 40.75 40.76 -9.96
O6 GMP FA . 39.81 41.46 -9.58
N1 GMP FA . 40.91 39.47 -9.47
C2 GMP FA . 41.92 38.60 -9.82
N2 GMP FA . 41.90 37.39 -9.23
N3 GMP FA . 42.88 38.91 -10.68
C4 GMP FA . 42.75 40.16 -11.17
HO5' GMP FA . 46.73 43.89 -12.40
H5'1 GMP FA . 48.25 42.41 -12.97
H5'2 GMP FA . 47.81 42.24 -11.45
H4' GMP FA . 47.79 40.14 -12.42
H3' GMP FA . 47.12 41.04 -14.74
HO3' GMP FA . 47.67 38.90 -14.29
H2' GMP FA . 45.00 41.74 -14.07
HO2' GMP FA . 44.49 39.31 -15.06
H1' GMP FA . 44.66 39.21 -12.78
H8 GMP FA . 43.47 42.66 -12.86
HN1 GMP FA . 40.30 39.18 -8.88
HN21 GMP FA . 41.26 37.19 -8.67
HN22 GMP FA . 42.52 36.81 -9.43
K K GA . 45.86 1.52 2.49
K K HA . 46.15 34.48 -8.57
MG MG IA . 42.21 23.75 9.25
PB G4P JA . 14.74 -6.77 7.78
O1B G4P JA . 13.99 -6.01 6.72
O2B G4P JA . 15.63 -5.87 8.61
O3B G4P JA . 15.40 -8.04 7.31
O3A G4P JA . 13.63 -7.25 8.86
PA G4P JA . 13.13 -8.79 9.06
O1A G4P JA . 13.96 -9.72 8.20
O2A G4P JA . 12.95 -9.09 10.52
O5' G4P JA . 11.68 -8.71 8.39
C5' G4P JA . 10.88 -9.88 8.28
C4' G4P JA . 10.07 -9.78 7.00
O4' G4P JA . 10.98 -9.79 5.90
C3' G4P JA . 9.07 -10.92 6.83
O3' G4P JA . 7.72 -10.47 6.79
C2' G4P JA . 9.43 -11.50 5.46
O2' G4P JA . 8.23 -11.72 4.72
C1' G4P JA . 10.33 -10.46 4.82
N9 G4P JA . 11.32 -11.02 3.87
C8 G4P JA . 12.28 -11.92 4.13
N7 G4P JA . 13.01 -12.17 3.02
C5 G4P JA . 12.52 -11.41 2.01
C6 G4P JA . 12.82 -11.19 0.58
O6 G4P JA . 13.75 -11.79 0.00
N1 G4P JA . 12.06 -10.30 -0.09
C2 G4P JA . 11.04 -9.64 0.51
N2 G4P JA . 10.30 -8.77 -0.19
N3 G4P JA . 10.72 -9.80 1.81
C4 G4P JA . 11.41 -10.66 2.60
PC G4P JA . 6.77 -10.50 8.10
O1C G4P JA . 7.47 -9.79 9.24
O2C G4P JA . 6.33 -11.94 8.26
O3C G4P JA . 5.44 -9.65 7.68
PD G4P JA . 4.76 -8.56 8.66
O1D G4P JA . 4.30 -9.36 9.85
O2D G4P JA . 5.84 -7.55 8.98
O3D G4P JA . 3.61 -8.00 7.84
H5' G4P JA . 11.52 -10.77 8.24
H5'' G4P JA . 10.22 -9.98 9.14
H4' G4P JA . 9.49 -8.84 7.05
H3' G4P JA . 9.13 -11.64 7.65
H2' G4P JA . 9.95 -12.47 5.51
HO2' G4P JA . 8.46 -11.95 3.81
H1' G4P JA . 9.70 -9.78 4.21
H8 G4P JA . 12.45 -12.38 5.10
HN1 G4P JA . 12.24 -10.13 -1.10
HN21 G4P JA . 9.55 -8.26 0.26
HN22 G4P JA . 10.50 -8.60 -1.17
O5' GMP KA . 40.05 -15.31 -7.64
C5' GMP KA . 41.18 -14.53 -8.04
C4' GMP KA . 41.99 -14.09 -6.85
O4' GMP KA . 42.58 -15.26 -6.22
C3' GMP KA . 43.18 -13.16 -7.18
O3' GMP KA . 43.31 -12.15 -6.19
C2' GMP KA . 44.38 -14.09 -7.11
O2' GMP KA . 45.60 -13.46 -6.83
C1' GMP KA . 43.95 -15.03 -5.98
N9 GMP KA . 44.67 -16.30 -5.97
C8 GMP KA . 45.00 -17.07 -7.05
N7 GMP KA . 45.68 -18.15 -6.73
C5 GMP KA . 45.82 -18.06 -5.36
C6 GMP KA . 46.46 -18.94 -4.45
O6 GMP KA . 47.06 -20.00 -4.70
N1 GMP KA . 46.38 -18.48 -3.14
C2 GMP KA . 45.74 -17.33 -2.75
N2 GMP KA . 45.75 -17.04 -1.44
N3 GMP KA . 45.13 -16.50 -3.59
C4 GMP KA . 45.21 -16.93 -4.88
HO5' GMP KA . 40.31 -15.99 -7.23
H5'1 GMP KA . 41.75 -15.07 -8.63
H5'2 GMP KA . 40.88 -13.75 -8.54
H4' GMP KA . 41.41 -13.64 -6.21
H3' GMP KA . 43.06 -12.77 -8.10
HO3' GMP KA . 42.66 -11.62 -6.25
H2' GMP KA . 44.47 -14.60 -7.96
HO2' GMP KA . 46.22 -14.03 -6.77
H1' GMP KA . 44.06 -14.60 -5.11
H8 GMP KA . 44.77 -16.85 -7.94
HN1 GMP KA . 46.77 -18.99 -2.50
HN21 GMP KA . 46.15 -17.59 -0.88
HN22 GMP KA . 45.35 -16.32 -1.14
O5' GMP LA . 26.44 -37.02 15.57
C5' GMP LA . 27.51 -36.37 14.89
C4' GMP LA . 27.50 -34.88 15.13
O4' GMP LA . 27.09 -34.20 13.91
C3' GMP LA . 26.55 -34.39 16.21
O3' GMP LA . 27.03 -33.17 16.78
C2' GMP LA . 25.28 -34.10 15.41
O2' GMP LA . 24.37 -33.23 16.04
C1' GMP LA . 25.88 -33.48 14.15
N9 GMP LA . 25.06 -33.59 12.94
C8 GMP LA . 24.14 -34.56 12.65
N7 GMP LA . 23.56 -34.40 11.49
C5 GMP LA . 24.14 -33.25 10.98
C6 GMP LA . 23.91 -32.58 9.75
O6 GMP LA . 23.14 -32.91 8.84
N1 GMP LA . 24.72 -31.45 9.62
C2 GMP LA . 25.62 -31.01 10.57
N2 GMP LA . 26.30 -29.89 10.28
N3 GMP LA . 25.83 -31.64 11.73
C4 GMP LA . 25.06 -32.74 11.86
HO5' GMP LA . 26.48 -37.85 15.41
H5'1 GMP LA . 28.36 -36.74 15.19
H5'2 GMP LA . 27.43 -36.53 13.93
H4' GMP LA . 28.42 -34.59 15.37
H3' GMP LA . 26.40 -35.08 16.92
HO3' GMP LA . 27.81 -33.31 17.12
H2' GMP LA . 24.82 -34.95 15.19
HO2' GMP LA . 24.76 -32.49 16.20
H1' GMP LA . 26.07 -32.53 14.34
H8 GMP LA . 23.94 -35.28 13.23
HN1 GMP LA . 24.64 -30.97 8.88
HN21 GMP LA . 26.15 -29.48 9.51
HN22 GMP LA . 26.88 -29.58 10.85
K K MA . 29.44 -28.41 13.08
MG MG NA . 35.65 -19.18 -5.01
PB G4P OA . -10.25 -16.13 29.86
O1B G4P OA . -9.79 -16.23 28.41
O2B G4P OA . -11.02 -14.87 30.18
O3B G4P OA . -9.16 -16.46 30.85
O3A G4P OA . -11.39 -17.26 30.04
PA G4P OA . -11.22 -18.63 30.86
O1A G4P OA . -9.89 -18.65 31.58
O2A G4P OA . -12.48 -19.00 31.59
O5' G4P OA . -11.09 -19.61 29.62
C5' G4P OA . -10.82 -20.99 29.77
C4' G4P OA . -10.00 -21.32 28.54
O4' G4P OA . -8.72 -20.68 28.58
C3' G4P OA . -9.76 -22.80 28.36
O3' G4P OA . -10.31 -23.30 27.16
C2' G4P OA . -8.26 -22.94 28.13
O2' G4P OA . -8.04 -23.73 26.97
C1' G4P OA . -7.81 -21.52 27.87
N9 G4P OA . -6.40 -21.40 28.26
C8 G4P OA . -5.84 -21.53 29.48
N7 G4P OA . -4.49 -21.33 29.40
C5 G4P OA . -4.19 -21.07 28.10
C6 G4P OA . -2.99 -20.75 27.29
O6 G4P OA . -1.84 -20.68 27.80
N1 G4P OA . -3.14 -20.54 25.98
C2 G4P OA . -4.35 -20.60 25.38
N2 G4P OA . -4.42 -20.37 24.05
N3 G4P OA . -5.49 -20.88 26.05
C4 G4P OA . -5.47 -21.10 27.38
PC G4P OA . -11.75 -23.93 26.86
O1C G4P OA . -12.84 -22.94 27.21
O2C G4P OA . -11.76 -25.34 27.41
O3C G4P OA . -11.48 -23.94 25.26
PD G4P OA . -12.49 -23.44 24.10
O1D G4P OA . -13.68 -24.35 24.22
O2D G4P OA . -12.76 -21.99 24.45
O3D G4P OA . -11.70 -23.65 22.83
H5' G4P OA . -10.27 -21.19 30.69
H5'' G4P OA . -11.75 -21.57 29.80
H4' G4P OA . -10.60 -20.95 27.69
H3' G4P OA . -10.17 -23.34 29.23
H2' G4P OA . -7.75 -23.43 28.97
HO2' G4P OA . -7.10 -23.70 26.74
H1' G4P OA . -7.84 -21.22 26.81
H8 G4P OA . -6.37 -21.77 30.39
HN1 G4P OA . -2.31 -20.33 25.40
HN21 G4P OA . -5.32 -20.42 23.57
HN22 G4P OA . -3.59 -20.16 23.52
O5' GMP PA . 15.94 -6.72 44.90
C5' GMP PA . 16.47 -5.40 45.08
C4' GMP PA . 15.58 -4.56 45.96
O4' GMP PA . 15.58 -5.11 47.30
C3' GMP PA . 16.03 -3.09 46.11
O3' GMP PA . 14.89 -2.24 46.09
C2' GMP PA . 16.66 -3.07 47.49
O2' GMP PA . 16.65 -1.80 48.12
C1' GMP PA . 15.78 -4.08 48.24
N9 GMP PA . 16.43 -4.60 49.43
C8 GMP PA . 17.75 -4.97 49.57
N7 GMP PA . 18.05 -5.38 50.77
C5 GMP PA . 16.86 -5.27 51.48
C6 GMP PA . 16.58 -5.56 52.84
O6 GMP PA . 17.35 -5.99 53.71
N1 GMP PA . 15.25 -5.29 53.15
C2 GMP PA . 14.31 -4.81 52.27
N2 GMP PA . 13.08 -4.62 52.76
N3 GMP PA . 14.57 -4.54 51.00
C4 GMP PA . 15.86 -4.78 50.67
HO5' GMP PA . 15.87 -7.09 45.66
H5'1 GMP PA . 17.36 -5.47 45.49
H5'2 GMP PA . 16.57 -4.97 44.21
H4' GMP PA . 14.67 -4.58 45.60
H3' GMP PA . 16.68 -2.85 45.39
HO3' GMP PA . 14.57 -2.20 45.31
H2' GMP PA . 17.59 -3.39 47.44
HO2' GMP PA . 16.93 -1.89 48.92
H1' GMP PA . 14.92 -3.69 48.47
H8 GMP PA . 18.37 -4.93 48.86
HN1 GMP PA . 14.98 -5.44 54.01
HN21 GMP PA . 12.91 -4.80 53.61
HN22 GMP PA . 12.44 -4.31 52.24
O5' GMP QA . -6.03 -28.61 54.70
C5' GMP QA . -5.83 -29.61 55.69
C4' GMP QA . -4.67 -29.25 56.60
O4' GMP QA . -3.56 -30.12 56.26
C3' GMP QA . -4.14 -27.84 56.45
O3' GMP QA . -3.52 -27.42 57.67
C2' GMP QA . -3.06 -28.00 55.38
O2' GMP QA . -2.10 -26.97 55.34
C1' GMP QA . -2.46 -29.35 55.79
N9 GMP QA . -1.83 -30.09 54.70
C8 GMP QA . -1.69 -31.45 54.61
N7 GMP QA . -1.09 -31.84 53.51
C5 GMP QA . -0.81 -30.65 52.83
C6 GMP QA . -0.17 -30.43 51.58
O6 GMP QA . 0.29 -31.27 50.80
N1 GMP QA . -0.11 -29.07 51.27
C2 GMP QA . -0.59 -28.06 52.06
N2 GMP QA . -0.45 -26.81 51.60
N3 GMP QA . -1.20 -28.26 53.23
C4 GMP QA . -1.27 -29.57 53.56
HO5' GMP QA . -6.68 -28.86 54.21
H5'1 GMP QA . -6.64 -29.70 56.24
H5'2 GMP QA . -5.64 -30.47 55.26
H4' GMP QA . -4.93 -29.38 57.53
H3' GMP QA . -4.84 -27.19 56.17
HO3' GMP QA . -4.11 -27.41 58.29
H2' GMP QA . -3.48 -28.09 54.49
HO2' GMP QA . -1.69 -26.94 56.10
H1' GMP QA . -1.81 -29.20 56.52
H8 GMP QA . -1.99 -32.05 55.26
HN1 GMP QA . 0.28 -28.85 50.50
HN21 GMP QA . -0.06 -26.67 50.83
HN22 GMP QA . -0.74 -26.13 52.08
K K RA . -1.44 -23.08 55.09
MG MG SA . 13.84 -11.30 46.32
PB G4P TA . 5.84 10.61 11.56
O1B G4P TA . 4.88 9.58 11.05
O2B G4P TA . 6.92 10.03 12.46
O3B G4P TA . 5.19 11.85 12.13
O3A G4P TA . 6.68 11.10 10.27
PA G4P TA . 6.48 12.51 9.50
O1A G4P TA . 5.45 13.37 10.20
O2A G4P TA . 7.82 13.11 9.14
O5' G4P TA . 5.79 12.04 8.13
C5' G4P TA . 5.36 12.99 7.17
C4' G4P TA . 4.15 12.42 6.47
O4' G4P TA . 3.10 12.36 7.45
C3' G4P TA . 3.65 13.23 5.28
O3' G4P TA . 3.70 12.57 4.02
C2' G4P TA . 2.16 13.47 5.58
O2' G4P TA . 1.38 13.17 4.42
C1' G4P TA . 1.88 12.54 6.75
N9 G4P TA . 0.77 12.97 7.64
C8 G4P TA . 0.46 14.20 8.06
N7 G4P TA . -0.66 14.19 8.83
C5 G4P TA . -1.10 12.93 8.89
C6 G4P TA . -2.23 12.21 9.53
O6 G4P TA . -3.08 12.80 10.23
N1 G4P TA . -2.30 10.88 9.34
C2 G4P TA . -1.41 10.22 8.59
N2 G4P TA . -1.55 8.88 8.43
N3 G4P TA . -0.36 10.81 7.98
C4 G4P TA . -0.18 12.14 8.07
PC G4P TA . 4.55 11.23 3.65
O1C G4P TA . 4.48 11.12 2.15
O2C G4P TA . 4.07 10.06 4.48
O3C G4P TA . 6.08 11.59 4.07
PD G4P TA . 7.33 11.21 3.11
O1D G4P TA . 7.31 9.70 3.11
O2D G4P TA . 7.04 11.85 1.78
O3D G4P TA . 8.54 11.79 3.83
H5' G4P TA . 5.12 13.94 7.65
H5'' G4P TA . 6.16 13.18 6.45
H4' G4P TA . 4.44 11.44 6.07
H3' G4P TA . 4.27 14.13 5.19
H2' G4P TA . 1.90 14.52 5.82
HO2' G4P TA . 0.45 13.15 4.64
H1' G4P TA . 1.50 11.59 6.33
H8 G4P TA . 1.03 15.10 7.81
HN1 G4P TA . -3.09 10.36 9.78
HN21 G4P TA . -0.88 8.36 7.88
HN22 G4P TA . -2.31 8.41 8.88
O5' GMP UA . -9.94 22.25 35.65
C5' GMP UA . -10.13 21.75 36.98
C4' GMP UA . -8.86 21.82 37.78
O4' GMP UA . -8.52 23.23 37.98
C3' GMP UA . -8.94 21.21 39.17
O3' GMP UA . -7.74 20.50 39.48
C2' GMP UA . -9.04 22.43 40.09
O2' GMP UA . -8.60 22.23 41.41
C1' GMP UA . -8.18 23.43 39.34
N9 GMP UA . -8.45 24.81 39.73
C8 GMP UA . -9.66 25.36 40.09
N7 GMP UA . -9.58 26.62 40.40
C5 GMP UA . -8.24 26.93 40.23
C6 GMP UA . -7.56 28.17 40.43
O6 GMP UA . -8.03 29.25 40.79
N1 GMP UA . -6.20 28.04 40.14
C2 GMP UA . -5.57 26.89 39.73
N2 GMP UA . -4.26 26.97 39.49
N3 GMP UA . -6.21 25.73 39.55
C4 GMP UA . -7.54 25.83 39.82
HO5' GMP UA . -9.69 23.06 35.69
H5'1 GMP UA . -10.83 22.28 37.41
H5'2 GMP UA . -10.44 20.82 36.93
H4' GMP UA . -8.13 21.39 37.27
H3' GMP UA . -9.74 20.61 39.25
HO3' GMP UA . -7.80 19.72 39.16
H2' GMP UA . -9.99 22.74 40.12
HO2' GMP UA . -8.67 22.95 41.85
H1' GMP UA . -7.23 23.25 39.46
H8 GMP UA . -10.46 24.87 40.10
HN1 GMP UA . -5.70 28.78 40.24
HN21 GMP UA . -3.84 27.73 39.60
HN22 GMP UA . -3.82 26.26 39.22
O5' GMP VA . 6.29 43.31 13.90
C5' GMP VA . 6.38 43.49 15.31
C4' GMP VA . 6.60 42.18 16.04
O4' GMP VA . 5.41 41.34 15.90
C3' GMP VA . 7.75 41.33 15.53
O3' GMP VA . 8.27 40.53 16.60
C2' GMP VA . 7.07 40.43 14.51
O2' GMP VA . 7.77 39.23 14.20
C1' GMP VA . 5.76 40.13 15.24
N9 GMP VA . 4.64 39.76 14.37
C8 GMP VA . 4.25 40.37 13.20
N7 GMP VA . 3.20 39.80 12.65
C5 GMP VA . 2.88 38.77 13.50
C6 GMP VA . 1.83 37.81 13.43
O6 GMP VA . 0.97 37.71 12.56
N1 GMP VA . 1.87 36.92 14.51
C2 GMP VA . 2.78 36.96 15.53
N2 GMP VA . 2.67 36.01 16.48
N3 GMP VA . 3.77 37.85 15.61
C4 GMP VA . 3.75 38.72 14.57
HO5' GMP VA . 5.61 42.84 13.72
H5'1 GMP VA . 7.12 44.10 15.51
H5'2 GMP VA . 5.55 43.89 15.63
H4' GMP VA . 6.74 42.38 16.99
H3' GMP VA . 8.47 41.88 15.12
HO3' GMP VA . 8.55 41.04 17.22
H2' GMP VA . 6.91 40.93 13.67
HO2' GMP VA . 7.86 38.78 14.91
H1' GMP VA . 5.91 39.41 15.88
H8 GMP VA . 4.70 41.11 12.83
HN1 GMP VA . 1.23 36.29 14.54
HN21 GMP VA . 2.02 35.43 16.43
HN22 GMP VA . 3.23 36.00 17.15
K K WA . 3.58 10.10 44.56
K K XA . 5.10 36.05 21.23
MG MG YA . -8.74 25.52 30.05
#